data_4EGV
#
_entry.id   4EGV
#
_cell.length_a   96.308
_cell.length_b   102.004
_cell.length_c   102.423
_cell.angle_alpha   116.46
_cell.angle_beta   101.28
_cell.angle_gamma   97.44
#
_symmetry.space_group_name_H-M   'P 1'
#
loop_
_entity.id
_entity.type
_entity.pdbx_description
1 polymer 'Acetyl-CoA acetyltransferase'
2 water water
#
_entity_poly.entity_id   1
_entity_poly.type   'polypeptide(L)'
_entity_poly.pdbx_seq_one_letter_code
;(MSE)RGSHHHHHH(MSE)AS(MSE)VDPRTPVIVGVGQFTERIDLDGYRG(MSE)SSVELATEAAKAALHDCGADADTV
ARAIDTVAGTRQFEISGPASAPLGVSSNYPRSVARNIGADPAHAVLEVIGGQSPQHLATEFGGKIAAGENDVVLIFGSEN
TSTLRHFSKAENKPDHSETVDGQLEDRGYGYDGIFDEYTIRHGLIGAPVQYGLLENARRARLGLSVADYRLA(MSE)AEL
FAPFSKVAAKNPYSSAPTERSVEELLTVTASNR(MSE)IVDPYPRL(MSE)VARDQVNQGAALL(MSE)(MSE)SVESAR
KLGVPEEKWVYLRGHAD(MSE)KEPKLLERADIGASPASVTAVNEALRVAGIGLDDVAAFDLYSCFPFPVFNICDGTGLA
TDDPRGLTLTGGLPFFGGLGNNYS(MSE)HGIAEAVNE(MSE)RDKPGQFALVGANGGIASKYSVGIYSTEPADWVADNS
AQLQAEHDAQPKVAITEKADGTGTIETYTVRYDWTPHTGIIIGRLDDGSRFLAKTKDEDLVKLLSEGDPIGAKIVVTPGE
KSNRAVLA
;
_entity_poly.pdbx_strand_id   A,B,C,D,E,F
#
# COMPACT_ATOMS: atom_id res chain seq x y z
N VAL A 15 26.59 37.28 -41.38
CA VAL A 15 25.24 37.64 -40.98
C VAL A 15 25.04 39.11 -41.36
N ASP A 16 23.78 39.54 -41.45
CA ASP A 16 23.32 40.91 -41.55
C ASP A 16 23.13 41.39 -40.09
N PRO A 17 23.38 42.67 -39.78
CA PRO A 17 23.17 43.20 -38.41
C PRO A 17 21.77 43.10 -37.82
N ARG A 18 20.75 43.00 -38.66
CA ARG A 18 19.36 42.92 -38.19
C ARG A 18 18.90 41.51 -37.83
N THR A 19 19.71 40.51 -38.16
CA THR A 19 19.40 39.13 -37.90
C THR A 19 19.14 38.91 -36.39
N PRO A 20 18.01 38.26 -36.06
CA PRO A 20 17.61 37.97 -34.69
C PRO A 20 18.27 36.74 -34.10
N VAL A 21 18.75 36.89 -32.87
CA VAL A 21 19.27 35.79 -32.11
C VAL A 21 18.59 35.68 -30.74
N ILE A 22 18.33 34.46 -30.31
CA ILE A 22 18.01 34.23 -28.90
C ILE A 22 19.27 34.27 -28.03
N VAL A 23 19.30 35.22 -27.07
CA VAL A 23 20.48 35.44 -26.23
C VAL A 23 20.40 34.97 -24.78
N GLY A 24 19.17 34.92 -24.23
CA GLY A 24 18.98 34.51 -22.87
C GLY A 24 17.72 33.71 -22.71
N VAL A 25 17.80 32.61 -21.97
CA VAL A 25 16.62 31.80 -21.70
C VAL A 25 16.47 31.60 -20.18
N GLY A 26 15.25 31.49 -19.71
CA GLY A 26 15.09 31.35 -18.29
C GLY A 26 14.00 30.41 -17.92
N GLN A 27 14.28 29.55 -16.96
CA GLN A 27 13.23 28.69 -16.39
C GLN A 27 13.12 28.82 -14.88
N PHE A 28 11.96 28.62 -14.31
CA PHE A 28 11.80 28.63 -12.89
C PHE A 28 10.66 27.75 -12.44
N THR A 29 10.89 26.98 -11.37
CA THR A 29 9.85 26.17 -10.73
C THR A 29 9.84 26.44 -9.21
N GLU A 30 8.64 26.56 -8.63
CA GLU A 30 8.45 26.66 -7.15
C GLU A 30 7.65 25.49 -6.52
N GLY A 39 2.20 30.63 -2.03
CA GLY A 39 2.58 30.38 -3.40
C GLY A 39 2.69 31.67 -4.18
N SER A 41 2.74 34.51 -7.17
CA SER A 41 1.75 34.90 -8.12
C SER A 41 2.26 34.59 -9.49
N SER A 42 1.40 34.62 -10.48
CA SER A 42 1.86 34.31 -11.81
C SER A 42 2.85 35.39 -12.35
N VAL A 43 2.65 36.67 -11.96
CA VAL A 43 3.60 37.76 -12.24
C VAL A 43 4.93 37.41 -11.63
N GLU A 44 4.93 37.03 -10.37
CA GLU A 44 6.18 36.73 -9.65
C GLU A 44 7.01 35.61 -10.33
N LEU A 45 6.31 34.60 -10.83
CA LEU A 45 6.93 33.46 -11.51
C LEU A 45 7.57 33.78 -12.88
N ALA A 46 6.88 34.62 -13.63
CA ALA A 46 7.34 35.12 -14.90
C ALA A 46 8.49 36.05 -14.66
N THR A 47 8.47 36.74 -13.55
CA THR A 47 9.55 37.65 -13.15
C THR A 47 10.85 36.88 -12.84
N GLU A 48 10.75 35.87 -12.01
CA GLU A 48 11.88 35.02 -11.75
C GLU A 48 12.52 34.40 -13.00
N ALA A 49 11.72 33.84 -13.89
CA ALA A 49 12.21 33.38 -15.20
C ALA A 49 12.82 34.48 -16.09
N ALA A 50 12.24 35.67 -16.07
CA ALA A 50 12.74 36.79 -16.87
C ALA A 50 14.09 37.29 -16.39
N LYS A 51 14.27 37.24 -15.07
CA LYS A 51 15.54 37.59 -14.41
C LYS A 51 16.68 36.66 -14.73
N ALA A 52 16.34 35.39 -14.88
CA ALA A 52 17.26 34.36 -15.33
C ALA A 52 17.60 34.47 -16.81
N ALA A 53 16.66 34.91 -17.63
CA ALA A 53 16.92 35.14 -19.04
C ALA A 53 17.92 36.29 -19.25
N LEU A 54 17.75 37.34 -18.42
CA LEU A 54 18.64 38.48 -18.41
C LEU A 54 20.00 38.13 -17.86
N HIS A 55 20.06 37.17 -16.96
CA HIS A 55 21.36 36.74 -16.47
C HIS A 55 22.09 35.76 -17.36
N ASP A 56 21.31 34.91 -18.02
CA ASP A 56 21.79 33.91 -18.92
C ASP A 56 22.60 34.52 -20.05
N CYS A 57 22.26 35.72 -20.47
CA CYS A 57 22.92 36.34 -21.60
C CYS A 57 24.32 36.85 -21.42
N GLY A 58 24.83 36.83 -20.20
CA GLY A 58 26.19 37.20 -19.91
C GLY A 58 26.58 38.65 -19.99
N ALA A 59 25.62 39.53 -19.96
CA ALA A 59 25.89 40.95 -20.00
C ALA A 59 25.25 41.47 -18.78
N ASP A 60 25.38 42.75 -18.53
CA ASP A 60 24.75 43.37 -17.38
C ASP A 60 23.25 43.38 -17.50
N ALA A 61 22.58 42.73 -16.57
CA ALA A 61 21.15 42.62 -16.60
C ALA A 61 20.41 43.94 -16.69
N ASP A 62 20.84 44.91 -15.91
CA ASP A 62 20.18 46.18 -15.82
C ASP A 62 20.28 46.98 -17.09
N THR A 63 21.44 46.93 -17.73
CA THR A 63 21.64 47.59 -19.01
C THR A 63 20.76 46.96 -20.07
N VAL A 64 20.61 45.64 -19.99
CA VAL A 64 19.81 44.87 -20.95
C VAL A 64 18.34 45.21 -20.79
N ALA A 65 17.88 45.16 -19.55
CA ALA A 65 16.53 45.56 -19.17
C ALA A 65 16.13 46.96 -19.67
N ARG A 66 17.01 47.95 -19.53
CA ARG A 66 16.73 49.30 -20.04
C ARG A 66 16.63 49.35 -21.57
N ALA A 67 17.19 48.34 -22.25
CA ALA A 67 17.21 48.32 -23.70
C ALA A 67 16.01 47.61 -24.32
N ILE A 68 15.26 46.86 -23.50
CA ILE A 68 14.06 46.16 -23.96
C ILE A 68 12.96 47.12 -24.47
N ASP A 69 12.57 46.96 -25.73
CA ASP A 69 11.57 47.79 -26.33
C ASP A 69 10.17 47.11 -26.42
N THR A 70 10.13 45.79 -26.37
CA THR A 70 8.85 45.08 -26.36
C THR A 70 8.87 43.91 -25.40
N VAL A 71 7.78 43.80 -24.63
CA VAL A 71 7.49 42.62 -23.86
C VAL A 71 6.21 41.96 -24.35
N ALA A 72 6.23 40.64 -24.36
CA ALA A 72 5.11 39.92 -24.79
C ALA A 72 4.94 38.80 -23.79
N GLY A 73 3.71 38.62 -23.33
CA GLY A 73 3.37 37.53 -22.44
C GLY A 73 2.34 36.58 -23.01
N THR A 74 2.48 35.31 -22.68
CA THR A 74 1.41 34.35 -22.99
C THR A 74 0.26 34.43 -21.98
N ARG A 75 -0.92 34.13 -22.47
CA ARG A 75 -2.16 34.27 -21.74
C ARG A 75 -2.30 33.17 -20.67
N GLN A 76 -2.49 33.56 -19.39
CA GLN A 76 -2.93 32.65 -18.28
C GLN A 76 -4.27 33.16 -17.81
N SER A 91 -5.58 44.96 -14.63
CA SER A 91 -4.25 44.35 -14.61
C SER A 91 -3.51 44.36 -15.95
N ASN A 92 -2.26 44.72 -15.90
CA ASN A 92 -1.40 44.55 -17.03
C ASN A 92 -0.29 43.58 -16.62
N TYR A 93 -0.40 42.35 -17.05
CA TYR A 93 0.54 41.36 -16.61
C TYR A 93 1.91 41.46 -17.26
N PRO A 94 2.00 41.75 -18.55
CA PRO A 94 3.28 42.01 -19.18
C PRO A 94 4.05 43.22 -18.66
N ARG A 95 3.42 44.38 -18.49
CA ARG A 95 4.06 45.55 -17.80
C ARG A 95 4.45 45.38 -16.32
N SER A 96 3.70 44.59 -15.55
CA SER A 96 4.09 44.34 -14.18
C SER A 96 5.41 43.57 -14.15
N VAL A 97 5.60 42.68 -15.13
CA VAL A 97 6.77 41.82 -15.23
C VAL A 97 7.91 42.71 -15.62
N ALA A 98 7.63 43.64 -16.50
CA ALA A 98 8.62 44.61 -16.94
C ALA A 98 9.15 45.49 -15.80
N ARG A 99 8.25 45.93 -14.90
CA ARG A 99 8.55 46.90 -13.85
C ARG A 99 9.45 46.19 -12.87
N ASN A 100 9.07 44.97 -12.57
CA ASN A 100 9.83 44.11 -11.70
C ASN A 100 11.29 43.79 -12.06
N ILE A 101 11.59 43.79 -13.36
CA ILE A 101 12.94 43.53 -13.87
C ILE A 101 13.71 44.81 -14.25
N GLY A 102 13.07 45.97 -14.16
CA GLY A 102 13.75 47.24 -14.45
C GLY A 102 13.65 47.68 -15.89
N ALA A 103 12.62 47.22 -16.60
CA ALA A 103 12.37 47.56 -18.00
C ALA A 103 11.27 48.61 -18.10
N ASP A 104 11.35 49.45 -19.14
CA ASP A 104 10.25 50.37 -19.46
C ASP A 104 10.03 50.42 -20.99
N PRO A 105 9.38 49.37 -21.54
CA PRO A 105 9.36 49.16 -22.97
C PRO A 105 8.24 49.91 -23.61
N ALA A 106 8.44 50.33 -24.86
CA ALA A 106 7.41 51.04 -25.58
C ALA A 106 6.17 50.12 -25.85
N HIS A 107 6.36 48.85 -26.24
CA HIS A 107 5.19 47.98 -26.50
C HIS A 107 5.07 46.85 -25.51
N ALA A 108 3.86 46.61 -25.04
CA ALA A 108 3.56 45.42 -24.28
C ALA A 108 2.49 44.60 -25.04
N VAL A 109 2.67 43.29 -25.10
CA VAL A 109 1.71 42.45 -25.82
C VAL A 109 1.19 41.32 -24.96
N LEU A 110 -0.12 41.09 -25.00
CA LEU A 110 -0.77 39.91 -24.38
C LEU A 110 -1.31 39.05 -25.51
N GLU A 111 -0.73 37.86 -25.65
CA GLU A 111 -0.94 37.06 -26.85
C GLU A 111 -2.26 36.26 -26.75
N VAL A 112 -2.72 35.72 -27.86
CA VAL A 112 -3.88 34.81 -27.90
C VAL A 112 -3.63 33.47 -27.19
N ILE A 113 -4.69 32.77 -26.80
CA ILE A 113 -4.58 31.47 -26.13
C ILE A 113 -3.95 30.40 -27.06
N GLY A 114 -3.36 29.37 -26.45
CA GLY A 114 -3.10 28.07 -27.10
C GLY A 114 -1.67 27.68 -26.94
N GLY A 115 -1.38 26.39 -26.92
CA GLY A 115 0.00 25.90 -26.85
C GLY A 115 1.03 26.21 -27.97
N GLN A 116 0.53 26.72 -29.09
CA GLN A 116 1.32 27.20 -30.20
C GLN A 116 2.01 28.54 -29.89
N SER A 117 1.46 29.31 -28.94
CA SER A 117 1.82 30.70 -28.80
C SER A 117 3.26 31.05 -28.51
N PRO A 118 3.97 30.25 -27.65
CA PRO A 118 5.38 30.60 -27.40
C PRO A 118 6.21 30.60 -28.69
N GLN A 119 5.96 29.61 -29.54
CA GLN A 119 6.73 29.47 -30.75
C GLN A 119 6.24 30.40 -31.87
N HIS A 120 4.93 30.60 -31.96
CA HIS A 120 4.35 31.66 -32.82
C HIS A 120 4.96 33.05 -32.50
N LEU A 121 5.10 33.34 -31.22
CA LEU A 121 5.62 34.58 -30.73
C LEU A 121 7.08 34.79 -31.04
N ALA A 122 7.89 33.77 -30.79
CA ALA A 122 9.29 33.81 -31.15
C ALA A 122 9.47 34.01 -32.66
N THR A 123 8.70 33.31 -33.48
CA THR A 123 8.73 33.54 -34.91
C THR A 123 8.31 34.96 -35.33
N GLU A 124 7.17 35.43 -34.83
CA GLU A 124 6.73 36.78 -35.07
C GLU A 124 7.74 37.88 -34.65
N PHE A 125 8.38 37.77 -33.48
CA PHE A 125 9.37 38.77 -33.13
C PHE A 125 10.69 38.61 -33.80
N GLY A 126 11.02 37.41 -34.22
CA GLY A 126 12.15 37.17 -35.12
C GLY A 126 12.00 37.97 -36.40
N GLY A 127 10.85 37.81 -37.06
CA GLY A 127 10.50 38.55 -38.27
C GLY A 127 10.51 40.05 -38.15
N LYS A 128 10.10 40.56 -36.98
CA LYS A 128 10.02 41.99 -36.77
C LYS A 128 11.35 42.56 -36.40
N ILE A 129 12.21 41.74 -35.80
CA ILE A 129 13.58 42.14 -35.56
C ILE A 129 14.36 42.18 -36.87
N ALA A 130 14.06 41.28 -37.80
CA ALA A 130 14.70 41.22 -39.10
C ALA A 130 14.41 42.41 -39.99
N ALA A 131 13.24 42.96 -39.87
CA ALA A 131 12.87 44.18 -40.51
C ALA A 131 13.16 45.39 -39.61
N GLY A 132 12.65 46.54 -40.01
CA GLY A 132 12.82 47.75 -39.24
C GLY A 132 11.66 47.94 -38.28
N GLU A 133 11.61 47.14 -37.23
CA GLU A 133 10.49 47.17 -36.30
C GLU A 133 10.92 47.16 -34.83
N ASN A 134 11.65 46.12 -34.42
CA ASN A 134 11.95 45.96 -33.03
C ASN A 134 13.43 45.61 -32.90
N ASP A 135 13.99 45.73 -31.71
CA ASP A 135 15.42 45.51 -31.48
C ASP A 135 15.75 44.56 -30.33
N VAL A 136 15.13 44.75 -29.22
CA VAL A 136 15.21 43.85 -28.07
C VAL A 136 13.84 43.48 -27.52
N VAL A 137 13.55 42.19 -27.51
CA VAL A 137 12.27 41.70 -27.13
C VAL A 137 12.40 40.68 -26.02
N LEU A 138 11.50 40.75 -25.05
CA LEU A 138 11.37 39.74 -24.00
C LEU A 138 10.02 39.03 -24.07
N ILE A 139 10.06 37.71 -24.14
CA ILE A 139 8.89 36.87 -24.14
C ILE A 139 8.82 36.08 -22.82
N PHE A 140 7.64 35.88 -22.27
CA PHE A 140 7.56 35.16 -21.01
C PHE A 140 6.17 34.58 -20.83
N GLY A 141 6.04 33.63 -19.90
CA GLY A 141 4.75 33.06 -19.59
C GLY A 141 4.87 32.35 -18.27
N SER A 142 3.76 31.93 -17.66
CA SER A 142 3.77 31.28 -16.34
C SER A 142 2.45 30.65 -15.99
N GLU A 143 2.44 29.79 -14.99
CA GLU A 143 1.20 29.26 -14.45
C GLU A 143 1.31 28.96 -12.99
N ASN A 144 0.14 28.97 -12.36
CA ASN A 144 -0.13 28.86 -10.92
C ASN A 144 -0.78 27.52 -10.51
N THR A 145 -0.70 27.16 -9.21
CA THR A 145 -1.61 26.11 -8.67
C THR A 145 -3.05 26.66 -8.60
N SER A 146 -3.19 27.99 -8.49
CA SER A 146 -4.51 28.69 -8.36
C SER A 146 -4.84 29.64 -9.52
N GLU A 181 -20.10 25.65 -30.13
CA GLU A 181 -21.18 25.75 -31.08
C GLU A 181 -22.03 24.54 -30.96
N TYR A 182 -22.07 23.84 -32.07
CA TYR A 182 -22.72 22.57 -32.23
C TYR A 182 -21.86 21.48 -31.67
N THR A 183 -20.71 21.82 -31.13
CA THR A 183 -19.87 20.81 -30.56
C THR A 183 -19.91 21.04 -29.07
N ILE A 184 -20.12 22.27 -28.72
CA ILE A 184 -20.22 22.59 -27.33
C ILE A 184 -21.42 21.91 -26.75
N ARG A 185 -22.59 22.09 -27.33
CA ARG A 185 -23.76 21.48 -26.78
C ARG A 185 -23.76 19.98 -26.89
N HIS A 186 -22.69 19.42 -27.38
CA HIS A 186 -22.62 17.98 -27.47
C HIS A 186 -21.63 17.37 -26.50
N GLY A 187 -20.79 18.20 -25.91
CA GLY A 187 -19.93 17.69 -24.88
C GLY A 187 -18.50 17.99 -25.15
N LEU A 188 -18.23 18.48 -26.32
CA LEU A 188 -16.89 18.86 -26.64
C LEU A 188 -16.53 20.19 -26.02
N ILE A 189 -16.36 20.21 -24.71
CA ILE A 189 -15.92 21.43 -24.10
C ILE A 189 -14.45 21.38 -23.64
N GLY A 190 -14.02 20.35 -22.94
CA GLY A 190 -12.63 20.20 -22.53
C GLY A 190 -11.68 19.53 -23.52
N ALA A 191 -10.39 19.77 -23.39
CA ALA A 191 -9.40 19.23 -24.30
C ALA A 191 -9.36 17.72 -24.48
N PRO A 192 -9.51 16.96 -23.42
CA PRO A 192 -9.33 15.51 -23.45
C PRO A 192 -10.37 14.71 -24.19
N VAL A 193 -11.63 15.04 -24.00
CA VAL A 193 -12.70 14.43 -24.71
C VAL A 193 -12.56 14.60 -26.27
N GLN A 194 -12.04 15.75 -26.68
CA GLN A 194 -11.90 16.06 -28.10
C GLN A 194 -10.71 15.39 -28.73
N TYR A 195 -9.62 15.26 -27.96
CA TYR A 195 -8.47 14.50 -28.35
C TYR A 195 -8.74 13.02 -28.42
N GLY A 196 -9.70 12.56 -27.62
CA GLY A 196 -10.12 11.18 -27.65
C GLY A 196 -10.68 10.82 -29.00
N LEU A 197 -11.46 11.71 -29.57
CA LEU A 197 -12.06 11.49 -30.88
C LEU A 197 -11.02 11.38 -32.01
N LEU A 198 -9.98 12.20 -31.93
CA LEU A 198 -8.91 12.24 -32.91
C LEU A 198 -8.07 11.02 -32.84
N GLU A 199 -7.78 10.62 -31.64
CA GLU A 199 -7.07 9.43 -31.35
C GLU A 199 -7.78 8.16 -31.75
N ASN A 200 -9.11 8.10 -31.66
CA ASN A 200 -9.86 6.95 -32.09
C ASN A 200 -10.07 6.96 -33.59
N ALA A 201 -10.04 8.14 -34.17
CA ALA A 201 -10.04 8.28 -35.63
C ALA A 201 -8.73 7.79 -36.31
N ARG A 202 -7.60 7.94 -35.62
CA ARG A 202 -6.31 7.49 -36.12
C ARG A 202 -6.21 5.98 -35.96
N ARG A 203 -6.83 5.48 -34.92
CA ARG A 203 -6.89 4.04 -34.72
C ARG A 203 -7.68 3.34 -35.82
N ALA A 204 -8.77 3.98 -36.27
CA ALA A 204 -9.55 3.53 -37.43
C ALA A 204 -8.71 3.42 -38.68
N ARG A 205 -8.13 4.54 -39.13
CA ARG A 205 -7.28 4.54 -40.32
C ARG A 205 -6.16 3.49 -40.30
N LEU A 206 -5.47 3.31 -39.18
CA LEU A 206 -4.40 2.33 -39.09
C LEU A 206 -4.90 0.90 -38.96
N GLY A 207 -6.19 0.75 -38.73
CA GLY A 207 -6.81 -0.55 -38.44
C GLY A 207 -6.23 -1.35 -37.26
N LEU A 208 -5.72 -0.67 -36.24
CA LEU A 208 -5.25 -1.34 -35.04
C LEU A 208 -6.46 -1.68 -34.10
N SER A 209 -6.33 -2.73 -33.30
CA SER A 209 -7.34 -3.06 -32.31
C SER A 209 -7.17 -2.12 -31.10
N VAL A 210 -8.16 -2.10 -30.22
CA VAL A 210 -8.13 -1.25 -29.03
C VAL A 210 -6.87 -1.49 -28.16
N ALA A 211 -6.61 -2.77 -27.80
CA ALA A 211 -5.46 -3.13 -26.96
C ALA A 211 -4.14 -2.86 -27.62
N ASP A 212 -4.06 -3.05 -28.94
CA ASP A 212 -2.85 -2.77 -29.72
C ASP A 212 -2.45 -1.28 -29.71
N TYR A 213 -3.46 -0.43 -29.88
CA TYR A 213 -3.32 1.01 -29.88
C TYR A 213 -2.94 1.49 -28.50
N ARG A 214 -3.56 0.92 -27.49
CA ARG A 214 -3.18 1.28 -26.14
C ARG A 214 -1.70 0.97 -25.86
N LEU A 215 -1.15 -0.06 -26.49
CA LEU A 215 0.27 -0.39 -26.37
C LEU A 215 1.15 0.63 -27.08
N ALA A 216 0.70 1.06 -28.26
CA ALA A 216 1.44 2.04 -29.02
C ALA A 216 1.60 3.34 -28.24
N ALA A 218 1.38 3.76 -24.89
CA ALA A 218 2.25 3.56 -23.76
C ALA A 218 3.71 3.50 -24.20
N GLU A 219 3.99 2.95 -25.38
CA GLU A 219 5.36 2.87 -25.90
C GLU A 219 5.92 4.18 -26.42
N LEU A 220 5.03 5.04 -26.86
CA LEU A 220 5.35 6.40 -27.19
C LEU A 220 5.70 7.20 -25.93
N PHE A 221 4.87 7.08 -24.89
CA PHE A 221 4.93 7.96 -23.71
C PHE A 221 5.91 7.61 -22.60
N ALA A 222 6.32 6.34 -22.51
CA ALA A 222 7.23 5.90 -21.43
C ALA A 222 8.61 6.57 -21.51
N PRO A 223 9.20 6.62 -22.73
CA PRO A 223 10.43 7.38 -22.93
C PRO A 223 10.33 8.87 -22.57
N PHE A 224 9.16 9.46 -22.80
CA PHE A 224 8.81 10.80 -22.28
C PHE A 224 8.95 10.96 -20.74
N SER A 225 8.32 10.08 -19.97
CA SER A 225 8.33 10.22 -18.53
C SER A 225 9.69 9.95 -17.94
N LYS A 226 10.54 9.21 -18.67
CA LYS A 226 11.89 9.00 -18.24
C LYS A 226 12.73 10.27 -18.32
N VAL A 227 12.68 10.93 -19.47
CA VAL A 227 13.31 12.24 -19.64
C VAL A 227 12.75 13.23 -18.62
N ALA A 228 11.47 13.15 -18.34
CA ALA A 228 10.84 14.05 -17.44
C ALA A 228 11.35 13.91 -16.03
N ALA A 229 11.70 12.69 -15.63
CA ALA A 229 12.09 12.42 -14.24
C ALA A 229 13.49 12.96 -13.91
N LYS A 230 14.33 13.07 -14.93
CA LYS A 230 15.68 13.60 -14.76
C LYS A 230 15.78 15.10 -15.02
N ASN A 231 14.67 15.69 -15.45
CA ASN A 231 14.60 17.13 -15.61
C ASN A 231 14.25 17.77 -14.25
N PRO A 232 15.17 18.60 -13.70
CA PRO A 232 14.92 19.29 -12.41
C PRO A 232 13.71 20.24 -12.45
N TYR A 233 13.39 20.77 -13.62
CA TYR A 233 12.30 21.68 -13.77
C TYR A 233 10.96 21.00 -13.77
N SER A 234 10.97 19.66 -13.85
CA SER A 234 9.73 18.87 -13.71
C SER A 234 9.16 19.00 -12.32
N SER A 235 7.86 19.14 -12.23
CA SER A 235 7.24 19.24 -10.96
C SER A 235 6.72 17.87 -10.61
N ALA A 236 7.16 17.38 -9.43
CA ALA A 236 6.81 16.06 -8.90
C ALA A 236 6.60 14.94 -9.96
N PRO A 237 7.69 14.51 -10.67
CA PRO A 237 7.52 13.48 -11.69
C PRO A 237 7.94 12.10 -11.14
N THR A 238 7.12 11.09 -11.40
CA THR A 238 7.54 9.69 -11.26
C THR A 238 7.68 9.07 -12.65
N GLU A 239 8.76 8.32 -12.85
CA GLU A 239 8.96 7.60 -14.10
C GLU A 239 7.98 6.42 -14.19
N ARG A 240 7.50 6.16 -15.41
CA ARG A 240 6.52 5.10 -15.67
C ARG A 240 7.00 4.17 -16.77
N SER A 241 6.81 2.86 -16.57
CA SER A 241 7.08 1.85 -17.60
C SER A 241 5.88 1.69 -18.54
N VAL A 242 6.12 1.07 -19.68
CA VAL A 242 5.10 0.77 -20.68
C VAL A 242 3.95 -0.02 -20.07
N GLU A 243 4.27 -1.05 -19.29
CA GLU A 243 3.30 -1.94 -18.65
C GLU A 243 2.43 -1.18 -17.65
N GLU A 244 3.07 -0.33 -16.84
CA GLU A 244 2.42 0.52 -15.86
C GLU A 244 1.39 1.46 -16.49
N LEU A 245 1.75 2.08 -17.61
CA LEU A 245 0.85 3.00 -18.36
C LEU A 245 -0.36 2.32 -19.02
N LEU A 246 -0.15 1.10 -19.50
CA LEU A 246 -1.12 0.38 -20.28
C LEU A 246 -2.11 -0.40 -19.41
N THR A 247 -1.70 -0.74 -18.19
CA THR A 247 -2.50 -1.58 -17.27
C THR A 247 -3.47 -0.74 -16.44
N VAL A 248 -4.76 -0.94 -16.71
CA VAL A 248 -5.83 -0.27 -15.98
C VAL A 248 -5.95 -0.82 -14.52
N THR A 249 -5.78 0.08 -13.54
CA THR A 249 -5.93 -0.29 -12.15
C THR A 249 -6.97 0.65 -11.49
N ALA A 250 -7.18 0.53 -10.18
CA ALA A 250 -7.99 1.50 -9.46
C ALA A 250 -7.30 2.87 -9.46
N SER A 251 -5.98 2.83 -9.48
CA SER A 251 -5.10 4.01 -9.49
C SER A 251 -4.98 4.66 -10.91
N ASN A 252 -4.83 3.83 -11.95
CA ASN A 252 -4.73 4.22 -13.36
C ASN A 252 -6.01 3.86 -14.12
N ARG A 253 -7.12 4.41 -13.66
CA ARG A 253 -8.43 4.12 -14.25
C ARG A 253 -8.71 4.91 -15.54
N ILE A 255 -10.32 7.37 -17.85
CA ILE A 255 -10.92 8.72 -17.71
C ILE A 255 -11.82 9.07 -18.90
N VAL A 256 -11.20 9.22 -20.05
CA VAL A 256 -11.88 9.52 -21.29
C VAL A 256 -11.25 8.59 -22.35
N ASP A 257 -12.07 7.90 -23.14
CA ASP A 257 -11.59 6.92 -24.09
C ASP A 257 -10.76 7.62 -25.15
N PRO A 258 -9.54 7.11 -25.40
CA PRO A 258 -8.99 5.83 -24.99
C PRO A 258 -7.96 5.88 -23.88
N TYR A 259 -7.90 7.00 -23.15
CA TYR A 259 -6.81 7.25 -22.19
C TYR A 259 -7.05 6.84 -20.73
N PRO A 260 -6.10 6.07 -20.18
CA PRO A 260 -6.03 5.83 -18.75
C PRO A 260 -5.46 7.02 -18.04
N ARG A 261 -5.85 7.19 -16.78
CA ARG A 261 -5.40 8.32 -15.96
C ARG A 261 -3.91 8.68 -16.02
N LEU A 262 -2.98 7.73 -15.97
CA LEU A 262 -1.55 8.09 -15.86
C LEU A 262 -1.00 8.74 -17.12
N VAL A 264 -2.66 11.08 -18.77
CA VAL A 264 -3.21 12.42 -18.80
C VAL A 264 -3.32 12.91 -17.36
N ALA A 265 -2.89 14.12 -17.04
CA ALA A 265 -2.88 14.56 -15.63
C ALA A 265 -2.80 16.07 -15.52
N GLN A 268 -0.46 20.06 -12.38
CA GLN A 268 -0.72 21.33 -11.66
C GLN A 268 0.53 21.77 -10.86
N VAL A 269 1.09 22.94 -11.25
CA VAL A 269 2.47 23.42 -10.96
C VAL A 269 2.63 24.95 -10.80
N ASN A 270 3.77 25.36 -10.31
CA ASN A 270 4.24 26.71 -10.37
C ASN A 270 5.49 26.75 -11.25
N GLN A 271 5.39 27.37 -12.42
CA GLN A 271 6.55 27.46 -13.31
C GLN A 271 6.50 28.65 -14.27
N GLY A 272 7.65 29.27 -14.51
CA GLY A 272 7.78 30.35 -15.46
C GLY A 272 8.87 30.07 -16.45
N ALA A 273 8.72 30.64 -17.64
CA ALA A 273 9.76 30.59 -18.66
C ALA A 273 9.85 31.94 -19.38
N ALA A 274 11.05 32.36 -19.80
CA ALA A 274 11.27 33.59 -20.54
C ALA A 274 12.30 33.42 -21.64
N LEU A 275 12.12 34.12 -22.75
CA LEU A 275 13.12 34.18 -23.81
C LEU A 275 13.56 35.60 -24.14
N LEU A 276 14.85 35.82 -24.19
CA LEU A 276 15.38 37.08 -24.56
C LEU A 276 15.99 37.04 -25.95
N SER A 279 18.51 41.65 -32.10
CA SER A 279 19.30 41.76 -33.31
C SER A 279 20.73 41.51 -32.92
N VAL A 280 21.47 40.89 -33.82
CA VAL A 280 22.90 40.69 -33.67
C VAL A 280 23.67 42.01 -33.38
N GLU A 281 23.18 43.11 -33.92
CA GLU A 281 23.68 44.44 -33.64
C GLU A 281 23.46 44.87 -32.20
N SER A 282 22.29 44.61 -31.66
CA SER A 282 22.08 44.84 -30.23
C SER A 282 22.90 43.91 -29.33
N ALA A 283 23.14 42.69 -29.78
CA ALA A 283 23.96 41.76 -29.02
C ALA A 283 25.41 42.21 -28.86
N ARG A 284 25.96 42.82 -29.91
CA ARG A 284 27.32 43.36 -29.87
C ARG A 284 27.40 44.63 -29.00
N LYS A 285 26.45 45.54 -29.18
CA LYS A 285 26.33 46.81 -28.44
C LYS A 285 26.27 46.65 -26.93
N LEU A 286 25.57 45.60 -26.55
CA LEU A 286 25.25 45.26 -25.19
C LEU A 286 26.23 44.30 -24.55
N GLY A 287 27.09 43.68 -25.31
CA GLY A 287 28.21 43.01 -24.70
C GLY A 287 28.02 41.57 -24.36
N VAL A 288 27.14 40.98 -25.11
CA VAL A 288 26.65 39.58 -25.10
C VAL A 288 27.57 38.64 -25.82
N PRO A 289 28.27 37.77 -25.08
CA PRO A 289 29.21 36.83 -25.67
C PRO A 289 28.60 36.05 -26.83
N GLU A 290 29.38 35.89 -27.89
CA GLU A 290 28.92 35.18 -29.07
C GLU A 290 28.57 33.70 -28.84
N GLU A 291 29.23 33.00 -27.92
CA GLU A 291 28.86 31.61 -27.63
C GLU A 291 27.40 31.43 -27.07
N LYS A 292 26.75 32.54 -26.72
CA LYS A 292 25.35 32.56 -26.27
C LYS A 292 24.29 32.71 -27.38
N TRP A 293 24.70 33.18 -28.54
CA TRP A 293 23.76 33.41 -29.63
C TRP A 293 23.26 32.11 -30.30
N VAL A 294 21.94 32.03 -30.41
CA VAL A 294 21.26 30.98 -31.15
C VAL A 294 20.32 31.61 -32.20
N TYR A 295 20.38 31.10 -33.43
CA TYR A 295 19.53 31.55 -34.53
C TYR A 295 18.25 30.74 -34.68
N LEU A 296 17.18 31.42 -35.01
CA LEU A 296 15.97 30.75 -35.38
C LEU A 296 16.05 30.50 -36.89
N ARG A 297 16.58 29.35 -37.25
CA ARG A 297 16.87 29.05 -38.63
C ARG A 297 15.64 28.70 -39.44
N GLY A 298 14.76 27.89 -38.89
CA GLY A 298 13.52 27.61 -39.58
C GLY A 298 12.29 27.88 -38.76
N HIS A 299 11.19 28.10 -39.46
CA HIS A 299 9.95 28.41 -38.80
C HIS A 299 8.80 28.22 -39.74
N ALA A 300 7.63 27.87 -39.21
CA ALA A 300 6.36 27.92 -39.94
C ALA A 300 5.20 27.95 -38.94
N ASP A 301 4.09 28.54 -39.33
CA ASP A 301 2.86 28.55 -38.54
C ASP A 301 1.67 28.06 -39.40
N LYS A 303 -2.49 26.22 -39.55
CA LYS A 303 -3.79 26.16 -38.88
C LYS A 303 -4.75 25.21 -39.60
N GLU A 304 -5.47 24.38 -38.84
CA GLU A 304 -6.57 23.54 -39.37
C GLU A 304 -7.94 24.22 -39.38
N PRO A 305 -8.88 23.70 -40.18
CA PRO A 305 -10.29 24.13 -40.10
C PRO A 305 -10.97 23.42 -38.93
N LYS A 306 -12.18 23.83 -38.55
CA LYS A 306 -12.86 23.21 -37.39
C LYS A 306 -12.91 21.74 -37.54
N LEU A 307 -12.96 21.09 -36.40
CA LEU A 307 -12.89 19.67 -36.29
C LEU A 307 -13.81 18.93 -37.22
N LEU A 308 -15.04 19.23 -37.38
CA LEU A 308 -15.82 18.36 -38.26
C LEU A 308 -15.69 18.56 -39.79
N GLU A 309 -14.91 19.55 -40.21
CA GLU A 309 -14.71 19.87 -41.61
C GLU A 309 -13.51 19.11 -42.20
N ARG A 310 -12.63 18.63 -41.31
CA ARG A 310 -11.34 18.00 -41.69
C ARG A 310 -11.51 16.73 -42.48
N ALA A 311 -10.70 16.60 -43.55
CA ALA A 311 -10.76 15.46 -44.47
C ALA A 311 -10.58 14.13 -43.71
N ASP A 312 -9.62 14.10 -42.80
CA ASP A 312 -9.40 12.97 -41.94
C ASP A 312 -9.33 13.46 -40.50
N ILE A 313 -10.29 13.05 -39.68
CA ILE A 313 -10.26 13.46 -38.27
C ILE A 313 -9.02 12.89 -37.57
N GLY A 314 -8.55 11.74 -38.03
CA GLY A 314 -7.38 11.08 -37.45
C GLY A 314 -6.01 11.60 -37.86
N ALA A 315 -5.97 12.66 -38.67
CA ALA A 315 -4.71 13.26 -39.08
C ALA A 315 -4.81 14.77 -39.09
N SER A 316 -3.66 15.40 -39.10
CA SER A 316 -3.57 16.85 -39.19
C SER A 316 -2.44 17.17 -40.18
N PRO A 317 -2.79 17.33 -41.47
CA PRO A 317 -1.78 17.61 -42.51
C PRO A 317 -1.12 18.98 -42.36
N ALA A 318 -1.82 19.95 -41.80
CA ALA A 318 -1.25 21.28 -41.50
C ALA A 318 -0.07 21.24 -40.53
N SER A 319 -0.05 20.30 -39.62
CA SER A 319 1.06 20.23 -38.69
C SER A 319 2.30 19.72 -39.38
N VAL A 320 2.12 18.79 -40.27
CA VAL A 320 3.20 18.17 -40.99
C VAL A 320 3.78 19.16 -41.98
N THR A 321 2.91 19.88 -42.66
CA THR A 321 3.29 20.92 -43.58
C THR A 321 4.14 21.97 -42.89
N ALA A 322 3.76 22.35 -41.67
CA ALA A 322 4.53 23.32 -40.88
C ALA A 322 5.89 22.79 -40.60
N VAL A 323 5.98 21.53 -40.20
CA VAL A 323 7.27 20.89 -39.97
C VAL A 323 8.14 20.89 -41.22
N ASN A 324 7.57 20.51 -42.35
CA ASN A 324 8.32 20.43 -43.59
C ASN A 324 8.76 21.77 -44.15
N GLU A 325 7.92 22.78 -44.03
CA GLU A 325 8.26 24.15 -44.42
C GLU A 325 9.36 24.75 -43.52
N ALA A 326 9.32 24.46 -42.22
CA ALA A 326 10.34 24.89 -41.31
C ALA A 326 11.67 24.23 -41.59
N LEU A 327 11.64 23.00 -42.08
CA LEU A 327 12.80 22.28 -42.54
C LEU A 327 13.42 22.93 -43.77
N ARG A 328 12.57 23.29 -44.74
CA ARG A 328 13.03 23.99 -45.92
C ARG A 328 13.76 25.32 -45.62
N VAL A 329 13.09 26.21 -44.92
CA VAL A 329 13.67 27.42 -44.38
C VAL A 329 15.05 27.29 -43.73
N ALA A 330 15.36 26.21 -43.06
CA ALA A 330 16.69 26.05 -42.49
C ALA A 330 17.76 25.61 -43.44
N GLY A 331 17.37 25.08 -44.58
CA GLY A 331 18.22 24.40 -45.50
C GLY A 331 18.58 23.01 -45.10
N ILE A 332 17.70 22.35 -44.39
CA ILE A 332 18.01 21.03 -43.91
C ILE A 332 16.93 20.02 -44.12
N GLY A 333 17.24 18.78 -43.88
CA GLY A 333 16.25 17.73 -43.98
C GLY A 333 16.05 17.05 -42.64
N LEU A 334 15.00 16.26 -42.52
CA LEU A 334 14.68 15.61 -41.26
C LEU A 334 15.84 14.87 -40.58
N ASP A 335 16.75 14.32 -41.39
CA ASP A 335 17.88 13.54 -40.88
C ASP A 335 18.97 14.39 -40.25
N ASP A 336 18.97 15.68 -40.60
CA ASP A 336 19.96 16.64 -40.15
C ASP A 336 19.72 17.22 -38.74
N VAL A 337 18.53 16.97 -38.18
CA VAL A 337 18.10 17.39 -36.85
C VAL A 337 18.71 16.49 -35.77
N ALA A 338 19.25 17.11 -34.73
CA ALA A 338 19.89 16.43 -33.63
C ALA A 338 18.98 16.14 -32.42
N ALA A 339 17.98 17.00 -32.21
CA ALA A 339 17.08 16.93 -31.04
C ALA A 339 15.71 17.49 -31.38
N PHE A 340 14.67 16.87 -30.79
CA PHE A 340 13.27 17.27 -30.97
C PHE A 340 12.62 17.57 -29.64
N ASP A 341 11.82 18.63 -29.59
CA ASP A 341 10.76 18.79 -28.59
C ASP A 341 9.43 18.96 -29.30
N LEU A 342 8.66 17.88 -29.27
CA LEU A 342 7.34 17.81 -29.89
C LEU A 342 6.28 17.93 -28.81
N TYR A 343 5.30 18.77 -29.06
CA TYR A 343 4.28 19.02 -28.08
C TYR A 343 3.40 17.77 -27.88
N SER A 344 3.16 17.44 -26.62
CA SER A 344 2.60 16.15 -26.20
C SER A 344 1.63 16.21 -25.03
N CYS A 345 0.51 16.91 -25.14
CA CYS A 345 -0.45 16.83 -24.01
C CYS A 345 -1.07 15.41 -24.08
N PHE A 346 -1.37 15.01 -25.31
CA PHE A 346 -1.88 13.69 -25.63
C PHE A 346 -0.99 13.06 -26.70
N PRO A 347 -1.06 11.76 -26.86
CA PRO A 347 -0.27 11.08 -27.86
C PRO A 347 -0.48 11.53 -29.30
N PHE A 348 -1.72 11.85 -29.66
CA PHE A 348 -2.07 12.17 -31.00
C PHE A 348 -1.15 13.18 -31.75
N PRO A 349 -0.89 14.37 -31.17
CA PRO A 349 -0.14 15.36 -31.95
C PRO A 349 1.32 14.99 -32.12
N VAL A 350 1.78 14.03 -31.35
CA VAL A 350 3.11 13.47 -31.50
C VAL A 350 3.09 12.42 -32.57
N PHE A 351 2.21 11.43 -32.43
CA PHE A 351 1.96 10.43 -33.46
C PHE A 351 1.85 11.05 -34.83
N ASN A 352 1.08 12.13 -34.91
CA ASN A 352 0.71 12.75 -36.14
C ASN A 352 1.88 13.32 -36.90
N ILE A 353 2.86 13.87 -36.18
CA ILE A 353 4.06 14.37 -36.84
C ILE A 353 4.83 13.19 -37.42
N CYS A 354 4.97 12.16 -36.60
CA CYS A 354 5.57 10.90 -36.99
C CYS A 354 4.98 10.20 -38.23
N ASP A 355 3.66 10.22 -38.35
CA ASP A 355 2.95 9.61 -39.47
C ASP A 355 3.16 10.29 -40.80
N GLY A 356 3.16 11.61 -40.83
CA GLY A 356 3.31 12.34 -42.09
C GLY A 356 4.73 12.66 -42.50
N THR A 357 5.69 12.34 -41.64
CA THR A 357 7.05 12.79 -41.81
C THR A 357 8.02 11.64 -42.00
N GLY A 358 7.63 10.45 -41.57
CA GLY A 358 8.49 9.28 -41.64
C GLY A 358 9.23 8.97 -40.36
N LEU A 359 9.43 9.98 -39.51
CA LEU A 359 10.09 9.83 -38.22
C LEU A 359 9.51 8.68 -37.40
N ALA A 360 10.35 7.77 -36.95
CA ALA A 360 9.86 6.69 -36.10
C ALA A 360 9.54 7.17 -34.67
N THR A 361 8.57 6.51 -34.05
CA THR A 361 8.15 6.82 -32.70
C THR A 361 9.24 6.47 -31.67
N ASP A 362 10.11 5.52 -32.00
CA ASP A 362 11.17 5.09 -31.09
C ASP A 362 12.54 5.65 -31.45
N ASP A 363 12.54 6.65 -32.32
CA ASP A 363 13.75 7.29 -32.82
C ASP A 363 14.75 7.61 -31.70
N PRO A 364 16.02 7.18 -31.85
CA PRO A 364 17.03 7.29 -30.78
C PRO A 364 17.33 8.71 -30.36
N ARG A 365 17.11 9.68 -31.26
CA ARG A 365 17.30 11.13 -30.96
C ARG A 365 16.37 11.63 -29.84
N GLY A 366 15.23 10.98 -29.68
CA GLY A 366 14.23 11.31 -28.69
C GLY A 366 13.22 12.26 -29.28
N LEU A 367 11.99 12.24 -28.80
CA LEU A 367 10.98 13.20 -29.27
C LEU A 367 10.69 14.36 -28.30
N THR A 368 11.39 14.39 -27.18
CA THR A 368 11.21 15.45 -26.18
C THR A 368 12.52 15.90 -25.54
N LEU A 369 12.57 17.15 -25.19
CA LEU A 369 13.71 17.68 -24.53
C LEU A 369 13.37 17.96 -23.08
N THR A 370 12.09 18.05 -22.79
CA THR A 370 11.58 18.52 -21.55
C THR A 370 11.07 17.34 -20.70
N GLY A 371 10.42 16.45 -21.35
CA GLY A 371 9.77 15.38 -20.67
C GLY A 371 8.33 15.34 -21.06
N GLY A 372 7.82 16.41 -21.63
CA GLY A 372 6.45 16.44 -22.10
C GLY A 372 5.40 16.72 -21.09
N LEU A 373 4.15 16.82 -21.53
CA LEU A 373 3.12 17.48 -20.78
C LEU A 373 2.49 16.77 -19.60
N PRO A 374 1.95 15.61 -19.77
CA PRO A 374 1.46 15.01 -18.57
C PRO A 374 2.58 15.15 -17.56
N PHE A 375 3.78 14.69 -17.91
CA PHE A 375 4.82 14.36 -16.97
C PHE A 375 5.60 15.53 -16.44
N PHE A 376 5.89 16.47 -17.28
CA PHE A 376 6.64 17.68 -16.95
C PHE A 376 5.88 18.59 -16.00
N GLY A 377 4.55 18.61 -16.13
CA GLY A 377 3.67 19.45 -15.33
C GLY A 377 3.20 20.65 -16.11
N GLY A 378 1.96 21.03 -15.87
CA GLY A 378 1.42 22.23 -16.50
C GLY A 378 0.13 21.97 -17.23
N LEU A 379 -0.62 23.03 -17.49
CA LEU A 379 -1.92 22.99 -18.14
C LEU A 379 -1.83 22.84 -19.64
N GLY A 380 -0.71 23.22 -20.21
CA GLY A 380 -0.54 23.11 -21.63
C GLY A 380 -0.28 24.38 -22.40
N ASN A 381 -0.62 25.52 -21.84
CA ASN A 381 -0.50 26.76 -22.57
C ASN A 381 0.93 27.32 -22.79
N ASN A 382 1.73 27.31 -21.73
CA ASN A 382 3.08 27.85 -21.80
C ASN A 382 4.18 26.77 -21.89
N TYR A 383 3.79 25.53 -22.14
CA TYR A 383 4.73 24.44 -22.20
C TYR A 383 5.88 24.61 -23.20
N SER A 384 5.59 24.98 -24.44
CA SER A 384 6.64 25.09 -25.46
C SER A 384 7.71 26.15 -25.18
N HIS A 386 9.38 26.31 -22.36
CA HIS A 386 10.33 25.43 -21.74
C HIS A 386 11.11 24.57 -22.78
N GLY A 387 10.39 24.09 -23.79
CA GLY A 387 10.94 23.45 -24.96
C GLY A 387 11.98 24.27 -25.68
N ILE A 388 11.63 25.51 -26.00
CA ILE A 388 12.53 26.47 -26.58
C ILE A 388 13.76 26.72 -25.71
N ALA A 389 13.55 26.89 -24.42
CA ALA A 389 14.67 27.10 -23.52
C ALA A 389 15.62 25.88 -23.54
N GLU A 390 15.08 24.68 -23.46
CA GLU A 390 15.90 23.48 -23.48
C GLU A 390 16.64 23.28 -24.81
N ALA A 391 15.93 23.54 -25.92
CA ALA A 391 16.51 23.60 -27.27
C ALA A 391 17.68 24.52 -27.37
N VAL A 392 17.52 25.75 -26.89
CA VAL A 392 18.57 26.76 -26.91
C VAL A 392 19.81 26.38 -26.09
N ASN A 393 19.64 25.81 -24.91
CA ASN A 393 20.73 25.27 -24.10
C ASN A 393 21.47 24.11 -24.72
N GLU A 394 20.71 23.16 -25.28
CA GLU A 394 21.25 21.96 -25.85
C GLU A 394 22.04 22.32 -27.11
N ARG A 396 23.70 25.33 -27.61
CA ARG A 396 24.97 25.94 -27.22
C ARG A 396 26.03 24.89 -26.89
N ASP A 397 25.59 23.78 -26.32
CA ASP A 397 26.44 22.69 -25.90
C ASP A 397 26.98 21.87 -27.06
N LYS A 398 26.27 21.89 -28.19
CA LYS A 398 26.59 21.11 -29.39
C LYS A 398 26.59 22.07 -30.58
N PRO A 399 27.59 22.96 -30.64
CA PRO A 399 27.52 24.05 -31.65
C PRO A 399 27.54 23.50 -33.10
N GLY A 400 26.73 24.09 -33.97
CA GLY A 400 26.63 23.59 -35.34
C GLY A 400 25.43 22.69 -35.63
N GLN A 401 24.97 21.92 -34.63
CA GLN A 401 23.77 21.07 -34.75
C GLN A 401 22.43 21.82 -34.70
N PHE A 402 21.35 21.14 -35.09
CA PHE A 402 20.03 21.75 -35.23
C PHE A 402 18.99 21.10 -34.37
N ALA A 403 18.10 21.91 -33.75
CA ALA A 403 16.97 21.44 -32.86
C ALA A 403 15.58 21.93 -33.31
N LEU A 404 14.63 21.01 -33.43
CA LEU A 404 13.29 21.35 -33.84
C LEU A 404 12.31 21.40 -32.65
N VAL A 405 11.54 22.47 -32.57
CA VAL A 405 10.49 22.58 -31.57
C VAL A 405 9.16 22.61 -32.28
N GLY A 406 8.21 21.78 -31.86
CA GLY A 406 6.84 21.87 -32.39
C GLY A 406 5.85 22.23 -31.32
N ALA A 407 4.99 23.22 -31.59
CA ALA A 407 4.05 23.73 -30.59
C ALA A 407 2.61 23.62 -31.03
N ASN A 408 1.77 22.95 -30.27
CA ASN A 408 0.34 22.72 -30.47
C ASN A 408 -0.55 23.47 -29.46
N GLY A 409 -1.71 24.04 -29.74
CA GLY A 409 -2.39 24.06 -30.99
C GLY A 409 -3.84 23.68 -30.90
N GLY A 410 -4.54 24.03 -29.84
CA GLY A 410 -5.99 23.82 -29.75
C GLY A 410 -6.47 22.40 -29.74
N ILE A 411 -7.34 22.05 -30.65
CA ILE A 411 -7.66 20.65 -30.89
C ILE A 411 -6.89 20.12 -32.08
N ALA A 412 -5.58 19.96 -31.97
CA ALA A 412 -4.67 19.92 -33.14
C ALA A 412 -4.95 21.04 -34.15
N SER A 413 -5.42 22.21 -33.69
CA SER A 413 -5.92 23.29 -34.57
C SER A 413 -4.78 24.12 -35.13
N LYS A 414 -3.70 24.22 -34.36
CA LYS A 414 -2.62 25.13 -34.63
C LYS A 414 -1.27 24.47 -34.35
N TYR A 415 -0.32 24.70 -35.24
CA TYR A 415 1.02 24.21 -35.09
C TYR A 415 2.09 25.19 -35.56
N SER A 416 3.10 25.37 -34.72
CA SER A 416 4.17 26.34 -34.92
C SER A 416 5.45 25.65 -34.66
N VAL A 417 6.36 25.82 -35.57
CA VAL A 417 7.62 25.11 -35.53
C VAL A 417 8.76 26.13 -35.55
N GLY A 418 9.76 25.88 -34.73
CA GLY A 418 11.01 26.58 -34.79
C GLY A 418 12.18 25.61 -34.82
N ILE A 419 13.18 25.95 -35.61
CA ILE A 419 14.41 25.19 -35.67
C ILE A 419 15.50 26.14 -35.27
N TYR A 420 16.31 25.70 -34.32
CA TYR A 420 17.38 26.49 -33.70
C TYR A 420 18.78 25.89 -33.92
N SER A 421 19.79 26.76 -34.03
CA SER A 421 21.21 26.41 -34.21
C SER A 421 22.14 27.58 -33.92
N THR A 422 23.38 27.28 -33.55
CA THR A 422 24.42 28.30 -33.39
C THR A 422 25.01 28.77 -34.72
N GLU A 423 24.83 27.94 -35.75
CA GLU A 423 25.31 28.22 -37.11
C GLU A 423 24.59 29.43 -37.72
N PRO A 424 25.28 30.51 -38.06
CA PRO A 424 24.63 31.76 -38.38
C PRO A 424 24.01 31.88 -39.76
N ALA A 425 22.94 32.63 -39.87
CA ALA A 425 22.42 32.93 -41.18
C ALA A 425 21.51 34.08 -41.14
N ASP A 426 21.16 34.57 -42.31
CA ASP A 426 20.20 35.63 -42.45
C ASP A 426 18.84 35.07 -42.26
N TRP A 427 17.96 35.84 -41.72
CA TRP A 427 16.58 35.47 -41.61
C TRP A 427 16.03 35.23 -42.98
N VAL A 428 15.42 34.08 -43.16
CA VAL A 428 14.70 33.69 -44.35
C VAL A 428 13.19 33.78 -44.07
N ALA A 429 12.46 34.62 -44.81
CA ALA A 429 10.99 34.68 -44.71
C ALA A 429 10.36 33.33 -45.10
N ASP A 430 9.43 32.84 -44.29
CA ASP A 430 8.68 31.62 -44.61
C ASP A 430 7.41 31.82 -45.46
N ASN A 431 6.99 30.72 -46.06
CA ASN A 431 5.89 30.63 -46.99
C ASN A 431 4.56 30.18 -46.39
N SER A 432 4.33 30.49 -45.12
CA SER A 432 3.14 30.01 -44.42
C SER A 432 1.87 30.55 -45.00
N ALA A 433 1.85 31.82 -45.34
CA ALA A 433 0.65 32.48 -45.84
C ALA A 433 0.07 31.82 -47.10
N GLN A 434 0.95 31.53 -48.07
CA GLN A 434 0.59 30.84 -49.30
C GLN A 434 0.29 29.33 -49.07
N LEU A 435 1.03 28.67 -48.18
CA LEU A 435 0.70 27.30 -47.76
C LEU A 435 -0.62 27.15 -46.98
N GLN A 436 -0.98 28.16 -46.19
CA GLN A 436 -2.26 28.23 -45.51
C GLN A 436 -3.43 28.41 -46.51
N ALA A 437 -3.27 29.28 -47.50
CA ALA A 437 -4.32 29.53 -48.48
C ALA A 437 -4.57 28.31 -49.37
N GLU A 438 -3.52 27.52 -49.60
CA GLU A 438 -3.66 26.24 -50.32
C GLU A 438 -4.47 25.24 -49.52
N HIS A 439 -4.17 25.11 -48.24
CA HIS A 439 -4.89 24.21 -47.36
C HIS A 439 -6.33 24.68 -47.10
N ASP A 440 -6.55 26.00 -47.12
CA ASP A 440 -7.88 26.58 -46.93
C ASP A 440 -8.75 26.31 -48.15
N ALA A 441 -8.11 26.08 -49.29
CA ALA A 441 -8.77 25.76 -50.58
C ALA A 441 -9.22 24.30 -50.71
N GLN A 442 -8.68 23.40 -49.88
CA GLN A 442 -9.13 22.01 -49.83
C GLN A 442 -10.63 21.93 -49.56
N PRO A 443 -11.31 20.94 -50.19
CA PRO A 443 -12.76 20.79 -49.92
C PRO A 443 -13.02 20.44 -48.45
N LYS A 444 -14.12 20.97 -47.91
CA LYS A 444 -14.51 20.70 -46.54
C LYS A 444 -15.60 19.63 -46.56
N VAL A 445 -15.52 18.67 -45.64
CA VAL A 445 -16.56 17.64 -45.43
C VAL A 445 -17.85 18.31 -44.92
N ALA A 446 -18.99 17.84 -45.42
CA ALA A 446 -20.28 18.48 -45.15
C ALA A 446 -20.86 18.01 -43.81
N ILE A 447 -21.56 18.91 -43.12
CA ILE A 447 -22.14 18.63 -41.79
C ILE A 447 -23.69 18.78 -41.87
N THR A 448 -24.40 17.80 -41.32
CA THR A 448 -25.82 17.94 -41.09
C THR A 448 -25.98 18.09 -39.59
N GLU A 449 -26.30 19.30 -39.13
CA GLU A 449 -26.42 19.55 -37.69
C GLU A 449 -27.56 18.72 -37.06
N LYS A 450 -28.74 18.73 -37.68
CA LYS A 450 -29.92 18.02 -37.16
C LYS A 450 -30.15 16.67 -37.84
N ALA A 451 -29.28 15.71 -37.57
CA ALA A 451 -29.31 14.40 -38.24
C ALA A 451 -30.40 13.45 -37.75
N ASP A 452 -31.17 12.94 -38.72
CA ASP A 452 -32.31 12.07 -38.48
C ASP A 452 -32.24 10.87 -39.44
N GLY A 453 -31.81 9.71 -38.96
CA GLY A 453 -31.78 8.54 -39.81
C GLY A 453 -30.78 7.51 -39.38
N THR A 454 -30.23 6.80 -40.35
CA THR A 454 -29.30 5.73 -40.09
C THR A 454 -27.89 6.14 -40.55
N GLY A 455 -26.91 5.87 -39.69
CA GLY A 455 -25.56 6.31 -39.93
C GLY A 455 -24.53 5.33 -39.48
N THR A 456 -23.28 5.64 -39.81
CA THR A 456 -22.10 4.84 -39.47
C THR A 456 -21.22 5.62 -38.47
N ILE A 457 -20.69 4.91 -37.47
CA ILE A 457 -19.72 5.48 -36.53
C ILE A 457 -18.38 5.73 -37.23
N GLU A 458 -17.91 6.99 -37.25
CA GLU A 458 -16.59 7.26 -37.80
C GLU A 458 -15.55 7.29 -36.69
N THR A 459 -15.93 7.92 -35.58
CA THR A 459 -15.14 7.98 -34.37
C THR A 459 -16.03 8.23 -33.14
N TYR A 460 -15.45 8.07 -31.97
CA TYR A 460 -16.17 7.99 -30.72
C TYR A 460 -15.24 8.31 -29.56
N THR A 461 -15.84 8.66 -28.44
CA THR A 461 -15.16 8.57 -27.16
C THR A 461 -16.17 8.24 -26.06
N VAL A 462 -15.69 7.90 -24.88
CA VAL A 462 -16.56 7.65 -23.76
C VAL A 462 -16.09 8.45 -22.54
N ARG A 463 -17.02 9.03 -21.80
CA ARG A 463 -16.67 9.69 -20.55
C ARG A 463 -16.89 8.75 -19.37
N TYR A 464 -15.80 8.33 -18.75
CA TYR A 464 -15.85 7.38 -17.64
C TYR A 464 -15.93 8.13 -16.31
N ASP A 465 -15.78 9.43 -16.36
CA ASP A 465 -15.84 10.24 -15.17
C ASP A 465 -17.27 10.66 -14.88
N TRP A 466 -18.19 10.37 -15.81
CA TRP A 466 -19.62 10.56 -15.59
C TRP A 466 -20.30 9.26 -15.26
N THR A 467 -21.35 9.31 -14.46
CA THR A 467 -22.29 8.19 -14.33
C THR A 467 -23.70 8.67 -14.69
N PRO A 468 -24.36 7.98 -15.64
CA PRO A 468 -23.82 6.80 -16.33
C PRO A 468 -22.72 7.19 -17.34
N HIS A 469 -21.85 6.26 -17.68
CA HIS A 469 -20.85 6.49 -18.71
C HIS A 469 -21.52 7.04 -19.98
N THR A 470 -20.88 8.00 -20.62
CA THR A 470 -21.50 8.75 -21.70
C THR A 470 -20.63 8.72 -22.94
N GLY A 471 -21.24 8.32 -24.06
CA GLY A 471 -20.57 8.24 -25.36
C GLY A 471 -20.79 9.45 -26.24
N ILE A 472 -19.75 9.86 -26.93
CA ILE A 472 -19.84 10.90 -27.93
C ILE A 472 -19.42 10.28 -29.23
N ILE A 473 -20.22 10.52 -30.25
CA ILE A 473 -20.00 9.89 -31.54
C ILE A 473 -19.93 10.96 -32.63
N ILE A 474 -18.97 10.83 -33.54
CA ILE A 474 -19.06 11.46 -34.84
C ILE A 474 -19.44 10.38 -35.83
N GLY A 475 -20.47 10.64 -36.60
CA GLY A 475 -20.97 9.70 -37.56
C GLY A 475 -21.06 10.18 -38.98
N ARG A 476 -21.43 9.29 -39.85
CA ARG A 476 -21.52 9.58 -41.24
C ARG A 476 -22.90 9.20 -41.58
N LEU A 477 -23.53 9.82 -42.55
CA LEU A 477 -24.75 9.24 -43.09
C LEU A 477 -24.56 8.50 -44.41
N ASP A 478 -25.67 8.22 -45.07
CA ASP A 478 -25.64 7.69 -46.41
C ASP A 478 -25.21 8.81 -47.34
N ASP A 479 -25.83 9.95 -47.20
CA ASP A 479 -25.43 11.20 -47.86
C ASP A 479 -23.90 11.49 -47.79
N GLY A 480 -23.21 10.92 -46.80
CA GLY A 480 -21.78 11.16 -46.58
C GLY A 480 -21.42 12.38 -45.75
N SER A 481 -22.42 13.14 -45.30
CA SER A 481 -22.17 14.26 -44.40
C SER A 481 -22.03 13.80 -42.93
N ARG A 482 -21.21 14.49 -42.12
CA ARG A 482 -20.99 14.13 -40.69
C ARG A 482 -22.01 14.75 -39.74
N PHE A 483 -22.11 14.14 -38.56
CA PHE A 483 -22.91 14.66 -37.46
C PHE A 483 -22.28 14.23 -36.13
N LEU A 484 -22.77 14.83 -35.06
CA LEU A 484 -22.40 14.49 -33.70
C LEU A 484 -23.58 13.85 -32.96
N ALA A 485 -23.30 12.95 -32.04
CA ALA A 485 -24.33 12.41 -31.17
C ALA A 485 -23.82 12.04 -29.78
N LYS A 486 -24.72 12.17 -28.81
CA LYS A 486 -24.45 11.83 -27.43
C LYS A 486 -25.33 10.63 -27.07
N THR A 487 -24.87 9.79 -26.16
CA THR A 487 -25.58 8.54 -25.87
C THR A 487 -25.33 8.02 -24.44
N LYS A 488 -26.41 7.63 -23.78
CA LYS A 488 -26.30 6.93 -22.51
C LYS A 488 -26.97 5.57 -22.56
N ASP A 489 -27.55 5.24 -23.71
CA ASP A 489 -28.04 3.91 -23.93
C ASP A 489 -27.00 2.87 -23.43
N GLU A 490 -27.42 2.06 -22.46
CA GLU A 490 -26.62 0.98 -21.89
C GLU A 490 -26.03 0.06 -23.00
N ASP A 491 -26.79 -0.25 -24.04
CA ASP A 491 -26.29 -1.18 -25.09
C ASP A 491 -25.13 -0.62 -25.94
N LEU A 492 -25.30 0.60 -26.44
CA LEU A 492 -24.32 1.29 -27.28
C LEU A 492 -23.02 1.59 -26.55
N VAL A 493 -23.14 2.05 -25.32
CA VAL A 493 -22.00 2.39 -24.49
C VAL A 493 -21.14 1.15 -24.17
N LYS A 494 -21.76 -0.01 -24.04
CA LYS A 494 -21.03 -1.25 -23.81
C LYS A 494 -20.12 -1.56 -25.02
N LEU A 495 -20.64 -1.34 -26.24
CA LEU A 495 -19.87 -1.53 -27.47
C LEU A 495 -18.70 -0.54 -27.58
N LEU A 496 -18.92 0.73 -27.22
CA LEU A 496 -17.87 1.75 -27.26
C LEU A 496 -16.76 1.58 -26.21
N SER A 497 -17.14 1.06 -25.04
CA SER A 497 -16.19 0.84 -23.95
C SER A 497 -15.39 -0.45 -24.03
N GLU A 498 -16.03 -1.51 -24.53
CA GLU A 498 -15.50 -2.87 -24.40
C GLU A 498 -15.29 -3.62 -25.70
N GLY A 499 -15.73 -3.04 -26.81
CA GLY A 499 -15.51 -3.60 -28.11
C GLY A 499 -14.80 -2.75 -29.13
N ASP A 500 -15.21 -2.83 -30.38
CA ASP A 500 -14.64 -2.06 -31.48
C ASP A 500 -15.78 -1.58 -32.37
N PRO A 501 -16.10 -0.29 -32.25
CA PRO A 501 -17.32 0.26 -32.84
C PRO A 501 -17.16 0.80 -34.26
N ILE A 502 -15.96 1.22 -34.64
CA ILE A 502 -15.82 1.84 -35.92
C ILE A 502 -16.68 1.23 -36.99
N GLY A 503 -17.58 1.99 -37.58
CA GLY A 503 -18.30 1.43 -38.70
C GLY A 503 -19.61 0.75 -38.38
N ALA A 504 -19.97 0.74 -37.12
CA ALA A 504 -21.19 0.12 -36.68
C ALA A 504 -22.38 0.96 -37.00
N LYS A 505 -23.49 0.32 -37.31
CA LYS A 505 -24.70 1.03 -37.72
C LYS A 505 -25.47 1.47 -36.49
N ILE A 506 -25.91 2.71 -36.52
CA ILE A 506 -26.65 3.32 -35.42
C ILE A 506 -27.81 4.13 -35.96
N VAL A 507 -28.80 4.39 -35.12
CA VAL A 507 -29.93 5.25 -35.49
C VAL A 507 -29.86 6.52 -34.64
N VAL A 508 -29.81 7.68 -35.31
CA VAL A 508 -29.69 8.97 -34.64
C VAL A 508 -31.03 9.71 -34.75
N THR A 509 -31.48 10.31 -33.63
CA THR A 509 -32.71 11.14 -33.57
C THR A 509 -32.36 12.59 -33.23
N PRO A 510 -32.79 13.57 -34.05
CA PRO A 510 -32.43 14.96 -33.77
C PRO A 510 -32.94 15.47 -32.41
N GLY A 511 -32.33 16.57 -31.95
CA GLY A 511 -32.80 17.34 -30.81
C GLY A 511 -31.91 18.57 -30.75
N GLU A 512 -32.52 19.67 -30.36
CA GLU A 512 -31.87 20.97 -30.26
C GLU A 512 -31.01 21.14 -29.03
N LYS A 513 -30.85 20.11 -28.25
CA LYS A 513 -29.88 20.17 -27.21
C LYS A 513 -28.74 19.24 -27.61
N SER A 514 -29.08 17.99 -27.85
CA SER A 514 -28.15 17.03 -28.36
C SER A 514 -28.92 16.03 -29.16
N ASN A 515 -28.31 15.51 -30.21
CA ASN A 515 -28.85 14.43 -30.99
C ASN A 515 -28.49 13.19 -30.25
N ARG A 516 -29.35 12.20 -30.18
CA ARG A 516 -29.07 11.06 -29.32
C ARG A 516 -28.90 9.89 -30.23
N ALA A 517 -28.41 8.76 -29.74
CA ALA A 517 -28.18 7.63 -30.61
C ALA A 517 -28.35 6.31 -29.91
N VAL A 518 -28.44 5.25 -30.68
CA VAL A 518 -28.69 3.91 -30.16
C VAL A 518 -28.40 2.94 -31.30
N LEU A 519 -28.17 1.65 -31.05
CA LEU A 519 -27.79 0.66 -32.09
C LEU A 519 -28.88 0.36 -33.15
N ALA A 520 -28.50 -0.30 -34.25
CA ALA A 520 -29.47 -0.64 -35.33
C ALA A 520 -29.54 -2.13 -35.65
N VAL B 15 -58.87 4.29 -14.26
CA VAL B 15 -58.30 5.42 -13.47
C VAL B 15 -58.57 6.81 -14.11
N ASP B 16 -58.71 7.82 -13.26
CA ASP B 16 -59.05 9.20 -13.66
C ASP B 16 -57.93 9.84 -14.51
N PRO B 17 -58.30 10.64 -15.55
CA PRO B 17 -57.28 11.34 -16.36
C PRO B 17 -56.33 12.30 -15.59
N ARG B 18 -56.76 12.80 -14.44
CA ARG B 18 -55.97 13.75 -13.67
C ARG B 18 -54.91 13.07 -12.79
N THR B 19 -55.06 11.78 -12.58
CA THR B 19 -54.14 11.02 -11.73
C THR B 19 -52.69 11.26 -12.15
N PRO B 20 -51.82 11.57 -11.16
CA PRO B 20 -50.41 11.87 -11.39
C PRO B 20 -49.48 10.65 -11.42
N VAL B 21 -48.58 10.64 -12.38
CA VAL B 21 -47.59 9.59 -12.53
C VAL B 21 -46.19 10.16 -12.68
N ILE B 22 -45.23 9.51 -12.07
CA ILE B 22 -43.85 9.83 -12.36
C ILE B 22 -43.46 9.08 -13.64
N VAL B 23 -43.00 9.83 -14.64
CA VAL B 23 -42.69 9.26 -15.93
C VAL B 23 -41.18 9.22 -16.26
N GLY B 24 -40.41 10.08 -15.61
CA GLY B 24 -39.01 10.20 -15.90
C GLY B 24 -38.17 10.50 -14.67
N VAL B 25 -37.09 9.74 -14.49
CA VAL B 25 -36.17 9.94 -13.39
C VAL B 25 -34.75 10.07 -13.91
N GLY B 26 -33.97 10.98 -13.34
CA GLY B 26 -32.61 11.22 -13.78
C GLY B 26 -31.65 11.31 -12.61
N GLN B 27 -30.49 10.69 -12.76
CA GLN B 27 -29.43 10.86 -11.82
C GLN B 27 -28.14 11.21 -12.53
N PHE B 28 -27.29 11.98 -11.88
CA PHE B 28 -25.99 12.26 -12.45
C PHE B 28 -24.90 12.46 -11.40
N THR B 29 -23.72 11.90 -11.65
CA THR B 29 -22.56 12.10 -10.80
C THR B 29 -21.35 12.48 -11.65
N GLU B 30 -20.62 13.50 -11.22
CA GLU B 30 -19.36 13.90 -11.82
C GLU B 30 -18.21 13.63 -10.84
N ARG B 31 -17.16 13.03 -11.34
CA ARG B 31 -16.00 12.86 -10.52
C ARG B 31 -14.90 13.77 -11.15
N ILE B 32 -14.37 14.76 -10.41
CA ILE B 32 -13.09 15.47 -10.82
C ILE B 32 -11.85 14.83 -10.19
N GLY B 39 -14.78 21.28 -12.11
CA GLY B 39 -16.09 20.77 -11.78
C GLY B 39 -17.24 21.65 -12.25
N SER B 41 -20.97 23.54 -12.23
CA SER B 41 -21.78 24.34 -11.34
C SER B 41 -23.02 23.57 -10.89
N SER B 42 -23.66 24.00 -9.81
CA SER B 42 -24.80 23.27 -9.37
C SER B 42 -25.97 23.31 -10.42
N VAL B 43 -26.07 24.38 -11.19
CA VAL B 43 -27.06 24.45 -12.28
C VAL B 43 -26.78 23.41 -13.34
N GLU B 44 -25.54 23.32 -13.76
CA GLU B 44 -25.11 22.36 -14.77
C GLU B 44 -25.40 20.93 -14.30
N LEU B 45 -25.19 20.64 -13.02
CA LEU B 45 -25.46 19.29 -12.50
C LEU B 45 -26.93 18.91 -12.48
N ALA B 46 -27.78 19.86 -12.11
CA ALA B 46 -29.21 19.66 -12.08
C ALA B 46 -29.72 19.56 -13.52
N THR B 47 -29.02 20.23 -14.41
CA THR B 47 -29.36 20.23 -15.83
C THR B 47 -29.13 18.88 -16.48
N GLU B 48 -27.94 18.32 -16.28
CA GLU B 48 -27.66 16.94 -16.65
C GLU B 48 -28.69 15.88 -16.19
N ALA B 49 -29.09 15.95 -14.92
CA ALA B 49 -30.10 15.06 -14.36
C ALA B 49 -31.47 15.28 -14.96
N ALA B 50 -31.83 16.52 -15.21
CA ALA B 50 -33.11 16.84 -15.81
C ALA B 50 -33.22 16.41 -17.28
N LYS B 51 -32.12 16.50 -18.01
CA LYS B 51 -32.00 15.93 -19.32
C LYS B 51 -32.21 14.42 -19.37
N ALA B 52 -31.67 13.70 -18.39
CA ALA B 52 -31.91 12.24 -18.24
C ALA B 52 -33.35 11.88 -17.86
N ALA B 53 -33.97 12.65 -16.98
CA ALA B 53 -35.39 12.49 -16.67
C ALA B 53 -36.28 12.65 -17.94
N LEU B 54 -35.94 13.65 -18.78
CA LEU B 54 -36.62 13.88 -20.03
C LEU B 54 -36.38 12.75 -21.01
N HIS B 55 -35.23 12.13 -20.95
CA HIS B 55 -34.98 11.05 -21.86
C HIS B 55 -35.54 9.71 -21.39
N ASP B 56 -35.54 9.55 -20.08
CA ASP B 56 -36.05 8.36 -19.44
C ASP B 56 -37.51 8.09 -19.77
N CYS B 57 -38.32 9.13 -19.97
CA CYS B 57 -39.73 8.94 -20.33
C CYS B 57 -39.96 8.41 -21.75
N GLY B 58 -39.00 8.55 -22.64
CA GLY B 58 -39.14 7.99 -23.96
C GLY B 58 -40.14 8.61 -24.90
N ALA B 59 -40.48 9.86 -24.67
CA ALA B 59 -41.31 10.61 -25.53
C ALA B 59 -40.30 11.50 -26.10
N ASP B 60 -40.63 12.47 -26.91
CA ASP B 60 -39.55 13.32 -27.41
C ASP B 60 -39.12 14.45 -26.46
N ALA B 61 -37.87 14.44 -26.03
CA ALA B 61 -37.42 15.35 -24.98
C ALA B 61 -37.64 16.83 -25.18
N ASP B 62 -37.60 17.31 -26.40
CA ASP B 62 -37.80 18.73 -26.58
C ASP B 62 -39.28 19.06 -26.45
N THR B 63 -40.11 18.16 -26.92
CA THR B 63 -41.55 18.30 -26.88
C THR B 63 -42.15 18.20 -25.45
N VAL B 64 -41.65 17.31 -24.64
CA VAL B 64 -41.91 17.26 -23.22
C VAL B 64 -41.48 18.55 -22.49
N ALA B 65 -40.28 19.05 -22.81
CA ALA B 65 -39.75 20.25 -22.23
C ALA B 65 -40.70 21.43 -22.43
N ARG B 66 -41.15 21.65 -23.67
CA ARG B 66 -42.08 22.74 -24.01
C ARG B 66 -43.41 22.63 -23.29
N ALA B 67 -43.72 21.42 -22.79
CA ALA B 67 -44.98 21.14 -22.07
C ALA B 67 -44.94 21.39 -20.56
N ILE B 68 -43.73 21.48 -19.98
CA ILE B 68 -43.56 21.67 -18.55
C ILE B 68 -44.08 23.03 -18.10
N ASP B 69 -45.03 23.02 -17.16
CA ASP B 69 -45.61 24.25 -16.63
C ASP B 69 -45.03 24.74 -15.26
N THR B 70 -44.43 23.80 -14.52
CA THR B 70 -43.79 24.14 -13.25
C THR B 70 -42.48 23.42 -13.11
N VAL B 71 -41.49 24.18 -12.67
CA VAL B 71 -40.25 23.64 -12.17
C VAL B 71 -40.08 23.99 -10.71
N ALA B 72 -39.62 23.02 -9.95
CA ALA B 72 -39.34 23.18 -8.56
C ALA B 72 -37.91 22.68 -8.30
N GLY B 73 -37.10 23.50 -7.66
CA GLY B 73 -35.78 23.06 -7.25
C GLY B 73 -35.63 23.01 -5.72
N THR B 74 -34.86 22.04 -5.24
CA THR B 74 -34.44 22.01 -3.82
C THR B 74 -33.32 23.02 -3.57
N ARG B 75 -33.28 23.49 -2.33
CA ARG B 75 -32.39 24.54 -1.89
C ARG B 75 -30.96 24.04 -1.70
N GLN B 76 -29.98 24.91 -1.92
CA GLN B 76 -28.57 24.55 -1.78
C GLN B 76 -28.02 24.41 -0.34
N ASN B 92 -31.74 32.97 -10.14
CA ASN B 92 -32.83 32.02 -10.37
C ASN B 92 -32.25 30.69 -10.76
N TYR B 93 -32.06 29.80 -9.82
CA TYR B 93 -31.53 28.53 -10.20
C TYR B 93 -32.56 27.64 -10.86
N PRO B 94 -33.83 27.63 -10.44
CA PRO B 94 -34.79 26.80 -11.17
C PRO B 94 -35.04 27.20 -12.61
N ARG B 95 -35.23 28.48 -12.93
CA ARG B 95 -35.30 28.95 -14.33
C ARG B 95 -34.03 28.74 -15.19
N SER B 96 -32.85 28.82 -14.58
CA SER B 96 -31.61 28.59 -15.32
C SER B 96 -31.61 27.15 -15.76
N VAL B 97 -32.14 26.26 -14.91
CA VAL B 97 -32.22 24.81 -15.25
C VAL B 97 -33.20 24.61 -16.43
N ALA B 98 -34.30 25.33 -16.36
CA ALA B 98 -35.34 25.29 -17.37
C ALA B 98 -34.89 25.78 -18.74
N ARG B 99 -34.26 26.97 -18.84
CA ARG B 99 -33.69 27.49 -20.09
C ARG B 99 -32.70 26.47 -20.69
N ASN B 100 -31.83 25.94 -19.87
CA ASN B 100 -30.90 24.92 -20.32
C ASN B 100 -31.47 23.64 -20.95
N ILE B 101 -32.69 23.25 -20.58
CA ILE B 101 -33.30 22.03 -21.08
C ILE B 101 -34.39 22.33 -22.16
N GLY B 102 -34.62 23.61 -22.43
CA GLY B 102 -35.57 24.07 -23.44
C GLY B 102 -37.01 24.24 -22.95
N ALA B 103 -37.20 24.46 -21.64
CA ALA B 103 -38.52 24.67 -21.03
C ALA B 103 -38.73 26.15 -20.77
N ASP B 104 -39.98 26.59 -20.74
CA ASP B 104 -40.31 27.97 -20.38
C ASP B 104 -41.62 27.94 -19.58
N PRO B 105 -41.53 27.48 -18.32
CA PRO B 105 -42.71 27.19 -17.51
C PRO B 105 -43.27 28.44 -16.89
N ALA B 106 -44.54 28.40 -16.57
CA ALA B 106 -45.19 29.54 -15.97
C ALA B 106 -44.73 29.72 -14.51
N HIS B 107 -44.65 28.64 -13.73
CA HIS B 107 -44.15 28.76 -12.34
C HIS B 107 -42.78 28.11 -12.12
N ALA B 108 -41.96 28.81 -11.37
CA ALA B 108 -40.72 28.28 -10.86
C ALA B 108 -40.78 28.34 -9.33
N VAL B 109 -40.44 27.24 -8.64
CA VAL B 109 -40.42 27.20 -7.18
C VAL B 109 -39.01 26.92 -6.62
N LEU B 110 -38.59 27.68 -5.60
CA LEU B 110 -37.45 27.32 -4.73
C LEU B 110 -38.00 26.88 -3.39
N GLU B 111 -37.81 25.59 -3.07
CA GLU B 111 -38.37 24.97 -1.89
C GLU B 111 -37.57 25.32 -0.62
N VAL B 112 -38.10 24.91 0.47
CA VAL B 112 -37.69 25.26 1.77
C VAL B 112 -36.55 24.27 2.02
N ILE B 113 -35.73 24.54 3.01
CA ILE B 113 -34.65 23.63 3.33
C ILE B 113 -35.13 22.42 4.05
N GLY B 114 -34.42 21.35 3.84
CA GLY B 114 -34.44 20.22 4.70
C GLY B 114 -34.41 19.03 3.85
N GLY B 115 -34.11 17.89 4.42
CA GLY B 115 -34.04 16.75 3.54
C GLY B 115 -35.26 15.90 3.28
N GLN B 116 -36.33 16.25 3.96
CA GLN B 116 -37.73 15.92 3.65
C GLN B 116 -38.24 16.46 2.29
N SER B 117 -37.66 17.56 1.83
CA SER B 117 -38.18 18.29 0.69
C SER B 117 -38.41 17.53 -0.65
N PRO B 118 -37.50 16.62 -1.05
CA PRO B 118 -37.78 15.96 -2.35
C PRO B 118 -39.06 15.18 -2.30
N GLN B 119 -39.31 14.50 -1.17
CA GLN B 119 -40.52 13.73 -1.04
C GLN B 119 -41.76 14.64 -0.79
N HIS B 120 -41.61 15.69 0.01
CA HIS B 120 -42.66 16.65 0.30
C HIS B 120 -43.13 17.26 -1.02
N LEU B 121 -42.17 17.51 -1.89
CA LEU B 121 -42.36 18.17 -3.16
C LEU B 121 -43.09 17.27 -4.13
N ALA B 122 -42.66 16.02 -4.23
CA ALA B 122 -43.38 15.10 -5.06
C ALA B 122 -44.83 14.94 -4.61
N THR B 123 -45.08 14.85 -3.30
CA THR B 123 -46.42 14.73 -2.75
C THR B 123 -47.28 16.00 -3.07
N GLU B 124 -46.67 17.16 -2.90
CA GLU B 124 -47.32 18.43 -3.13
C GLU B 124 -47.76 18.64 -4.60
N PHE B 125 -46.89 18.31 -5.54
CA PHE B 125 -47.28 18.39 -6.92
C PHE B 125 -48.14 17.22 -7.38
N GLY B 126 -48.06 16.08 -6.70
CA GLY B 126 -48.96 15.00 -6.95
C GLY B 126 -50.38 15.48 -6.69
N GLY B 127 -50.58 16.12 -5.54
CA GLY B 127 -51.89 16.69 -5.16
C GLY B 127 -52.39 17.76 -6.09
N LYS B 128 -51.50 18.57 -6.62
CA LYS B 128 -51.87 19.69 -7.45
C LYS B 128 -52.15 19.26 -8.86
N ILE B 129 -51.61 18.08 -9.18
CA ILE B 129 -51.81 17.38 -10.45
C ILE B 129 -53.07 16.58 -10.45
N ALA B 130 -53.36 16.00 -9.30
CA ALA B 130 -54.62 15.36 -9.06
C ALA B 130 -55.76 16.36 -9.06
N ALA B 131 -55.50 17.61 -8.80
CA ALA B 131 -56.53 18.65 -8.78
C ALA B 131 -56.16 19.80 -9.70
N GLY B 132 -57.05 20.14 -10.62
CA GLY B 132 -56.78 21.21 -11.57
C GLY B 132 -55.30 21.51 -11.57
N GLU B 133 -54.93 22.74 -11.25
CA GLU B 133 -53.53 23.07 -11.07
C GLU B 133 -52.56 22.77 -12.22
N ASN B 134 -51.85 21.66 -12.11
CA ASN B 134 -50.61 21.49 -12.80
C ASN B 134 -50.72 20.26 -13.63
N ASP B 135 -50.16 20.30 -14.83
CA ASP B 135 -50.18 19.13 -15.72
C ASP B 135 -48.82 18.43 -15.80
N VAL B 136 -47.77 19.23 -16.01
CA VAL B 136 -46.41 18.69 -16.14
C VAL B 136 -45.44 19.45 -15.25
N VAL B 137 -44.81 18.71 -14.37
CA VAL B 137 -43.96 19.29 -13.35
C VAL B 137 -42.58 18.62 -13.41
N LEU B 138 -41.54 19.46 -13.31
CA LEU B 138 -40.17 18.96 -13.15
C LEU B 138 -39.56 19.40 -11.84
N ILE B 139 -39.08 18.42 -11.07
CA ILE B 139 -38.44 18.60 -9.76
C ILE B 139 -36.98 18.21 -9.90
N PHE B 140 -36.06 19.00 -9.35
CA PHE B 140 -34.65 18.68 -9.46
C PHE B 140 -33.93 19.25 -8.25
N GLY B 141 -32.66 18.89 -8.11
CA GLY B 141 -31.80 19.35 -7.05
C GLY B 141 -30.41 18.89 -7.36
N SER B 142 -29.40 19.45 -6.67
CA SER B 142 -28.00 19.15 -6.90
C SER B 142 -27.10 19.68 -5.81
N GLU B 143 -25.88 19.16 -5.73
CA GLU B 143 -24.88 19.69 -4.82
C GLU B 143 -23.49 19.61 -5.42
N ASN B 144 -22.65 20.53 -4.95
CA ASN B 144 -21.26 20.81 -5.34
C ASN B 144 -20.18 20.36 -4.33
N THR B 145 -18.93 20.18 -4.80
CA THR B 145 -17.78 20.12 -3.86
C THR B 145 -17.52 21.55 -3.32
N PHE B 179 -32.38 27.36 14.13
CA PHE B 179 -32.36 26.68 15.42
C PHE B 179 -33.24 27.37 16.51
N ASP B 180 -32.62 27.93 17.56
CA ASP B 180 -33.34 28.36 18.78
C ASP B 180 -32.31 29.20 19.53
N GLU B 181 -32.62 30.45 19.84
CA GLU B 181 -31.71 31.25 20.67
C GLU B 181 -31.08 30.44 21.87
N TYR B 182 -31.87 29.57 22.52
CA TYR B 182 -31.42 28.74 23.69
C TYR B 182 -30.55 27.47 23.36
N THR B 183 -30.79 26.86 22.20
CA THR B 183 -30.03 25.72 21.69
C THR B 183 -28.74 26.23 21.09
N ILE B 184 -28.84 27.28 20.25
CA ILE B 184 -27.68 27.83 19.50
C ILE B 184 -26.49 28.20 20.41
N ARG B 185 -26.79 28.65 21.62
CA ARG B 185 -25.77 29.15 22.54
C ARG B 185 -25.14 28.06 23.41
N HIS B 186 -25.67 26.87 23.31
CA HIS B 186 -25.17 25.77 24.10
C HIS B 186 -24.37 24.80 23.28
N GLY B 187 -23.75 25.26 22.23
CA GLY B 187 -23.13 24.38 21.27
C GLY B 187 -24.22 23.98 20.34
N LEU B 188 -24.34 22.68 20.10
CA LEU B 188 -25.45 22.10 19.35
C LEU B 188 -25.91 22.98 18.20
N ILE B 189 -25.03 23.14 17.24
CA ILE B 189 -25.30 23.85 16.01
C ILE B 189 -25.20 23.04 14.73
N GLY B 190 -24.29 22.09 14.65
CA GLY B 190 -24.21 21.19 13.52
C GLY B 190 -25.14 20.03 13.79
N ALA B 191 -25.45 19.25 12.76
CA ALA B 191 -26.36 18.10 12.89
C ALA B 191 -25.80 16.99 13.74
N PRO B 192 -24.54 16.72 13.58
CA PRO B 192 -24.00 15.57 14.30
C PRO B 192 -24.15 15.64 15.82
N VAL B 193 -23.99 16.80 16.40
CA VAL B 193 -24.03 16.93 17.84
C VAL B 193 -25.44 16.79 18.38
N GLN B 194 -26.42 17.16 17.57
CA GLN B 194 -27.79 17.12 17.96
C GLN B 194 -28.38 15.74 17.83
N TYR B 195 -28.00 15.01 16.78
CA TYR B 195 -28.35 13.59 16.64
C TYR B 195 -27.73 12.72 17.70
N GLY B 196 -26.56 13.15 18.20
CA GLY B 196 -25.87 12.44 19.24
C GLY B 196 -26.71 12.35 20.48
N LEU B 197 -27.34 13.45 20.81
CA LEU B 197 -28.27 13.51 21.90
C LEU B 197 -29.49 12.62 21.72
N LEU B 198 -30.00 12.55 20.49
CA LEU B 198 -31.19 11.74 20.19
C LEU B 198 -30.81 10.29 20.31
N GLU B 199 -29.57 10.01 19.89
CA GLU B 199 -29.04 8.68 19.84
C GLU B 199 -28.73 8.13 21.26
N ASN B 200 -28.21 8.96 22.12
CA ASN B 200 -27.99 8.54 23.49
C ASN B 200 -29.30 8.42 24.29
N ALA B 201 -30.32 9.21 23.91
CA ALA B 201 -31.64 9.13 24.55
C ALA B 201 -32.41 7.86 24.19
N ARG B 202 -32.14 7.32 22.99
CA ARG B 202 -32.68 6.03 22.58
C ARG B 202 -31.98 4.92 23.33
N ARG B 203 -30.69 5.10 23.58
CA ARG B 203 -29.92 4.11 24.29
C ARG B 203 -30.41 3.99 25.73
N ALA B 204 -30.76 5.14 26.33
CA ALA B 204 -31.36 5.16 27.67
C ALA B 204 -32.62 4.31 27.73
N ARG B 205 -33.61 4.63 26.89
CA ARG B 205 -34.90 3.93 26.93
C ARG B 205 -34.72 2.40 26.76
N LEU B 206 -33.81 2.00 25.88
CA LEU B 206 -33.64 0.60 25.59
C LEU B 206 -32.84 -0.13 26.66
N GLY B 207 -32.17 0.63 27.51
CA GLY B 207 -31.25 0.11 28.54
C GLY B 207 -30.02 -0.64 28.05
N LEU B 208 -29.55 -0.30 26.85
CA LEU B 208 -28.34 -0.91 26.29
C LEU B 208 -27.10 -0.19 26.85
N SER B 209 -26.00 -0.92 27.00
CA SER B 209 -24.75 -0.33 27.40
C SER B 209 -24.13 0.43 26.20
N VAL B 210 -23.06 1.17 26.44
CA VAL B 210 -22.39 1.95 25.38
C VAL B 210 -21.85 1.04 24.25
N ALA B 211 -21.13 -0.03 24.62
CA ALA B 211 -20.53 -0.93 23.62
C ALA B 211 -21.58 -1.76 22.82
N ASP B 212 -22.69 -2.10 23.48
CA ASP B 212 -23.78 -2.85 22.87
C ASP B 212 -24.49 -2.04 21.80
N TYR B 213 -24.77 -0.78 22.15
CA TYR B 213 -25.37 0.16 21.26
C TYR B 213 -24.42 0.44 20.08
N ARG B 214 -23.13 0.60 20.35
CA ARG B 214 -22.18 0.77 19.25
C ARG B 214 -22.24 -0.36 18.26
N LEU B 215 -22.48 -1.56 18.75
CA LEU B 215 -22.64 -2.74 17.90
C LEU B 215 -23.92 -2.69 17.06
N ALA B 216 -25.02 -2.22 17.65
CA ALA B 216 -26.28 -2.20 16.94
C ALA B 216 -26.17 -1.26 15.77
N ALA B 218 -23.34 -0.28 14.13
CA ALA B 218 -22.50 -0.91 13.13
C ALA B 218 -23.24 -1.98 12.35
N GLU B 219 -24.12 -2.72 13.02
CA GLU B 219 -24.91 -3.79 12.36
C GLU B 219 -26.03 -3.28 11.45
N LEU B 220 -26.50 -2.09 11.78
CA LEU B 220 -27.49 -1.41 10.98
C LEU B 220 -26.87 -0.82 9.71
N PHE B 221 -25.69 -0.21 9.88
CA PHE B 221 -25.02 0.50 8.79
C PHE B 221 -24.13 -0.29 7.83
N ALA B 222 -23.64 -1.46 8.23
CA ALA B 222 -22.75 -2.24 7.35
C ALA B 222 -23.42 -2.72 6.07
N PRO B 223 -24.65 -3.27 6.16
CA PRO B 223 -25.48 -3.56 4.99
C PRO B 223 -25.70 -2.34 4.08
N PHE B 224 -25.84 -1.16 4.67
CA PHE B 224 -25.92 0.08 3.91
C PHE B 224 -24.71 0.34 3.02
N SER B 225 -23.51 0.28 3.59
CA SER B 225 -22.29 0.56 2.85
C SER B 225 -22.02 -0.46 1.74
N LYS B 226 -22.60 -1.66 1.87
CA LYS B 226 -22.46 -2.71 0.87
C LYS B 226 -23.27 -2.33 -0.34
N VAL B 227 -24.53 -1.95 -0.10
CA VAL B 227 -25.42 -1.50 -1.15
C VAL B 227 -24.80 -0.30 -1.85
N ALA B 228 -24.20 0.57 -1.06
CA ALA B 228 -23.59 1.79 -1.56
C ALA B 228 -22.42 1.52 -2.50
N ALA B 229 -21.59 0.52 -2.21
CA ALA B 229 -20.43 0.23 -3.02
C ALA B 229 -20.77 -0.29 -4.43
N LYS B 230 -21.88 -1.00 -4.57
CA LYS B 230 -22.32 -1.52 -5.85
C LYS B 230 -23.18 -0.52 -6.63
N ASN B 231 -23.47 0.62 -6.03
CA ASN B 231 -24.26 1.62 -6.71
C ASN B 231 -23.31 2.53 -7.47
N PRO B 232 -23.43 2.58 -8.82
CA PRO B 232 -22.50 3.40 -9.63
C PRO B 232 -22.62 4.91 -9.35
N TYR B 233 -23.79 5.34 -8.87
CA TYR B 233 -24.02 6.74 -8.51
C TYR B 233 -23.37 7.21 -7.19
N SER B 234 -22.93 6.26 -6.38
CA SER B 234 -22.15 6.57 -5.18
C SER B 234 -20.85 7.20 -5.58
N SER B 235 -20.44 8.19 -4.82
CA SER B 235 -19.17 8.83 -5.06
C SER B 235 -18.15 8.25 -4.08
N ALA B 236 -17.06 7.74 -4.65
CA ALA B 236 -15.96 7.11 -3.90
C ALA B 236 -16.38 6.29 -2.63
N PRO B 237 -17.11 5.20 -2.82
CA PRO B 237 -17.52 4.44 -1.65
C PRO B 237 -16.59 3.25 -1.41
N THR B 238 -16.22 3.01 -0.16
CA THR B 238 -15.59 1.75 0.24
C THR B 238 -16.57 1.00 1.12
N GLU B 239 -16.72 -0.31 0.87
CA GLU B 239 -17.52 -1.17 1.75
C GLU B 239 -16.85 -1.34 3.11
N ARG B 240 -17.65 -1.32 4.18
CA ARG B 240 -17.16 -1.50 5.54
C ARG B 240 -17.86 -2.66 6.26
N SER B 241 -17.10 -3.43 7.04
CA SER B 241 -17.65 -4.53 7.87
C SER B 241 -18.09 -4.01 9.23
N VAL B 242 -18.90 -4.79 9.92
CA VAL B 242 -19.42 -4.44 11.25
C VAL B 242 -18.26 -4.13 12.23
N GLU B 243 -17.17 -4.89 12.13
CA GLU B 243 -16.01 -4.77 13.02
C GLU B 243 -15.26 -3.48 12.74
N GLU B 244 -15.02 -3.24 11.46
CA GLU B 244 -14.37 -2.02 10.98
C GLU B 244 -15.07 -0.76 11.48
N LEU B 245 -16.42 -0.74 11.44
CA LEU B 245 -17.22 0.40 11.85
C LEU B 245 -17.19 0.66 13.34
N LEU B 246 -17.12 -0.42 14.11
CA LEU B 246 -17.26 -0.38 15.56
C LEU B 246 -15.92 -0.20 16.29
N THR B 247 -14.82 -0.49 15.61
CA THR B 247 -13.49 -0.39 16.21
C THR B 247 -12.87 0.99 16.04
N VAL B 248 -12.63 1.64 17.17
CA VAL B 248 -12.03 2.96 17.16
C VAL B 248 -10.53 2.89 16.89
N THR B 249 -10.10 3.57 15.84
CA THR B 249 -8.68 3.60 15.45
C THR B 249 -8.25 5.07 15.29
N ALA B 250 -7.01 5.33 14.90
CA ALA B 250 -6.57 6.69 14.60
C ALA B 250 -7.31 7.19 13.35
N SER B 251 -7.66 6.24 12.47
CA SER B 251 -8.39 6.49 11.20
C SER B 251 -9.91 6.70 11.42
N ASN B 252 -10.53 5.86 12.26
CA ASN B 252 -11.97 5.86 12.60
C ASN B 252 -12.18 6.37 14.03
N ARG B 253 -11.72 7.58 14.29
CA ARG B 253 -11.76 8.16 15.65
C ARG B 253 -13.15 8.69 16.02
N ILE B 255 -15.75 11.22 16.82
CA ILE B 255 -15.99 12.62 16.42
C ILE B 255 -16.91 13.31 17.44
N VAL B 256 -18.13 12.82 17.56
CA VAL B 256 -19.10 13.38 18.45
C VAL B 256 -19.82 12.16 19.01
N ASP B 257 -19.98 12.09 20.33
CA ASP B 257 -20.59 10.91 20.96
C ASP B 257 -22.06 10.70 20.51
N PRO B 258 -22.41 9.47 20.08
CA PRO B 258 -21.64 8.24 20.19
C PRO B 258 -20.96 7.76 18.91
N TYR B 259 -20.83 8.63 17.92
CA TYR B 259 -20.36 8.19 16.60
C TYR B 259 -18.85 8.23 16.34
N PRO B 260 -18.30 7.13 15.80
CA PRO B 260 -16.97 7.10 15.22
C PRO B 260 -16.98 7.71 13.84
N ARG B 261 -15.85 8.23 13.40
CA ARG B 261 -15.73 8.84 12.08
C ARG B 261 -16.33 8.09 10.89
N LEU B 262 -16.15 6.78 10.77
CA LEU B 262 -16.54 6.10 9.52
C LEU B 262 -18.03 6.05 9.36
N VAL B 264 -20.04 8.53 9.92
CA VAL B 264 -20.51 9.85 9.54
C VAL B 264 -19.54 10.57 8.59
N ALA B 265 -20.00 10.98 7.44
CA ALA B 265 -19.14 11.69 6.50
C ALA B 265 -19.87 12.78 5.71
N ASP B 267 -18.73 12.79 2.47
CA ASP B 267 -17.77 13.13 1.44
C ASP B 267 -18.45 14.21 0.57
N GLN B 268 -17.66 15.16 0.10
CA GLN B 268 -18.16 16.11 -0.88
C GLN B 268 -18.33 15.35 -2.18
N VAL B 269 -19.40 15.68 -2.88
CA VAL B 269 -19.73 15.06 -4.17
C VAL B 269 -20.25 16.06 -5.17
N ASN B 270 -20.25 15.68 -6.44
CA ASN B 270 -21.01 16.45 -7.42
C ASN B 270 -22.12 15.59 -7.97
N GLN B 271 -23.36 15.85 -7.60
CA GLN B 271 -24.47 15.04 -8.08
C GLN B 271 -25.77 15.81 -8.33
N GLY B 272 -26.53 15.33 -9.29
CA GLY B 272 -27.86 15.86 -9.53
C GLY B 272 -28.87 14.75 -9.57
N ALA B 273 -30.11 15.07 -9.19
CA ALA B 273 -31.24 14.19 -9.43
C ALA B 273 -32.45 14.99 -9.96
N ALA B 274 -33.33 14.41 -10.77
CA ALA B 274 -34.56 15.06 -11.21
C ALA B 274 -35.74 14.08 -11.33
N LEU B 275 -36.95 14.57 -11.05
CA LEU B 275 -38.18 13.79 -11.27
C LEU B 275 -39.17 14.46 -12.20
N LEU B 276 -39.55 13.74 -13.24
CA LEU B 276 -40.58 14.21 -14.15
C LEU B 276 -41.92 13.56 -13.86
N SER B 279 -49.92 14.35 -15.23
CA SER B 279 -51.23 13.69 -15.30
C SER B 279 -51.16 12.59 -16.33
N VAL B 280 -51.81 11.47 -16.05
CA VAL B 280 -51.96 10.39 -17.02
C VAL B 280 -52.46 10.87 -18.41
N GLU B 281 -53.31 11.87 -18.41
CA GLU B 281 -53.74 12.52 -19.61
C GLU B 281 -52.58 13.14 -20.39
N SER B 282 -51.71 13.87 -19.70
CA SER B 282 -50.51 14.45 -20.33
C SER B 282 -49.55 13.37 -20.85
N ALA B 283 -49.49 12.25 -20.13
CA ALA B 283 -48.65 11.10 -20.48
C ALA B 283 -49.04 10.46 -21.78
N ARG B 284 -50.36 10.38 -22.04
CA ARG B 284 -50.94 9.84 -23.30
C ARG B 284 -50.74 10.81 -24.46
N LYS B 285 -51.10 12.05 -24.20
CA LYS B 285 -50.92 13.15 -25.07
C LYS B 285 -49.51 13.25 -25.57
N LEU B 286 -48.53 13.00 -24.72
CA LEU B 286 -47.17 13.26 -25.09
C LEU B 286 -46.49 12.08 -25.64
N GLY B 287 -46.94 10.88 -25.37
CA GLY B 287 -46.42 9.78 -26.14
C GLY B 287 -45.53 8.92 -25.35
N VAL B 288 -45.78 8.94 -24.06
CA VAL B 288 -45.05 8.24 -22.99
C VAL B 288 -45.56 6.85 -22.79
N PRO B 289 -44.73 5.84 -23.07
CA PRO B 289 -45.09 4.43 -22.91
C PRO B 289 -45.61 4.09 -21.51
N GLU B 290 -46.66 3.27 -21.45
CA GLU B 290 -47.30 2.98 -20.16
CA GLU B 290 -47.37 2.81 -20.21
C GLU B 290 -46.39 2.19 -19.20
N GLU B 291 -45.40 1.45 -19.71
CA GLU B 291 -44.46 0.69 -18.82
C GLU B 291 -43.51 1.59 -18.03
N LYS B 292 -43.52 2.89 -18.35
CA LYS B 292 -42.78 3.94 -17.62
C LYS B 292 -43.51 4.53 -16.41
N TRP B 293 -44.84 4.52 -16.44
CA TRP B 293 -45.70 5.16 -15.43
C TRP B 293 -45.66 4.49 -14.07
N VAL B 294 -45.36 5.30 -13.06
CA VAL B 294 -45.33 4.88 -11.68
C VAL B 294 -46.23 5.82 -10.90
N TYR B 295 -47.08 5.23 -10.07
CA TYR B 295 -48.04 5.97 -9.22
C TYR B 295 -47.49 6.25 -7.83
N LEU B 296 -47.77 7.46 -7.35
CA LEU B 296 -47.54 7.78 -5.96
C LEU B 296 -48.80 7.34 -5.18
N ARG B 297 -48.77 6.09 -4.69
CA ARG B 297 -49.91 5.47 -4.09
C ARG B 297 -50.14 5.96 -2.67
N GLY B 298 -49.09 5.96 -1.86
CA GLY B 298 -49.15 6.43 -0.47
C GLY B 298 -48.31 7.66 -0.21
N HIS B 299 -48.75 8.45 0.77
CA HIS B 299 -47.99 9.64 1.15
C HIS B 299 -48.39 10.14 2.49
N ALA B 300 -47.49 10.85 3.17
CA ALA B 300 -47.81 11.62 4.37
C ALA B 300 -46.65 12.56 4.70
N ASP B 301 -46.97 13.69 5.32
CA ASP B 301 -45.97 14.63 5.81
C ASP B 301 -46.21 14.96 7.29
N LYS B 303 -44.47 16.43 11.20
CA LYS B 303 -43.51 17.38 11.79
C LYS B 303 -43.43 17.24 13.30
N GLU B 304 -42.26 17.30 13.89
CA GLU B 304 -42.13 17.30 15.36
C GLU B 304 -42.10 18.73 15.94
N PRO B 305 -42.36 18.89 17.26
CA PRO B 305 -42.07 20.15 17.95
C PRO B 305 -40.55 20.28 18.26
N LYS B 306 -40.07 21.46 18.62
CA LYS B 306 -38.64 21.63 18.96
C LYS B 306 -38.12 20.54 19.87
N LEU B 307 -36.83 20.30 19.73
CA LEU B 307 -36.19 19.26 20.43
C LEU B 307 -36.43 19.27 21.93
N LEU B 308 -36.37 20.31 22.69
CA LEU B 308 -36.63 20.08 24.13
C LEU B 308 -38.08 19.92 24.63
N GLU B 309 -39.05 20.05 23.71
CA GLU B 309 -40.45 19.92 24.05
C GLU B 309 -40.95 18.48 23.91
N ARG B 310 -40.19 17.64 23.22
CA ARG B 310 -40.63 16.28 22.85
C ARG B 310 -40.80 15.38 24.05
N ALA B 311 -41.89 14.61 24.07
CA ALA B 311 -42.16 13.62 25.13
C ALA B 311 -40.98 12.66 25.44
N ASP B 312 -40.42 12.07 24.37
CA ASP B 312 -39.23 11.23 24.44
C ASP B 312 -38.22 11.76 23.44
N ILE B 313 -37.08 12.24 23.92
CA ILE B 313 -36.05 12.73 23.03
C ILE B 313 -35.52 11.58 22.16
N GLY B 314 -35.53 10.36 22.70
CA GLY B 314 -35.05 9.16 22.00
C GLY B 314 -35.96 8.54 20.96
N ALA B 315 -37.09 9.18 20.66
CA ALA B 315 -38.04 8.67 19.68
C ALA B 315 -38.70 9.84 18.93
N SER B 316 -39.34 9.50 17.82
CA SER B 316 -40.01 10.44 16.95
C SER B 316 -41.32 9.82 16.45
N PRO B 317 -42.40 9.99 17.22
CA PRO B 317 -43.69 9.39 16.88
C PRO B 317 -44.32 9.97 15.62
N ALA B 318 -44.00 11.22 15.32
CA ALA B 318 -44.43 11.81 14.06
C ALA B 318 -43.85 11.12 12.81
N SER B 319 -42.65 10.57 12.87
CA SER B 319 -42.12 9.87 11.72
C SER B 319 -42.83 8.56 11.49
N VAL B 320 -43.22 7.90 12.57
CA VAL B 320 -43.87 6.59 12.51
C VAL B 320 -45.27 6.78 11.97
N THR B 321 -45.96 7.77 12.52
CA THR B 321 -47.28 8.17 12.09
C THR B 321 -47.36 8.42 10.57
N ALA B 322 -46.37 9.15 10.03
CA ALA B 322 -46.27 9.44 8.60
C ALA B 322 -46.14 8.17 7.80
N VAL B 323 -45.26 7.27 8.21
CA VAL B 323 -45.16 5.96 7.59
C VAL B 323 -46.52 5.23 7.61
N ASN B 324 -47.15 5.09 8.79
CA ASN B 324 -48.43 4.37 8.93
C ASN B 324 -49.59 4.94 8.15
N GLU B 325 -49.68 6.25 8.08
CA GLU B 325 -50.69 6.93 7.29
C GLU B 325 -50.44 6.74 5.79
N ALA B 326 -49.17 6.66 5.41
CA ALA B 326 -48.81 6.49 4.02
C ALA B 326 -49.09 5.09 3.56
N LEU B 327 -48.94 4.13 4.47
CA LEU B 327 -49.38 2.76 4.26
C LEU B 327 -50.89 2.66 4.11
N ARG B 328 -51.63 3.43 4.88
CA ARG B 328 -53.03 3.42 4.78
C ARG B 328 -53.49 4.00 3.49
N VAL B 329 -52.92 5.10 3.06
CA VAL B 329 -53.36 5.74 1.86
C VAL B 329 -53.08 4.88 0.66
N ALA B 330 -52.01 4.14 0.71
CA ALA B 330 -51.76 3.24 -0.37
C ALA B 330 -52.79 2.15 -0.41
N GLY B 331 -53.09 1.57 0.73
CA GLY B 331 -54.04 0.50 0.73
C GLY B 331 -53.31 -0.76 1.05
N ILE B 332 -52.20 -0.67 1.73
CA ILE B 332 -51.43 -1.85 2.01
C ILE B 332 -50.93 -1.84 3.43
N GLY B 333 -50.27 -2.90 3.83
CA GLY B 333 -49.65 -3.00 5.15
C GLY B 333 -48.14 -3.17 5.03
N LEU B 334 -47.46 -3.08 6.16
CA LEU B 334 -46.00 -3.15 6.17
C LEU B 334 -45.43 -4.37 5.44
N ASP B 335 -46.12 -5.49 5.50
CA ASP B 335 -45.65 -6.75 4.88
C ASP B 335 -45.78 -6.80 3.36
N ASP B 336 -46.62 -5.91 2.81
CA ASP B 336 -46.90 -5.82 1.37
C ASP B 336 -45.81 -5.04 0.60
N VAL B 337 -44.91 -4.38 1.31
CA VAL B 337 -43.81 -3.57 0.75
C VAL B 337 -42.67 -4.47 0.30
N ALA B 338 -42.19 -4.24 -0.93
CA ALA B 338 -41.09 -5.03 -1.49
C ALA B 338 -39.69 -4.44 -1.23
N ALA B 339 -39.61 -3.11 -1.14
CA ALA B 339 -38.35 -2.39 -1.02
C ALA B 339 -38.48 -1.08 -0.20
N PHE B 340 -37.43 -0.75 0.56
CA PHE B 340 -37.41 0.48 1.36
C PHE B 340 -36.22 1.34 1.03
N ASP B 341 -36.44 2.65 0.98
CA ASP B 341 -35.34 3.61 1.12
C ASP B 341 -35.61 4.53 2.27
N LEU B 342 -34.97 4.24 3.39
CA LEU B 342 -35.12 5.01 4.62
C LEU B 342 -33.95 5.94 4.77
N TYR B 343 -34.24 7.20 5.06
CA TYR B 343 -33.23 8.23 5.19
C TYR B 343 -32.31 7.96 6.39
N SER B 344 -31.02 8.09 6.15
CA SER B 344 -30.00 7.62 7.06
C SER B 344 -28.76 8.46 7.13
N CYS B 345 -28.84 9.71 7.55
CA CYS B 345 -27.58 10.43 7.70
C CYS B 345 -26.88 9.88 8.97
N PHE B 346 -27.71 9.59 9.96
CA PHE B 346 -27.30 8.97 11.21
C PHE B 346 -28.18 7.78 11.43
N PRO B 347 -27.76 6.84 12.28
CA PRO B 347 -28.56 5.65 12.54
C PRO B 347 -29.94 5.91 13.15
N PHE B 348 -30.05 6.89 14.02
CA PHE B 348 -31.30 7.20 14.69
C PHE B 348 -32.59 7.20 13.84
N PRO B 349 -32.64 7.96 12.73
CA PRO B 349 -33.93 8.06 12.03
C PRO B 349 -34.33 6.80 11.34
N VAL B 350 -33.38 5.90 11.12
CA VAL B 350 -33.65 4.57 10.62
C VAL B 350 -34.14 3.71 11.76
N PHE B 351 -33.38 3.68 12.85
CA PHE B 351 -33.76 2.93 14.03
C PHE B 351 -35.19 3.25 14.43
N ASN B 352 -35.48 4.53 14.39
CA ASN B 352 -36.72 5.06 14.89
C ASN B 352 -37.97 4.55 14.14
N ILE B 353 -37.84 4.39 12.82
CA ILE B 353 -38.92 3.84 12.02
C ILE B 353 -39.11 2.40 12.45
N CYS B 354 -37.99 1.68 12.56
CA CYS B 354 -38.00 0.29 12.99
C CYS B 354 -38.60 0.02 14.36
N ASP B 355 -38.36 0.91 15.30
CA ASP B 355 -38.91 0.83 16.64
C ASP B 355 -40.43 0.93 16.72
N GLY B 356 -41.01 1.92 16.05
CA GLY B 356 -42.46 2.18 16.15
C GLY B 356 -43.32 1.41 15.15
N THR B 357 -42.68 0.60 14.33
CA THR B 357 -43.34 -0.02 13.20
C THR B 357 -43.28 -1.54 13.29
N GLY B 358 -42.30 -2.06 14.03
CA GLY B 358 -42.08 -3.49 14.10
C GLY B 358 -41.03 -4.03 13.13
N LEU B 359 -40.76 -3.29 12.06
CA LEU B 359 -39.79 -3.65 11.04
C LEU B 359 -38.44 -3.97 11.67
N ALA B 360 -37.87 -5.13 11.36
CA ALA B 360 -36.57 -5.49 11.94
C ALA B 360 -35.41 -4.74 11.24
N THR B 361 -34.33 -4.53 11.98
CA THR B 361 -33.16 -3.81 11.47
C THR B 361 -32.41 -4.62 10.42
N ASP B 362 -32.53 -5.94 10.50
CA ASP B 362 -31.85 -6.88 9.60
C ASP B 362 -32.80 -7.47 8.56
N ASP B 363 -33.96 -6.85 8.39
CA ASP B 363 -34.95 -7.27 7.43
C ASP B 363 -34.37 -7.59 6.01
N PRO B 364 -34.72 -8.78 5.45
CA PRO B 364 -34.09 -9.24 4.18
C PRO B 364 -34.37 -8.35 2.99
N ARG B 365 -35.50 -7.66 2.99
CA ARG B 365 -35.84 -6.73 1.92
C ARG B 365 -34.84 -5.61 1.78
N GLY B 366 -34.21 -5.21 2.90
CA GLY B 366 -33.21 -4.14 2.91
C GLY B 366 -33.82 -2.80 3.36
N LEU B 367 -33.03 -1.94 4.00
CA LEU B 367 -33.54 -0.64 4.41
C LEU B 367 -33.15 0.54 3.48
N THR B 368 -32.35 0.26 2.47
CA THR B 368 -31.88 1.30 1.54
C THR B 368 -31.82 0.84 0.09
N LEU B 369 -32.10 1.75 -0.82
CA LEU B 369 -32.05 1.44 -2.23
C LEU B 369 -30.83 2.04 -2.84
N THR B 370 -30.28 3.03 -2.15
CA THR B 370 -29.26 3.88 -2.64
C THR B 370 -27.92 3.50 -2.02
N GLY B 371 -27.97 3.12 -0.75
CA GLY B 371 -26.77 2.95 0.01
C GLY B 371 -26.69 3.85 1.23
N GLY B 372 -27.44 4.93 1.23
CA GLY B 372 -27.53 5.77 2.39
C GLY B 372 -26.43 6.77 2.48
N LEU B 373 -26.45 7.55 3.53
CA LEU B 373 -25.84 8.83 3.42
C LEU B 373 -24.39 8.91 3.63
N PRO B 374 -23.91 8.50 4.76
CA PRO B 374 -22.48 8.58 4.90
C PRO B 374 -21.97 8.12 3.54
N PHE B 375 -22.37 6.94 3.15
CA PHE B 375 -21.64 6.17 2.14
C PHE B 375 -21.94 6.55 0.71
N PHE B 376 -23.18 6.95 0.43
CA PHE B 376 -23.61 7.31 -0.92
C PHE B 376 -22.98 8.64 -1.36
N GLY B 377 -22.76 9.52 -0.41
CA GLY B 377 -22.17 10.81 -0.69
C GLY B 377 -23.23 11.88 -0.62
N GLY B 378 -22.84 13.04 -0.10
CA GLY B 378 -23.70 14.19 -0.08
C GLY B 378 -23.86 14.79 1.30
N LEU B 379 -24.32 16.04 1.35
CA LEU B 379 -24.61 16.76 2.58
C LEU B 379 -25.91 16.32 3.25
N GLY B 380 -26.85 15.79 2.46
CA GLY B 380 -28.09 15.28 3.03
C GLY B 380 -29.38 15.98 2.65
N ASN B 381 -29.28 17.13 2.00
CA ASN B 381 -30.45 17.86 1.57
C ASN B 381 -31.23 17.27 0.38
N ASN B 382 -30.53 16.90 -0.68
CA ASN B 382 -31.18 16.37 -1.86
C ASN B 382 -31.13 14.82 -1.96
N TYR B 383 -30.58 14.17 -0.94
CA TYR B 383 -30.46 12.70 -0.91
C TYR B 383 -31.71 11.93 -1.36
N SER B 384 -32.87 12.25 -0.79
CA SER B 384 -34.08 11.47 -1.06
C SER B 384 -34.58 11.52 -2.50
N HIS B 386 -32.61 10.85 -4.99
CA HIS B 386 -31.93 9.71 -5.52
C HIS B 386 -32.66 8.43 -5.08
N GLY B 387 -33.20 8.42 -3.86
CA GLY B 387 -34.05 7.36 -3.34
C GLY B 387 -35.32 7.12 -4.14
N ILE B 388 -36.08 8.19 -4.41
CA ILE B 388 -37.23 8.17 -5.30
C ILE B 388 -36.88 7.64 -6.70
N ALA B 389 -35.77 8.10 -7.27
CA ALA B 389 -35.32 7.64 -8.57
C ALA B 389 -35.08 6.14 -8.58
N GLU B 390 -34.39 5.61 -7.55
CA GLU B 390 -34.14 4.21 -7.45
C GLU B 390 -35.43 3.41 -7.20
N ALA B 391 -36.30 3.97 -6.36
CA ALA B 391 -37.65 3.41 -6.11
C ALA B 391 -38.45 3.25 -7.40
N VAL B 392 -38.46 4.28 -8.23
CA VAL B 392 -39.16 4.30 -9.48
C VAL B 392 -38.59 3.28 -10.48
N ASN B 393 -37.26 3.15 -10.51
CA ASN B 393 -36.60 2.17 -11.36
C ASN B 393 -36.88 0.74 -10.98
N GLU B 394 -36.77 0.47 -9.68
CA GLU B 394 -36.97 -0.86 -9.11
C GLU B 394 -38.41 -1.31 -9.30
N ARG B 396 -40.49 -0.34 -11.86
CA ARG B 396 -40.76 -0.66 -13.25
C ARG B 396 -40.31 -2.10 -13.57
N ASP B 397 -39.24 -2.53 -12.91
CA ASP B 397 -38.64 -3.85 -13.05
C ASP B 397 -39.43 -4.98 -12.40
N LYS B 398 -40.27 -4.62 -11.42
CA LYS B 398 -41.05 -5.55 -10.66
C LYS B 398 -42.48 -5.05 -10.63
N PRO B 399 -43.17 -5.11 -11.78
CA PRO B 399 -44.48 -4.44 -11.85
C PRO B 399 -45.53 -5.04 -10.88
N GLY B 400 -46.37 -4.19 -10.30
CA GLY B 400 -47.29 -4.64 -9.27
C GLY B 400 -46.82 -4.52 -7.81
N GLN B 401 -45.50 -4.54 -7.57
CA GLN B 401 -44.99 -4.44 -6.21
C GLN B 401 -44.95 -2.98 -5.72
N PHE B 402 -44.66 -2.78 -4.43
CA PHE B 402 -44.69 -1.44 -3.74
C PHE B 402 -43.38 -1.08 -3.09
N ALA B 403 -42.98 0.19 -3.21
CA ALA B 403 -41.71 0.71 -2.61
C ALA B 403 -41.95 1.95 -1.76
N LEU B 404 -41.44 1.91 -0.53
CA LEU B 404 -41.56 3.02 0.43
C LEU B 404 -40.28 3.87 0.55
N VAL B 405 -40.48 5.17 0.38
CA VAL B 405 -39.40 6.15 0.58
C VAL B 405 -39.70 7.00 1.84
N GLY B 406 -38.76 7.06 2.77
CA GLY B 406 -38.85 7.97 3.92
C GLY B 406 -37.79 9.08 3.89
N ALA B 407 -38.22 10.34 3.97
CA ALA B 407 -37.31 11.50 3.86
C ALA B 407 -37.31 12.31 5.15
N ASN B 408 -36.14 12.42 5.73
CA ASN B 408 -35.97 13.08 6.99
C ASN B 408 -35.34 14.43 6.89
N GLY B 409 -35.90 15.40 7.59
CA GLY B 409 -35.32 16.71 7.74
C GLY B 409 -35.10 17.23 9.15
N GLY B 410 -34.17 18.17 9.24
CA GLY B 410 -33.79 18.87 10.50
C GLY B 410 -33.32 17.88 11.55
N ILE B 411 -33.58 18.07 12.81
CA ILE B 411 -33.18 17.10 13.84
C ILE B 411 -34.29 16.08 14.17
N ALA B 412 -34.48 15.07 13.31
CA ALA B 412 -35.72 14.29 13.27
C ALA B 412 -36.99 15.17 13.33
N SER B 413 -36.94 16.37 12.75
CA SER B 413 -38.05 17.37 12.85
C SER B 413 -39.12 17.19 11.81
N LYS B 414 -38.78 16.60 10.69
CA LYS B 414 -39.67 16.46 9.56
C LYS B 414 -39.50 15.12 8.86
N TYR B 415 -40.62 14.53 8.49
CA TYR B 415 -40.61 13.26 7.83
C TYR B 415 -41.73 13.23 6.76
N SER B 416 -41.35 12.80 5.57
CA SER B 416 -42.22 12.71 4.43
C SER B 416 -42.03 11.36 3.81
N VAL B 417 -43.11 10.63 3.64
CA VAL B 417 -43.09 9.31 3.07
C VAL B 417 -43.83 9.33 1.76
N GLY B 418 -43.33 8.52 0.81
CA GLY B 418 -43.99 8.19 -0.46
C GLY B 418 -43.90 6.69 -0.70
N ILE B 419 -45.01 6.10 -1.14
CA ILE B 419 -45.03 4.72 -1.59
C ILE B 419 -45.40 4.70 -3.08
N TYR B 420 -44.60 3.97 -3.84
CA TYR B 420 -44.63 3.96 -5.30
C TYR B 420 -44.96 2.55 -5.83
N SER B 421 -45.75 2.49 -6.92
CA SER B 421 -46.07 1.25 -7.64
C SER B 421 -46.54 1.48 -9.07
N THR B 422 -46.33 0.50 -9.95
CA THR B 422 -46.95 0.49 -11.31
C THR B 422 -48.46 0.24 -11.32
N GLU B 423 -48.97 -0.44 -10.30
CA GLU B 423 -50.41 -0.73 -10.13
C GLU B 423 -51.25 0.55 -10.03
N PRO B 424 -52.15 0.80 -10.96
CA PRO B 424 -52.84 2.06 -10.96
C PRO B 424 -53.86 2.23 -9.87
N ALA B 425 -54.07 3.45 -9.43
CA ALA B 425 -55.16 3.80 -8.51
C ALA B 425 -55.41 5.27 -8.65
N ASP B 426 -56.54 5.77 -8.16
CA ASP B 426 -56.87 7.20 -8.27
C ASP B 426 -56.21 7.91 -7.10
N TRP B 427 -55.99 9.21 -7.17
CA TRP B 427 -55.34 9.92 -6.09
C TRP B 427 -56.18 9.89 -4.86
N VAL B 428 -55.60 9.43 -3.77
CA VAL B 428 -56.30 9.43 -2.49
C VAL B 428 -55.69 10.55 -1.63
N ALA B 429 -56.47 11.56 -1.27
CA ALA B 429 -56.01 12.63 -0.31
C ALA B 429 -55.63 12.09 1.08
N ASP B 430 -54.46 12.51 1.58
CA ASP B 430 -54.00 12.02 2.88
C ASP B 430 -54.51 12.87 4.05
N ASN B 431 -54.46 12.27 5.24
CA ASN B 431 -54.97 12.83 6.47
C ASN B 431 -53.91 13.51 7.36
N SER B 432 -52.89 14.08 6.73
CA SER B 432 -51.73 14.66 7.45
C SER B 432 -52.12 15.82 8.31
N ALA B 433 -52.94 16.73 7.75
CA ALA B 433 -53.41 17.93 8.45
C ALA B 433 -54.09 17.64 9.81
N GLN B 434 -54.99 16.66 9.86
CA GLN B 434 -55.68 16.23 11.08
C GLN B 434 -54.78 15.42 12.02
N LEU B 435 -53.89 14.63 11.44
CA LEU B 435 -52.88 13.90 12.22
C LEU B 435 -51.82 14.78 12.90
N GLN B 436 -51.51 15.91 12.24
CA GLN B 436 -50.60 16.95 12.73
C GLN B 436 -51.21 17.75 13.87
N ALA B 437 -52.47 18.13 13.76
CA ALA B 437 -53.16 18.86 14.84
C ALA B 437 -53.37 18.00 16.10
N GLU B 438 -53.57 16.69 15.93
CA GLU B 438 -53.58 15.74 17.06
C GLU B 438 -52.26 15.63 17.80
N HIS B 439 -51.16 15.58 17.05
CA HIS B 439 -49.84 15.51 17.63
C HIS B 439 -49.39 16.83 18.22
N ASP B 440 -49.89 17.93 17.67
CA ASP B 440 -49.63 19.29 18.19
C ASP B 440 -50.37 19.54 19.51
N ALA B 441 -51.47 18.83 19.73
CA ALA B 441 -52.26 18.89 20.95
C ALA B 441 -51.66 18.05 22.12
N GLN B 442 -50.69 17.18 21.84
CA GLN B 442 -49.96 16.47 22.89
C GLN B 442 -49.30 17.45 23.86
N PRO B 443 -49.26 17.12 25.16
CA PRO B 443 -48.60 18.05 26.09
C PRO B 443 -47.11 18.22 25.74
N LYS B 444 -46.55 19.39 25.99
CA LYS B 444 -45.13 19.62 25.78
C LYS B 444 -44.42 19.58 27.13
N VAL B 445 -43.23 18.98 27.17
CA VAL B 445 -42.38 18.97 28.36
C VAL B 445 -41.86 20.39 28.65
N ALA B 446 -41.84 20.78 29.93
CA ALA B 446 -41.50 22.15 30.33
C ALA B 446 -39.99 22.41 30.34
N ILE B 447 -39.60 23.65 30.02
CA ILE B 447 -38.20 24.02 29.95
C ILE B 447 -37.92 25.14 30.96
N THR B 448 -36.86 24.97 31.76
CA THR B 448 -36.32 26.09 32.54
C THR B 448 -35.02 26.54 31.86
N GLU B 449 -35.05 27.70 31.20
CA GLU B 449 -33.87 28.18 30.49
C GLU B 449 -32.70 28.47 31.44
N LYS B 450 -32.95 29.18 32.52
CA LYS B 450 -31.89 29.53 33.48
C LYS B 450 -31.82 28.58 34.69
N ALA B 451 -31.40 27.35 34.48
CA ALA B 451 -31.44 26.34 35.55
C ALA B 451 -30.33 26.45 36.61
N ASP B 452 -30.76 26.44 37.87
CA ASP B 452 -29.91 26.63 39.04
C ASP B 452 -30.28 25.60 40.10
N GLY B 453 -29.46 24.59 40.27
CA GLY B 453 -29.71 23.60 41.29
C GLY B 453 -29.19 22.23 40.93
N THR B 454 -29.91 21.21 41.40
CA THR B 454 -29.49 19.83 41.24
C THR B 454 -30.41 19.09 40.25
N GLY B 455 -29.80 18.34 39.35
CA GLY B 455 -30.56 17.70 38.29
C GLY B 455 -30.03 16.33 37.93
N THR B 456 -30.80 15.65 37.07
CA THR B 456 -30.44 14.33 36.52
C THR B 456 -30.13 14.42 35.03
N ILE B 457 -29.09 13.71 34.59
CA ILE B 457 -28.77 13.63 33.18
C ILE B 457 -29.81 12.81 32.42
N GLU B 458 -30.45 13.38 31.40
CA GLU B 458 -31.38 12.61 30.59
C GLU B 458 -30.69 12.08 29.33
N THR B 459 -29.84 12.92 28.75
CA THR B 459 -29.07 12.60 27.58
C THR B 459 -27.85 13.53 27.49
N TYR B 460 -26.93 13.21 26.61
CA TYR B 460 -25.64 13.87 26.57
C TYR B 460 -25.02 13.61 25.23
N THR B 461 -23.97 14.34 24.95
CA THR B 461 -23.02 13.98 23.91
C THR B 461 -21.71 14.62 24.30
N VAL B 462 -20.66 14.28 23.59
CA VAL B 462 -19.34 14.87 23.82
C VAL B 462 -18.77 15.26 22.49
N ARG B 463 -18.14 16.42 22.45
CA ARG B 463 -17.37 16.85 21.28
C ARG B 463 -15.90 16.44 21.35
N TYR B 464 -15.48 15.50 20.52
CA TYR B 464 -14.09 15.02 20.54
C TYR B 464 -13.17 15.78 19.60
N ASP B 465 -13.76 16.59 18.75
CA ASP B 465 -13.02 17.38 17.81
C ASP B 465 -12.56 18.73 18.49
N TRP B 466 -13.10 19.00 19.68
CA TRP B 466 -12.65 20.14 20.51
C TRP B 466 -11.68 19.68 21.57
N THR B 467 -10.69 20.51 21.88
CA THR B 467 -9.87 20.36 23.09
C THR B 467 -9.96 21.59 23.93
N PRO B 468 -10.30 21.43 25.21
CA PRO B 468 -10.57 20.14 25.87
C PRO B 468 -11.92 19.54 25.44
N HIS B 469 -12.07 18.23 25.56
CA HIS B 469 -13.30 17.58 25.12
C HIS B 469 -14.49 18.22 25.85
N THR B 470 -15.60 18.42 25.15
CA THR B 470 -16.71 19.24 25.62
C THR B 470 -18.02 18.46 25.65
N GLY B 471 -18.69 18.48 26.80
CA GLY B 471 -19.94 17.81 26.97
C GLY B 471 -21.17 18.70 26.90
N ILE B 472 -22.21 18.17 26.27
CA ILE B 472 -23.48 18.81 26.21
C ILE B 472 -24.44 17.89 26.90
N ILE B 473 -25.21 18.44 27.81
CA ILE B 473 -26.16 17.67 28.60
C ILE B 473 -27.56 18.23 28.44
N ILE B 474 -28.53 17.34 28.31
CA ILE B 474 -29.91 17.69 28.60
C ILE B 474 -30.22 17.07 29.98
N GLY B 475 -30.68 17.87 30.93
CA GLY B 475 -31.02 17.34 32.23
C GLY B 475 -32.43 17.62 32.70
N ARG B 476 -32.90 16.91 33.71
CA ARG B 476 -34.20 17.21 34.33
C ARG B 476 -33.99 17.69 35.73
N LEU B 477 -34.75 18.68 36.14
CA LEU B 477 -34.62 19.21 37.48
C LEU B 477 -35.46 18.36 38.40
N ASP B 478 -35.70 18.80 39.62
CA ASP B 478 -36.59 18.08 40.51
C ASP B 478 -38.07 18.30 40.14
N ASP B 479 -38.41 19.54 39.84
CA ASP B 479 -39.72 19.88 39.26
CA ASP B 479 -39.72 19.89 39.26
C ASP B 479 -40.08 19.13 37.96
N GLY B 480 -39.11 18.42 37.36
CA GLY B 480 -39.28 17.68 36.09
C GLY B 480 -39.24 18.47 34.76
N SER B 481 -38.84 19.74 34.80
CA SER B 481 -38.63 20.53 33.57
C SER B 481 -37.20 20.33 33.04
N ARG B 482 -37.01 20.44 31.73
CA ARG B 482 -35.69 20.18 31.16
C ARG B 482 -34.81 21.42 31.12
N PHE B 483 -33.50 21.19 30.97
CA PHE B 483 -32.54 22.24 30.69
C PHE B 483 -31.37 21.71 29.88
N LEU B 484 -30.58 22.63 29.34
CA LEU B 484 -29.35 22.34 28.64
C LEU B 484 -28.13 22.77 29.48
N ALA B 485 -27.03 22.07 29.34
CA ALA B 485 -25.78 22.50 29.94
C ALA B 485 -24.54 22.09 29.13
N LYS B 486 -23.50 22.91 29.24
CA LYS B 486 -22.21 22.71 28.62
C LYS B 486 -21.20 22.41 29.74
N THR B 487 -20.15 21.68 29.44
CA THR B 487 -19.22 21.33 30.50
C THR B 487 -17.86 20.96 29.93
N LYS B 488 -16.82 21.48 30.57
CA LYS B 488 -15.43 21.05 30.30
C LYS B 488 -14.74 20.46 31.54
N ASP B 489 -15.50 20.02 32.55
CA ASP B 489 -15.01 19.36 33.75
C ASP B 489 -14.34 18.03 33.47
N GLU B 490 -13.14 17.82 33.96
CA GLU B 490 -12.42 16.60 33.61
C GLU B 490 -13.11 15.31 34.06
N ASP B 491 -13.56 15.29 35.30
CA ASP B 491 -14.36 14.21 35.82
C ASP B 491 -15.73 14.11 35.15
N LEU B 492 -16.48 15.21 34.98
CA LEU B 492 -17.77 15.00 34.30
C LEU B 492 -17.58 14.46 32.89
N VAL B 493 -16.63 15.04 32.17
CA VAL B 493 -16.33 14.64 30.82
C VAL B 493 -15.79 13.20 30.77
N LYS B 494 -15.04 12.78 31.81
CA LYS B 494 -14.58 11.38 31.97
CA LYS B 494 -14.58 11.38 31.97
C LYS B 494 -15.76 10.43 31.99
N LEU B 495 -16.76 10.75 32.78
CA LEU B 495 -17.94 9.95 32.89
C LEU B 495 -18.77 9.85 31.59
N LEU B 496 -18.90 10.96 30.86
CA LEU B 496 -19.66 10.96 29.60
C LEU B 496 -18.94 10.23 28.45
N SER B 497 -17.61 10.30 28.44
CA SER B 497 -16.80 9.67 27.41
C SER B 497 -16.59 8.20 27.64
N GLU B 498 -16.37 7.80 28.89
CA GLU B 498 -15.80 6.47 29.19
C GLU B 498 -16.68 5.56 30.06
N GLY B 499 -17.62 6.15 30.79
CA GLY B 499 -18.53 5.38 31.64
C GLY B 499 -19.93 5.30 31.09
N ASP B 500 -20.91 5.28 31.98
CA ASP B 500 -22.30 5.37 31.61
C ASP B 500 -23.05 6.30 32.54
N PRO B 501 -23.20 7.53 32.11
CA PRO B 501 -23.73 8.62 32.92
C PRO B 501 -25.22 8.84 32.90
N ILE B 502 -26.02 8.00 32.32
CA ILE B 502 -27.41 8.34 32.34
C ILE B 502 -28.01 8.26 33.75
N GLY B 503 -28.65 9.31 34.23
CA GLY B 503 -29.31 9.28 35.51
C GLY B 503 -28.54 9.87 36.66
N ALA B 504 -27.27 10.06 36.43
CA ALA B 504 -26.25 10.60 37.31
C ALA B 504 -26.63 11.99 37.74
N LYS B 505 -26.29 12.34 38.96
CA LYS B 505 -26.64 13.62 39.59
C LYS B 505 -25.57 14.67 39.32
N ILE B 506 -26.00 15.85 38.91
CA ILE B 506 -25.11 16.95 38.58
C ILE B 506 -25.63 18.21 39.21
N VAL B 507 -24.76 19.20 39.33
CA VAL B 507 -25.15 20.52 39.81
C VAL B 507 -24.97 21.54 38.66
N VAL B 508 -26.04 22.24 38.29
CA VAL B 508 -26.02 23.18 37.17
C VAL B 508 -26.06 24.63 37.69
N THR B 509 -25.24 25.51 37.10
CA THR B 509 -25.21 26.94 37.47
C THR B 509 -25.59 27.78 36.26
N PRO B 510 -26.58 28.68 36.42
CA PRO B 510 -27.00 29.51 35.29
C PRO B 510 -25.92 30.42 34.71
N GLY B 511 -26.15 30.86 33.49
CA GLY B 511 -25.36 31.90 32.87
C GLY B 511 -26.02 32.18 31.55
N GLU B 512 -25.90 33.42 31.15
CA GLU B 512 -26.37 33.92 29.91
C GLU B 512 -25.58 33.50 28.73
N LYS B 513 -24.42 32.90 28.89
CA LYS B 513 -23.81 32.25 27.73
C LYS B 513 -24.27 30.81 27.71
N SER B 514 -23.80 30.00 28.64
CA SER B 514 -24.23 28.65 28.77
C SER B 514 -24.51 28.36 30.22
N ASN B 515 -25.15 27.25 30.53
CA ASN B 515 -25.27 26.82 31.90
C ASN B 515 -24.10 25.91 32.03
N ARG B 516 -23.72 25.53 33.21
CA ARG B 516 -22.48 24.83 33.33
C ARG B 516 -22.79 23.77 34.31
N ALA B 517 -22.06 22.70 34.30
CA ALA B 517 -22.38 21.64 35.20
C ALA B 517 -21.17 20.97 35.70
N VAL B 518 -21.32 20.31 36.83
CA VAL B 518 -20.27 19.60 37.47
C VAL B 518 -20.96 18.43 38.05
N LEU B 519 -20.23 17.44 38.49
CA LEU B 519 -20.81 16.28 39.27
C LEU B 519 -21.28 16.64 40.72
N ALA B 520 -22.09 15.76 41.32
CA ALA B 520 -22.64 16.00 42.69
C ALA B 520 -22.28 14.92 43.71
N VAL C 15 1.08 41.81 50.43
CA VAL C 15 1.16 42.60 49.18
C VAL C 15 0.25 43.79 48.99
N ASP C 16 0.78 44.77 48.29
CA ASP C 16 0.04 45.95 47.89
C ASP C 16 -1.22 45.56 47.10
N PRO C 17 -2.37 46.19 47.39
CA PRO C 17 -3.62 45.85 46.71
C PRO C 17 -3.61 46.00 45.18
N ARG C 18 -2.72 46.86 44.66
CA ARG C 18 -2.61 47.10 43.22
C ARG C 18 -1.64 46.16 42.48
N THR C 19 -1.10 45.17 43.19
CA THR C 19 -0.30 44.12 42.60
C THR C 19 -1.13 43.26 41.63
N PRO C 20 -0.61 43.06 40.39
CA PRO C 20 -1.27 42.26 39.38
C PRO C 20 -1.04 40.76 39.49
N VAL C 21 -2.14 40.03 39.34
CA VAL C 21 -2.12 38.58 39.30
C VAL C 21 -2.82 38.02 38.07
N ILE C 22 -2.29 36.92 37.56
CA ILE C 22 -3.05 36.21 36.54
C ILE C 22 -3.97 35.28 37.28
N VAL C 23 -5.26 35.40 37.01
CA VAL C 23 -6.25 34.60 37.68
C VAL C 23 -6.91 33.50 36.81
N GLY C 24 -6.89 33.67 35.51
CA GLY C 24 -7.54 32.70 34.65
C GLY C 24 -6.83 32.52 33.33
N VAL C 25 -6.65 31.28 32.94
CA VAL C 25 -6.00 30.96 31.65
C VAL C 25 -6.93 30.05 30.85
N GLY C 26 -6.90 30.22 29.52
CA GLY C 26 -7.78 29.43 28.67
C GLY C 26 -7.09 29.00 27.44
N GLN C 27 -7.30 27.75 27.04
CA GLN C 27 -6.81 27.25 25.79
C GLN C 27 -7.88 26.53 25.04
N PHE C 28 -7.79 26.49 23.73
CA PHE C 28 -8.81 25.81 22.94
C PHE C 28 -8.25 25.38 21.60
N THR C 29 -8.62 24.16 21.19
CA THR C 29 -8.24 23.62 19.89
C THR C 29 -9.47 22.97 19.26
N GLU C 30 -9.69 23.28 17.99
CA GLU C 30 -10.69 22.59 17.17
C GLU C 30 -10.03 21.78 16.04
N ARG C 31 -10.47 20.53 15.89
CA ARG C 31 -10.00 19.62 14.81
C ARG C 31 -11.21 19.16 13.97
N TYR C 37 -14.79 22.77 5.06
CA TYR C 37 -15.64 21.95 5.88
C TYR C 37 -16.20 22.79 7.02
N ARG C 38 -15.97 24.10 6.94
CA ARG C 38 -16.50 25.11 7.87
C ARG C 38 -16.09 25.06 9.37
N GLY C 39 -14.85 25.46 9.65
CA GLY C 39 -14.31 25.55 11.00
C GLY C 39 -14.84 26.77 11.72
N SER C 41 -14.53 30.63 13.11
CA SER C 41 -13.84 31.87 12.81
C SER C 41 -12.83 32.17 13.92
N SER C 42 -11.86 33.04 13.63
CA SER C 42 -10.85 33.37 14.59
C SER C 42 -11.46 34.11 15.81
N VAL C 43 -12.53 34.87 15.60
CA VAL C 43 -13.30 35.41 16.73
C VAL C 43 -13.88 34.32 17.60
N GLU C 44 -14.57 33.37 16.99
CA GLU C 44 -15.14 32.22 17.68
C GLU C 44 -14.12 31.45 18.54
N LEU C 45 -12.90 31.28 18.04
CA LEU C 45 -11.81 30.55 18.73
C LEU C 45 -11.26 31.31 19.94
N ALA C 46 -11.06 32.62 19.78
CA ALA C 46 -10.61 33.48 20.85
C ALA C 46 -11.72 33.59 21.90
N THR C 47 -12.96 33.43 21.45
CA THR C 47 -14.11 33.47 22.33
C THR C 47 -14.13 32.24 23.24
N GLU C 48 -13.91 31.08 22.64
CA GLU C 48 -13.88 29.84 23.35
C GLU C 48 -12.79 29.82 24.41
N ALA C 49 -11.61 30.33 24.09
CA ALA C 49 -10.52 30.39 25.02
C ALA C 49 -10.72 31.42 26.15
N ALA C 50 -11.36 32.55 25.83
CA ALA C 50 -11.69 33.60 26.82
C ALA C 50 -12.76 33.19 27.81
N LYS C 51 -13.66 32.31 27.38
CA LYS C 51 -14.70 31.71 28.23
C LYS C 51 -14.12 30.73 29.20
N ALA C 52 -13.03 30.07 28.81
CA ALA C 52 -12.31 29.14 29.69
C ALA C 52 -11.49 29.91 30.71
N ALA C 53 -10.87 31.00 30.29
CA ALA C 53 -10.15 31.85 31.18
C ALA C 53 -11.06 32.37 32.29
N LEU C 54 -12.29 32.73 31.90
CA LEU C 54 -13.29 33.25 32.78
C LEU C 54 -13.76 32.21 33.77
N HIS C 55 -13.83 30.96 33.31
CA HIS C 55 -14.24 29.88 34.16
C HIS C 55 -13.15 29.34 35.06
N ASP C 56 -11.92 29.41 34.56
CA ASP C 56 -10.77 28.95 35.25
C ASP C 56 -10.59 29.70 36.55
N CYS C 57 -10.95 30.97 36.61
CA CYS C 57 -10.78 31.70 37.85
C CYS C 57 -11.73 31.28 38.99
N GLY C 58 -12.85 30.65 38.69
CA GLY C 58 -13.66 30.11 39.74
C GLY C 58 -14.47 31.08 40.54
N ALA C 59 -14.56 32.27 39.99
CA ALA C 59 -15.49 33.24 40.42
C ALA C 59 -16.53 33.05 39.37
N ASP C 60 -17.61 33.75 39.43
CA ASP C 60 -18.70 33.48 38.50
C ASP C 60 -18.42 34.08 37.13
N ALA C 61 -18.40 33.24 36.12
CA ALA C 61 -18.01 33.64 34.76
C ALA C 61 -18.59 34.98 34.28
N ASP C 62 -19.88 35.18 34.52
CA ASP C 62 -20.59 36.31 33.98
C ASP C 62 -20.24 37.54 34.75
N THR C 63 -20.00 37.40 36.04
CA THR C 63 -19.76 38.58 36.85
C THR C 63 -18.35 39.14 36.72
N VAL C 64 -17.40 38.27 36.40
CA VAL C 64 -16.04 38.60 35.97
C VAL C 64 -15.92 39.38 34.64
N ALA C 65 -16.80 39.09 33.72
CA ALA C 65 -16.98 39.70 32.42
C ALA C 65 -17.42 41.15 32.51
N ARG C 66 -18.41 41.44 33.36
CA ARG C 66 -18.89 42.82 33.51
C ARG C 66 -17.87 43.77 34.13
N ALA C 67 -16.86 43.21 34.80
CA ALA C 67 -15.80 43.96 35.43
C ALA C 67 -14.61 44.27 34.52
N ILE C 68 -14.46 43.58 33.40
CA ILE C 68 -13.34 43.79 32.52
C ILE C 68 -13.39 45.17 31.90
N ASP C 69 -12.29 45.91 32.06
CA ASP C 69 -12.12 47.26 31.53
C ASP C 69 -11.24 47.41 30.27
N THR C 70 -10.34 46.45 30.06
CA THR C 70 -9.54 46.42 28.85
C THR C 70 -9.45 45.03 28.32
N VAL C 71 -9.72 44.89 27.01
CA VAL C 71 -9.40 43.72 26.19
C VAL C 71 -8.31 44.11 25.20
N ALA C 72 -7.37 43.18 25.07
CA ALA C 72 -6.24 43.31 24.16
C ALA C 72 -6.17 42.01 23.36
N GLY C 73 -6.10 42.12 22.05
CA GLY C 73 -5.94 40.94 21.21
C GLY C 73 -4.65 41.00 20.44
N THR C 74 -4.09 39.84 20.19
CA THR C 74 -2.95 39.74 19.30
C THR C 74 -3.41 39.74 17.84
N ARG C 75 -2.51 40.23 16.99
CA ARG C 75 -2.75 40.42 15.58
C ARG C 75 -2.66 39.11 14.77
N GLN C 76 -3.41 39.01 13.68
CA GLN C 76 -3.30 37.86 12.76
C GLN C 76 -2.22 37.93 11.63
N PHE C 77 -1.64 36.75 11.38
CA PHE C 77 -0.80 36.42 10.19
C PHE C 77 0.57 37.08 10.24
N SER C 91 -13.80 43.74 11.27
CA SER C 91 -13.53 45.13 11.57
C SER C 91 -13.01 45.35 13.01
N ASN C 92 -13.78 45.05 14.08
CA ASN C 92 -13.22 45.12 15.44
C ASN C 92 -13.17 43.75 16.10
N TYR C 93 -12.02 43.09 15.99
CA TYR C 93 -11.90 41.74 16.48
C TYR C 93 -11.91 41.62 18.02
N PRO C 94 -11.18 42.51 18.73
CA PRO C 94 -11.22 42.49 20.18
C PRO C 94 -12.60 42.77 20.83
N ARG C 95 -13.31 43.79 20.38
CA ARG C 95 -14.69 44.00 20.80
C ARG C 95 -15.70 42.89 20.42
N SER C 96 -15.50 42.19 19.32
CA SER C 96 -16.41 41.10 18.99
C SER C 96 -16.21 40.00 20.00
N VAL C 97 -14.98 39.77 20.42
CA VAL C 97 -14.67 38.75 21.43
C VAL C 97 -15.34 39.13 22.75
N ALA C 98 -15.22 40.41 23.11
CA ALA C 98 -15.83 40.98 24.29
C ALA C 98 -17.33 40.86 24.29
N ARG C 99 -17.96 41.05 23.14
CA ARG C 99 -19.44 41.06 23.04
C ARG C 99 -19.97 39.64 23.22
N ASN C 100 -19.23 38.69 22.70
CA ASN C 100 -19.51 37.27 22.88
C ASN C 100 -19.37 36.67 24.30
N ILE C 101 -18.53 37.25 25.14
CA ILE C 101 -18.32 36.79 26.50
C ILE C 101 -19.07 37.63 27.58
N GLY C 102 -19.74 38.68 27.14
CA GLY C 102 -20.59 39.51 28.03
C GLY C 102 -19.86 40.65 28.72
N ALA C 103 -18.77 41.10 28.08
CA ALA C 103 -18.00 42.24 28.52
C ALA C 103 -18.38 43.49 27.74
N ASP C 104 -18.19 44.65 28.33
CA ASP C 104 -18.32 45.94 27.63
C ASP C 104 -17.26 46.88 28.17
N PRO C 105 -16.00 46.68 27.73
CA PRO C 105 -14.87 47.34 28.36
C PRO C 105 -14.66 48.71 27.78
N ALA C 106 -14.03 49.57 28.53
CA ALA C 106 -13.78 50.91 28.07
C ALA C 106 -12.67 50.91 26.99
N HIS C 107 -11.59 50.14 27.16
CA HIS C 107 -10.55 50.12 26.13
C HIS C 107 -10.45 48.80 25.43
N ALA C 108 -10.19 48.84 24.12
CA ALA C 108 -9.94 47.68 23.35
C ALA C 108 -8.60 47.93 22.64
N VAL C 109 -7.68 46.96 22.66
CA VAL C 109 -6.41 47.10 21.97
C VAL C 109 -6.14 46.00 20.94
N LEU C 110 -5.70 46.39 19.74
CA LEU C 110 -5.10 45.48 18.75
C LEU C 110 -3.59 45.69 18.68
N GLU C 111 -2.83 44.69 19.12
CA GLU C 111 -1.41 44.82 19.38
C GLU C 111 -0.63 44.71 18.08
N VAL C 112 0.63 45.14 18.08
CA VAL C 112 1.60 44.89 16.98
C VAL C 112 1.83 43.38 16.63
N ILE C 113 2.36 43.08 15.44
CA ILE C 113 2.77 41.71 15.06
C ILE C 113 4.02 41.20 15.83
N GLY C 114 4.14 39.87 15.93
CA GLY C 114 5.39 39.23 16.35
C GLY C 114 5.16 38.28 17.51
N GLY C 115 5.96 37.23 17.57
CA GLY C 115 5.83 36.21 18.62
C GLY C 115 6.12 36.66 20.05
N GLN C 116 6.75 37.82 20.20
CA GLN C 116 6.95 38.50 21.47
C GLN C 116 5.67 39.05 22.13
N SER C 117 4.64 39.34 21.33
CA SER C 117 3.48 40.12 21.79
C SER C 117 2.71 39.62 23.01
N PRO C 118 2.37 38.29 23.10
CA PRO C 118 1.59 37.84 24.26
C PRO C 118 2.34 38.14 25.59
N GLN C 119 3.66 37.96 25.59
CA GLN C 119 4.42 38.27 26.78
C GLN C 119 4.73 39.77 26.98
N HIS C 120 4.86 40.53 25.90
CA HIS C 120 4.98 41.98 25.97
C HIS C 120 3.68 42.57 26.51
N LEU C 121 2.59 41.95 26.11
CA LEU C 121 1.26 42.39 26.47
C LEU C 121 0.92 42.13 27.94
N ALA C 122 1.29 40.92 28.42
CA ALA C 122 1.15 40.58 29.85
C ALA C 122 2.02 41.48 30.74
N THR C 123 3.22 41.85 30.28
CA THR C 123 4.08 42.76 31.01
C THR C 123 3.53 44.19 31.05
N GLU C 124 3.07 44.65 29.89
CA GLU C 124 2.52 45.99 29.81
C GLU C 124 1.28 46.17 30.71
N PHE C 125 0.38 45.19 30.74
CA PHE C 125 -0.81 45.34 31.57
C PHE C 125 -0.59 45.07 33.00
N GLY C 126 0.41 44.27 33.31
CA GLY C 126 0.92 44.13 34.66
C GLY C 126 1.35 45.48 35.19
N GLY C 127 2.15 46.19 34.43
CA GLY C 127 2.63 47.52 34.84
C GLY C 127 1.54 48.57 34.97
N LYS C 128 0.49 48.45 34.16
CA LYS C 128 -0.61 49.40 34.21
C LYS C 128 -1.61 49.10 35.35
N ILE C 129 -1.71 47.83 35.76
CA ILE C 129 -2.47 47.46 36.91
C ILE C 129 -1.69 47.87 38.17
N ALA C 130 -0.41 47.52 38.20
CA ALA C 130 0.45 47.80 39.31
C ALA C 130 0.42 49.27 39.61
N ALA C 131 0.20 50.05 38.59
CA ALA C 131 -0.05 51.44 38.73
C ALA C 131 -1.56 51.69 38.84
N GLY C 132 -1.97 52.92 38.57
CA GLY C 132 -3.38 53.29 38.60
C GLY C 132 -3.92 53.45 37.20
N GLU C 133 -4.05 52.33 36.50
CA GLU C 133 -4.49 52.37 35.11
C GLU C 133 -5.58 51.36 34.78
N ASN C 134 -5.40 50.12 35.20
CA ASN C 134 -6.32 49.10 34.84
C ASN C 134 -6.57 48.26 36.04
N ASP C 135 -7.80 47.81 36.21
CA ASP C 135 -8.06 46.84 37.29
C ASP C 135 -8.23 45.42 36.74
N VAL C 136 -9.02 45.24 35.67
CA VAL C 136 -9.27 43.92 35.06
C VAL C 136 -9.05 43.92 33.55
N VAL C 137 -8.17 43.05 33.10
CA VAL C 137 -7.74 43.01 31.71
C VAL C 137 -7.86 41.59 31.19
N LEU C 138 -8.41 41.46 29.99
CA LEU C 138 -8.40 40.21 29.26
C LEU C 138 -7.53 40.29 27.99
N ILE C 139 -6.62 39.33 27.86
CA ILE C 139 -5.73 39.21 26.70
C ILE C 139 -6.11 37.93 25.95
N PHE C 140 -6.11 37.96 24.64
CA PHE C 140 -6.45 36.77 23.87
C PHE C 140 -5.84 36.82 22.49
N GLY C 141 -5.92 35.71 21.78
CA GLY C 141 -5.35 35.58 20.46
C GLY C 141 -5.81 34.28 19.88
N SER C 142 -5.65 34.12 18.57
CA SER C 142 -6.13 32.92 17.87
C SER C 142 -5.57 32.84 16.46
N GLU C 143 -5.73 31.67 15.85
CA GLU C 143 -5.42 31.49 14.44
C GLU C 143 -6.27 30.41 13.82
N ASN C 144 -6.44 30.54 12.49
CA ASN C 144 -7.30 29.76 11.58
C ASN C 144 -6.51 28.84 10.63
N THR C 145 -7.19 27.83 10.09
CA THR C 145 -6.66 27.09 8.92
C THR C 145 -6.79 27.89 7.60
N SER C 146 -7.99 28.49 7.36
CA SER C 146 -8.48 28.98 6.04
C SER C 146 -9.32 27.89 5.38
N GLU C 181 14.44 46.46 3.49
CA GLU C 181 14.12 47.12 2.17
C GLU C 181 15.09 46.79 0.96
N TYR C 182 16.28 46.34 1.35
CA TYR C 182 17.42 45.98 0.48
C TYR C 182 17.55 44.49 0.65
N THR C 183 17.11 44.08 1.82
CA THR C 183 17.09 42.70 2.24
C THR C 183 15.89 41.95 1.60
N ILE C 184 14.80 42.69 1.32
CA ILE C 184 13.57 42.23 0.66
C ILE C 184 13.85 41.78 -0.78
N ARG C 185 14.54 42.63 -1.54
CA ARG C 185 14.83 42.35 -2.93
C ARG C 185 15.85 41.23 -3.13
N HIS C 186 16.41 40.73 -2.04
CA HIS C 186 17.38 39.69 -2.11
C HIS C 186 16.81 38.34 -1.79
N GLY C 187 15.50 38.27 -1.76
CA GLY C 187 14.80 37.08 -1.32
C GLY C 187 14.39 37.53 0.04
N LEU C 188 14.45 36.66 1.01
CA LEU C 188 14.28 37.05 2.40
C LEU C 188 13.04 37.83 2.75
N ILE C 189 11.94 37.13 2.77
CA ILE C 189 10.65 37.68 3.12
C ILE C 189 10.08 36.74 4.16
N GLY C 190 10.23 35.45 3.93
CA GLY C 190 9.77 34.43 4.83
C GLY C 190 10.71 34.09 5.95
N ALA C 191 10.14 33.63 7.04
CA ALA C 191 10.89 33.42 8.24
C ALA C 191 11.99 32.43 8.06
N PRO C 192 11.74 31.36 7.36
CA PRO C 192 12.71 30.26 7.33
C PRO C 192 14.04 30.61 6.70
N VAL C 193 14.03 31.41 5.64
CA VAL C 193 15.25 31.75 4.92
C VAL C 193 16.18 32.65 5.76
N GLN C 194 15.59 33.55 6.52
CA GLN C 194 16.32 34.47 7.36
C GLN C 194 16.90 33.80 8.59
N TYR C 195 16.13 32.87 9.15
CA TYR C 195 16.64 32.04 10.25
C TYR C 195 17.78 31.07 9.85
N GLY C 196 17.74 30.58 8.63
CA GLY C 196 18.84 29.84 8.06
C GLY C 196 20.16 30.57 8.12
N LEU C 197 20.13 31.86 7.87
CA LEU C 197 21.33 32.68 7.88
C LEU C 197 21.86 32.83 9.27
N LEU C 198 20.98 32.97 10.23
CA LEU C 198 21.37 33.15 11.61
C LEU C 198 21.94 31.84 12.13
N GLU C 199 21.38 30.74 11.68
CA GLU C 199 21.72 29.43 12.14
C GLU C 199 23.07 29.00 11.56
N ASN C 200 23.34 29.36 10.33
CA ASN C 200 24.65 29.08 9.76
C ASN C 200 25.76 30.00 10.28
N ALA C 201 25.40 31.22 10.70
CA ALA C 201 26.35 32.14 11.36
C ALA C 201 26.80 31.65 12.77
N ARG C 202 25.90 31.02 13.50
CA ARG C 202 26.21 30.39 14.76
C ARG C 202 27.11 29.15 14.56
N ARG C 203 26.90 28.42 13.46
CA ARG C 203 27.71 27.27 13.14
C ARG C 203 29.13 27.71 12.80
N ALA C 204 29.28 28.86 12.15
CA ALA C 204 30.60 29.45 11.93
C ALA C 204 31.33 29.75 13.25
N ARG C 205 30.72 30.51 14.15
CA ARG C 205 31.36 30.89 15.39
C ARG C 205 31.77 29.67 16.22
N LEU C 206 30.93 28.63 16.26
CA LEU C 206 31.24 27.42 17.06
C LEU C 206 32.24 26.47 16.40
N GLY C 207 32.48 26.71 15.11
CA GLY C 207 33.32 25.86 14.24
C GLY C 207 32.86 24.42 14.04
N LEU C 208 31.56 24.18 14.15
CA LEU C 208 31.01 22.84 13.90
C LEU C 208 30.91 22.56 12.38
N SER C 209 31.02 21.30 12.00
CA SER C 209 30.83 20.93 10.61
C SER C 209 29.31 20.91 10.32
N VAL C 210 28.94 20.82 9.05
CA VAL C 210 27.53 20.74 8.64
C VAL C 210 26.78 19.59 9.31
N ALA C 211 27.34 18.38 9.29
CA ALA C 211 26.68 17.20 9.85
C ALA C 211 26.63 17.21 11.38
N ASP C 212 27.62 17.83 12.01
CA ASP C 212 27.67 17.93 13.47
C ASP C 212 26.57 18.83 13.98
N TYR C 213 26.38 19.94 13.28
CA TYR C 213 25.38 20.95 13.60
C TYR C 213 23.98 20.43 13.33
N ARG C 214 23.83 19.67 12.27
CA ARG C 214 22.56 19.06 12.01
C ARG C 214 22.18 18.07 13.12
N LEU C 215 23.17 17.44 13.74
CA LEU C 215 22.97 16.60 14.91
C LEU C 215 22.54 17.40 16.17
N ALA C 216 23.17 18.55 16.41
CA ALA C 216 22.86 19.33 17.58
C ALA C 216 21.41 19.80 17.57
N ALA C 218 18.86 18.35 15.86
CA ALA C 218 17.97 17.22 16.08
C ALA C 218 17.92 16.80 17.55
N GLU C 219 19.03 17.04 18.25
CA GLU C 219 19.13 16.70 19.67
C GLU C 219 18.43 17.69 20.59
N LEU C 220 18.40 18.93 20.13
CA LEU C 220 17.63 19.97 20.76
C LEU C 220 16.13 19.77 20.59
N PHE C 221 15.70 19.36 19.39
CA PHE C 221 14.28 19.35 19.04
C PHE C 221 13.50 18.07 19.30
N ALA C 222 14.18 16.94 19.41
CA ALA C 222 13.48 15.66 19.65
C ALA C 222 12.71 15.62 20.97
N PRO C 223 13.36 16.07 22.09
CA PRO C 223 12.65 16.26 23.37
C PRO C 223 11.41 17.14 23.25
N PHE C 224 11.48 18.15 22.38
CA PHE C 224 10.36 19.06 22.11
C PHE C 224 9.17 18.32 21.58
N SER C 225 9.39 17.49 20.55
CA SER C 225 8.27 16.80 19.89
C SER C 225 7.67 15.73 20.76
N LYS C 226 8.41 15.27 21.76
CA LYS C 226 7.93 14.29 22.73
C LYS C 226 6.94 14.96 23.67
N VAL C 227 7.32 16.10 24.27
CA VAL C 227 6.43 16.92 25.09
C VAL C 227 5.16 17.29 24.31
N ALA C 228 5.33 17.65 23.05
CA ALA C 228 4.26 18.02 22.14
C ALA C 228 3.26 16.93 21.89
N ALA C 229 3.72 15.68 21.79
CA ALA C 229 2.80 14.54 21.52
C ALA C 229 1.84 14.21 22.71
N LYS C 230 2.29 14.48 23.94
CA LYS C 230 1.50 14.19 25.11
C LYS C 230 0.61 15.37 25.51
N ASN C 231 0.81 16.52 24.87
CA ASN C 231 0.01 17.71 25.09
C ASN C 231 -1.28 17.67 24.25
N PRO C 232 -2.46 17.60 24.91
CA PRO C 232 -3.74 17.45 24.19
C PRO C 232 -4.06 18.65 23.29
N TYR C 233 -3.53 19.82 23.65
CA TYR C 233 -3.70 21.02 22.86
C TYR C 233 -2.89 21.06 21.58
N SER C 234 -1.94 20.14 21.42
CA SER C 234 -1.21 19.99 20.15
C SER C 234 -2.14 19.52 19.06
N SER C 235 -2.00 20.12 17.89
CA SER C 235 -2.78 19.71 16.76
C SER C 235 -1.97 18.70 15.94
N ALA C 236 -2.57 17.54 15.71
CA ALA C 236 -1.94 16.43 14.98
C ALA C 236 -0.39 16.26 15.14
N PRO C 237 0.09 15.95 16.36
CA PRO C 237 1.54 15.80 16.54
C PRO C 237 2.02 14.34 16.47
N THR C 238 3.08 14.08 15.72
CA THR C 238 3.74 12.78 15.83
C THR C 238 5.07 13.03 16.51
N GLU C 239 5.44 12.14 17.44
CA GLU C 239 6.76 12.19 18.09
C GLU C 239 7.86 11.75 17.12
N ARG C 240 9.01 12.41 17.17
CA ARG C 240 10.13 12.12 16.25
C ARG C 240 11.40 11.84 17.05
N SER C 241 12.22 10.91 16.56
CA SER C 241 13.51 10.62 17.22
C SER C 241 14.58 11.48 16.60
N VAL C 242 15.74 11.53 17.27
CA VAL C 242 16.91 12.28 16.82
C VAL C 242 17.35 11.86 15.40
N GLU C 243 17.38 10.57 15.18
CA GLU C 243 17.75 9.95 13.92
C GLU C 243 16.75 10.38 12.80
N GLU C 244 15.46 10.25 13.12
CA GLU C 244 14.39 10.59 12.20
C GLU C 244 14.50 12.05 11.69
N LEU C 245 14.83 12.98 12.59
CA LEU C 245 14.92 14.39 12.31
C LEU C 245 16.11 14.77 11.46
N LEU C 246 17.19 14.03 11.64
CA LEU C 246 18.47 14.33 11.04
C LEU C 246 18.67 13.66 9.66
N THR C 247 17.94 12.58 9.42
CA THR C 247 18.09 11.82 8.18
C THR C 247 17.19 12.35 7.06
N VAL C 248 17.85 12.84 6.02
CA VAL C 248 17.17 13.40 4.87
C VAL C 248 16.56 12.28 4.01
N THR C 249 15.24 12.32 3.81
CA THR C 249 14.55 11.33 2.99
C THR C 249 13.71 12.07 1.94
N ALA C 250 12.94 11.34 1.13
CA ALA C 250 11.96 11.97 0.24
C ALA C 250 10.84 12.68 1.05
N SER C 251 10.58 12.16 2.25
CA SER C 251 9.58 12.66 3.17
C SER C 251 10.10 13.87 4.01
N ASN C 252 11.35 13.77 4.46
CA ASN C 252 12.06 14.79 5.25
C ASN C 252 13.19 15.42 4.41
N ARG C 253 12.79 16.07 3.32
CA ARG C 253 13.71 16.73 2.42
C ARG C 253 14.16 18.09 2.91
N ILE C 255 14.51 21.82 2.83
CA ILE C 255 13.67 22.97 2.42
C ILE C 255 14.51 24.23 2.22
N VAL C 256 15.05 24.75 3.32
CA VAL C 256 15.91 25.93 3.33
C VAL C 256 17.09 25.56 4.22
N ASP C 257 18.32 25.78 3.75
CA ASP C 257 19.52 25.41 4.48
C ASP C 257 19.59 26.18 5.79
N PRO C 258 19.83 25.47 6.91
CA PRO C 258 20.21 24.07 7.03
C PRO C 258 19.11 23.08 7.39
N TYR C 259 17.86 23.51 7.31
CA TYR C 259 16.74 22.74 7.86
C TYR C 259 16.12 21.74 6.89
N PRO C 260 15.70 20.62 7.47
CA PRO C 260 14.95 19.59 6.77
C PRO C 260 13.48 19.69 7.14
N ARG C 261 12.64 19.19 6.26
CA ARG C 261 11.18 19.25 6.38
C ARG C 261 10.58 18.97 7.77
N LEU C 262 11.06 17.98 8.51
CA LEU C 262 10.44 17.61 9.78
C LEU C 262 10.78 18.56 10.89
N VAL C 264 10.78 21.70 10.24
CA VAL C 264 9.95 22.85 10.03
C VAL C 264 8.59 22.46 9.53
N ALA C 265 7.68 23.41 9.41
CA ALA C 265 6.30 23.09 9.12
C ALA C 265 5.35 23.91 9.96
N GLN C 268 -0.51 24.37 10.76
CA GLN C 268 -1.84 24.62 10.21
C GLN C 268 -3.02 24.11 11.10
N VAL C 269 -3.55 24.99 11.95
CA VAL C 269 -4.34 24.66 13.17
C VAL C 269 -5.49 25.64 13.45
N ASN C 270 -6.41 25.25 14.32
CA ASN C 270 -7.42 26.18 14.84
C ASN C 270 -7.24 26.24 16.36
N GLN C 271 -6.70 27.33 16.88
CA GLN C 271 -6.52 27.41 18.32
C GLN C 271 -6.68 28.81 18.90
N GLY C 272 -7.07 28.87 20.15
CA GLY C 272 -7.16 30.12 20.86
C GLY C 272 -6.56 29.98 22.22
N ALA C 273 -6.09 31.10 22.76
CA ALA C 273 -5.59 31.20 24.10
C ALA C 273 -6.02 32.57 24.72
N ALA C 274 -6.32 32.62 26.01
CA ALA C 274 -6.64 33.87 26.66
C ALA C 274 -6.04 33.94 28.07
N LEU C 275 -5.64 35.12 28.49
CA LEU C 275 -5.23 35.29 29.86
C LEU C 275 -6.05 36.32 30.57
N LEU C 276 -6.57 35.98 31.74
CA LEU C 276 -7.27 36.92 32.63
C LEU C 276 -6.41 37.40 33.79
N SER C 279 -5.92 42.95 39.63
CA SER C 279 -5.29 43.22 40.87
C SER C 279 -5.61 42.11 41.82
N VAL C 280 -4.85 42.04 42.86
CA VAL C 280 -5.23 41.35 44.03
C VAL C 280 -6.54 41.96 44.63
N GLU C 281 -6.73 43.31 44.64
CA GLU C 281 -7.92 43.96 45.13
C GLU C 281 -9.14 43.50 44.36
N SER C 282 -9.03 43.51 43.03
CA SER C 282 -10.14 43.02 42.18
C SER C 282 -10.40 41.52 42.35
N ALA C 283 -9.34 40.76 42.61
CA ALA C 283 -9.45 39.33 42.92
C ALA C 283 -10.20 38.99 44.21
N ARG C 284 -10.06 39.83 45.24
CA ARG C 284 -10.79 39.66 46.48
C ARG C 284 -12.23 40.08 46.34
N LYS C 285 -12.46 41.21 45.68
CA LYS C 285 -13.79 41.78 45.43
C LYS C 285 -14.70 40.84 44.66
N LEU C 286 -14.21 40.27 43.59
CA LEU C 286 -14.91 39.15 42.93
C LEU C 286 -14.40 37.91 43.66
N GLY C 287 -15.17 36.85 43.75
CA GLY C 287 -14.70 35.83 44.71
C GLY C 287 -13.62 34.89 44.20
N VAL C 288 -12.45 35.40 43.77
CA VAL C 288 -11.39 34.56 43.16
C VAL C 288 -10.51 33.88 44.18
N PRO C 289 -10.62 32.53 44.30
CA PRO C 289 -9.81 31.80 45.27
C PRO C 289 -8.33 32.07 45.15
N GLU C 290 -7.67 32.28 46.29
CA GLU C 290 -6.25 32.60 46.33
C GLU C 290 -5.33 31.56 45.66
N GLU C 291 -5.69 30.27 45.68
CA GLU C 291 -4.85 29.23 45.05
C GLU C 291 -4.74 29.34 43.51
N LYS C 292 -5.53 30.24 42.93
CA LYS C 292 -5.52 30.55 41.50
C LYS C 292 -4.59 31.68 41.11
N TRP C 293 -4.17 32.51 42.07
CA TRP C 293 -3.35 33.67 41.79
C TRP C 293 -1.92 33.29 41.46
N VAL C 294 -1.43 33.86 40.37
CA VAL C 294 -0.05 33.75 39.98
C VAL C 294 0.47 35.16 39.68
N TYR C 295 1.67 35.43 40.16
CA TYR C 295 2.33 36.70 40.05
C TYR C 295 3.31 36.70 38.92
N LEU C 296 3.42 37.85 38.28
CA LEU C 296 4.43 38.08 37.29
C LEU C 296 5.62 38.70 38.00
N ARG C 297 6.51 37.83 38.45
CA ARG C 297 7.59 38.23 39.28
C ARG C 297 8.70 38.88 38.51
N GLY C 298 9.03 38.31 37.36
CA GLY C 298 10.09 38.90 36.54
C GLY C 298 9.66 39.19 35.13
N HIS C 299 10.29 40.17 34.51
CA HIS C 299 9.95 40.59 33.16
C HIS C 299 11.02 41.45 32.54
N ALA C 300 11.17 41.35 31.23
CA ALA C 300 11.98 42.26 30.45
C ALA C 300 11.57 42.25 28.96
N ASP C 301 11.77 43.36 28.28
CA ASP C 301 11.51 43.42 26.86
C ASP C 301 12.74 43.99 26.16
N LYS C 303 15.09 44.41 22.26
CA LYS C 303 14.99 44.54 20.81
C LYS C 303 16.36 44.60 20.13
N GLU C 304 16.52 43.90 19.02
CA GLU C 304 17.77 44.01 18.24
C GLU C 304 17.67 45.07 17.14
N PRO C 305 18.85 45.56 16.65
CA PRO C 305 18.88 46.31 15.38
C PRO C 305 18.62 45.39 14.15
N LYS C 306 18.43 45.98 12.97
CA LYS C 306 18.24 45.19 11.75
C LYS C 306 19.35 44.18 11.62
N LEU C 307 19.03 43.11 10.92
CA LEU C 307 19.87 42.00 10.77
C LEU C 307 21.26 42.34 10.22
N LEU C 308 21.48 43.16 9.25
CA LEU C 308 22.88 43.36 8.86
C LEU C 308 23.75 44.33 9.70
N GLU C 309 23.17 44.95 10.71
CA GLU C 309 23.90 45.85 11.62
C GLU C 309 24.50 45.14 12.84
N ARG C 310 24.03 43.93 13.13
CA ARG C 310 24.35 43.19 14.34
C ARG C 310 25.80 42.76 14.41
N ALA C 311 26.45 42.99 15.55
CA ALA C 311 27.84 42.61 15.77
C ALA C 311 28.17 41.15 15.33
N ASP C 312 27.31 40.22 15.70
CA ASP C 312 27.42 38.80 15.39
C ASP C 312 26.06 38.33 14.89
N ILE C 313 25.99 37.90 13.64
CA ILE C 313 24.72 37.48 13.09
C ILE C 313 24.29 36.20 13.78
N GLY C 314 25.25 35.40 14.24
CA GLY C 314 24.96 34.12 14.87
C GLY C 314 24.51 34.16 16.32
N ALA C 315 24.35 35.36 16.87
CA ALA C 315 23.95 35.54 18.24
C ALA C 315 23.02 36.75 18.40
N SER C 316 22.23 36.69 19.45
CA SER C 316 21.35 37.76 19.86
C SER C 316 21.58 38.10 21.36
N PRO C 317 22.48 39.05 21.67
CA PRO C 317 22.74 39.45 23.05
C PRO C 317 21.56 40.09 23.76
N ALA C 318 20.70 40.82 23.05
CA ALA C 318 19.45 41.34 23.58
C ALA C 318 18.47 40.32 24.18
N SER C 319 18.40 39.14 23.62
CA SER C 319 17.51 38.13 24.15
C SER C 319 18.03 37.60 25.46
N VAL C 320 19.35 37.54 25.59
CA VAL C 320 20.01 37.03 26.77
C VAL C 320 19.86 38.04 27.91
N THR C 321 20.13 39.30 27.57
CA THR C 321 19.98 40.44 28.46
C THR C 321 18.57 40.50 29.06
N ALA C 322 17.55 40.24 28.23
CA ALA C 322 16.15 40.26 28.64
C ALA C 322 15.97 39.15 29.65
N VAL C 323 16.46 37.95 29.36
CA VAL C 323 16.39 36.85 30.30
C VAL C 323 17.04 37.22 31.65
N ASN C 324 18.25 37.79 31.60
CA ASN C 324 19.01 38.11 32.82
C ASN C 324 18.36 39.21 33.67
N GLU C 325 17.88 40.26 33.02
CA GLU C 325 17.13 41.31 33.67
C GLU C 325 15.83 40.80 34.30
N ALA C 326 15.18 39.83 33.69
CA ALA C 326 13.95 39.27 34.20
C ALA C 326 14.23 38.41 35.43
N LEU C 327 15.38 37.76 35.44
CA LEU C 327 15.86 37.00 36.55
C LEU C 327 16.15 37.93 37.73
N ARG C 328 16.77 39.07 37.46
CA ARG C 328 17.05 40.05 38.50
C ARG C 328 15.77 40.57 39.21
N VAL C 329 14.88 41.14 38.41
CA VAL C 329 13.60 41.64 38.81
C VAL C 329 12.88 40.66 39.67
N ALA C 330 13.05 39.39 39.44
CA ALA C 330 12.46 38.47 40.36
C ALA C 330 13.26 38.18 41.60
N GLY C 331 14.55 38.43 41.63
CA GLY C 331 15.29 38.13 42.84
C GLY C 331 15.85 36.72 42.96
N ILE C 332 15.82 36.01 41.86
CA ILE C 332 16.37 34.71 41.65
C ILE C 332 17.45 34.57 40.60
N GLY C 333 17.99 33.38 40.50
CA GLY C 333 19.02 33.06 39.55
C GLY C 333 18.58 31.93 38.66
N LEU C 334 19.32 31.70 37.60
CA LEU C 334 18.95 30.69 36.63
C LEU C 334 18.66 29.32 37.25
N ASP C 335 19.31 29.00 38.36
CA ASP C 335 19.19 27.68 39.00
C ASP C 335 17.93 27.51 39.83
N ASP C 336 17.29 28.63 40.15
CA ASP C 336 16.07 28.70 40.96
C ASP C 336 14.78 28.45 40.16
N VAL C 337 14.92 28.43 38.82
CA VAL C 337 13.83 28.16 37.88
C VAL C 337 13.53 26.68 37.79
N ALA C 338 12.24 26.34 37.90
CA ALA C 338 11.75 24.96 37.86
C ALA C 338 11.32 24.47 36.45
N ALA C 339 10.94 25.41 35.58
CA ALA C 339 10.37 25.09 34.28
C ALA C 339 10.63 26.21 33.30
N PHE C 340 10.86 25.84 32.05
CA PHE C 340 11.05 26.79 30.94
C PHE C 340 10.08 26.56 29.81
N ASP C 341 9.54 27.65 29.23
CA ASP C 341 9.00 27.63 27.86
C ASP C 341 9.76 28.65 27.02
N LEU C 342 10.70 28.16 26.25
CA LEU C 342 11.43 29.00 25.33
C LEU C 342 10.85 28.85 23.93
N TYR C 343 10.66 30.00 23.31
CA TYR C 343 10.13 30.10 21.98
C TYR C 343 11.06 29.39 20.97
N SER C 344 10.46 28.56 20.11
CA SER C 344 11.20 27.68 19.24
C SER C 344 10.60 27.43 17.85
N CYS C 345 10.47 28.44 17.01
CA CYS C 345 9.97 28.11 15.67
C CYS C 345 11.13 27.39 14.96
N PHE C 346 12.31 27.92 15.20
CA PHE C 346 13.56 27.40 14.70
C PHE C 346 14.50 27.17 15.88
N PRO C 347 15.53 26.32 15.70
CA PRO C 347 16.38 26.01 16.80
C PRO C 347 17.16 27.22 17.32
N PHE C 348 17.52 28.14 16.44
CA PHE C 348 18.40 29.24 16.78
C PHE C 348 18.02 30.04 18.05
N PRO C 349 16.76 30.53 18.17
CA PRO C 349 16.40 31.35 19.34
C PRO C 349 16.43 30.60 20.66
N VAL C 350 16.36 29.27 20.60
CA VAL C 350 16.53 28.45 21.77
C VAL C 350 17.99 28.29 22.06
N PHE C 351 18.76 27.84 21.07
CA PHE C 351 20.22 27.72 21.19
C PHE C 351 20.84 28.98 21.75
N ASN C 352 20.33 30.13 21.29
CA ASN C 352 20.89 31.41 21.62
C ASN C 352 20.75 31.80 23.10
N ILE C 353 19.67 31.37 23.74
CA ILE C 353 19.45 31.63 25.16
C ILE C 353 20.43 30.76 25.92
N CYS C 354 20.51 29.49 25.52
CA CYS C 354 21.43 28.54 26.08
C CYS C 354 22.90 28.93 26.02
N ASP C 355 23.31 29.54 24.91
CA ASP C 355 24.69 30.01 24.71
C ASP C 355 25.11 31.14 25.63
N GLY C 356 24.25 32.14 25.79
CA GLY C 356 24.63 33.32 26.58
C GLY C 356 24.36 33.18 28.07
N THR C 357 23.73 32.09 28.47
CA THR C 357 23.20 31.97 29.81
C THR C 357 23.88 30.83 30.59
N GLY C 358 24.53 29.92 29.89
CA GLY C 358 25.07 28.73 30.50
C GLY C 358 24.14 27.52 30.52
N LEU C 359 22.83 27.75 30.43
CA LEU C 359 21.83 26.67 30.40
C LEU C 359 22.17 25.62 29.36
N ALA C 360 22.19 24.35 29.76
CA ALA C 360 22.48 23.27 28.81
C ALA C 360 21.24 22.95 27.96
N THR C 361 21.50 22.49 26.75
CA THR C 361 20.46 22.16 25.77
C THR C 361 19.66 20.93 26.19
N ASP C 362 20.30 20.02 26.93
CA ASP C 362 19.70 18.76 27.44
C ASP C 362 19.28 18.81 28.90
N ASP C 363 19.27 20.03 29.46
CA ASP C 363 18.85 20.30 30.83
C ASP C 363 17.60 19.52 31.26
N PRO C 364 17.65 18.84 32.42
CA PRO C 364 16.57 17.91 32.85
C PRO C 364 15.25 18.59 33.12
N ARG C 365 15.27 19.88 33.47
CA ARG C 365 14.04 20.68 33.67
C ARG C 365 13.16 20.77 32.41
N GLY C 366 13.80 20.79 31.24
CA GLY C 366 13.12 20.81 29.96
C GLY C 366 13.14 22.24 29.41
N LEU C 367 13.15 22.39 28.10
CA LEU C 367 13.13 23.76 27.55
C LEU C 367 11.76 24.25 27.01
N THR C 368 10.75 23.39 27.09
CA THR C 368 9.41 23.72 26.65
C THR C 368 8.33 23.16 27.59
N LEU C 369 7.21 23.87 27.67
CA LEU C 369 6.07 23.42 28.41
C LEU C 369 4.99 22.97 27.48
N THR C 370 5.08 23.41 26.25
CA THR C 370 4.01 23.25 25.29
C THR C 370 4.32 22.13 24.31
N GLY C 371 5.60 22.09 23.94
CA GLY C 371 6.05 21.19 22.94
C GLY C 371 6.76 21.94 21.84
N GLY C 372 6.56 23.26 21.78
CA GLY C 372 7.29 24.11 20.83
C GLY C 372 6.74 24.08 19.42
N LEU C 373 7.26 24.97 18.57
CA LEU C 373 6.45 25.46 17.47
C LEU C 373 6.25 24.50 16.28
N PRO C 374 7.34 23.90 15.80
CA PRO C 374 7.25 22.94 14.69
C PRO C 374 6.32 21.74 14.96
N PHE C 375 6.05 21.43 16.23
CA PHE C 375 5.25 20.30 16.59
C PHE C 375 3.92 20.59 17.26
N PHE C 376 3.87 21.68 18.03
CA PHE C 376 2.65 22.09 18.74
C PHE C 376 1.58 22.55 17.76
N GLY C 377 2.01 23.16 16.65
CA GLY C 377 1.12 23.66 15.63
C GLY C 377 0.99 25.16 15.72
N GLY C 378 0.90 25.80 14.56
CA GLY C 378 0.63 27.23 14.51
C GLY C 378 1.68 27.99 13.73
N LEU C 379 1.31 29.21 13.36
CA LEU C 379 2.13 30.12 12.55
C LEU C 379 3.22 30.79 13.36
N GLY C 380 3.04 30.81 14.67
CA GLY C 380 4.05 31.35 15.55
C GLY C 380 3.79 32.69 16.17
N ASN C 381 2.69 33.37 15.79
CA ASN C 381 2.40 34.66 16.37
C ASN C 381 1.79 34.66 17.79
N ASN C 382 0.84 33.80 18.03
CA ASN C 382 0.21 33.71 19.32
C ASN C 382 0.73 32.53 20.18
N TYR C 383 1.82 31.90 19.74
CA TYR C 383 2.34 30.69 20.41
C TYR C 383 2.56 30.89 21.92
N SER C 384 3.26 31.95 22.28
CA SER C 384 3.66 32.18 23.67
C SER C 384 2.54 32.36 24.65
N HIS C 386 -0.03 30.26 24.83
CA HIS C 386 -0.15 28.91 25.27
C HIS C 386 0.98 28.56 26.29
N GLY C 387 2.20 29.07 26.07
CA GLY C 387 3.34 29.04 26.99
C GLY C 387 3.08 29.61 28.40
N ILE C 388 2.66 30.85 28.47
CA ILE C 388 2.08 31.48 29.65
C ILE C 388 0.94 30.66 30.30
N ALA C 389 -0.03 30.19 29.54
CA ALA C 389 -1.04 29.34 30.13
C ALA C 389 -0.45 28.13 30.85
N GLU C 390 0.41 27.38 30.17
CA GLU C 390 0.94 26.16 30.72
C GLU C 390 1.81 26.44 31.91
N ALA C 391 2.62 27.52 31.81
CA ALA C 391 3.39 28.06 32.93
C ALA C 391 2.57 28.41 34.14
N VAL C 392 1.38 29.00 33.96
CA VAL C 392 0.47 29.32 35.04
C VAL C 392 -0.15 28.09 35.65
N ASN C 393 -0.52 27.09 34.85
CA ASN C 393 -1.05 25.82 35.41
C ASN C 393 -0.04 25.00 36.20
N GLU C 394 1.19 24.97 35.71
CA GLU C 394 2.28 24.23 36.32
C GLU C 394 2.65 24.86 37.64
N ARG C 396 0.59 26.63 39.73
CA ARG C 396 -0.41 26.39 40.72
C ARG C 396 -0.24 25.03 41.33
N ASP C 397 0.17 24.07 40.52
CA ASP C 397 0.46 22.68 40.92
C ASP C 397 1.69 22.50 41.82
N LYS C 398 2.63 23.43 41.73
CA LYS C 398 3.89 23.40 42.47
C LYS C 398 4.08 24.75 43.11
N PRO C 399 3.30 25.03 44.17
CA PRO C 399 3.33 26.40 44.73
C PRO C 399 4.71 26.79 45.31
N GLY C 400 5.13 28.02 45.10
CA GLY C 400 6.44 28.46 45.57
C GLY C 400 7.51 28.45 44.49
N GLN C 401 7.36 27.59 43.48
CA GLN C 401 8.37 27.49 42.43
C GLN C 401 8.20 28.52 41.32
N PHE C 402 9.23 28.67 40.48
CA PHE C 402 9.28 29.73 39.44
C PHE C 402 9.38 29.17 38.02
N ALA C 403 8.64 29.80 37.10
CA ALA C 403 8.58 29.43 35.66
C ALA C 403 8.97 30.58 34.73
N LEU C 404 9.89 30.31 33.79
CA LEU C 404 10.34 31.31 32.81
C LEU C 404 9.68 31.07 31.44
N VAL C 405 9.12 32.13 30.88
CA VAL C 405 8.61 32.16 29.52
C VAL C 405 9.40 33.15 28.66
N GLY C 406 9.93 32.68 27.51
CA GLY C 406 10.63 33.53 26.57
C GLY C 406 9.83 33.61 25.28
N ALA C 407 9.62 34.82 24.79
CA ALA C 407 8.77 35.03 23.59
C ALA C 407 9.54 35.82 22.57
N ASN C 408 9.75 35.20 21.42
CA ASN C 408 10.57 35.70 20.33
C ASN C 408 9.73 36.25 19.14
N GLY C 409 10.11 37.43 18.69
CA GLY C 409 9.59 38.05 17.52
C GLY C 409 10.55 38.44 16.42
N GLY C 410 9.99 38.47 15.20
CA GLY C 410 10.67 38.85 13.94
C GLY C 410 11.85 37.98 13.68
N ILE C 411 12.97 38.47 13.21
CA ILE C 411 14.14 37.60 12.96
C ILE C 411 15.13 37.59 14.13
N ALA C 412 14.81 36.89 15.22
CA ALA C 412 15.40 37.19 16.56
C ALA C 412 15.46 38.68 16.88
N SER C 413 14.51 39.49 16.43
CA SER C 413 14.53 40.97 16.60
C SER C 413 14.04 41.41 17.98
N LYS C 414 13.13 40.62 18.57
CA LYS C 414 12.42 40.95 19.80
C LYS C 414 12.35 39.74 20.72
N TYR C 415 12.62 40.02 21.98
CA TYR C 415 12.48 39.04 22.99
C TYR C 415 11.84 39.62 24.28
N SER C 416 10.83 38.90 24.76
CA SER C 416 10.07 39.27 25.94
C SER C 416 10.04 38.10 26.91
N VAL C 417 10.45 38.37 28.14
CA VAL C 417 10.48 37.31 29.14
C VAL C 417 9.47 37.65 30.23
N GLY C 418 8.80 36.64 30.76
CA GLY C 418 8.11 36.74 32.02
C GLY C 418 8.39 35.54 32.91
N ILE C 419 8.54 35.81 34.20
CA ILE C 419 8.71 34.75 35.17
C ILE C 419 7.49 34.76 36.10
N TYR C 420 6.93 33.59 36.35
CA TYR C 420 5.69 33.41 37.08
C TYR C 420 5.87 32.59 38.35
N SER C 421 5.15 32.94 39.41
CA SER C 421 5.09 32.15 40.66
C SER C 421 3.89 32.49 41.49
N THR C 422 3.40 31.55 42.26
CA THR C 422 2.37 31.78 43.25
C THR C 422 2.86 32.53 44.48
N GLU C 423 4.17 32.67 44.62
CA GLU C 423 4.84 33.36 45.71
C GLU C 423 4.79 34.82 45.47
N PRO C 424 4.36 35.58 46.44
CA PRO C 424 3.96 36.96 46.24
C PRO C 424 5.02 38.01 46.40
N ALA C 425 4.85 39.16 45.78
CA ALA C 425 5.67 40.34 46.03
C ALA C 425 5.02 41.41 45.25
N ASP C 426 5.48 42.62 45.40
CA ASP C 426 4.87 43.72 44.74
C ASP C 426 5.37 43.72 43.33
N TRP C 427 4.83 44.56 42.49
CA TRP C 427 5.39 44.79 41.19
C TRP C 427 6.67 45.60 41.32
N VAL C 428 7.76 45.05 40.87
CA VAL C 428 9.00 45.75 40.66
C VAL C 428 9.14 46.22 39.22
N ALA C 429 9.40 47.48 39.01
CA ALA C 429 9.64 48.04 37.67
C ALA C 429 10.95 47.50 37.09
N ASP C 430 10.94 47.08 35.83
CA ASP C 430 12.17 46.61 35.17
C ASP C 430 12.99 47.72 34.51
N ASN C 431 14.24 47.40 34.24
CA ASN C 431 15.21 48.33 33.68
C ASN C 431 15.45 48.19 32.14
N SER C 432 14.42 47.76 31.42
CA SER C 432 14.51 47.55 29.98
C SER C 432 14.90 48.81 29.19
N ALA C 433 14.31 49.95 29.54
CA ALA C 433 14.51 51.20 28.81
C ALA C 433 15.97 51.65 28.76
N GLN C 434 16.65 51.58 29.90
CA GLN C 434 18.08 51.93 30.06
C GLN C 434 18.98 50.85 29.45
N LEU C 435 18.59 49.59 29.62
CA LEU C 435 19.24 48.46 28.98
C LEU C 435 19.14 48.43 27.44
N GLN C 436 18.03 48.93 26.92
CA GLN C 436 17.84 49.10 25.49
C GLN C 436 18.73 50.21 24.94
N ALA C 437 18.85 51.33 25.66
CA ALA C 437 19.64 52.49 25.24
C ALA C 437 21.14 52.19 25.25
N GLU C 438 21.57 51.34 26.17
CA GLU C 438 22.97 50.81 26.18
C GLU C 438 23.32 49.96 24.99
N HIS C 439 22.42 49.04 24.64
CA HIS C 439 22.54 48.19 23.46
C HIS C 439 22.38 48.97 22.13
N ASP C 440 21.55 50.01 22.11
CA ASP C 440 21.43 50.88 20.94
C ASP C 440 22.68 51.70 20.69
N ALA C 441 23.46 51.94 21.74
CA ALA C 441 24.70 52.72 21.65
C ALA C 441 25.90 51.86 21.19
N GLN C 442 25.77 50.54 21.14
CA GLN C 442 26.81 49.66 20.55
C GLN C 442 27.08 50.05 19.09
N PRO C 443 28.35 49.93 18.65
CA PRO C 443 28.63 50.25 17.23
C PRO C 443 27.90 49.27 16.27
N LYS C 444 27.43 49.81 15.14
CA LYS C 444 26.73 49.02 14.13
C LYS C 444 27.74 48.70 13.03
N VAL C 445 27.75 47.46 12.56
CA VAL C 445 28.59 47.02 11.43
C VAL C 445 28.12 47.73 10.16
N ALA C 446 29.07 48.12 9.31
CA ALA C 446 28.77 48.97 8.15
C ALA C 446 28.26 48.12 6.97
N ILE C 447 27.36 48.69 6.17
CA ILE C 447 26.79 48.01 5.00
C ILE C 447 27.14 48.75 3.69
N THR C 448 27.64 48.02 2.70
CA THR C 448 27.74 48.55 1.33
C THR C 448 26.61 47.94 0.51
N GLU C 449 25.60 48.73 0.16
CA GLU C 449 24.45 48.17 -0.54
C GLU C 449 24.83 47.69 -1.95
N LYS C 450 25.58 48.50 -2.69
CA LYS C 450 25.96 48.14 -4.07
C LYS C 450 27.37 47.58 -4.18
N ALA C 451 27.59 46.38 -3.68
CA ALA C 451 28.95 45.83 -3.57
C ALA C 451 29.56 45.30 -4.87
N ASP C 452 30.80 45.72 -5.12
CA ASP C 452 31.50 45.44 -6.37
C ASP C 452 32.93 45.06 -6.05
N GLY C 453 33.25 43.78 -6.06
CA GLY C 453 34.61 43.39 -5.79
C GLY C 453 34.71 42.00 -5.20
N THR C 454 35.78 41.79 -4.44
CA THR C 454 36.08 40.49 -3.90
C THR C 454 35.76 40.49 -2.40
N GLY C 455 35.06 39.44 -1.96
CA GLY C 455 34.59 39.34 -0.59
C GLY C 455 34.67 37.92 -0.02
N THR C 456 34.37 37.84 1.27
CA THR C 456 34.36 36.57 2.02
C THR C 456 32.92 36.27 2.42
N ILE C 457 32.53 35.01 2.33
CA ILE C 457 31.25 34.54 2.86
C ILE C 457 31.22 34.55 4.40
N GLU C 458 30.30 35.29 5.00
CA GLU C 458 30.14 35.23 6.46
C GLU C 458 29.06 34.23 6.89
N THR C 459 27.95 34.22 6.15
CA THR C 459 26.86 33.26 6.29
C THR C 459 26.09 33.15 4.97
N TYR C 460 25.28 32.12 4.87
CA TYR C 460 24.63 31.72 3.64
C TYR C 460 23.36 30.94 4.00
N THR C 461 22.52 30.76 2.98
CA THR C 461 21.50 29.72 3.03
C THR C 461 21.25 29.31 1.58
N VAL C 462 20.48 28.25 1.41
CA VAL C 462 20.08 27.79 0.08
C VAL C 462 18.59 27.49 0.08
N ARG C 463 17.92 27.86 -1.02
CA ARG C 463 16.50 27.56 -1.24
C ARG C 463 16.31 26.29 -2.06
N TYR C 464 15.89 25.23 -1.42
CA TYR C 464 15.80 23.94 -2.10
C TYR C 464 14.41 23.79 -2.72
N ASP C 465 13.52 24.72 -2.38
CA ASP C 465 12.17 24.65 -2.87
C ASP C 465 12.06 25.39 -4.22
N TRP C 466 13.13 26.11 -4.59
CA TRP C 466 13.26 26.69 -5.94
C TRP C 466 14.14 25.86 -6.85
N THR C 467 13.76 25.79 -8.12
CA THR C 467 14.65 25.29 -9.17
C THR C 467 14.93 26.38 -10.22
N PRO C 468 16.22 26.66 -10.47
CA PRO C 468 17.38 25.98 -9.83
C PRO C 468 17.57 26.36 -8.36
N HIS C 469 18.22 25.54 -7.58
CA HIS C 469 18.49 25.87 -6.19
C HIS C 469 19.18 27.24 -6.07
N THR C 470 18.81 28.05 -5.09
CA THR C 470 19.18 29.47 -5.02
C THR C 470 19.86 29.83 -3.70
N GLY C 471 21.04 30.43 -3.78
CA GLY C 471 21.79 30.77 -2.60
C GLY C 471 21.67 32.21 -2.22
N ILE C 472 21.66 32.44 -0.92
CA ILE C 472 21.69 33.77 -0.38
C ILE C 472 22.90 33.82 0.51
N ILE C 473 23.69 34.86 0.32
CA ILE C 473 24.93 35.01 0.99
C ILE C 473 24.94 36.36 1.67
N ILE C 474 25.49 36.40 2.88
CA ILE C 474 25.96 37.65 3.48
C ILE C 474 27.48 37.56 3.42
N GLY C 475 28.10 38.59 2.84
CA GLY C 475 29.52 38.59 2.61
C GLY C 475 30.19 39.76 3.25
N ARG C 476 31.49 39.77 3.27
CA ARG C 476 32.21 40.93 3.71
C ARG C 476 33.23 41.32 2.66
N LEU C 477 33.50 42.60 2.52
CA LEU C 477 34.55 43.02 1.65
C LEU C 477 35.85 43.25 2.38
N ASP C 478 36.88 43.61 1.64
CA ASP C 478 38.18 44.02 2.22
C ASP C 478 38.06 45.09 3.33
N ASP C 479 37.32 46.17 3.07
CA ASP C 479 37.13 47.20 4.12
C ASP C 479 36.25 46.77 5.31
N GLY C 480 35.75 45.53 5.30
CA GLY C 480 35.02 44.97 6.44
C GLY C 480 33.54 45.29 6.55
N SER C 481 32.96 45.97 5.55
CA SER C 481 31.51 46.23 5.54
C SER C 481 30.74 45.04 4.94
N ARG C 482 29.50 44.82 5.34
CA ARG C 482 28.72 43.68 4.86
C ARG C 482 27.87 43.94 3.61
N PHE C 483 27.52 42.88 2.91
CA PHE C 483 26.62 42.95 1.78
C PHE C 483 25.82 41.66 1.64
N LEU C 484 24.79 41.72 0.81
CA LEU C 484 23.96 40.59 0.47
C LEU C 484 24.11 40.25 -1.00
N ALA C 485 24.01 38.97 -1.32
CA ALA C 485 24.07 38.53 -2.70
C ALA C 485 23.23 37.29 -2.90
N LYS C 486 22.70 37.19 -4.12
CA LYS C 486 21.89 36.09 -4.58
C LYS C 486 22.70 35.35 -5.63
N THR C 487 22.49 34.05 -5.76
CA THR C 487 23.27 33.30 -6.73
C THR C 487 22.55 32.07 -7.22
N LYS C 488 22.64 31.84 -8.53
CA LYS C 488 22.23 30.56 -9.11
C LYS C 488 23.38 29.86 -9.82
N ASP C 489 24.59 30.42 -9.68
CA ASP C 489 25.80 29.90 -10.28
C ASP C 489 26.05 28.46 -9.82
N GLU C 490 25.85 27.49 -10.72
CA GLU C 490 25.76 26.03 -10.37
C GLU C 490 26.89 25.47 -9.51
N ASP C 491 28.08 26.07 -9.69
CA ASP C 491 29.31 25.76 -8.92
C ASP C 491 29.26 26.32 -7.49
N LEU C 492 28.92 27.60 -7.32
CA LEU C 492 28.78 28.20 -6.00
C LEU C 492 27.72 27.53 -5.13
N VAL C 493 26.61 27.17 -5.75
CA VAL C 493 25.51 26.54 -5.07
C VAL C 493 25.87 25.10 -4.65
N LYS C 494 26.75 24.41 -5.40
CA LYS C 494 27.22 23.08 -4.99
C LYS C 494 28.05 23.22 -3.72
N LEU C 495 28.89 24.24 -3.64
CA LEU C 495 29.65 24.49 -2.42
C LEU C 495 28.76 24.79 -1.19
N LEU C 496 27.71 25.58 -1.38
CA LEU C 496 26.79 25.94 -0.30
C LEU C 496 25.89 24.81 0.16
N SER C 497 25.50 23.93 -0.75
CA SER C 497 24.66 22.78 -0.41
C SER C 497 25.41 21.55 0.13
N GLU C 498 26.63 21.32 -0.36
CA GLU C 498 27.28 20.05 -0.16
C GLU C 498 28.64 20.12 0.53
N GLY C 499 29.29 21.28 0.50
CA GLY C 499 30.59 21.43 1.14
C GLY C 499 30.48 22.24 2.42
N ASP C 500 31.42 23.11 2.69
CA ASP C 500 31.24 24.08 3.76
C ASP C 500 31.97 25.28 3.24
N PRO C 501 31.24 26.38 3.09
CA PRO C 501 31.75 27.54 2.36
C PRO C 501 32.14 28.72 3.24
N ILE C 502 31.95 28.64 4.56
CA ILE C 502 32.31 29.77 5.36
C ILE C 502 33.73 30.26 5.03
N GLY C 503 33.90 31.55 4.77
CA GLY C 503 35.21 32.18 4.66
C GLY C 503 35.85 32.24 3.28
N ALA C 504 35.12 31.61 2.41
CA ALA C 504 35.41 31.33 1.02
C ALA C 504 35.30 32.55 0.10
N LYS C 505 36.24 32.68 -0.80
CA LYS C 505 36.33 33.90 -1.57
C LYS C 505 35.36 33.87 -2.76
N ILE C 506 34.68 34.99 -2.95
CA ILE C 506 33.72 35.13 -4.01
C ILE C 506 33.88 36.51 -4.66
N VAL C 507 33.32 36.64 -5.84
CA VAL C 507 33.32 37.91 -6.54
C VAL C 507 31.86 38.35 -6.68
N VAL C 508 31.55 39.53 -6.18
CA VAL C 508 30.19 40.05 -6.22
C VAL C 508 30.08 41.19 -7.26
N THR C 509 29.01 41.17 -8.06
CA THR C 509 28.75 42.24 -9.04
C THR C 509 27.46 42.99 -8.68
N PRO C 510 27.50 44.33 -8.62
CA PRO C 510 26.29 45.05 -8.26
C PRO C 510 25.12 44.89 -9.23
N GLY C 511 23.96 45.27 -8.73
CA GLY C 511 22.69 45.19 -9.43
C GLY C 511 21.57 45.75 -8.59
N GLU C 512 20.65 46.45 -9.22
CA GLU C 512 19.56 47.10 -8.53
C GLU C 512 18.38 46.22 -8.17
N LYS C 513 18.43 44.95 -8.50
CA LYS C 513 17.47 44.04 -7.93
C LYS C 513 18.15 43.10 -6.96
N SER C 514 19.40 42.77 -7.20
CA SER C 514 20.11 41.83 -6.40
C SER C 514 21.53 41.83 -6.86
N ASN C 515 22.45 41.48 -5.99
CA ASN C 515 23.85 41.57 -6.29
C ASN C 515 24.08 40.14 -6.50
N ARG C 516 24.93 39.75 -7.41
CA ARG C 516 25.07 38.36 -7.71
C ARG C 516 26.45 37.90 -7.32
N ALA C 517 26.63 36.63 -7.05
CA ALA C 517 27.92 36.18 -6.62
C ALA C 517 28.33 34.93 -7.33
N VAL C 518 29.62 34.65 -7.27
CA VAL C 518 30.28 33.66 -8.06
C VAL C 518 31.57 33.32 -7.32
N LEU C 519 32.16 32.17 -7.58
CA LEU C 519 33.41 31.79 -6.89
C LEU C 519 34.66 32.58 -7.43
N ALA C 520 35.78 32.61 -6.68
CA ALA C 520 36.99 33.38 -7.09
C ALA C 520 38.20 32.56 -7.64
N VAL D 15 -39.73 -48.09 13.75
CA VAL D 15 -39.39 -48.80 12.47
C VAL D 15 -38.44 -49.99 12.77
N ASP D 16 -37.85 -50.63 11.76
CA ASP D 16 -36.99 -51.80 12.02
C ASP D 16 -35.76 -51.42 12.88
N PRO D 17 -35.40 -52.27 13.87
CA PRO D 17 -34.26 -51.93 14.74
C PRO D 17 -32.91 -51.85 14.03
N ARG D 18 -32.78 -52.54 12.89
CA ARG D 18 -31.53 -52.56 12.12
C ARG D 18 -31.42 -51.46 11.07
N THR D 19 -32.38 -50.52 11.08
CA THR D 19 -32.30 -49.32 10.25
C THR D 19 -31.14 -48.39 10.68
N PRO D 20 -30.27 -48.00 9.73
CA PRO D 20 -29.12 -47.13 9.98
C PRO D 20 -29.45 -45.64 10.05
N VAL D 21 -28.91 -44.97 11.05
CA VAL D 21 -29.06 -43.54 11.17
C VAL D 21 -27.70 -42.85 11.35
N ILE D 22 -27.58 -41.67 10.75
CA ILE D 22 -26.44 -40.85 11.10
C ILE D 22 -26.73 -40.17 12.44
N VAL D 23 -25.84 -40.34 13.41
CA VAL D 23 -26.04 -39.74 14.73
C VAL D 23 -25.08 -38.61 15.11
N GLY D 24 -23.91 -38.57 14.50
CA GLY D 24 -22.93 -37.53 14.82
C GLY D 24 -22.13 -37.10 13.59
N VAL D 25 -21.97 -35.80 13.46
CA VAL D 25 -21.16 -35.29 12.37
C VAL D 25 -20.14 -34.33 12.95
N GLY D 26 -18.95 -34.29 12.35
CA GLY D 26 -17.97 -33.35 12.84
C GLY D 26 -17.15 -32.79 11.73
N GLN D 27 -16.71 -31.57 11.93
CA GLN D 27 -15.88 -30.88 10.95
C GLN D 27 -14.81 -30.15 11.66
N PHE D 28 -13.67 -29.98 11.02
CA PHE D 28 -12.58 -29.25 11.64
C PHE D 28 -11.70 -28.53 10.63
N THR D 29 -11.34 -27.27 10.93
CA THR D 29 -10.39 -26.54 10.13
C THR D 29 -9.33 -25.91 11.01
N GLU D 30 -8.07 -26.02 10.58
CA GLU D 30 -6.91 -25.34 11.19
C GLU D 30 -6.23 -24.38 10.20
N ARG D 31 -5.84 -23.18 10.68
CA ARG D 31 -5.20 -22.11 9.86
C ARG D 31 -3.69 -21.92 10.16
N GLY D 39 1.73 -27.24 12.06
CA GLY D 39 0.75 -27.89 11.23
C GLY D 39 0.44 -29.25 11.77
N SER D 41 -0.85 -33.05 11.72
CA SER D 41 -0.79 -34.15 10.80
C SER D 41 -2.20 -34.52 10.35
N SER D 42 -2.29 -35.25 9.27
CA SER D 42 -3.61 -35.66 8.78
C SER D 42 -4.35 -36.57 9.80
N VAL D 43 -3.62 -37.41 10.52
CA VAL D 43 -4.22 -38.21 11.60
C VAL D 43 -4.84 -37.30 12.65
N GLU D 44 -4.09 -36.30 13.09
CA GLU D 44 -4.57 -35.36 14.11
C GLU D 44 -5.85 -34.62 13.65
N LEU D 45 -5.91 -34.30 12.35
CA LEU D 45 -7.06 -33.59 11.77
C LEU D 45 -8.35 -34.43 11.69
N ALA D 46 -8.18 -35.70 11.32
CA ALA D 46 -9.28 -36.62 11.25
C ALA D 46 -9.67 -36.98 12.64
N THR D 47 -8.74 -36.89 13.58
CA THR D 47 -9.00 -37.13 15.01
C THR D 47 -9.92 -36.06 15.62
N GLU D 48 -9.60 -34.79 15.32
CA GLU D 48 -10.38 -33.65 15.80
C GLU D 48 -11.80 -33.70 15.28
N ALA D 49 -11.96 -34.05 14.01
CA ALA D 49 -13.31 -34.16 13.47
C ALA D 49 -14.10 -35.34 14.05
N ALA D 50 -13.42 -36.46 14.29
CA ALA D 50 -14.05 -37.65 14.89
C ALA D 50 -14.54 -37.39 16.31
N LYS D 51 -13.79 -36.60 17.07
CA LYS D 51 -14.11 -36.25 18.43
C LYS D 51 -15.35 -35.39 18.52
N ALA D 52 -15.52 -34.53 17.52
CA ALA D 52 -16.72 -33.71 17.38
C ALA D 52 -17.92 -34.55 16.96
N ALA D 53 -17.71 -35.54 16.09
CA ALA D 53 -18.79 -36.47 15.69
C ALA D 53 -19.31 -37.26 16.90
N LEU D 54 -18.38 -37.64 17.78
CA LEU D 54 -18.71 -38.33 19.00
C LEU D 54 -19.43 -37.44 20.01
N HIS D 55 -19.08 -36.17 20.01
CA HIS D 55 -19.75 -35.26 20.90
C HIS D 55 -21.08 -34.76 20.37
N ASP D 56 -21.20 -34.72 19.05
CA ASP D 56 -22.36 -34.23 18.37
C ASP D 56 -23.55 -35.11 18.68
N CYS D 57 -23.30 -36.38 18.96
CA CYS D 57 -24.37 -37.31 19.33
C CYS D 57 -25.01 -36.93 20.67
N GLY D 58 -24.20 -36.40 21.59
CA GLY D 58 -24.69 -36.03 22.89
C GLY D 58 -25.02 -37.22 23.71
N ALA D 59 -24.13 -38.19 23.64
CA ALA D 59 -24.21 -39.39 24.39
C ALA D 59 -22.81 -39.40 24.94
N ASP D 60 -22.44 -40.28 25.85
CA ASP D 60 -21.10 -40.16 26.42
C ASP D 60 -20.15 -40.60 25.36
N ALA D 61 -19.09 -39.87 25.13
CA ALA D 61 -18.29 -40.11 23.96
C ALA D 61 -17.40 -41.26 24.14
N ASP D 62 -17.11 -41.59 25.37
CA ASP D 62 -16.21 -42.67 25.63
C ASP D 62 -16.97 -43.97 25.51
N THR D 63 -18.19 -43.98 25.94
CA THR D 63 -19.06 -45.16 25.81
C THR D 63 -19.32 -45.47 24.32
N VAL D 64 -19.60 -44.43 23.54
CA VAL D 64 -19.79 -44.55 22.10
C VAL D 64 -18.54 -45.09 21.41
N ALA D 65 -17.38 -44.52 21.75
CA ALA D 65 -16.11 -44.91 21.19
C ALA D 65 -15.85 -46.40 21.38
N ARG D 66 -16.12 -46.92 22.59
CA ARG D 66 -15.90 -48.33 22.90
C ARG D 66 -16.84 -49.26 22.17
N ALA D 67 -17.93 -48.72 21.61
CA ALA D 67 -18.98 -49.48 20.91
C ALA D 67 -18.72 -49.53 19.41
N ILE D 68 -17.74 -48.76 18.91
CA ILE D 68 -17.49 -48.71 17.47
C ILE D 68 -16.84 -49.98 17.02
N ASP D 69 -17.49 -50.66 16.07
CA ASP D 69 -16.91 -51.86 15.47
C ASP D 69 -16.14 -51.70 14.12
N THR D 70 -16.41 -50.63 13.40
CA THR D 70 -15.71 -50.41 12.16
C THR D 70 -15.33 -48.97 12.03
N VAL D 71 -14.09 -48.75 11.62
CA VAL D 71 -13.66 -47.44 11.15
C VAL D 71 -13.29 -47.57 9.69
N ALA D 72 -13.65 -46.52 8.95
CA ALA D 72 -13.34 -46.41 7.55
C ALA D 72 -12.77 -45.01 7.35
N GLY D 73 -11.61 -44.94 6.69
CA GLY D 73 -11.00 -43.65 6.30
C GLY D 73 -10.91 -43.49 4.79
N THR D 74 -11.04 -42.26 4.31
CA THR D 74 -10.79 -42.02 2.90
C THR D 74 -9.31 -41.85 2.72
N ARG D 75 -8.88 -42.16 1.50
CA ARG D 75 -7.48 -42.17 1.13
C ARG D 75 -6.85 -40.75 1.02
N SER D 91 1.64 -45.61 8.53
CA SER D 91 1.33 -47.00 8.25
C SER D 91 -0.15 -47.45 8.37
N ASN D 92 -0.81 -47.33 9.54
CA ASN D 92 -2.28 -47.59 9.68
C ASN D 92 -3.05 -46.30 10.10
N TYR D 93 -3.52 -45.57 9.10
CA TYR D 93 -4.10 -44.27 9.37
C TYR D 93 -5.47 -44.37 10.10
N PRO D 94 -6.39 -45.23 9.62
CA PRO D 94 -7.65 -45.47 10.33
C PRO D 94 -7.53 -45.97 11.79
N ARG D 95 -6.66 -46.93 12.08
CA ARG D 95 -6.42 -47.35 13.47
C ARG D 95 -5.79 -46.30 14.35
N SER D 96 -4.89 -45.47 13.80
CA SER D 96 -4.32 -44.39 14.62
C SER D 96 -5.43 -43.44 15.06
N VAL D 97 -6.41 -43.21 14.18
CA VAL D 97 -7.48 -42.26 14.45
C VAL D 97 -8.29 -42.90 15.55
N ALA D 98 -8.52 -44.21 15.39
CA ALA D 98 -9.26 -44.99 16.38
C ALA D 98 -8.66 -44.93 17.80
N ARG D 99 -7.37 -45.19 17.93
CA ARG D 99 -6.70 -45.18 19.21
C ARG D 99 -6.85 -43.81 19.85
N ASN D 100 -6.53 -42.77 19.09
CA ASN D 100 -6.68 -41.39 19.55
C ASN D 100 -8.04 -40.97 20.15
N ILE D 101 -9.13 -41.60 19.70
CA ILE D 101 -10.49 -41.30 20.22
C ILE D 101 -10.98 -42.34 21.23
N GLY D 102 -10.22 -43.42 21.46
CA GLY D 102 -10.54 -44.42 22.48
C GLY D 102 -11.37 -45.57 21.98
N ALA D 103 -11.28 -45.85 20.67
CA ALA D 103 -11.96 -46.98 20.03
C ALA D 103 -10.99 -48.12 19.83
N ASP D 104 -11.52 -49.33 19.75
CA ASP D 104 -10.72 -50.54 19.43
C ASP D 104 -11.62 -51.46 18.61
N PRO D 105 -11.82 -51.10 17.32
CA PRO D 105 -12.77 -51.76 16.46
C PRO D 105 -12.22 -53.02 15.80
N ALA D 106 -13.09 -53.99 15.59
CA ALA D 106 -12.69 -55.18 14.90
C ALA D 106 -12.25 -54.86 13.46
N HIS D 107 -12.98 -54.05 12.68
CA HIS D 107 -12.54 -53.76 11.30
C HIS D 107 -12.09 -52.32 11.08
N ALA D 108 -10.98 -52.18 10.37
CA ALA D 108 -10.53 -50.90 9.84
C ALA D 108 -10.51 -51.01 8.31
N VAL D 109 -11.07 -50.00 7.65
CA VAL D 109 -11.02 -49.88 6.20
C VAL D 109 -10.24 -48.63 5.66
N LEU D 110 -9.38 -48.83 4.68
CA LEU D 110 -8.87 -47.73 3.82
C LEU D 110 -9.47 -47.85 2.42
N GLU D 111 -10.30 -46.86 2.08
CA GLU D 111 -11.15 -46.89 0.89
C GLU D 111 -10.33 -46.53 -0.36
N VAL D 112 -10.84 -46.86 -1.55
CA VAL D 112 -10.31 -46.41 -2.84
C VAL D 112 -10.28 -44.86 -2.99
N ILE D 113 -9.50 -44.38 -3.97
CA ILE D 113 -9.44 -42.91 -4.27
C ILE D 113 -10.74 -42.38 -4.91
N GLY D 114 -10.97 -41.07 -4.81
CA GLY D 114 -11.95 -40.37 -5.64
C GLY D 114 -12.96 -39.63 -4.79
N GLY D 115 -13.45 -38.50 -5.29
CA GLY D 115 -14.46 -37.70 -4.57
C GLY D 115 -15.85 -38.28 -4.30
N GLN D 116 -16.15 -39.43 -4.90
CA GLN D 116 -17.36 -40.22 -4.63
C GLN D 116 -17.28 -40.98 -3.28
N SER D 117 -16.08 -41.27 -2.84
CA SER D 117 -15.89 -42.15 -1.70
C SER D 117 -16.66 -41.84 -0.37
N PRO D 118 -16.69 -40.57 0.12
CA PRO D 118 -17.45 -40.34 1.31
C PRO D 118 -18.89 -40.84 1.17
N GLN D 119 -19.52 -40.56 0.04
CA GLN D 119 -20.93 -40.92 -0.06
C GLN D 119 -21.03 -42.40 -0.32
N HIS D 120 -20.17 -42.93 -1.18
CA HIS D 120 -20.15 -44.38 -1.47
C HIS D 120 -20.00 -45.16 -0.14
N LEU D 121 -19.20 -44.63 0.77
CA LEU D 121 -18.89 -45.26 2.03
C LEU D 121 -20.04 -45.22 3.00
N ALA D 122 -20.72 -44.08 3.09
CA ALA D 122 -21.95 -44.00 3.88
C ALA D 122 -23.03 -44.95 3.37
N THR D 123 -23.13 -45.10 2.05
CA THR D 123 -24.11 -45.99 1.47
C THR D 123 -23.74 -47.44 1.77
N GLU D 124 -22.49 -47.77 1.59
CA GLU D 124 -22.04 -49.12 1.87
C GLU D 124 -22.27 -49.54 3.34
N PHE D 125 -21.91 -48.68 4.30
CA PHE D 125 -22.15 -49.05 5.67
C PHE D 125 -23.54 -48.88 6.15
N GLY D 126 -24.34 -48.10 5.45
CA GLY D 126 -25.80 -48.13 5.63
C GLY D 126 -26.37 -49.49 5.28
N GLY D 127 -26.00 -50.01 4.11
CA GLY D 127 -26.35 -51.37 3.68
C GLY D 127 -25.94 -52.49 4.63
N LYS D 128 -24.72 -52.41 5.17
CA LYS D 128 -24.22 -53.44 6.07
C LYS D 128 -24.80 -53.36 7.48
N ILE D 129 -25.26 -52.17 7.89
CA ILE D 129 -25.92 -52.03 9.17
C ILE D 129 -27.39 -52.47 8.97
N ALA D 130 -27.94 -52.28 7.78
CA ALA D 130 -29.31 -52.67 7.53
C ALA D 130 -29.44 -54.19 7.53
N ALA D 131 -28.44 -54.87 7.01
CA ALA D 131 -28.37 -56.31 7.13
C ALA D 131 -27.83 -56.59 8.54
N GLY D 132 -27.32 -57.79 8.80
CA GLY D 132 -26.87 -58.07 10.18
C GLY D 132 -25.55 -57.48 10.63
N GLU D 133 -24.69 -57.19 9.64
CA GLU D 133 -23.20 -57.17 9.74
C GLU D 133 -22.48 -56.19 10.69
N ASN D 134 -22.93 -54.95 10.77
CA ASN D 134 -22.30 -53.98 11.62
C ASN D 134 -23.33 -53.26 12.47
N ASP D 135 -22.88 -52.63 13.54
CA ASP D 135 -23.81 -51.87 14.42
C ASP D 135 -23.41 -50.40 14.55
N VAL D 136 -22.13 -50.13 14.83
CA VAL D 136 -21.60 -48.77 14.93
C VAL D 136 -20.37 -48.59 14.05
N VAL D 137 -20.45 -47.60 13.16
CA VAL D 137 -19.39 -47.32 12.19
C VAL D 137 -19.01 -45.86 12.25
N LEU D 138 -17.71 -45.59 12.23
CA LEU D 138 -17.15 -44.25 12.08
C LEU D 138 -16.39 -44.05 10.79
N ILE D 139 -16.80 -43.05 10.02
CA ILE D 139 -16.17 -42.74 8.77
C ILE D 139 -15.47 -41.42 8.94
N PHE D 140 -14.29 -41.23 8.37
CA PHE D 140 -13.57 -39.94 8.49
C PHE D 140 -12.60 -39.77 7.34
N GLY D 141 -12.01 -38.57 7.29
CA GLY D 141 -11.10 -38.20 6.23
C GLY D 141 -10.52 -36.86 6.53
N SER D 142 -9.46 -36.50 5.80
CA SER D 142 -8.71 -35.27 6.08
C SER D 142 -7.68 -34.99 4.99
N GLU D 143 -7.20 -33.75 4.97
CA GLU D 143 -6.12 -33.31 4.11
C GLU D 143 -5.25 -32.25 4.74
N ASN D 144 -4.00 -32.24 4.26
CA ASN D 144 -2.89 -31.41 4.75
C ASN D 144 -2.47 -30.29 3.81
N THR D 145 -1.81 -29.25 4.33
CA THR D 145 -1.06 -28.32 3.44
C THR D 145 0.16 -29.04 2.82
N SER D 146 0.75 -29.98 3.57
CA SER D 146 1.80 -30.91 3.06
C SER D 146 3.03 -30.76 3.96
N ARG D 185 -0.41 -40.39 -21.86
CA ARG D 185 0.75 -40.31 -22.71
C ARG D 185 0.55 -39.22 -23.72
N HIS D 186 -0.71 -38.83 -23.80
CA HIS D 186 -1.06 -37.60 -24.39
C HIS D 186 -1.18 -36.84 -23.12
N GLY D 187 -1.41 -35.56 -23.20
CA GLY D 187 -1.38 -34.82 -21.96
C GLY D 187 -2.17 -35.20 -20.71
N LEU D 188 -3.21 -36.02 -20.81
CA LEU D 188 -4.27 -35.92 -19.86
C LEU D 188 -3.95 -36.62 -18.55
N ILE D 189 -3.38 -35.89 -17.61
CA ILE D 189 -3.15 -36.46 -16.28
C ILE D 189 -3.83 -35.72 -15.14
N GLY D 190 -3.67 -34.42 -15.12
CA GLY D 190 -4.28 -33.56 -14.14
C GLY D 190 -5.74 -33.49 -14.45
N ALA D 191 -6.51 -33.18 -13.41
CA ALA D 191 -7.95 -33.07 -13.48
C ALA D 191 -8.33 -31.92 -14.33
N PRO D 192 -7.67 -30.79 -14.18
CA PRO D 192 -8.15 -29.62 -14.93
C PRO D 192 -8.18 -29.76 -16.47
N VAL D 193 -7.15 -30.38 -17.04
CA VAL D 193 -7.03 -30.52 -18.49
C VAL D 193 -8.09 -31.48 -19.04
N GLN D 194 -8.46 -32.48 -18.25
CA GLN D 194 -9.46 -33.45 -18.65
C GLN D 194 -10.85 -32.91 -18.55
N TYR D 195 -11.12 -32.14 -17.51
CA TYR D 195 -12.41 -31.46 -17.35
C TYR D 195 -12.64 -30.38 -18.38
N GLY D 196 -11.55 -29.80 -18.90
CA GLY D 196 -11.61 -28.82 -19.96
C GLY D 196 -12.23 -29.38 -21.21
N LEU D 197 -11.85 -30.61 -21.55
CA LEU D 197 -12.37 -31.30 -22.72
C LEU D 197 -13.85 -31.62 -22.54
N LEU D 198 -14.24 -32.02 -21.33
CA LEU D 198 -15.63 -32.34 -21.09
C LEU D 198 -16.47 -31.08 -21.21
N GLU D 199 -15.92 -29.99 -20.68
CA GLU D 199 -16.57 -28.71 -20.65
C GLU D 199 -16.73 -28.05 -22.05
N ASN D 200 -15.72 -28.18 -22.92
CA ASN D 200 -15.87 -27.73 -24.31
C ASN D 200 -16.73 -28.68 -25.16
N ALA D 201 -16.79 -29.97 -24.82
CA ALA D 201 -17.75 -30.88 -25.50
C ALA D 201 -19.24 -30.55 -25.20
N ARG D 202 -19.49 -30.03 -23.99
CA ARG D 202 -20.82 -29.63 -23.60
C ARG D 202 -21.18 -28.35 -24.33
N ARG D 203 -20.21 -27.46 -24.45
CA ARG D 203 -20.36 -26.23 -25.19
C ARG D 203 -20.71 -26.50 -26.66
N ALA D 204 -20.12 -27.55 -27.24
CA ALA D 204 -20.45 -28.00 -28.61
C ALA D 204 -21.93 -28.41 -28.74
N ARG D 205 -22.35 -29.38 -27.93
CA ARG D 205 -23.71 -29.84 -27.99
C ARG D 205 -24.73 -28.69 -27.81
N LEU D 206 -24.48 -27.75 -26.90
CA LEU D 206 -25.42 -26.67 -26.65
C LEU D 206 -25.39 -25.57 -27.72
N GLY D 207 -24.37 -25.60 -28.58
CA GLY D 207 -24.12 -24.54 -29.57
C GLY D 207 -23.86 -23.13 -29.02
N LEU D 208 -23.36 -23.00 -27.79
CA LEU D 208 -23.01 -21.68 -27.24
C LEU D 208 -21.63 -21.23 -27.76
N SER D 209 -21.41 -19.93 -27.85
CA SER D 209 -20.10 -19.37 -28.21
C SER D 209 -19.17 -19.39 -26.98
N VAL D 210 -17.89 -19.17 -27.23
CA VAL D 210 -16.89 -19.17 -26.16
C VAL D 210 -17.26 -18.17 -25.05
N ALA D 211 -17.58 -16.93 -25.41
CA ALA D 211 -17.86 -15.91 -24.40
C ALA D 211 -19.15 -16.14 -23.63
N ASP D 212 -20.10 -16.77 -24.31
CA ASP D 212 -21.43 -17.08 -23.77
C ASP D 212 -21.34 -18.14 -22.70
N TYR D 213 -20.58 -19.18 -23.02
CA TYR D 213 -20.30 -20.25 -22.10
C TYR D 213 -19.50 -19.75 -20.91
N ARG D 214 -18.54 -18.88 -21.16
CA ARG D 214 -17.79 -18.36 -20.05
C ARG D 214 -18.72 -17.61 -19.10
N LEU D 215 -19.79 -17.04 -19.63
CA LEU D 215 -20.78 -16.35 -18.79
C LEU D 215 -21.63 -17.33 -17.99
N ALA D 216 -22.04 -18.42 -18.62
CA ALA D 216 -22.80 -19.44 -17.91
C ALA D 216 -22.03 -20.01 -16.69
N ALA D 218 -19.47 -18.57 -14.93
CA ALA D 218 -19.40 -17.55 -13.90
C ALA D 218 -20.72 -17.37 -13.12
N GLU D 219 -21.84 -17.52 -13.83
CA GLU D 219 -23.19 -17.41 -13.25
C GLU D 219 -23.57 -18.59 -12.38
N LEU D 220 -23.07 -19.76 -12.78
CA LEU D 220 -23.16 -20.93 -11.96
C LEU D 220 -22.37 -20.83 -10.64
N PHE D 221 -21.15 -20.27 -10.72
CA PHE D 221 -20.18 -20.35 -9.62
C PHE D 221 -20.18 -19.21 -8.63
N ALA D 222 -20.68 -18.05 -9.01
CA ALA D 222 -20.70 -16.88 -8.11
C ALA D 222 -21.57 -17.09 -6.87
N PRO D 223 -22.81 -17.61 -7.01
CA PRO D 223 -23.61 -17.99 -5.83
C PRO D 223 -22.87 -19.00 -4.94
N PHE D 224 -22.05 -19.87 -5.55
CA PHE D 224 -21.17 -20.80 -4.81
C PHE D 224 -20.18 -20.10 -3.86
N SER D 225 -19.40 -19.16 -4.39
CA SER D 225 -18.43 -18.47 -3.59
C SER D 225 -19.04 -17.53 -2.52
N LYS D 226 -20.33 -17.20 -2.67
CA LYS D 226 -21.04 -16.44 -1.66
C LYS D 226 -21.39 -17.29 -0.45
N VAL D 227 -22.00 -18.44 -0.70
CA VAL D 227 -22.24 -19.46 0.34
C VAL D 227 -20.92 -19.85 1.05
N ALA D 228 -19.85 -20.00 0.26
CA ALA D 228 -18.55 -20.33 0.78
C ALA D 228 -18.01 -19.29 1.74
N ALA D 229 -18.22 -18.01 1.45
CA ALA D 229 -17.66 -16.92 2.27
C ALA D 229 -18.23 -16.83 3.68
N LYS D 230 -19.52 -17.17 3.83
CA LYS D 230 -20.23 -17.18 5.13
C LYS D 230 -20.14 -18.50 5.91
N ASN D 231 -19.63 -19.56 5.26
CA ASN D 231 -19.29 -20.82 5.92
C ASN D 231 -17.93 -20.72 6.68
N PRO D 232 -17.97 -20.81 8.03
CA PRO D 232 -16.77 -20.68 8.87
C PRO D 232 -15.68 -21.76 8.57
N TYR D 233 -16.12 -22.91 8.09
CA TYR D 233 -15.24 -24.02 7.79
C TYR D 233 -14.49 -23.83 6.49
N SER D 234 -14.86 -22.83 5.70
CA SER D 234 -14.12 -22.48 4.49
C SER D 234 -12.82 -21.90 4.90
N SER D 235 -11.78 -22.29 4.16
CA SER D 235 -10.42 -21.81 4.42
C SER D 235 -10.13 -20.67 3.48
N ALA D 236 -9.78 -19.51 4.07
CA ALA D 236 -9.46 -18.27 3.34
C ALA D 236 -10.35 -17.99 2.09
N PRO D 237 -11.68 -17.75 2.28
CA PRO D 237 -12.52 -17.55 1.09
C PRO D 237 -12.82 -16.06 0.83
N THR D 238 -12.64 -15.61 -0.40
CA THR D 238 -13.16 -14.29 -0.77
C THR D 238 -14.35 -14.52 -1.69
N GLU D 239 -15.43 -13.76 -1.47
CA GLU D 239 -16.58 -13.78 -2.38
C GLU D 239 -16.26 -13.10 -3.73
N ARG D 240 -16.77 -13.67 -4.82
CA ARG D 240 -16.50 -13.20 -6.18
C ARG D 240 -17.81 -12.95 -6.93
N SER D 241 -17.84 -11.85 -7.68
CA SER D 241 -18.99 -11.54 -8.55
C SER D 241 -18.87 -12.23 -9.89
N VAL D 242 -19.99 -12.28 -10.61
CA VAL D 242 -20.06 -12.84 -11.96
C VAL D 242 -19.02 -12.21 -12.90
N GLU D 243 -18.88 -10.88 -12.84
CA GLU D 243 -17.97 -10.14 -13.74
C GLU D 243 -16.50 -10.36 -13.37
N GLU D 244 -16.23 -10.41 -12.08
CA GLU D 244 -14.90 -10.73 -11.57
C GLU D 244 -14.40 -12.09 -12.08
N LEU D 245 -15.27 -13.10 -12.07
CA LEU D 245 -14.92 -14.46 -12.48
C LEU D 245 -14.66 -14.58 -13.98
N LEU D 246 -15.40 -13.79 -14.74
CA LEU D 246 -15.44 -13.94 -16.20
C LEU D 246 -14.40 -13.07 -16.92
N THR D 247 -13.90 -12.05 -16.24
CA THR D 247 -12.97 -11.08 -16.81
C THR D 247 -11.54 -11.51 -16.57
N VAL D 248 -10.85 -11.79 -17.68
CA VAL D 248 -9.46 -12.21 -17.63
C VAL D 248 -8.52 -11.04 -17.33
N THR D 249 -7.76 -11.18 -16.24
CA THR D 249 -6.78 -10.17 -15.84
C THR D 249 -5.39 -10.84 -15.69
N ALA D 250 -4.40 -10.09 -15.21
CA ALA D 250 -3.11 -10.69 -14.85
C ALA D 250 -3.28 -11.61 -13.62
N SER D 251 -4.22 -11.22 -12.75
CA SER D 251 -4.57 -11.95 -11.52
C SER D 251 -5.44 -13.21 -11.78
N ASN D 252 -6.43 -13.09 -12.66
CA ASN D 252 -7.36 -14.17 -13.05
C ASN D 252 -7.08 -14.63 -14.47
N ARG D 253 -5.88 -15.16 -14.69
CA ARG D 253 -5.45 -15.53 -16.05
C ARG D 253 -5.95 -16.92 -16.47
N ILE D 255 -5.69 -20.54 -17.35
CA ILE D 255 -4.83 -21.67 -16.94
C ILE D 255 -4.92 -22.82 -17.94
N VAL D 256 -6.11 -23.42 -18.02
CA VAL D 256 -6.40 -24.51 -18.93
C VAL D 256 -7.78 -24.20 -19.53
N ASP D 257 -7.88 -24.21 -20.86
CA ASP D 257 -9.12 -23.86 -21.52
C ASP D 257 -10.26 -24.80 -21.11
N PRO D 258 -11.44 -24.23 -20.75
CA PRO D 258 -11.86 -22.85 -20.84
C PRO D 258 -11.84 -22.05 -19.52
N TYR D 259 -11.10 -22.53 -18.53
CA TYR D 259 -11.16 -21.90 -17.20
C TYR D 259 -10.10 -20.86 -16.90
N PRO D 260 -10.54 -19.71 -16.38
CA PRO D 260 -9.70 -18.71 -15.76
C PRO D 260 -9.34 -19.12 -14.35
N ARG D 261 -8.22 -18.61 -13.87
CA ARG D 261 -7.70 -18.97 -12.55
C ARG D 261 -8.70 -18.96 -11.39
N LEU D 262 -9.55 -17.94 -11.27
CA LEU D 262 -10.37 -17.80 -10.06
C LEU D 262 -11.43 -18.88 -9.94
N VAL D 264 -10.79 -22.03 -10.39
CA VAL D 264 -10.09 -23.27 -10.17
C VAL D 264 -8.93 -22.87 -9.32
N ALA D 265 -8.51 -23.71 -8.39
CA ALA D 265 -7.58 -23.31 -7.35
C ALA D 265 -7.34 -24.47 -6.38
N GLN D 268 -5.21 -24.69 -0.56
CA GLN D 268 -4.84 -25.90 0.16
C GLN D 268 -5.06 -25.66 1.64
N VAL D 269 -5.63 -26.63 2.32
CA VAL D 269 -6.14 -26.39 3.65
C VAL D 269 -5.71 -27.45 4.55
N ASN D 270 -6.13 -27.28 5.78
CA ASN D 270 -6.07 -28.28 6.81
C ASN D 270 -7.46 -28.52 7.27
N GLN D 271 -8.06 -29.63 6.93
CA GLN D 271 -9.42 -29.89 7.40
C GLN D 271 -9.73 -31.37 7.58
N GLY D 272 -10.62 -31.69 8.52
CA GLY D 272 -11.10 -33.03 8.65
C GLY D 272 -12.61 -33.08 8.73
N ALA D 273 -13.16 -34.25 8.43
CA ALA D 273 -14.59 -34.50 8.57
C ALA D 273 -14.84 -35.93 9.05
N ALA D 274 -15.90 -36.19 9.80
CA ALA D 274 -16.23 -37.55 10.20
C ALA D 274 -17.74 -37.71 10.27
N LEU D 275 -18.24 -38.88 9.92
CA LEU D 275 -19.64 -39.25 10.21
C LEU D 275 -19.78 -40.47 11.12
N LEU D 276 -20.66 -40.35 12.10
CA LEU D 276 -20.94 -41.44 13.00
C LEU D 276 -22.30 -41.96 12.69
N SER D 279 -27.08 -48.41 13.95
CA SER D 279 -28.42 -48.98 13.89
C SER D 279 -29.22 -48.22 14.92
N VAL D 280 -30.51 -48.04 14.63
CA VAL D 280 -31.47 -47.41 15.53
C VAL D 280 -31.51 -48.12 16.91
N GLU D 281 -31.33 -49.43 16.90
CA GLU D 281 -31.16 -50.19 18.12
C GLU D 281 -29.95 -49.73 18.95
N SER D 282 -28.81 -49.51 18.28
CA SER D 282 -27.61 -49.05 18.97
C SER D 282 -27.75 -47.63 19.48
N ALA D 283 -28.52 -46.84 18.77
CA ALA D 283 -28.82 -45.47 19.17
C ALA D 283 -29.64 -45.39 20.46
N ARG D 284 -30.44 -46.42 20.66
CA ARG D 284 -31.29 -46.52 21.82
C ARG D 284 -30.48 -47.00 23.00
N LYS D 285 -29.73 -48.08 22.81
CA LYS D 285 -28.96 -48.69 23.89
C LYS D 285 -27.80 -47.80 24.29
N LEU D 286 -27.54 -46.78 23.49
CA LEU D 286 -26.47 -45.86 23.77
C LEU D 286 -26.99 -44.55 24.23
N GLY D 287 -28.20 -44.23 23.84
CA GLY D 287 -28.84 -43.09 24.46
C GLY D 287 -28.73 -41.78 23.75
N VAL D 288 -28.82 -41.82 22.43
CA VAL D 288 -28.75 -40.65 21.61
C VAL D 288 -30.11 -40.07 21.39
N PRO D 289 -30.31 -38.81 21.75
CA PRO D 289 -31.56 -38.13 21.49
C PRO D 289 -32.07 -38.34 20.10
N GLU D 290 -33.35 -38.56 19.98
CA GLU D 290 -33.91 -38.86 18.70
C GLU D 290 -33.83 -37.66 17.79
N GLU D 291 -33.77 -36.48 18.35
CA GLU D 291 -33.72 -35.32 17.47
C GLU D 291 -32.38 -35.22 16.71
N LYS D 292 -31.45 -36.11 17.03
CA LYS D 292 -30.16 -36.20 16.32
C LYS D 292 -30.16 -37.21 15.17
N TRP D 293 -31.16 -38.08 15.09
CA TRP D 293 -31.12 -39.12 14.07
C TRP D 293 -31.56 -38.62 12.72
N VAL D 294 -30.76 -38.98 11.71
CA VAL D 294 -31.01 -38.66 10.32
C VAL D 294 -30.88 -39.94 9.51
N TYR D 295 -31.83 -40.15 8.61
CA TYR D 295 -31.94 -41.39 7.81
C TYR D 295 -31.38 -41.20 6.43
N LEU D 296 -30.70 -42.21 5.94
CA LEU D 296 -30.26 -42.20 4.57
C LEU D 296 -31.40 -42.85 3.75
N ARG D 297 -32.34 -42.00 3.36
CA ARG D 297 -33.52 -42.41 2.65
C ARG D 297 -33.24 -42.86 1.21
N GLY D 298 -32.48 -42.08 0.45
CA GLY D 298 -32.16 -42.48 -0.92
C GLY D 298 -30.67 -42.60 -1.18
N HIS D 299 -30.30 -43.42 -2.15
CA HIS D 299 -28.91 -43.64 -2.49
C HIS D 299 -28.78 -44.32 -3.83
N ALA D 300 -27.65 -44.11 -4.48
CA ALA D 300 -27.26 -44.86 -5.68
C ALA D 300 -25.78 -44.58 -5.99
N ASP D 301 -25.14 -45.55 -6.64
CA ASP D 301 -23.74 -45.43 -7.05
C ASP D 301 -23.64 -45.84 -8.51
N LYS D 303 -21.24 -45.49 -12.39
CA LYS D 303 -19.91 -45.40 -12.95
C LYS D 303 -19.95 -45.25 -14.48
N GLU D 304 -19.11 -44.37 -15.01
CA GLU D 304 -18.95 -44.17 -16.43
C GLU D 304 -17.76 -44.91 -16.93
N PRO D 305 -17.72 -45.20 -18.23
CA PRO D 305 -16.58 -45.81 -18.88
C PRO D 305 -15.51 -44.81 -19.22
N LYS D 306 -14.37 -45.22 -19.72
CA LYS D 306 -13.27 -44.31 -20.00
C LYS D 306 -13.73 -43.21 -20.87
N LEU D 307 -13.43 -42.00 -20.52
CA LEU D 307 -14.08 -40.93 -21.20
C LEU D 307 -14.12 -40.96 -22.74
N LEU D 308 -13.12 -41.53 -23.38
CA LEU D 308 -13.15 -41.58 -24.83
C LEU D 308 -14.09 -42.64 -25.42
N GLU D 309 -14.67 -43.48 -24.58
CA GLU D 309 -15.69 -44.41 -24.99
C GLU D 309 -17.08 -43.80 -24.92
N ARG D 310 -17.23 -42.72 -24.18
CA ARG D 310 -18.55 -42.13 -23.93
C ARG D 310 -19.32 -41.53 -25.12
N ALA D 311 -20.59 -41.90 -25.18
CA ALA D 311 -21.54 -41.39 -26.12
C ALA D 311 -21.46 -39.88 -26.32
N ASP D 312 -21.42 -39.13 -25.24
CA ASP D 312 -21.23 -37.70 -25.31
C ASP D 312 -20.18 -37.30 -24.34
N ILE D 313 -19.09 -36.76 -24.82
CA ILE D 313 -18.10 -36.28 -23.89
C ILE D 313 -18.64 -35.14 -23.04
N GLY D 314 -19.67 -34.44 -23.54
CA GLY D 314 -20.27 -33.31 -22.89
C GLY D 314 -21.38 -33.65 -21.94
N ALA D 315 -21.47 -34.91 -21.61
CA ALA D 315 -22.46 -35.38 -20.70
C ALA D 315 -22.07 -36.62 -19.98
N SER D 316 -22.78 -36.85 -18.91
CA SER D 316 -22.59 -38.04 -18.09
C SER D 316 -23.97 -38.59 -17.64
N PRO D 317 -24.54 -39.52 -18.43
CA PRO D 317 -25.86 -40.09 -18.15
C PRO D 317 -25.92 -40.94 -16.88
N ALA D 318 -24.81 -41.56 -16.52
CA ALA D 318 -24.66 -42.31 -15.26
C ALA D 318 -24.83 -41.43 -14.01
N SER D 319 -24.38 -40.19 -14.06
CA SER D 319 -24.53 -39.36 -12.88
C SER D 319 -25.99 -39.00 -12.67
N VAL D 320 -26.72 -38.77 -13.78
CA VAL D 320 -28.13 -38.41 -13.74
C VAL D 320 -28.94 -39.60 -13.26
N THR D 321 -28.64 -40.77 -13.84
CA THR D 321 -29.25 -42.04 -13.44
C THR D 321 -29.12 -42.30 -11.93
N ALA D 322 -27.94 -42.02 -11.40
CA ALA D 322 -27.71 -42.14 -9.99
C ALA D 322 -28.62 -41.22 -9.19
N VAL D 323 -28.69 -39.94 -9.56
CA VAL D 323 -29.61 -38.99 -8.95
C VAL D 323 -31.07 -39.52 -8.97
N ASN D 324 -31.51 -40.02 -10.09
CA ASN D 324 -32.88 -40.44 -10.27
C ASN D 324 -33.25 -41.69 -9.54
N GLU D 325 -32.32 -42.61 -9.36
CA GLU D 325 -32.60 -43.79 -8.59
C GLU D 325 -32.58 -43.57 -7.12
N ALA D 326 -31.99 -42.49 -6.66
CA ALA D 326 -31.91 -42.21 -5.25
C ALA D 326 -33.12 -41.42 -4.89
N LEU D 327 -33.61 -40.73 -5.87
CA LEU D 327 -34.91 -40.17 -5.78
C LEU D 327 -35.93 -41.28 -5.52
N ARG D 328 -36.10 -42.17 -6.46
CA ARG D 328 -37.04 -43.25 -6.31
C ARG D 328 -37.05 -43.88 -4.92
N VAL D 329 -35.96 -44.52 -4.62
CA VAL D 329 -35.64 -45.36 -3.51
C VAL D 329 -35.97 -44.57 -2.30
N ALA D 330 -36.05 -43.27 -2.43
CA ALA D 330 -36.43 -42.46 -1.30
C ALA D 330 -37.89 -42.18 -1.36
N GLY D 331 -38.48 -42.35 -2.52
CA GLY D 331 -39.90 -42.20 -2.63
C GLY D 331 -40.32 -40.78 -2.83
N ILE D 332 -39.48 -39.99 -3.44
CA ILE D 332 -39.88 -38.63 -3.73
C ILE D 332 -39.52 -38.23 -5.14
N GLY D 333 -39.76 -36.96 -5.43
CA GLY D 333 -39.37 -36.39 -6.73
C GLY D 333 -38.50 -35.16 -6.55
N LEU D 334 -37.84 -34.77 -7.64
CA LEU D 334 -36.95 -33.63 -7.59
C LEU D 334 -37.49 -32.39 -6.86
N ASP D 335 -38.80 -32.15 -6.95
CA ASP D 335 -39.43 -30.97 -6.33
C ASP D 335 -39.57 -31.06 -4.79
N ASP D 336 -39.48 -32.28 -4.28
CA ASP D 336 -39.63 -32.52 -2.86
C ASP D 336 -38.34 -32.24 -2.06
N VAL D 337 -37.23 -32.03 -2.76
CA VAL D 337 -35.94 -31.74 -2.15
C VAL D 337 -35.86 -30.29 -1.63
N ALA D 338 -35.34 -30.08 -0.43
CA ALA D 338 -35.23 -28.74 0.17
C ALA D 338 -33.86 -28.10 -0.04
N ALA D 339 -32.82 -28.92 -0.20
CA ALA D 339 -31.41 -28.47 -0.22
C ALA D 339 -30.55 -29.43 -1.02
N PHE D 340 -29.54 -28.88 -1.71
CA PHE D 340 -28.61 -29.65 -2.53
C PHE D 340 -27.19 -29.33 -2.15
N ASP D 341 -26.36 -30.37 -2.06
CA ASP D 341 -24.89 -30.22 -2.16
C ASP D 341 -24.38 -31.01 -3.35
N LEU D 342 -24.16 -30.32 -4.45
CA LEU D 342 -23.66 -30.94 -5.65
C LEU D 342 -22.16 -30.71 -5.79
N TYR D 343 -21.46 -31.77 -6.16
CA TYR D 343 -20.02 -31.73 -6.21
C TYR D 343 -19.55 -30.83 -7.35
N SER D 344 -18.59 -29.96 -7.06
CA SER D 344 -18.23 -28.86 -7.91
C SER D 344 -16.74 -28.48 -7.93
N CYS D 345 -15.84 -29.37 -8.35
CA CYS D 345 -14.45 -28.90 -8.48
C CYS D 345 -14.41 -27.99 -9.71
N PHE D 346 -15.08 -28.45 -10.75
CA PHE D 346 -15.31 -27.73 -11.99
C PHE D 346 -16.81 -27.56 -12.25
N PRO D 347 -17.18 -26.60 -13.11
CA PRO D 347 -18.60 -26.40 -13.43
C PRO D 347 -19.30 -27.62 -14.04
N PHE D 348 -18.62 -28.34 -14.91
CA PHE D 348 -19.25 -29.44 -15.63
C PHE D 348 -20.14 -30.40 -14.82
N PRO D 349 -19.61 -31.01 -13.73
CA PRO D 349 -20.41 -32.06 -13.07
C PRO D 349 -21.67 -31.54 -12.40
N VAL D 350 -21.70 -30.23 -12.17
CA VAL D 350 -22.90 -29.54 -11.67
C VAL D 350 -23.83 -29.26 -12.84
N PHE D 351 -23.30 -28.71 -13.92
CA PHE D 351 -24.11 -28.44 -15.09
C PHE D 351 -24.79 -29.70 -15.55
N ASN D 352 -24.06 -30.79 -15.50
CA ASN D 352 -24.49 -32.04 -16.08
C ASN D 352 -25.69 -32.62 -15.31
N ILE D 353 -25.72 -32.43 -13.99
CA ILE D 353 -26.85 -32.90 -13.23
C ILE D 353 -28.05 -32.10 -13.66
N CYS D 354 -27.87 -30.78 -13.73
CA CYS D 354 -28.88 -29.81 -14.18
C CYS D 354 -29.44 -30.03 -15.57
N ASP D 355 -28.62 -30.50 -16.49
CA ASP D 355 -29.04 -30.82 -17.87
C ASP D 355 -29.94 -32.02 -18.00
N GLY D 356 -29.65 -33.10 -17.28
CA GLY D 356 -30.41 -34.35 -17.41
C GLY D 356 -31.59 -34.48 -16.45
N THR D 357 -31.74 -33.47 -15.61
CA THR D 357 -32.69 -33.57 -14.52
C THR D 357 -33.78 -32.50 -14.63
N GLY D 358 -33.49 -31.45 -15.38
CA GLY D 358 -34.39 -30.31 -15.47
C GLY D 358 -34.10 -29.21 -14.46
N LEU D 359 -33.40 -29.53 -13.38
CA LEU D 359 -33.06 -28.56 -12.34
C LEU D 359 -32.38 -27.32 -12.95
N ALA D 360 -32.88 -26.13 -12.62
CA ALA D 360 -32.27 -24.91 -13.18
C ALA D 360 -30.96 -24.60 -12.45
N THR D 361 -30.03 -23.98 -13.17
CA THR D 361 -28.73 -23.58 -12.59
C THR D 361 -28.86 -22.42 -11.56
N ASP D 362 -29.95 -21.67 -11.63
CA ASP D 362 -30.18 -20.53 -10.70
C ASP D 362 -31.23 -20.83 -9.62
N ASP D 363 -31.63 -22.10 -9.54
CA ASP D 363 -32.65 -22.58 -8.60
C ASP D 363 -32.51 -21.98 -7.19
N PRO D 364 -33.61 -21.39 -6.64
CA PRO D 364 -33.59 -20.65 -5.36
C PRO D 364 -33.18 -21.48 -4.13
N ARG D 365 -33.45 -22.78 -4.16
CA ARG D 365 -32.98 -23.74 -3.12
C ARG D 365 -31.42 -23.71 -2.92
N GLY D 366 -30.68 -23.52 -4.03
CA GLY D 366 -29.20 -23.40 -4.00
C GLY D 366 -28.62 -24.72 -4.43
N LEU D 367 -27.46 -24.71 -5.04
CA LEU D 367 -26.85 -25.99 -5.44
C LEU D 367 -25.72 -26.51 -4.50
N THR D 368 -25.37 -25.72 -3.49
CA THR D 368 -24.33 -26.10 -2.55
C THR D 368 -24.71 -25.78 -1.09
N LEU D 369 -24.24 -26.61 -0.18
CA LEU D 369 -24.45 -26.35 1.23
C LEU D 369 -23.17 -25.85 1.86
N THR D 370 -22.07 -26.14 1.19
CA THR D 370 -20.75 -25.95 1.73
C THR D 370 -20.14 -24.68 1.14
N GLY D 371 -20.41 -24.47 -0.14
CA GLY D 371 -19.79 -23.43 -0.90
C GLY D 371 -19.01 -23.96 -2.07
N GLY D 372 -18.77 -25.27 -2.09
CA GLY D 372 -18.20 -25.95 -3.26
C GLY D 372 -16.71 -25.78 -3.38
N LEU D 373 -16.11 -26.44 -4.38
CA LEU D 373 -14.71 -26.82 -4.24
C LEU D 373 -13.67 -25.74 -4.47
N PRO D 374 -13.75 -25.01 -5.58
CA PRO D 374 -12.81 -23.91 -5.81
C PRO D 374 -12.70 -22.89 -4.67
N PHE D 375 -13.79 -22.70 -3.93
CA PHE D 375 -13.89 -21.70 -2.84
C PHE D 375 -13.88 -22.25 -1.41
N PHE D 376 -14.45 -23.43 -1.17
CA PHE D 376 -14.43 -24.01 0.17
C PHE D 376 -13.02 -24.39 0.63
N GLY D 377 -12.22 -24.88 -0.29
CA GLY D 377 -10.88 -25.29 0.04
C GLY D 377 -10.77 -26.80 -0.05
N GLY D 378 -9.60 -27.27 -0.51
CA GLY D 378 -9.33 -28.69 -0.57
C GLY D 378 -8.97 -29.21 -1.96
N LEU D 379 -8.37 -30.39 -1.97
CA LEU D 379 -7.97 -31.09 -3.19
C LEU D 379 -9.11 -31.75 -3.95
N GLY D 380 -10.19 -32.08 -3.25
CA GLY D 380 -11.35 -32.62 -3.89
C GLY D 380 -11.68 -34.02 -3.46
N ASN D 381 -10.80 -34.67 -2.73
CA ASN D 381 -11.05 -36.05 -2.35
C ASN D 381 -12.02 -36.26 -1.19
N ASN D 382 -11.88 -35.47 -0.13
CA ASN D 382 -12.74 -35.66 1.00
C ASN D 382 -13.84 -34.59 1.10
N TYR D 383 -14.00 -33.84 0.01
CA TYR D 383 -14.98 -32.73 -0.01
C TYR D 383 -16.39 -33.15 0.44
N SER D 384 -16.93 -34.21 -0.15
CA SER D 384 -18.32 -34.59 0.07
C SER D 384 -18.67 -35.03 1.48
N HIS D 386 -17.86 -33.11 4.12
CA HIS D 386 -18.30 -31.84 4.61
C HIS D 386 -19.75 -31.58 4.10
N GLY D 387 -20.00 -31.94 2.83
CA GLY D 387 -21.36 -31.96 2.23
C GLY D 387 -22.43 -32.69 3.03
N ILE D 388 -22.17 -33.98 3.29
CA ILE D 388 -22.94 -34.81 4.21
C ILE D 388 -23.11 -34.23 5.62
N ALA D 389 -22.04 -33.68 6.20
CA ALA D 389 -22.16 -33.05 7.51
C ALA D 389 -23.11 -31.85 7.50
N GLU D 390 -23.06 -31.05 6.45
CA GLU D 390 -23.88 -29.86 6.41
C GLU D 390 -25.33 -30.26 6.16
N ALA D 391 -25.51 -31.26 5.28
CA ALA D 391 -26.81 -31.82 4.98
C ALA D 391 -27.47 -32.35 6.26
N VAL D 392 -26.71 -33.05 7.09
CA VAL D 392 -27.24 -33.65 8.28
C VAL D 392 -27.62 -32.57 9.29
N ASN D 393 -26.85 -31.47 9.37
CA ASN D 393 -27.20 -30.33 10.24
C ASN D 393 -28.45 -29.58 9.78
N GLU D 394 -28.53 -29.39 8.48
CA GLU D 394 -29.58 -28.62 7.91
C GLU D 394 -30.92 -29.36 8.08
N ARG D 396 -31.69 -31.60 10.58
CA ARG D 396 -32.14 -31.62 11.97
C ARG D 396 -32.89 -30.34 12.25
N ASP D 397 -32.46 -29.25 11.59
CA ASP D 397 -33.00 -27.91 11.77
C ASP D 397 -34.35 -27.73 11.11
N LYS D 398 -34.65 -28.59 10.13
CA LYS D 398 -35.87 -28.55 9.33
C LYS D 398 -36.44 -29.96 9.25
N PRO D 399 -37.00 -30.46 10.37
CA PRO D 399 -37.35 -31.87 10.45
C PRO D 399 -38.43 -32.20 9.45
N GLY D 400 -38.32 -33.31 8.78
CA GLY D 400 -39.33 -33.71 7.82
C GLY D 400 -38.91 -33.48 6.39
N GLN D 401 -38.09 -32.46 6.16
CA GLN D 401 -37.58 -32.14 4.80
C GLN D 401 -36.44 -33.09 4.34
N PHE D 402 -36.15 -33.06 3.02
CA PHE D 402 -35.11 -33.88 2.37
C PHE D 402 -33.95 -33.08 1.77
N ALA D 403 -32.73 -33.66 1.86
CA ALA D 403 -31.48 -33.05 1.31
C ALA D 403 -30.73 -34.02 0.43
N LEU D 404 -30.29 -33.55 -0.74
CA LEU D 404 -29.56 -34.40 -1.70
C LEU D 404 -28.07 -34.05 -1.76
N VAL D 405 -27.24 -35.08 -1.63
CA VAL D 405 -25.83 -34.94 -1.77
C VAL D 405 -25.34 -35.75 -2.99
N GLY D 406 -24.59 -35.11 -3.88
CA GLY D 406 -23.96 -35.82 -5.02
C GLY D 406 -22.44 -35.73 -4.93
N ALA D 407 -21.77 -36.87 -4.96
CA ALA D 407 -20.32 -36.95 -4.85
C ALA D 407 -19.66 -37.45 -6.13
N ASN D 408 -18.79 -36.65 -6.69
CA ASN D 408 -18.19 -36.95 -7.96
C ASN D 408 -16.75 -37.45 -7.84
N GLY D 409 -16.45 -38.55 -8.51
CA GLY D 409 -15.10 -39.01 -8.68
C GLY D 409 -14.65 -39.08 -10.13
N GLY D 410 -13.37 -38.91 -10.37
CA GLY D 410 -12.79 -39.12 -11.68
C GLY D 410 -12.82 -37.98 -12.64
N ILE D 411 -13.05 -38.30 -13.89
CA ILE D 411 -13.34 -37.30 -14.88
C ILE D 411 -14.79 -37.49 -15.08
N ALA D 412 -15.58 -37.07 -14.12
CA ALA D 412 -17.01 -37.53 -14.09
C ALA D 412 -17.16 -39.05 -14.30
N SER D 413 -16.29 -39.85 -13.70
CA SER D 413 -16.27 -41.32 -13.89
C SER D 413 -17.17 -41.99 -12.88
N LYS D 414 -17.33 -41.38 -11.71
CA LYS D 414 -18.13 -41.95 -10.64
C LYS D 414 -19.03 -40.91 -10.01
N TYR D 415 -20.20 -41.38 -9.59
CA TYR D 415 -21.15 -40.51 -8.93
C TYR D 415 -21.95 -41.28 -7.89
N SER D 416 -22.04 -40.73 -6.70
CA SER D 416 -22.72 -41.37 -5.57
C SER D 416 -23.68 -40.42 -4.92
N VAL D 417 -24.93 -40.82 -4.78
CA VAL D 417 -25.89 -39.88 -4.25
C VAL D 417 -26.44 -40.40 -2.95
N GLY D 418 -26.69 -39.48 -2.04
CA GLY D 418 -27.36 -39.78 -0.82
C GLY D 418 -28.40 -38.73 -0.60
N ILE D 419 -29.55 -39.16 -0.11
CA ILE D 419 -30.65 -38.26 0.30
C ILE D 419 -30.93 -38.51 1.77
N TYR D 420 -31.02 -37.42 2.53
CA TYR D 420 -31.07 -37.47 3.97
C TYR D 420 -32.35 -36.82 4.48
N SER D 421 -32.94 -37.38 5.54
CA SER D 421 -34.06 -36.76 6.25
C SER D 421 -34.23 -37.32 7.64
N THR D 422 -34.88 -36.53 8.51
CA THR D 422 -35.33 -36.98 9.84
C THR D 422 -36.52 -37.94 9.83
N GLU D 423 -37.32 -37.86 8.75
CA GLU D 423 -38.50 -38.71 8.54
C GLU D 423 -38.12 -40.22 8.45
N PRO D 424 -38.52 -41.01 9.42
CA PRO D 424 -38.03 -42.37 9.54
C PRO D 424 -38.39 -43.26 8.40
N ALA D 425 -37.63 -44.32 8.23
CA ALA D 425 -38.01 -45.39 7.31
C ALA D 425 -37.02 -46.48 7.20
N ASP D 426 -37.40 -47.51 6.48
CA ASP D 426 -36.68 -48.74 6.42
C ASP D 426 -35.65 -48.66 5.32
N TRP D 427 -34.43 -49.07 5.57
CA TRP D 427 -33.53 -49.18 4.47
C TRP D 427 -34.22 -49.87 3.31
N VAL D 428 -34.24 -49.20 2.18
CA VAL D 428 -34.66 -49.74 0.89
C VAL D 428 -33.41 -50.03 0.08
N ALA D 429 -33.22 -51.28 -0.36
CA ALA D 429 -32.06 -51.63 -1.22
C ALA D 429 -32.21 -50.93 -2.57
N ASP D 430 -31.14 -50.32 -3.06
CA ASP D 430 -31.14 -49.69 -4.38
C ASP D 430 -30.82 -50.64 -5.53
N ASN D 431 -31.16 -50.18 -6.73
CA ASN D 431 -31.07 -50.99 -7.95
C ASN D 431 -29.84 -50.71 -8.83
N SER D 432 -28.75 -50.26 -8.21
CA SER D 432 -27.57 -49.75 -8.90
C SER D 432 -26.93 -50.82 -9.71
N ALA D 433 -26.86 -52.03 -9.17
CA ALA D 433 -26.19 -53.14 -9.87
C ALA D 433 -26.74 -53.47 -11.28
N GLN D 434 -28.08 -53.47 -11.39
CA GLN D 434 -28.83 -53.72 -12.63
C GLN D 434 -28.84 -52.49 -13.54
N LEU D 435 -28.90 -51.29 -12.95
CA LEU D 435 -28.77 -50.04 -13.70
C LEU D 435 -27.38 -49.81 -14.30
N GLN D 436 -26.35 -50.31 -13.61
CA GLN D 436 -24.98 -50.30 -14.09
C GLN D 436 -24.78 -51.27 -15.26
N ALA D 437 -25.35 -52.46 -15.18
CA ALA D 437 -25.21 -53.47 -16.22
C ALA D 437 -25.95 -53.05 -17.49
N GLU D 438 -27.04 -52.30 -17.34
CA GLU D 438 -27.72 -51.69 -18.50
C GLU D 438 -26.87 -50.66 -19.22
N HIS D 439 -26.28 -49.73 -18.45
CA HIS D 439 -25.38 -48.74 -18.99
C HIS D 439 -24.08 -49.34 -19.55
N ASP D 440 -23.63 -50.46 -19.00
CA ASP D 440 -22.43 -51.17 -19.48
C ASP D 440 -22.67 -51.84 -20.81
N ALA D 441 -23.95 -52.14 -21.07
CA ALA D 441 -24.40 -52.77 -22.31
C ALA D 441 -24.56 -51.76 -23.48
N GLN D 442 -24.57 -50.45 -23.19
CA GLN D 442 -24.57 -49.41 -24.22
C GLN D 442 -23.35 -49.54 -25.17
N PRO D 443 -23.56 -49.27 -26.47
CA PRO D 443 -22.41 -49.40 -27.39
C PRO D 443 -21.32 -48.37 -27.05
N LYS D 444 -20.07 -48.76 -27.23
CA LYS D 444 -18.95 -47.89 -26.92
C LYS D 444 -18.45 -47.33 -28.24
N VAL D 445 -18.13 -46.03 -28.29
CA VAL D 445 -17.53 -45.45 -29.51
C VAL D 445 -16.10 -45.94 -29.72
N ALA D 446 -15.77 -46.23 -30.98
CA ALA D 446 -14.51 -46.89 -31.34
C ALA D 446 -13.32 -45.90 -31.36
N ILE D 447 -12.14 -46.40 -30.99
CA ILE D 447 -10.93 -45.58 -30.90
C ILE D 447 -9.88 -46.10 -31.88
N THR D 448 -9.26 -45.20 -32.65
CA THR D 448 -8.07 -45.57 -33.40
C THR D 448 -6.89 -44.94 -32.66
N GLU D 449 -6.06 -45.76 -32.04
CA GLU D 449 -4.95 -45.19 -31.25
C GLU D 449 -3.95 -44.48 -32.16
N LYS D 450 -3.54 -45.13 -33.25
CA LYS D 450 -2.54 -44.57 -34.19
C LYS D 450 -3.15 -43.89 -35.41
N ALA D 451 -3.81 -42.75 -35.20
CA ALA D 451 -4.55 -42.08 -36.27
C ALA D 451 -3.71 -41.33 -37.30
N ASP D 452 -3.98 -41.64 -38.56
CA ASP D 452 -3.24 -41.12 -39.72
C ASP D 452 -4.21 -40.70 -40.83
N GLY D 453 -4.46 -39.41 -40.98
CA GLY D 453 -5.39 -38.97 -41.99
C GLY D 453 -6.04 -37.69 -41.63
N THR D 454 -7.24 -37.50 -42.16
CA THR D 454 -7.95 -36.24 -42.00
C THR D 454 -9.11 -36.45 -41.05
N GLY D 455 -9.31 -35.50 -40.13
CA GLY D 455 -10.35 -35.63 -39.11
C GLY D 455 -10.98 -34.32 -38.70
N THR D 456 -12.00 -34.43 -37.84
CA THR D 456 -12.75 -33.29 -37.34
C THR D 456 -12.56 -33.15 -35.83
N ILE D 457 -12.42 -31.91 -35.37
CA ILE D 457 -12.30 -31.63 -33.94
C ILE D 457 -13.65 -31.86 -33.18
N GLU D 458 -13.68 -32.75 -32.20
CA GLU D 458 -14.89 -32.92 -31.42
C GLU D 458 -14.86 -32.08 -30.14
N THR D 459 -13.70 -32.07 -29.49
CA THR D 459 -13.43 -31.25 -28.32
C THR D 459 -11.93 -31.00 -28.20
N TYR D 460 -11.57 -30.07 -27.34
CA TYR D 460 -10.23 -29.57 -27.27
C TYR D 460 -10.00 -28.95 -25.91
N THR D 461 -8.73 -28.72 -25.60
CA THR D 461 -8.39 -27.78 -24.54
C THR D 461 -7.04 -27.13 -24.86
N VAL D 462 -6.66 -26.13 -24.10
CA VAL D 462 -5.35 -25.53 -24.28
C VAL D 462 -4.66 -25.37 -22.93
N ARG D 463 -3.37 -25.66 -22.87
CA ARG D 463 -2.57 -25.45 -21.68
C ARG D 463 -1.88 -24.10 -21.76
N TYR D 464 -2.31 -23.19 -20.91
CA TYR D 464 -1.76 -21.85 -20.91
C TYR D 464 -0.59 -21.71 -19.94
N ASP D 465 -0.40 -22.73 -19.14
CA ASP D 465 0.67 -22.71 -18.14
C ASP D 465 1.97 -23.26 -18.76
N TRP D 466 1.87 -23.86 -19.94
CA TRP D 466 3.04 -24.24 -20.73
C TRP D 466 3.37 -23.22 -21.82
N THR D 467 4.66 -23.02 -22.07
CA THR D 467 5.14 -22.28 -23.24
C THR D 467 5.97 -23.24 -24.07
N PRO D 468 5.63 -23.40 -25.36
CA PRO D 468 4.53 -22.65 -26.02
C PRO D 468 3.19 -23.23 -25.62
N HIS D 469 2.12 -22.46 -25.74
CA HIS D 469 0.78 -22.92 -25.38
C HIS D 469 0.51 -24.23 -26.11
N THR D 470 -0.11 -25.18 -25.43
CA THR D 470 -0.23 -26.54 -25.98
C THR D 470 -1.67 -27.01 -26.05
N GLY D 471 -2.09 -27.44 -27.23
CA GLY D 471 -3.45 -27.91 -27.44
C GLY D 471 -3.58 -29.40 -27.35
N ILE D 472 -4.67 -29.85 -26.74
CA ILE D 472 -5.03 -31.22 -26.77
C ILE D 472 -6.36 -31.32 -27.49
N ILE D 473 -6.45 -32.27 -28.41
CA ILE D 473 -7.63 -32.44 -29.22
C ILE D 473 -8.13 -33.88 -29.10
N ILE D 474 -9.46 -34.02 -28.98
CA ILE D 474 -10.16 -35.25 -29.34
C ILE D 474 -10.82 -35.05 -30.72
N GLY D 475 -10.60 -35.95 -31.64
CA GLY D 475 -11.12 -35.74 -32.95
C GLY D 475 -11.72 -36.98 -33.50
N ARG D 476 -12.45 -36.83 -34.59
CA ARG D 476 -13.19 -37.92 -35.18
C ARG D 476 -12.65 -38.07 -36.58
N LEU D 477 -12.56 -39.28 -37.12
CA LEU D 477 -12.07 -39.41 -38.49
C LEU D 477 -13.20 -39.45 -39.52
N ASP D 478 -12.94 -39.96 -40.71
CA ASP D 478 -14.01 -40.31 -41.65
C ASP D 478 -14.82 -41.54 -41.22
N ASP D 479 -14.16 -42.64 -40.83
CA ASP D 479 -14.92 -43.82 -40.35
C ASP D 479 -15.61 -43.66 -38.96
N GLY D 480 -15.42 -42.50 -38.33
CA GLY D 480 -16.19 -42.14 -37.12
C GLY D 480 -15.64 -42.63 -35.78
N SER D 481 -14.45 -43.23 -35.80
CA SER D 481 -13.78 -43.58 -34.56
C SER D 481 -13.00 -42.37 -34.00
N ARG D 482 -12.85 -42.27 -32.68
CA ARG D 482 -12.12 -41.15 -32.07
C ARG D 482 -10.60 -41.36 -31.95
N PHE D 483 -9.88 -40.25 -31.80
CA PHE D 483 -8.46 -40.25 -31.46
C PHE D 483 -8.08 -39.02 -30.62
N LEU D 484 -6.88 -39.05 -30.05
CA LEU D 484 -6.30 -37.92 -29.34
C LEU D 484 -5.12 -37.33 -30.09
N ALA D 485 -4.90 -36.03 -29.94
CA ALA D 485 -3.72 -35.41 -30.52
C ALA D 485 -3.24 -34.23 -29.71
N LYS D 486 -1.94 -34.01 -29.78
CA LYS D 486 -1.27 -32.92 -29.12
C LYS D 486 -0.77 -31.97 -30.19
N THR D 487 -0.67 -30.68 -29.86
CA THR D 487 -0.24 -29.74 -30.88
C THR D 487 0.42 -28.51 -30.30
N LYS D 488 1.50 -28.06 -30.95
CA LYS D 488 2.12 -26.78 -30.63
C LYS D 488 2.16 -25.88 -31.86
N ASP D 489 1.50 -26.34 -32.91
CA ASP D 489 1.30 -25.56 -34.13
C ASP D 489 0.72 -24.15 -33.83
N GLU D 490 1.53 -23.11 -34.05
CA GLU D 490 1.10 -21.69 -33.87
C GLU D 490 -0.30 -21.32 -34.42
N ASP D 491 -0.59 -21.63 -35.71
CA ASP D 491 -1.95 -21.44 -36.34
C ASP D 491 -3.07 -22.21 -35.62
N LEU D 492 -2.86 -23.52 -35.41
CA LEU D 492 -3.87 -24.37 -34.74
C LEU D 492 -4.19 -23.90 -33.32
N VAL D 493 -3.15 -23.62 -32.55
CA VAL D 493 -3.27 -23.11 -31.21
C VAL D 493 -3.90 -21.71 -31.14
N LYS D 494 -3.65 -20.86 -32.13
CA LYS D 494 -4.40 -19.59 -32.26
C LYS D 494 -5.92 -19.83 -32.39
N LEU D 495 -6.32 -20.77 -33.24
CA LEU D 495 -7.72 -21.14 -33.43
C LEU D 495 -8.40 -21.67 -32.16
N LEU D 496 -7.71 -22.59 -31.46
CA LEU D 496 -8.22 -23.13 -30.19
C LEU D 496 -8.33 -22.12 -29.03
N SER D 497 -7.40 -21.16 -28.98
CA SER D 497 -7.36 -20.15 -27.91
C SER D 497 -8.28 -18.97 -28.15
N GLU D 498 -8.39 -18.52 -29.40
CA GLU D 498 -9.04 -17.25 -29.72
C GLU D 498 -10.24 -17.30 -30.63
N GLY D 499 -10.40 -18.37 -31.39
CA GLY D 499 -11.57 -18.53 -32.26
C GLY D 499 -12.56 -19.56 -31.72
N ASP D 500 -13.25 -20.24 -32.63
CA ASP D 500 -14.13 -21.33 -32.29
C ASP D 500 -13.82 -22.49 -33.21
N PRO D 501 -13.03 -23.43 -32.73
CA PRO D 501 -12.56 -24.56 -33.54
C PRO D 501 -13.54 -25.71 -33.73
N ILE D 502 -14.58 -25.86 -32.91
CA ILE D 502 -15.39 -27.04 -33.08
C ILE D 502 -15.80 -27.34 -34.54
N GLY D 503 -15.49 -28.51 -35.07
CA GLY D 503 -15.95 -28.85 -36.40
C GLY D 503 -14.90 -28.87 -37.48
N ALA D 504 -13.81 -28.23 -37.15
CA ALA D 504 -12.69 -27.81 -37.97
C ALA D 504 -11.84 -28.98 -38.46
N LYS D 505 -11.41 -28.90 -39.70
CA LYS D 505 -10.69 -30.00 -40.30
C LYS D 505 -9.22 -29.91 -39.97
N ILE D 506 -8.65 -31.02 -39.57
CA ILE D 506 -7.25 -31.08 -39.22
C ILE D 506 -6.60 -32.31 -39.82
N VAL D 507 -5.26 -32.30 -39.89
CA VAL D 507 -4.53 -33.45 -40.38
C VAL D 507 -3.68 -34.00 -39.24
N VAL D 508 -3.88 -35.27 -38.90
CA VAL D 508 -3.21 -35.92 -37.77
C VAL D 508 -2.17 -36.94 -38.27
N THR D 509 -0.95 -36.87 -37.69
CA THR D 509 0.14 -37.81 -38.02
C THR D 509 0.47 -38.68 -36.82
N PRO D 510 0.36 -39.98 -36.96
CA PRO D 510 0.63 -40.91 -35.88
C PRO D 510 1.94 -40.64 -35.21
N GLY D 511 2.13 -41.25 -34.07
CA GLY D 511 3.31 -41.06 -33.27
C GLY D 511 3.17 -41.88 -32.01
N GLU D 512 4.17 -42.68 -31.70
CA GLU D 512 4.14 -43.56 -30.56
C GLU D 512 4.18 -42.85 -29.26
N LYS D 513 4.62 -41.61 -29.26
CA LYS D 513 4.59 -40.81 -28.06
C LYS D 513 3.28 -40.07 -28.01
N SER D 514 2.89 -39.52 -29.15
CA SER D 514 1.63 -38.85 -29.29
C SER D 514 1.40 -38.29 -30.70
N ASN D 515 0.17 -38.38 -31.16
CA ASN D 515 -0.22 -38.01 -32.48
C ASN D 515 -0.17 -36.53 -32.52
N ARG D 516 0.14 -35.94 -33.65
CA ARG D 516 0.34 -34.52 -33.67
C ARG D 516 -0.67 -34.06 -34.64
N ALA D 517 -1.13 -32.83 -34.51
CA ALA D 517 -2.14 -32.28 -35.39
C ALA D 517 -1.78 -30.90 -35.92
N VAL D 518 -2.46 -30.49 -36.99
CA VAL D 518 -2.13 -29.29 -37.73
C VAL D 518 -3.30 -29.01 -38.68
N LEU D 519 -3.59 -27.74 -38.98
CA LEU D 519 -4.82 -27.40 -39.75
C LEU D 519 -4.87 -27.99 -41.20
N ALA D 520 -6.04 -28.02 -41.82
CA ALA D 520 -6.18 -28.57 -43.20
C ALA D 520 -6.68 -27.57 -44.25
N VAL E 15 41.74 -7.19 41.43
CA VAL E 15 40.81 -8.30 41.82
C VAL E 15 41.46 -9.70 41.82
N ASP E 16 40.83 -10.72 42.42
CA ASP E 16 41.36 -12.13 42.42
C ASP E 16 41.63 -12.64 40.98
N PRO E 17 42.80 -13.26 40.73
CA PRO E 17 43.10 -13.80 39.39
C PRO E 17 42.06 -14.79 38.82
N ARG E 18 41.31 -15.47 39.67
CA ARG E 18 40.32 -16.45 39.21
C ARG E 18 38.93 -15.84 38.96
N THR E 19 38.83 -14.52 39.06
CA THR E 19 37.60 -13.84 38.72
C THR E 19 37.33 -13.97 37.21
N PRO E 20 36.10 -14.36 36.84
CA PRO E 20 35.65 -14.45 35.46
C PRO E 20 35.21 -13.13 34.80
N VAL E 21 35.62 -12.95 33.56
CA VAL E 21 35.19 -11.79 32.78
C VAL E 21 34.73 -12.21 31.39
N ILE E 22 33.74 -11.51 30.88
CA ILE E 22 33.39 -11.67 29.47
C ILE E 22 34.29 -10.79 28.60
N VAL E 23 35.07 -11.43 27.74
CA VAL E 23 36.02 -10.72 26.94
C VAL E 23 35.62 -10.51 25.50
N GLY E 24 34.73 -11.35 24.97
CA GLY E 24 34.41 -11.29 23.54
C GLY E 24 32.98 -11.70 23.28
N VAL E 25 32.27 -10.90 22.50
CA VAL E 25 30.89 -11.20 22.17
C VAL E 25 30.71 -11.20 20.64
N GLY E 26 29.90 -12.11 20.15
CA GLY E 26 29.67 -12.20 18.72
C GLY E 26 28.22 -12.36 18.32
N GLN E 27 27.78 -11.58 17.33
CA GLN E 27 26.46 -11.78 16.76
C GLN E 27 26.56 -11.95 15.25
N PHE E 28 25.61 -12.65 14.68
CA PHE E 28 25.57 -12.81 13.23
C PHE E 28 24.19 -13.08 12.70
N THR E 29 23.86 -12.43 11.60
CA THR E 29 22.57 -12.64 10.91
C THR E 29 22.82 -12.83 9.44
N GLU E 30 22.18 -13.85 8.87
CA GLU E 30 22.17 -14.06 7.45
C GLU E 30 20.75 -13.88 6.86
N ARG E 31 20.65 -13.20 5.70
CA ARG E 31 19.41 -13.21 4.89
C ARG E 31 19.70 -13.42 3.42
N GLY E 39 21.01 -21.48 2.11
CA GLY E 39 21.27 -20.90 3.44
C GLY E 39 22.25 -21.69 4.33
N SER E 41 24.05 -23.65 7.51
CA SER E 41 23.66 -24.62 8.51
C SER E 41 23.78 -23.99 9.91
N SER E 42 23.14 -24.60 10.89
CA SER E 42 23.21 -24.00 12.21
C SER E 42 24.64 -24.01 12.82
N VAL E 43 25.44 -25.02 12.48
CA VAL E 43 26.86 -25.02 12.81
C VAL E 43 27.60 -23.84 12.18
N GLU E 44 27.42 -23.62 10.90
CA GLU E 44 28.05 -22.46 10.20
C GLU E 44 27.71 -21.12 10.89
N LEU E 45 26.46 -20.97 11.33
CA LEU E 45 25.98 -19.76 11.94
C LEU E 45 26.58 -19.50 13.33
N ALA E 46 26.76 -20.56 14.10
CA ALA E 46 27.36 -20.48 15.42
C ALA E 46 28.83 -20.28 15.26
N THR E 47 29.37 -20.78 14.16
CA THR E 47 30.77 -20.56 13.79
C THR E 47 31.10 -19.11 13.49
N GLU E 48 30.31 -18.49 12.62
CA GLU E 48 30.42 -17.07 12.32
C GLU E 48 30.40 -16.19 13.57
N ALA E 49 29.44 -16.44 14.45
CA ALA E 49 29.36 -15.70 15.71
C ALA E 49 30.55 -15.98 16.63
N ALA E 50 31.02 -17.22 16.68
CA ALA E 50 32.16 -17.55 17.55
C ALA E 50 33.45 -16.95 17.09
N LYS E 51 33.61 -16.81 15.76
CA LYS E 51 34.73 -16.08 15.15
C LYS E 51 34.78 -14.59 15.47
N ALA E 52 33.63 -13.95 15.57
CA ALA E 52 33.50 -12.54 15.95
C ALA E 52 33.74 -12.34 17.43
N ALA E 53 33.33 -13.29 18.27
CA ALA E 53 33.65 -13.29 19.69
C ALA E 53 35.17 -13.34 19.93
N LEU E 54 35.84 -14.17 19.13
CA LEU E 54 37.30 -14.30 19.19
C LEU E 54 37.99 -13.06 18.72
N HIS E 55 37.39 -12.38 17.77
CA HIS E 55 37.93 -11.16 17.25
C HIS E 55 37.61 -9.92 18.06
N ASP E 56 36.43 -9.90 18.65
CA ASP E 56 36.03 -8.87 19.59
C ASP E 56 37.01 -8.68 20.76
N CYS E 57 37.64 -9.75 21.25
CA CYS E 57 38.58 -9.61 22.36
C CYS E 57 39.92 -8.94 21.98
N GLY E 58 40.31 -8.96 20.72
CA GLY E 58 41.50 -8.23 20.36
C GLY E 58 42.86 -8.74 20.77
N ALA E 59 42.91 -9.95 21.26
CA ALA E 59 44.10 -10.68 21.39
C ALA E 59 44.04 -11.44 20.11
N ASP E 60 44.99 -12.30 19.87
CA ASP E 60 45.05 -13.01 18.59
C ASP E 60 44.09 -14.17 18.51
N ALA E 61 43.17 -14.14 17.57
CA ALA E 61 42.09 -15.11 17.51
C ALA E 61 42.48 -16.56 17.55
N ASP E 62 43.56 -16.93 16.90
CA ASP E 62 44.02 -18.29 16.89
C ASP E 62 44.61 -18.74 18.21
N THR E 63 45.47 -17.90 18.84
CA THR E 63 46.05 -18.15 20.17
C THR E 63 44.96 -18.36 21.21
N VAL E 64 43.95 -17.49 21.19
CA VAL E 64 42.75 -17.64 22.04
C VAL E 64 42.02 -18.98 21.83
N ALA E 65 41.81 -19.36 20.57
CA ALA E 65 41.17 -20.59 20.19
C ALA E 65 41.85 -21.81 20.78
N ARG E 66 43.16 -21.89 20.61
CA ARG E 66 43.96 -22.98 21.22
C ARG E 66 43.88 -23.04 22.76
N ALA E 67 43.51 -21.94 23.39
CA ALA E 67 43.43 -21.88 24.83
C ALA E 67 42.06 -22.29 25.40
N ILE E 68 41.03 -22.38 24.54
CA ILE E 68 39.70 -22.74 24.99
C ILE E 68 39.68 -24.17 25.47
N ASP E 69 39.23 -24.36 26.72
CA ASP E 69 39.09 -25.66 27.34
C ASP E 69 37.66 -26.21 27.46
N THR E 70 36.65 -25.37 27.27
CA THR E 70 35.26 -25.83 27.27
C THR E 70 34.49 -25.06 26.25
N VAL E 71 33.63 -25.76 25.53
CA VAL E 71 32.66 -25.16 24.67
C VAL E 71 31.32 -25.65 25.11
N ALA E 72 30.38 -24.73 25.17
CA ALA E 72 29.04 -25.06 25.48
C ALA E 72 28.12 -24.51 24.38
N GLY E 73 27.25 -25.36 23.84
CA GLY E 73 26.19 -24.89 22.97
C GLY E 73 24.79 -24.99 23.57
N THR E 74 23.93 -24.04 23.20
CA THR E 74 22.51 -24.18 23.47
C THR E 74 21.90 -25.14 22.47
N ARG E 75 20.81 -25.75 22.92
CA ARG E 75 20.11 -26.78 22.21
C ARG E 75 19.34 -26.25 20.98
N GLN E 76 19.68 -26.91 19.88
CA GLN E 76 18.89 -27.17 18.67
C GLN E 76 19.85 -27.79 17.64
N SER E 91 25.71 -34.79 14.51
CA SER E 91 25.94 -35.53 15.74
C SER E 91 26.59 -34.76 16.90
N ASN E 92 27.77 -34.14 16.72
CA ASN E 92 28.37 -33.33 17.80
C ASN E 92 28.46 -31.88 17.36
N TYR E 93 27.41 -31.13 17.68
CA TYR E 93 27.32 -29.74 17.23
C TYR E 93 28.37 -28.81 17.89
N PRO E 94 28.52 -28.86 19.21
CA PRO E 94 29.53 -28.06 19.85
C PRO E 94 30.99 -28.32 19.42
N ARG E 95 31.42 -29.56 19.28
CA ARG E 95 32.72 -29.83 18.67
C ARG E 95 32.90 -29.42 17.22
N SER E 96 31.84 -29.46 16.41
CA SER E 96 31.92 -29.01 15.01
C SER E 96 32.24 -27.53 14.97
N VAL E 97 31.64 -26.77 15.88
CA VAL E 97 31.88 -25.33 15.99
C VAL E 97 33.33 -25.11 16.35
N ALA E 98 33.77 -25.89 17.32
CA ALA E 98 35.12 -25.85 17.83
C ALA E 98 36.14 -26.12 16.79
N ARG E 99 35.97 -27.21 16.04
N ARG E 99 35.97 -27.19 16.03
CA ARG E 99 36.90 -27.64 14.96
CA ARG E 99 36.97 -27.55 15.03
C ARG E 99 37.08 -26.49 13.93
C ARG E 99 37.09 -26.45 13.95
N ASN E 100 35.95 -25.82 13.64
CA ASN E 100 35.85 -24.78 12.63
C ASN E 100 36.50 -23.46 12.98
N ILE E 101 36.63 -23.18 14.28
CA ILE E 101 37.33 -21.99 14.80
C ILE E 101 38.77 -22.24 15.27
N GLY E 102 39.22 -23.49 15.18
CA GLY E 102 40.60 -23.87 15.52
C GLY E 102 40.86 -24.20 17.00
N ALA E 103 39.80 -24.59 17.70
CA ALA E 103 39.85 -25.00 19.10
C ALA E 103 39.85 -26.51 19.23
N ASP E 104 40.43 -27.02 20.31
CA ASP E 104 40.38 -28.45 20.62
C ASP E 104 40.22 -28.59 22.13
N PRO E 105 39.00 -28.36 22.62
CA PRO E 105 38.78 -28.27 24.03
C PRO E 105 38.56 -29.63 24.69
N ALA E 106 38.86 -29.70 25.97
CA ALA E 106 38.75 -30.93 26.69
C ALA E 106 37.29 -31.26 26.98
N HIS E 107 36.46 -30.25 27.23
CA HIS E 107 35.03 -30.50 27.44
C HIS E 107 34.13 -29.80 26.41
N ALA E 108 33.08 -30.49 26.02
CA ALA E 108 32.04 -29.98 25.17
C ALA E 108 30.72 -30.26 25.88
N VAL E 109 29.86 -29.25 25.93
CA VAL E 109 28.58 -29.38 26.54
C VAL E 109 27.44 -29.01 25.57
N LEU E 110 26.38 -29.83 25.58
CA LEU E 110 25.06 -29.53 24.96
C LEU E 110 24.05 -29.34 26.09
N GLU E 111 23.58 -28.10 26.27
CA GLU E 111 22.78 -27.70 27.39
C GLU E 111 21.31 -28.14 27.24
N VAL E 112 20.54 -28.16 28.33
CA VAL E 112 19.08 -28.33 28.29
C VAL E 112 18.32 -27.24 27.52
N ILE E 113 17.12 -27.55 27.00
CA ILE E 113 16.20 -26.61 26.31
C ILE E 113 15.74 -25.47 27.23
N GLY E 114 15.38 -24.32 26.64
CA GLY E 114 14.67 -23.23 27.31
C GLY E 114 15.36 -21.90 27.06
N GLY E 115 14.58 -20.82 27.02
CA GLY E 115 15.13 -19.46 26.91
C GLY E 115 16.02 -18.91 28.06
N GLN E 116 15.96 -19.57 29.23
CA GLN E 116 16.84 -19.30 30.37
C GLN E 116 18.33 -19.71 30.11
N SER E 117 18.56 -20.64 29.19
CA SER E 117 19.88 -21.33 29.06
C SER E 117 21.12 -20.49 28.77
N PRO E 118 21.01 -19.45 27.89
CA PRO E 118 22.20 -18.61 27.72
C PRO E 118 22.64 -17.95 29.03
N GLN E 119 21.70 -17.47 29.83
CA GLN E 119 22.10 -16.83 31.01
C GLN E 119 22.46 -17.81 32.16
N HIS E 120 21.77 -18.96 32.23
CA HIS E 120 22.12 -20.02 33.14
C HIS E 120 23.57 -20.51 32.88
N LEU E 121 23.95 -20.52 31.62
CA LEU E 121 25.19 -21.08 31.19
C LEU E 121 26.33 -20.15 31.51
N ALA E 122 26.17 -18.86 31.26
CA ALA E 122 27.19 -17.89 31.60
C ALA E 122 27.40 -17.80 33.11
N THR E 123 26.33 -17.94 33.90
CA THR E 123 26.42 -18.03 35.34
C THR E 123 27.15 -19.30 35.83
N GLU E 124 26.80 -20.46 35.23
CA GLU E 124 27.41 -21.70 35.55
C GLU E 124 28.91 -21.68 35.27
N PHE E 125 29.32 -21.14 34.13
CA PHE E 125 30.74 -21.10 33.83
C PHE E 125 31.51 -19.98 34.48
N GLY E 126 30.82 -18.94 34.90
CA GLY E 126 31.39 -17.93 35.78
C GLY E 126 31.81 -18.55 37.09
N GLY E 127 30.90 -19.32 37.70
CA GLY E 127 31.14 -20.07 38.94
C GLY E 127 32.27 -21.09 38.85
N LYS E 128 32.38 -21.76 37.70
CA LYS E 128 33.43 -22.75 37.50
C LYS E 128 34.80 -22.13 37.19
N ILE E 129 34.83 -20.91 36.62
CA ILE E 129 36.08 -20.18 36.46
C ILE E 129 36.49 -19.54 37.77
N ALA E 130 35.51 -19.18 38.59
CA ALA E 130 35.81 -18.59 39.91
C ALA E 130 36.47 -19.61 40.83
N ALA E 131 35.93 -20.82 40.89
CA ALA E 131 36.48 -21.87 41.75
C ALA E 131 37.86 -22.30 41.26
N GLY E 132 38.03 -22.36 39.95
CA GLY E 132 39.31 -22.76 39.37
C GLY E 132 39.20 -24.06 38.59
N GLU E 133 38.00 -24.36 38.11
CA GLU E 133 37.77 -25.58 37.34
C GLU E 133 37.93 -25.32 35.85
N ASN E 134 37.66 -24.09 35.43
CA ASN E 134 37.77 -23.71 34.04
C ASN E 134 38.52 -22.42 33.80
N ASP E 135 39.31 -22.28 32.72
CA ASP E 135 39.99 -21.01 32.51
C ASP E 135 39.37 -20.25 31.33
N VAL E 136 39.19 -20.93 30.21
CA VAL E 136 38.59 -20.28 29.03
C VAL E 136 37.40 -21.10 28.54
N VAL E 137 36.27 -20.42 28.41
CA VAL E 137 35.05 -21.03 27.96
C VAL E 137 34.46 -20.24 26.79
N LEU E 138 33.99 -20.98 25.78
CA LEU E 138 33.17 -20.40 24.71
C LEU E 138 31.75 -20.94 24.76
N ILE E 139 30.79 -20.03 24.80
CA ILE E 139 29.37 -20.33 24.77
C ILE E 139 28.77 -19.86 23.43
N PHE E 140 27.82 -20.59 22.85
CA PHE E 140 27.30 -20.19 21.55
C PHE E 140 25.98 -20.84 21.34
N GLY E 141 25.28 -20.43 20.28
CA GLY E 141 23.96 -20.90 19.94
C GLY E 141 23.56 -20.32 18.62
N SER E 142 22.52 -20.90 18.00
CA SER E 142 22.06 -20.51 16.66
C SER E 142 20.71 -21.08 16.31
N GLU E 143 20.13 -20.51 15.27
CA GLU E 143 18.92 -21.03 14.67
C GLU E 143 18.86 -20.82 13.17
N ASN E 144 18.08 -21.69 12.52
CA ASN E 144 17.85 -21.82 11.08
C ASN E 144 16.43 -21.40 10.64
N THR E 145 16.26 -21.14 9.34
CA THR E 145 14.91 -21.12 8.72
C THR E 145 14.41 -22.58 8.55
N SER E 146 15.36 -23.52 8.27
CA SER E 146 15.18 -25.00 8.02
C SER E 146 14.38 -25.38 6.75
N GLU E 181 1.41 -34.44 30.42
CA GLU E 181 0.42 -35.50 30.10
C GLU E 181 -1.02 -34.96 30.15
N TYR E 182 -1.44 -34.57 31.36
CA TYR E 182 -2.76 -33.98 31.62
C TYR E 182 -2.97 -32.61 30.98
N THR E 183 -1.96 -31.76 31.03
CA THR E 183 -2.08 -30.48 30.37
C THR E 183 -1.99 -30.69 28.86
N ILE E 184 -1.20 -31.69 28.45
CA ILE E 184 -0.95 -32.03 27.04
C ILE E 184 -2.24 -32.45 26.32
N ARG E 185 -3.00 -33.35 26.91
CA ARG E 185 -4.29 -33.78 26.35
C ARG E 185 -5.34 -32.73 26.20
N HIS E 186 -5.18 -31.61 26.86
CA HIS E 186 -6.18 -30.57 26.76
C HIS E 186 -5.65 -29.56 25.82
N GLY E 187 -4.44 -29.79 25.39
CA GLY E 187 -3.94 -29.01 24.31
C GLY E 187 -3.06 -27.90 24.78
N LEU E 188 -2.22 -28.16 25.74
CA LEU E 188 -1.26 -27.16 26.04
C LEU E 188 0.01 -27.81 25.71
N ILE E 189 0.39 -27.76 24.46
CA ILE E 189 1.72 -28.19 24.08
C ILE E 189 2.51 -27.04 23.51
N GLY E 190 1.85 -26.19 22.75
CA GLY E 190 2.46 -25.01 22.19
C GLY E 190 2.52 -23.87 23.16
N ALA E 191 3.53 -23.03 23.03
CA ALA E 191 3.78 -21.90 23.90
C ALA E 191 2.68 -20.86 23.93
N PRO E 192 2.20 -20.41 22.78
CA PRO E 192 1.21 -19.31 22.78
C PRO E 192 -0.06 -19.57 23.62
N VAL E 193 -0.60 -20.77 23.55
CA VAL E 193 -1.84 -21.10 24.22
C VAL E 193 -1.70 -21.10 25.75
N GLN E 194 -0.53 -21.52 26.21
CA GLN E 194 -0.20 -21.56 27.62
C GLN E 194 0.07 -20.17 28.23
N TYR E 195 0.77 -19.32 27.48
CA TYR E 195 0.96 -17.95 27.87
C TYR E 195 -0.34 -17.17 27.85
N GLY E 196 -1.28 -17.60 27.01
CA GLY E 196 -2.62 -17.00 26.97
C GLY E 196 -3.30 -17.11 28.32
N LEU E 197 -3.14 -18.27 28.94
CA LEU E 197 -3.78 -18.54 30.20
C LEU E 197 -3.17 -17.72 31.32
N LEU E 198 -1.87 -17.51 31.23
CA LEU E 198 -1.12 -16.82 32.28
C LEU E 198 -1.48 -15.35 32.19
N GLU E 199 -1.65 -14.89 30.94
CA GLU E 199 -1.94 -13.51 30.62
C GLU E 199 -3.37 -13.11 31.05
N ASN E 200 -4.32 -14.02 30.85
CA ASN E 200 -5.69 -13.78 31.30
C ASN E 200 -5.85 -13.87 32.82
N ALA E 201 -5.02 -14.71 33.44
CA ALA E 201 -4.96 -14.82 34.90
C ALA E 201 -4.42 -13.56 35.62
N ARG E 202 -3.56 -12.79 34.91
CA ARG E 202 -3.00 -11.55 35.42
C ARG E 202 -4.03 -10.47 35.22
N ARG E 203 -4.82 -10.58 34.15
CA ARG E 203 -5.93 -9.65 33.92
C ARG E 203 -7.02 -9.79 35.00
N ALA E 204 -7.25 -11.01 35.44
CA ALA E 204 -8.18 -11.27 36.53
C ALA E 204 -7.75 -10.54 37.78
N ARG E 205 -6.52 -10.81 38.26
CA ARG E 205 -6.02 -10.24 39.49
C ARG E 205 -6.03 -8.70 39.49
N LEU E 206 -5.63 -8.08 38.38
CA LEU E 206 -5.64 -6.61 38.25
C LEU E 206 -7.05 -6.00 38.11
N GLY E 207 -8.03 -6.83 37.76
CA GLY E 207 -9.41 -6.40 37.44
C GLY E 207 -9.56 -5.49 36.22
N LEU E 208 -8.66 -5.62 35.24
CA LEU E 208 -8.77 -4.86 34.00
C LEU E 208 -9.74 -5.54 33.03
N SER E 209 -10.39 -4.74 32.18
CA SER E 209 -11.33 -5.27 31.20
C SER E 209 -10.49 -5.82 30.07
N VAL E 210 -11.11 -6.61 29.19
CA VAL E 210 -10.46 -7.14 28.01
C VAL E 210 -9.79 -6.04 27.16
N ALA E 211 -10.49 -4.95 26.87
CA ALA E 211 -9.96 -3.89 25.96
C ALA E 211 -8.85 -3.06 26.61
N ASP E 212 -8.97 -2.92 27.93
CA ASP E 212 -8.00 -2.18 28.76
C ASP E 212 -6.66 -2.89 28.83
N TYR E 213 -6.72 -4.20 29.03
CA TYR E 213 -5.58 -5.07 29.03
C TYR E 213 -4.93 -5.14 27.65
N ARG E 214 -5.73 -5.29 26.61
CA ARG E 214 -5.20 -5.25 25.26
C ARG E 214 -4.40 -3.97 24.99
N LEU E 215 -4.83 -2.84 25.57
CA LEU E 215 -4.10 -1.59 25.48
C LEU E 215 -2.77 -1.64 26.24
N ALA E 216 -2.76 -2.18 27.47
CA ALA E 216 -1.53 -2.25 28.28
C ALA E 216 -0.43 -3.07 27.57
N ALA E 218 -0.17 -3.55 24.19
CA ALA E 218 0.31 -2.79 23.04
C ALA E 218 1.23 -1.65 23.46
N GLU E 219 0.98 -1.06 24.64
CA GLU E 219 1.81 0.03 25.16
C GLU E 219 3.15 -0.45 25.67
N LEU E 220 3.15 -1.66 26.22
CA LEU E 220 4.39 -2.34 26.59
C LEU E 220 5.30 -2.70 25.40
N PHE E 221 4.70 -3.17 24.29
CA PHE E 221 5.43 -3.75 23.14
C PHE E 221 5.80 -2.80 22.04
N ALA E 222 5.15 -1.65 21.98
CA ALA E 222 5.45 -0.69 20.88
C ALA E 222 6.87 -0.14 20.97
N PRO E 223 7.27 0.29 22.18
CA PRO E 223 8.69 0.68 22.43
C PRO E 223 9.67 -0.44 22.02
N PHE E 224 9.33 -1.71 22.33
CA PHE E 224 10.09 -2.89 21.88
C PHE E 224 10.36 -2.96 20.39
N SER E 225 9.32 -2.87 19.57
CA SER E 225 9.49 -2.90 18.11
C SER E 225 10.21 -1.70 17.56
N LYS E 226 10.30 -0.61 18.32
CA LYS E 226 11.01 0.57 17.85
C LYS E 226 12.47 0.31 17.98
N VAL E 227 12.85 -0.19 19.17
CA VAL E 227 14.23 -0.60 19.44
C VAL E 227 14.68 -1.62 18.42
N ALA E 228 13.77 -2.54 18.12
CA ALA E 228 14.02 -3.64 17.20
C ALA E 228 14.36 -3.22 15.78
N ALA E 229 13.70 -2.14 15.32
CA ALA E 229 13.80 -1.68 13.94
C ALA E 229 15.14 -1.04 13.66
N LYS E 230 15.75 -0.44 14.68
CA LYS E 230 17.07 0.22 14.58
C LYS E 230 18.25 -0.69 14.89
N ASN E 231 17.96 -1.88 15.38
CA ASN E 231 18.96 -2.89 15.57
C ASN E 231 19.24 -3.60 14.22
N PRO E 232 20.47 -3.48 13.68
CA PRO E 232 20.83 -4.14 12.41
C PRO E 232 20.75 -5.67 12.48
N TYR E 233 20.95 -6.26 13.67
CA TYR E 233 20.83 -7.71 13.89
C TYR E 233 19.44 -8.24 13.84
N SER E 234 18.43 -7.36 13.85
CA SER E 234 17.03 -7.76 13.71
C SER E 234 16.77 -8.23 12.30
N SER E 235 16.03 -9.33 12.17
CA SER E 235 15.68 -9.87 10.86
C SER E 235 14.32 -9.34 10.45
N ALA E 236 14.29 -8.71 9.28
CA ALA E 236 13.05 -8.12 8.72
C ALA E 236 12.07 -7.44 9.71
N PRO E 237 12.51 -6.40 10.45
CA PRO E 237 11.58 -5.78 11.40
C PRO E 237 10.83 -4.55 10.84
N THR E 238 9.53 -4.47 11.08
CA THR E 238 8.80 -3.23 10.85
C THR E 238 8.44 -2.69 12.22
N GLU E 239 8.59 -1.37 12.38
CA GLU E 239 8.12 -0.69 13.59
C GLU E 239 6.58 -0.64 13.63
N ARG E 240 6.01 -0.82 14.82
CA ARG E 240 4.57 -0.80 14.99
C ARG E 240 4.15 0.21 16.06
N SER E 241 3.05 0.93 15.80
CA SER E 241 2.48 1.87 16.80
C SER E 241 1.57 1.15 17.77
N VAL E 242 1.28 1.79 18.89
CA VAL E 242 0.31 1.27 19.86
C VAL E 242 -1.06 0.88 19.23
N GLU E 243 -1.60 1.76 18.38
CA GLU E 243 -2.89 1.56 17.70
CA GLU E 243 -2.90 1.52 17.75
C GLU E 243 -2.82 0.36 16.77
N GLU E 244 -1.76 0.31 15.97
CA GLU E 244 -1.55 -0.74 15.00
C GLU E 244 -1.59 -2.13 15.68
N LEU E 245 -0.96 -2.24 16.84
CA LEU E 245 -0.88 -3.51 17.59
C LEU E 245 -2.19 -3.92 18.22
N LEU E 246 -2.98 -2.94 18.61
CA LEU E 246 -4.22 -3.17 19.38
C LEU E 246 -5.44 -3.39 18.47
N THR E 247 -5.37 -2.91 17.23
CA THR E 247 -6.50 -2.96 16.32
C THR E 247 -6.53 -4.25 15.51
N VAL E 248 -7.57 -5.02 15.70
CA VAL E 248 -7.76 -6.28 15.00
C VAL E 248 -8.23 -6.06 13.55
N THR E 249 -7.43 -6.50 12.58
CA THR E 249 -7.75 -6.39 11.15
C THR E 249 -7.71 -7.79 10.52
N ALA E 250 -7.86 -7.88 9.20
CA ALA E 250 -7.65 -9.15 8.53
C ALA E 250 -6.16 -9.54 8.57
N SER E 251 -5.29 -8.52 8.60
CA SER E 251 -3.83 -8.65 8.69
C SER E 251 -3.32 -9.02 10.11
N ASN E 252 -3.87 -8.34 11.12
CA ASN E 252 -3.57 -8.52 12.53
C ASN E 252 -4.74 -9.18 13.24
N ARG E 253 -5.06 -10.40 12.83
CA ARG E 253 -6.17 -11.18 13.43
C ARG E 253 -5.80 -11.85 14.77
N ILE E 255 -5.21 -14.74 17.14
CA ILE E 255 -4.61 -16.08 16.98
C ILE E 255 -5.06 -16.93 18.17
N VAL E 256 -4.61 -16.55 19.36
CA VAL E 256 -4.88 -17.29 20.59
C VAL E 256 -5.16 -16.19 21.60
N ASP E 257 -6.30 -16.24 22.27
CA ASP E 257 -6.65 -15.23 23.26
C ASP E 257 -5.58 -15.09 24.36
N PRO E 258 -5.14 -13.86 24.66
CA PRO E 258 -5.70 -12.60 24.20
C PRO E 258 -4.90 -11.88 23.11
N TYR E 259 -4.00 -12.59 22.42
CA TYR E 259 -3.06 -11.95 21.49
C TYR E 259 -3.52 -11.89 20.07
N PRO E 260 -3.35 -10.70 19.48
CA PRO E 260 -3.46 -10.51 18.02
C PRO E 260 -2.17 -10.93 17.33
N ARG E 261 -2.29 -11.29 16.05
CA ARG E 261 -1.14 -11.71 15.26
C ARG E 261 0.16 -10.92 15.36
N LEU E 262 0.14 -9.58 15.32
CA LEU E 262 1.37 -8.77 15.25
C LEU E 262 2.18 -8.80 16.54
N VAL E 264 2.77 -11.26 18.24
CA VAL E 264 3.37 -12.59 18.31
C VAL E 264 3.59 -13.18 16.92
N ALA E 265 4.72 -13.85 16.72
CA ALA E 265 5.15 -14.29 15.39
C ALA E 265 6.28 -15.32 15.39
N VAL E 269 14.29 -16.82 11.04
CA VAL E 269 15.59 -16.16 10.92
C VAL E 269 16.78 -17.12 10.84
N ASN E 270 17.92 -16.61 10.40
CA ASN E 270 19.21 -17.30 10.51
C ASN E 270 20.14 -16.46 11.34
N GLN E 271 20.36 -16.84 12.59
CA GLN E 271 21.24 -16.03 13.44
C GLN E 271 22.11 -16.85 14.41
N GLY E 272 23.23 -16.29 14.81
CA GLY E 272 24.08 -16.91 15.82
C GLY E 272 24.59 -15.92 16.83
N ALA E 273 24.91 -16.41 18.02
CA ALA E 273 25.55 -15.56 19.03
C ALA E 273 26.59 -16.37 19.81
N ALA E 274 27.71 -15.76 20.15
CA ALA E 274 28.67 -16.43 20.99
C ALA E 274 29.18 -15.52 22.15
N LEU E 275 29.49 -16.12 23.30
CA LEU E 275 30.20 -15.40 24.37
C LEU E 275 31.52 -16.02 24.76
N LEU E 276 32.58 -15.24 24.72
CA LEU E 276 33.88 -15.65 25.22
C LEU E 276 34.14 -15.15 26.64
N SER E 279 39.07 -16.30 32.99
CA SER E 279 39.62 -15.78 34.23
C SER E 279 40.46 -14.58 33.87
N VAL E 280 40.41 -13.57 34.71
CA VAL E 280 41.24 -12.38 34.55
C VAL E 280 42.76 -12.70 34.32
N GLU E 281 43.22 -13.80 34.92
CA GLU E 281 44.55 -14.33 34.72
C GLU E 281 44.78 -14.74 33.28
N SER E 282 43.82 -15.45 32.71
CA SER E 282 43.90 -15.84 31.28
C SER E 282 43.79 -14.64 30.33
N ALA E 283 43.06 -13.62 30.76
CA ALA E 283 42.96 -12.38 30.04
C ALA E 283 44.25 -11.62 29.92
N ARG E 284 45.06 -11.64 30.98
CA ARG E 284 46.36 -11.01 30.97
C ARG E 284 47.38 -11.79 30.15
N LYS E 285 47.41 -13.10 30.37
CA LYS E 285 48.31 -14.03 29.69
C LYS E 285 48.19 -13.97 28.17
N LEU E 286 46.95 -13.97 27.67
CA LEU E 286 46.67 -13.69 26.24
C LEU E 286 46.48 -12.19 26.22
N GLY E 287 46.91 -11.50 25.18
CA GLY E 287 46.93 -10.01 25.25
C GLY E 287 45.60 -9.28 25.18
N VAL E 288 44.64 -9.60 26.07
CA VAL E 288 43.29 -8.99 26.04
C VAL E 288 43.24 -7.64 26.76
N PRO E 289 43.07 -6.54 25.99
CA PRO E 289 42.97 -5.19 26.55
C PRO E 289 41.94 -5.08 27.65
N GLU E 290 42.29 -4.39 28.72
CA GLU E 290 41.39 -4.25 29.87
C GLU E 290 40.05 -3.55 29.61
N GLU E 291 40.01 -2.64 28.64
CA GLU E 291 38.74 -1.97 28.31
C GLU E 291 37.67 -2.90 27.70
N LYS E 292 38.07 -4.15 27.40
CA LYS E 292 37.17 -5.20 26.92
C LYS E 292 36.50 -6.02 28.02
N TRP E 293 37.09 -6.02 29.23
CA TRP E 293 36.61 -6.91 30.28
C TRP E 293 35.30 -6.42 30.85
N VAL E 294 34.37 -7.35 31.02
CA VAL E 294 33.10 -7.07 31.69
C VAL E 294 32.85 -8.16 32.72
N TYR E 295 32.42 -7.75 33.91
CA TYR E 295 32.18 -8.64 35.06
C TYR E 295 30.74 -9.06 35.20
N LEU E 296 30.53 -10.33 35.49
CA LEU E 296 29.22 -10.81 35.82
C LEU E 296 29.02 -10.56 37.32
N ARG E 297 28.58 -9.35 37.63
CA ARG E 297 28.43 -8.92 39.01
C ARG E 297 27.29 -9.60 39.80
N GLY E 298 26.11 -9.75 39.21
CA GLY E 298 25.00 -10.37 39.89
C GLY E 298 24.42 -11.49 39.09
N HIS E 299 23.86 -12.49 39.77
CA HIS E 299 23.26 -13.60 39.09
C HIS E 299 22.33 -14.35 40.02
N ALA E 300 21.28 -14.98 39.45
CA ALA E 300 20.43 -15.95 40.15
C ALA E 300 19.66 -16.79 39.13
N ASP E 301 19.30 -18.01 39.54
CA ASP E 301 18.56 -18.95 38.71
C ASP E 301 17.39 -19.54 39.52
N LYS E 303 13.22 -21.33 39.58
CA LYS E 303 12.34 -22.23 38.88
C LYS E 303 10.93 -22.31 39.48
N GLU E 304 9.91 -22.53 38.65
CA GLU E 304 8.53 -22.64 39.12
C GLU E 304 8.13 -24.08 39.09
N PRO E 305 7.01 -24.38 39.74
CA PRO E 305 6.45 -25.73 39.71
C PRO E 305 5.48 -25.90 38.55
N LYS E 306 4.82 -27.03 38.44
CA LYS E 306 3.92 -27.21 37.32
C LYS E 306 2.88 -26.13 37.38
N LEU E 307 2.43 -25.71 36.21
CA LEU E 307 1.59 -24.56 36.04
C LEU E 307 0.34 -24.65 36.90
N LEU E 308 -0.30 -25.79 36.97
CA LEU E 308 -1.43 -25.90 37.85
C LEU E 308 -1.12 -26.11 39.35
N GLU E 309 0.12 -26.04 39.80
CA GLU E 309 0.39 -26.18 41.20
C GLU E 309 0.76 -24.87 41.80
N ARG E 310 0.69 -23.82 41.01
CA ARG E 310 1.17 -22.48 41.33
C ARG E 310 0.16 -21.61 42.07
N ALA E 311 0.55 -20.87 43.11
CA ALA E 311 -0.38 -20.13 43.98
C ALA E 311 -1.26 -19.15 43.18
N ASP E 312 -0.64 -18.40 42.27
CA ASP E 312 -1.31 -17.48 41.36
C ASP E 312 -0.84 -17.75 39.96
N ILE E 313 -1.73 -18.20 39.11
CA ILE E 313 -1.39 -18.49 37.73
C ILE E 313 -0.92 -17.20 37.01
N GLY E 314 -1.50 -16.08 37.39
CA GLY E 314 -1.18 -14.77 36.82
C GLY E 314 0.10 -14.11 37.29
N ALA E 315 0.90 -14.80 38.11
CA ALA E 315 2.18 -14.26 38.56
C ALA E 315 3.24 -15.34 38.60
N SER E 316 4.50 -14.89 38.60
CA SER E 316 5.65 -15.77 38.79
C SER E 316 6.63 -15.18 39.86
N PRO E 317 6.42 -15.53 41.15
CA PRO E 317 7.26 -14.98 42.23
C PRO E 317 8.73 -15.42 42.17
N ALA E 318 9.00 -16.60 41.62
CA ALA E 318 10.35 -17.06 41.39
C ALA E 318 11.15 -16.16 40.42
N SER E 319 10.49 -15.56 39.44
CA SER E 319 11.22 -14.71 38.51
C SER E 319 11.68 -13.44 39.22
N VAL E 320 10.80 -12.92 40.06
CA VAL E 320 11.06 -11.68 40.78
C VAL E 320 12.18 -11.93 41.78
N THR E 321 12.03 -12.97 42.59
CA THR E 321 13.05 -13.42 43.54
C THR E 321 14.46 -13.50 42.88
N ALA E 322 14.52 -14.14 41.70
CA ALA E 322 15.75 -14.22 40.90
C ALA E 322 16.32 -12.83 40.59
N VAL E 323 15.47 -11.95 40.05
CA VAL E 323 15.88 -10.53 39.91
C VAL E 323 16.45 -9.94 41.22
N ASN E 324 15.71 -10.10 42.28
CA ASN E 324 16.06 -9.42 43.49
C ASN E 324 17.34 -9.93 44.07
N GLU E 325 17.54 -11.23 44.07
CA GLU E 325 18.79 -11.75 44.59
C GLU E 325 19.98 -11.57 43.68
N ALA E 326 19.76 -11.30 42.43
CA ALA E 326 20.83 -11.03 41.55
C ALA E 326 21.20 -9.61 41.76
N LEU E 327 20.22 -8.80 42.09
CA LEU E 327 20.45 -7.40 42.25
C LEU E 327 21.36 -7.22 43.42
N ARG E 328 21.17 -8.06 44.39
CA ARG E 328 21.94 -7.98 45.58
C ARG E 328 23.36 -8.50 45.54
N VAL E 329 23.71 -9.20 44.47
CA VAL E 329 24.94 -9.99 44.41
C VAL E 329 25.94 -9.02 43.89
N ALA E 330 25.50 -8.27 42.89
CA ALA E 330 26.08 -7.02 42.60
C ALA E 330 25.78 -6.41 43.90
N GLY E 331 26.34 -5.28 44.18
CA GLY E 331 25.99 -4.70 45.44
C GLY E 331 25.02 -3.56 45.34
N ILE E 332 23.97 -3.71 44.53
CA ILE E 332 23.15 -2.58 44.13
C ILE E 332 21.63 -2.74 44.25
N GLY E 333 20.89 -1.70 43.89
CA GLY E 333 19.42 -1.72 43.93
C GLY E 333 18.82 -1.41 42.56
N LEU E 334 17.52 -1.64 42.44
CA LEU E 334 16.86 -1.45 41.15
C LEU E 334 17.15 -0.09 40.47
N ASP E 335 17.42 0.93 41.27
CA ASP E 335 17.61 2.29 40.73
C ASP E 335 18.99 2.53 40.17
N ASP E 336 19.93 1.64 40.54
CA ASP E 336 21.33 1.73 40.12
C ASP E 336 21.60 1.13 38.72
N VAL E 337 20.63 0.41 38.18
CA VAL E 337 20.72 -0.20 36.85
C VAL E 337 20.54 0.84 35.74
N ALA E 338 21.41 0.77 34.73
CA ALA E 338 21.37 1.72 33.64
C ALA E 338 20.57 1.26 32.40
N ALA E 339 20.43 -0.07 32.24
CA ALA E 339 19.86 -0.73 31.02
C ALA E 339 19.30 -2.10 31.35
N PHE E 340 18.19 -2.45 30.70
CA PHE E 340 17.56 -3.74 30.90
C PHE E 340 17.39 -4.42 29.55
N ASP E 341 17.62 -5.75 29.54
CA ASP E 341 17.05 -6.64 28.52
C ASP E 341 16.25 -7.72 29.21
N LEU E 342 14.94 -7.52 29.20
CA LEU E 342 14.00 -8.47 29.75
C LEU E 342 13.42 -9.34 28.64
N TYR E 343 13.33 -10.64 28.91
CA TYR E 343 12.89 -11.61 27.92
C TYR E 343 11.43 -11.43 27.61
N SER E 344 11.12 -11.39 26.32
CA SER E 344 9.79 -10.96 25.90
C SER E 344 9.17 -11.74 24.75
N CYS E 345 8.91 -13.04 24.88
CA CYS E 345 8.25 -13.66 23.72
C CYS E 345 6.81 -13.14 23.70
N PHE E 346 6.26 -13.07 24.89
CA PHE E 346 4.91 -12.61 25.15
C PHE E 346 5.02 -11.55 26.23
N PRO E 347 3.98 -10.73 26.35
CA PRO E 347 4.01 -9.63 27.33
C PRO E 347 4.15 -10.05 28.77
N PHE E 348 3.55 -11.17 29.13
CA PHE E 348 3.50 -11.60 30.52
C PHE E 348 4.82 -11.57 31.29
N PRO E 349 5.86 -12.27 30.81
CA PRO E 349 7.09 -12.36 31.62
C PRO E 349 7.83 -11.03 31.82
N VAL E 350 7.54 -10.07 30.94
CA VAL E 350 7.99 -8.70 31.14
C VAL E 350 7.13 -8.02 32.19
N PHE E 351 5.82 -8.05 32.00
CA PHE E 351 4.85 -7.52 32.97
C PHE E 351 5.19 -8.01 34.37
N ASN E 352 5.37 -9.32 34.45
CA ASN E 352 5.55 -10.00 35.69
C ASN E 352 6.75 -9.49 36.53
N ILE E 353 7.84 -9.12 35.85
CA ILE E 353 9.00 -8.57 36.54
C ILE E 353 8.63 -7.21 37.09
N CYS E 354 8.00 -6.41 36.22
CA CYS E 354 7.46 -5.08 36.55
C CYS E 354 6.48 -5.02 37.71
N ASP E 355 5.62 -6.01 37.84
CA ASP E 355 4.66 -6.08 38.94
C ASP E 355 5.29 -6.31 40.30
N GLY E 356 6.21 -7.27 40.40
CA GLY E 356 6.81 -7.67 41.71
C GLY E 356 8.01 -6.83 42.13
N THR E 357 8.42 -5.90 41.28
CA THR E 357 9.68 -5.21 41.45
C THR E 357 9.47 -3.70 41.64
N GLY E 358 8.32 -3.20 41.18
CA GLY E 358 8.03 -1.77 41.21
C GLY E 358 8.41 -1.04 39.94
N LEU E 359 9.29 -1.63 39.12
CA LEU E 359 9.71 -1.06 37.84
C LEU E 359 8.50 -0.72 36.95
N ALA E 360 8.42 0.50 36.43
CA ALA E 360 7.28 0.86 35.59
C ALA E 360 7.46 0.28 34.19
N THR E 361 6.34 0.08 33.50
CA THR E 361 6.31 -0.50 32.17
C THR E 361 6.81 0.49 31.11
N ASP E 362 6.71 1.78 31.42
CA ASP E 362 7.15 2.86 30.51
C ASP E 362 8.50 3.49 30.90
N ASP E 363 9.21 2.85 31.84
CA ASP E 363 10.50 3.34 32.36
C ASP E 363 11.46 3.85 31.26
N PRO E 364 11.99 5.07 31.44
CA PRO E 364 12.77 5.74 30.38
C PRO E 364 14.04 4.99 30.00
N ARG E 365 14.57 4.20 30.93
CA ARG E 365 15.79 3.40 30.69
C ARG E 365 15.57 2.36 29.57
N GLY E 366 14.35 1.85 29.46
CA GLY E 366 13.96 0.93 28.39
C GLY E 366 13.95 -0.47 28.95
N LEU E 367 13.08 -1.33 28.43
CA LEU E 367 13.04 -2.70 28.94
C LEU E 367 13.79 -3.74 28.05
N THR E 368 14.29 -3.28 26.90
CA THR E 368 14.97 -4.16 25.96
C THR E 368 16.21 -3.53 25.35
N LEU E 369 17.22 -4.33 25.12
CA LEU E 369 18.43 -3.87 24.44
C LEU E 369 18.47 -4.29 23.00
N THR E 370 17.67 -5.31 22.70
CA THR E 370 17.74 -6.02 21.44
C THR E 370 16.56 -5.62 20.57
N GLY E 371 15.41 -5.43 21.20
CA GLY E 371 14.15 -5.22 20.53
C GLY E 371 13.10 -6.22 20.94
N GLY E 372 13.56 -7.35 21.45
CA GLY E 372 12.72 -8.43 21.92
C GLY E 372 12.13 -9.32 20.85
N LEU E 373 11.40 -10.31 21.29
CA LEU E 373 11.21 -11.55 20.58
C LEU E 373 10.31 -11.53 19.37
N PRO E 374 9.07 -11.14 19.53
CA PRO E 374 8.34 -11.17 18.31
C PRO E 374 9.23 -10.48 17.28
N PHE E 375 9.64 -9.26 17.52
CA PHE E 375 10.15 -8.35 16.50
C PHE E 375 11.60 -8.60 16.10
N PHE E 376 12.44 -9.02 17.06
CA PHE E 376 13.86 -9.21 16.79
C PHE E 376 14.03 -10.39 15.85
N GLY E 377 13.14 -11.36 15.95
CA GLY E 377 13.25 -12.59 15.21
C GLY E 377 13.78 -13.75 16.05
N GLY E 378 13.23 -14.93 15.77
CA GLY E 378 13.67 -16.16 16.41
C GLY E 378 12.59 -16.93 17.12
N LEU E 379 12.91 -18.19 17.43
CA LEU E 379 12.00 -19.10 18.12
C LEU E 379 11.95 -18.86 19.61
N GLY E 380 12.98 -18.26 20.15
CA GLY E 380 12.97 -17.97 21.57
C GLY E 380 13.97 -18.69 22.43
N ASN E 381 14.60 -19.73 21.91
CA ASN E 381 15.56 -20.46 22.67
C ASN E 381 16.94 -19.80 22.89
N ASN E 382 17.53 -19.23 21.86
CA ASN E 382 18.82 -18.61 22.00
C ASN E 382 18.77 -17.06 22.06
N TYR E 383 17.58 -16.51 22.21
CA TYR E 383 17.39 -15.07 22.26
C TYR E 383 18.30 -14.33 23.28
N SER E 384 18.33 -14.76 24.52
CA SER E 384 19.00 -13.98 25.53
C SER E 384 20.48 -13.85 25.40
N HIS E 386 21.85 -12.68 22.73
CA HIS E 386 21.94 -11.50 21.96
C HIS E 386 21.71 -10.37 22.90
N GLY E 387 20.85 -10.58 23.87
CA GLY E 387 20.71 -9.71 25.05
C GLY E 387 22.00 -9.50 25.84
N ILE E 388 22.64 -10.60 26.26
CA ILE E 388 23.97 -10.55 26.88
C ILE E 388 25.00 -9.82 26.00
N ALA E 389 25.05 -10.11 24.71
CA ALA E 389 26.00 -9.44 23.85
C ALA E 389 25.79 -7.94 23.84
N GLU E 390 24.53 -7.49 23.74
CA GLU E 390 24.25 -6.07 23.66
C GLU E 390 24.54 -5.45 25.00
N ALA E 391 24.24 -6.18 26.07
CA ALA E 391 24.52 -5.72 27.44
C ALA E 391 26.03 -5.46 27.64
N VAL E 392 26.83 -6.39 27.13
CA VAL E 392 28.29 -6.31 27.19
C VAL E 392 28.79 -5.11 26.41
N ASN E 393 28.28 -4.88 25.21
CA ASN E 393 28.68 -3.74 24.38
C ASN E 393 28.31 -2.40 24.96
N GLU E 394 27.09 -2.30 25.50
CA GLU E 394 26.60 -1.07 26.08
C GLU E 394 27.38 -0.73 27.33
N ARG E 396 30.63 -1.54 27.99
CA ARG E 396 31.95 -1.03 27.62
C ARG E 396 31.89 0.44 27.20
N ASP E 397 30.79 0.82 26.57
CA ASP E 397 30.55 2.19 26.17
C ASP E 397 30.29 3.18 27.33
N LYS E 398 29.87 2.64 28.48
CA LYS E 398 29.44 3.44 29.66
C LYS E 398 30.08 2.82 30.87
N PRO E 399 31.42 2.97 31.01
CA PRO E 399 32.17 2.22 32.03
C PRO E 399 31.76 2.60 33.47
N GLY E 400 31.57 1.62 34.37
CA GLY E 400 31.07 1.90 35.71
C GLY E 400 29.59 1.65 35.92
N GLN E 401 28.79 1.78 34.85
CA GLN E 401 27.35 1.45 34.93
C GLN E 401 27.00 -0.06 34.85
N PHE E 402 25.77 -0.40 35.23
CA PHE E 402 25.28 -1.80 35.38
C PHE E 402 24.08 -2.10 34.48
N ALA E 403 24.13 -3.27 33.81
CA ALA E 403 23.06 -3.78 32.91
C ALA E 403 22.49 -5.10 33.40
N LEU E 404 21.15 -5.20 33.46
CA LEU E 404 20.48 -6.42 33.91
C LEU E 404 19.84 -7.17 32.73
N VAL E 405 20.22 -8.45 32.59
CA VAL E 405 19.60 -9.35 31.64
C VAL E 405 18.68 -10.38 32.34
N GLY E 406 17.45 -10.55 31.84
CA GLY E 406 16.53 -11.58 32.36
C GLY E 406 16.17 -12.57 31.27
N ALA E 407 16.39 -13.87 31.51
CA ALA E 407 16.19 -14.94 30.52
C ALA E 407 15.10 -15.88 31.02
N ASN E 408 14.02 -15.98 30.25
CA ASN E 408 12.86 -16.79 30.54
C ASN E 408 12.80 -18.12 29.78
N GLY E 409 12.52 -19.20 30.48
CA GLY E 409 12.27 -20.47 29.87
C GLY E 409 10.94 -21.05 30.25
N GLY E 410 10.46 -21.99 29.46
CA GLY E 410 9.22 -22.67 29.77
C GLY E 410 7.98 -21.86 29.64
N ILE E 411 7.06 -22.05 30.54
CA ILE E 411 5.88 -21.23 30.57
C ILE E 411 6.07 -20.42 31.80
N ALA E 412 6.93 -19.44 31.72
CA ALA E 412 7.47 -18.78 32.92
C ALA E 412 7.99 -19.76 33.99
N SER E 413 8.55 -20.90 33.53
CA SER E 413 8.97 -21.99 34.43
C SER E 413 10.31 -21.74 34.99
N LYS E 414 11.14 -21.06 34.22
CA LYS E 414 12.51 -20.77 34.60
C LYS E 414 12.86 -19.31 34.34
N TYR E 415 13.65 -18.75 35.26
CA TYR E 415 14.20 -17.43 35.09
C TYR E 415 15.66 -17.29 35.56
N SER E 416 16.50 -16.72 34.71
CA SER E 416 17.96 -16.59 34.96
C SER E 416 18.40 -15.15 34.73
N VAL E 417 19.05 -14.58 35.73
CA VAL E 417 19.36 -13.17 35.65
C VAL E 417 20.83 -13.03 35.75
N GLY E 418 21.38 -12.11 34.97
CA GLY E 418 22.74 -11.69 35.12
C GLY E 418 22.82 -10.18 35.08
N ILE E 419 23.68 -9.61 35.92
CA ILE E 419 23.97 -8.21 35.87
C ILE E 419 25.44 -8.03 35.52
N TYR E 420 25.69 -7.12 34.58
CA TYR E 420 27.00 -6.93 34.01
C TYR E 420 27.54 -5.53 34.25
N SER E 421 28.86 -5.39 34.46
CA SER E 421 29.53 -4.06 34.53
C SER E 421 31.03 -4.15 34.31
N THR E 422 31.64 -3.06 33.90
CA THR E 422 33.09 -2.90 33.90
C THR E 422 33.70 -2.73 35.28
N GLU E 423 32.91 -2.30 36.25
CA GLU E 423 33.39 -2.12 37.60
C GLU E 423 33.82 -3.42 38.17
N PRO E 424 35.10 -3.58 38.47
CA PRO E 424 35.63 -4.86 38.93
C PRO E 424 35.10 -5.39 40.23
N ALA E 425 35.30 -6.66 40.45
CA ALA E 425 34.95 -7.24 41.72
C ALA E 425 35.05 -8.74 41.72
N ASP E 426 35.41 -9.32 42.85
CA ASP E 426 35.56 -10.74 42.95
C ASP E 426 34.21 -11.33 42.80
N TRP E 427 34.13 -12.59 42.42
CA TRP E 427 32.87 -13.30 42.27
C TRP E 427 32.21 -13.50 43.60
N VAL E 428 30.91 -13.32 43.64
CA VAL E 428 30.17 -13.59 44.85
C VAL E 428 29.23 -14.76 44.61
N ALA E 429 29.35 -15.85 45.36
CA ALA E 429 28.40 -16.98 45.26
C ALA E 429 26.95 -16.58 45.60
N ASP E 430 25.99 -16.99 44.78
CA ASP E 430 24.61 -16.61 44.99
C ASP E 430 23.87 -17.63 45.84
N ASN E 431 22.72 -17.20 46.33
CA ASN E 431 21.92 -17.95 47.27
C ASN E 431 20.72 -18.67 46.65
N SER E 432 20.82 -19.06 45.38
CA SER E 432 19.70 -19.63 44.63
C SER E 432 19.20 -20.96 45.18
N ALA E 433 20.13 -21.80 45.61
CA ALA E 433 19.78 -23.13 46.11
C ALA E 433 18.84 -23.10 47.32
N GLN E 434 19.14 -22.21 48.27
CA GLN E 434 18.37 -22.03 49.50
C GLN E 434 17.07 -21.28 49.19
N LEU E 435 17.13 -20.33 48.28
CA LEU E 435 15.92 -19.62 47.82
C LEU E 435 14.90 -20.49 47.03
N GLN E 436 15.43 -21.49 46.33
CA GLN E 436 14.66 -22.45 45.59
C GLN E 436 14.00 -23.43 46.56
N ALA E 437 14.71 -23.82 47.62
CA ALA E 437 14.16 -24.76 48.58
C ALA E 437 13.05 -24.12 49.42
N GLU E 438 13.17 -22.81 49.70
CA GLU E 438 12.09 -22.05 50.36
C GLU E 438 10.82 -21.98 49.50
N HIS E 439 10.99 -21.66 48.22
CA HIS E 439 9.90 -21.63 47.25
C HIS E 439 9.31 -23.01 46.96
N ASP E 440 10.11 -24.06 47.09
CA ASP E 440 9.60 -25.43 46.93
C ASP E 440 8.78 -25.88 48.13
N ALA E 441 9.02 -25.24 49.27
CA ALA E 441 8.29 -25.55 50.50
C ALA E 441 6.90 -24.90 50.54
N GLN E 442 6.65 -23.90 49.67
CA GLN E 442 5.31 -23.29 49.56
C GLN E 442 4.23 -24.37 49.30
N PRO E 443 3.03 -24.17 49.87
CA PRO E 443 1.96 -25.14 49.57
C PRO E 443 1.58 -25.10 48.08
N LYS E 444 1.28 -26.27 47.54
CA LYS E 444 0.84 -26.37 46.17
C LYS E 444 -0.68 -26.47 46.12
N VAL E 445 -1.30 -25.77 45.16
CA VAL E 445 -2.74 -25.86 44.91
C VAL E 445 -3.11 -27.26 44.39
N ALA E 446 -4.22 -27.81 44.91
CA ALA E 446 -4.59 -29.19 44.60
C ALA E 446 -5.27 -29.27 43.24
N ILE E 447 -5.08 -30.40 42.57
CA ILE E 447 -5.66 -30.65 41.24
C ILE E 447 -6.57 -31.89 41.30
N THR E 448 -7.78 -31.79 40.72
CA THR E 448 -8.63 -32.97 40.47
C THR E 448 -8.62 -33.24 38.98
N GLU E 449 -7.89 -34.26 38.56
CA GLU E 449 -7.75 -34.54 37.14
C GLU E 449 -9.10 -34.86 36.48
N LYS E 450 -9.91 -35.70 37.11
CA LYS E 450 -11.20 -36.09 36.52
C LYS E 450 -12.40 -35.34 37.11
N ALA E 451 -12.55 -34.06 36.78
CA ALA E 451 -13.53 -33.20 37.44
C ALA E 451 -14.95 -33.36 36.90
N ASP E 452 -15.87 -33.52 37.85
CA ASP E 452 -17.28 -33.80 37.60
C ASP E 452 -18.12 -32.94 38.55
N GLY E 453 -18.80 -31.93 38.02
CA GLY E 453 -19.68 -31.10 38.82
C GLY E 453 -19.65 -29.66 38.37
N THR E 454 -19.87 -28.76 39.34
CA THR E 454 -19.99 -27.34 39.05
C THR E 454 -18.76 -26.56 39.53
N GLY E 455 -18.30 -25.61 38.70
CA GLY E 455 -17.05 -24.91 38.96
C GLY E 455 -17.05 -23.50 38.44
N THR E 456 -15.97 -22.79 38.79
CA THR E 456 -15.76 -21.37 38.47
C THR E 456 -14.56 -21.23 37.53
N ILE E 457 -14.69 -20.39 36.51
CA ILE E 457 -13.58 -20.12 35.62
C ILE E 457 -12.53 -19.29 36.35
N GLU E 458 -11.27 -19.73 36.37
CA GLU E 458 -10.17 -18.93 36.94
C GLU E 458 -9.35 -18.24 35.84
N THR E 459 -9.19 -18.95 34.72
CA THR E 459 -8.54 -18.42 33.54
C THR E 459 -8.94 -19.25 32.33
N TYR E 460 -8.62 -18.71 31.16
CA TYR E 460 -9.13 -19.23 29.91
C TYR E 460 -8.25 -18.79 28.76
N THR E 461 -8.43 -19.42 27.63
CA THR E 461 -7.95 -18.90 26.37
C THR E 461 -8.83 -19.44 25.26
N VAL E 462 -8.67 -18.91 24.08
CA VAL E 462 -9.42 -19.41 22.94
C VAL E 462 -8.50 -19.59 21.75
N ARG E 463 -8.69 -20.69 21.02
CA ARG E 463 -7.93 -20.92 19.79
C ARG E 463 -8.75 -20.41 18.62
N TYR E 464 -8.26 -19.34 17.99
CA TYR E 464 -8.93 -18.78 16.80
C TYR E 464 -8.41 -19.33 15.48
N ASP E 465 -7.34 -20.11 15.55
CA ASP E 465 -6.75 -20.71 14.37
C ASP E 465 -7.46 -22.04 14.07
N TRP E 466 -8.28 -22.50 15.03
CA TRP E 466 -9.05 -23.73 14.87
C TRP E 466 -10.51 -23.41 14.56
N THR E 467 -11.16 -24.24 13.76
CA THR E 467 -12.59 -24.10 13.52
C THR E 467 -13.25 -25.42 13.78
N PRO E 468 -14.24 -25.44 14.68
CA PRO E 468 -14.79 -24.24 15.39
C PRO E 468 -13.85 -23.73 16.44
N HIS E 469 -14.00 -22.46 16.84
CA HIS E 469 -13.10 -21.84 17.80
C HIS E 469 -13.11 -22.63 19.10
N THR E 470 -11.96 -22.82 19.72
CA THR E 470 -11.88 -23.78 20.85
C THR E 470 -11.39 -23.13 22.14
N GLY E 471 -12.13 -23.34 23.21
CA GLY E 471 -11.78 -22.75 24.48
C GLY E 471 -11.08 -23.72 25.41
N ILE E 472 -10.07 -23.21 26.12
CA ILE E 472 -9.38 -23.94 27.17
C ILE E 472 -9.62 -23.21 28.47
N ILE E 473 -10.03 -23.94 29.50
CA ILE E 473 -10.38 -23.32 30.75
C ILE E 473 -9.59 -23.97 31.88
N ILE E 474 -9.10 -23.15 32.79
CA ILE E 474 -8.70 -23.64 34.09
C ILE E 474 -9.79 -23.23 35.03
N GLY E 475 -10.34 -24.17 35.77
CA GLY E 475 -11.43 -23.85 36.67
C GLY E 475 -11.18 -24.33 38.06
N ARG E 476 -12.05 -23.98 38.98
CA ARG E 476 -11.91 -24.37 40.38
C ARG E 476 -13.09 -25.17 40.86
N LEU E 477 -12.89 -26.11 41.76
CA LEU E 477 -14.05 -26.79 42.28
C LEU E 477 -14.51 -26.19 43.59
N ASP E 478 -15.75 -26.47 43.95
CA ASP E 478 -16.24 -25.97 45.21
C ASP E 478 -15.16 -26.23 46.25
N ASP E 479 -14.73 -27.47 46.42
CA ASP E 479 -13.62 -27.77 47.34
C ASP E 479 -12.31 -27.00 47.07
N GLY E 480 -12.27 -26.17 46.02
CA GLY E 480 -11.13 -25.29 45.75
C GLY E 480 -9.91 -25.89 45.02
N SER E 481 -10.03 -27.10 44.49
CA SER E 481 -8.97 -27.70 43.69
C SER E 481 -9.14 -27.35 42.20
N ARG E 482 -8.05 -27.25 41.45
CA ARG E 482 -8.13 -26.86 40.02
C ARG E 482 -8.34 -28.01 39.04
N PHE E 483 -8.82 -27.66 37.85
CA PHE E 483 -8.95 -28.62 36.76
C PHE E 483 -8.84 -27.89 35.45
N LEU E 484 -8.71 -28.68 34.38
CA LEU E 484 -8.63 -28.20 33.02
C LEU E 484 -9.84 -28.66 32.23
N ALA E 485 -10.29 -27.85 31.27
CA ALA E 485 -11.38 -28.28 30.40
C ALA E 485 -11.27 -27.67 29.02
N LYS E 486 -11.78 -28.39 28.03
CA LYS E 486 -11.76 -27.99 26.65
C LYS E 486 -13.20 -27.79 26.28
N THR E 487 -13.48 -26.92 25.31
CA THR E 487 -14.87 -26.64 24.97
C THR E 487 -15.01 -26.13 23.57
N LYS E 488 -16.05 -26.61 22.88
CA LYS E 488 -16.52 -26.06 21.59
C LYS E 488 -17.98 -25.51 21.56
N ASP E 489 -18.53 -25.15 22.71
CA ASP E 489 -19.89 -24.62 22.78
C ASP E 489 -20.87 -25.68 23.28
N LEU E 492 -20.66 -20.92 25.28
CA LEU E 492 -19.49 -20.72 26.13
C LEU E 492 -18.36 -19.98 25.40
N VAL E 493 -18.05 -20.44 24.20
CA VAL E 493 -17.00 -19.86 23.39
C VAL E 493 -17.35 -18.42 23.03
N LYS E 494 -18.64 -18.12 22.87
CA LYS E 494 -19.14 -16.74 22.73
C LYS E 494 -18.69 -15.86 23.92
N LEU E 495 -18.91 -16.37 25.12
CA LEU E 495 -18.52 -15.63 26.31
C LEU E 495 -17.01 -15.42 26.49
N LEU E 496 -16.21 -16.43 26.12
CA LEU E 496 -14.74 -16.35 26.25
C LEU E 496 -14.10 -15.46 25.21
N SER E 497 -14.71 -15.38 24.02
CA SER E 497 -14.19 -14.57 22.93
C SER E 497 -14.61 -13.12 23.00
N GLU E 498 -15.84 -12.87 23.44
CA GLU E 498 -16.48 -11.55 23.24
C GLU E 498 -16.95 -10.86 24.52
N GLY E 499 -17.18 -11.64 25.57
CA GLY E 499 -17.54 -11.05 26.85
C GLY E 499 -16.39 -11.03 27.85
N ASP E 500 -16.74 -11.11 29.14
CA ASP E 500 -15.77 -11.26 30.22
C ASP E 500 -16.18 -12.44 31.10
N PRO E 501 -15.47 -13.54 30.91
CA PRO E 501 -15.77 -14.82 31.54
C PRO E 501 -15.21 -15.15 32.91
N ILE E 502 -14.43 -14.34 33.57
CA ILE E 502 -13.90 -14.89 34.78
C ILE E 502 -14.89 -14.98 35.90
N GLY E 503 -14.90 -16.10 36.62
CA GLY E 503 -15.75 -16.27 37.78
C GLY E 503 -17.00 -17.04 37.48
N ALA E 504 -17.38 -16.90 36.25
CA ALA E 504 -18.55 -17.49 35.63
C ALA E 504 -18.69 -18.94 36.02
N LYS E 505 -19.93 -19.40 36.14
CA LYS E 505 -20.22 -20.76 36.54
C LYS E 505 -20.35 -21.67 35.29
N ILE E 506 -19.69 -22.82 35.37
CA ILE E 506 -19.74 -23.81 34.30
C ILE E 506 -19.99 -25.21 34.87
N VAL E 507 -20.41 -26.13 34.01
CA VAL E 507 -20.57 -27.52 34.39
C VAL E 507 -19.55 -28.34 33.59
N VAL E 508 -18.72 -29.09 34.29
CA VAL E 508 -17.65 -29.86 33.67
C VAL E 508 -17.96 -31.34 33.81
N THR E 509 -17.80 -32.07 32.70
CA THR E 509 -18.00 -33.54 32.64
C THR E 509 -16.68 -34.28 32.37
N PRO E 510 -16.31 -35.26 33.21
CA PRO E 510 -15.04 -35.96 32.96
C PRO E 510 -14.96 -36.65 31.59
N GLY E 511 -13.74 -36.96 31.18
CA GLY E 511 -13.47 -37.84 30.05
C GLY E 511 -11.97 -38.01 30.00
N GLU E 512 -11.60 -39.16 29.50
CA GLU E 512 -10.23 -39.52 29.31
C GLU E 512 -9.55 -38.85 28.19
N LYS E 513 -10.27 -38.26 27.28
CA LYS E 513 -9.53 -37.51 26.31
C LYS E 513 -9.39 -36.13 26.88
N SER E 514 -10.40 -35.32 26.74
CA SER E 514 -10.34 -34.07 27.44
C SER E 514 -11.51 -34.02 28.45
N ASN E 515 -11.47 -33.14 29.41
CA ASN E 515 -12.65 -32.91 30.18
C ASN E 515 -13.44 -31.94 29.32
N ARG E 516 -14.75 -31.86 29.43
CA ARG E 516 -15.47 -30.97 28.54
C ARG E 516 -16.27 -30.04 29.44
N ALA E 517 -16.59 -28.83 28.97
CA ALA E 517 -17.30 -27.83 29.77
C ALA E 517 -18.37 -27.08 29.00
N VAL E 518 -19.44 -26.67 29.71
CA VAL E 518 -20.51 -25.80 29.18
C VAL E 518 -20.97 -24.80 30.25
N LEU E 519 -21.85 -23.83 29.90
CA LEU E 519 -22.41 -22.86 30.87
C LEU E 519 -23.44 -23.42 31.88
N ALA E 520 -23.66 -22.73 33.00
CA ALA E 520 -24.61 -23.22 34.03
C ALA E 520 -25.77 -22.26 34.32
N VAL F 15 30.39 -29.55 -50.67
CA VAL F 15 30.19 -29.73 -49.17
C VAL F 15 30.05 -31.19 -48.57
N ASP F 16 30.97 -31.52 -47.65
CA ASP F 16 31.29 -32.91 -47.24
C ASP F 16 30.12 -33.58 -46.50
N PRO F 17 29.82 -34.85 -46.79
CA PRO F 17 28.71 -35.55 -46.10
C PRO F 17 28.80 -35.63 -44.56
N ARG F 18 30.01 -35.57 -44.01
CA ARG F 18 30.20 -35.68 -42.56
C ARG F 18 30.16 -34.33 -41.80
N THR F 19 29.88 -33.25 -42.53
CA THR F 19 29.68 -31.92 -41.91
C THR F 19 28.44 -31.93 -41.01
N PRO F 20 28.59 -31.39 -39.79
CA PRO F 20 27.54 -31.34 -38.78
C PRO F 20 26.60 -30.15 -38.90
N VAL F 21 25.31 -30.41 -38.73
CA VAL F 21 24.31 -29.38 -38.74
C VAL F 21 23.37 -29.56 -37.55
N ILE F 22 22.96 -28.44 -36.98
CA ILE F 22 21.87 -28.48 -36.02
C ILE F 22 20.57 -28.52 -36.81
N VAL F 23 19.78 -29.57 -36.61
CA VAL F 23 18.47 -29.70 -37.29
C VAL F 23 17.22 -29.37 -36.47
N GLY F 24 17.29 -29.54 -35.15
CA GLY F 24 16.12 -29.30 -34.30
C GLY F 24 16.49 -28.61 -32.99
N VAL F 25 15.72 -27.58 -32.66
CA VAL F 25 15.86 -26.95 -31.38
C VAL F 25 14.54 -26.97 -30.63
N GLY F 26 14.61 -26.99 -29.31
CA GLY F 26 13.44 -27.11 -28.47
C GLY F 26 13.59 -26.38 -27.19
N GLN F 27 12.56 -25.64 -26.81
CA GLN F 27 12.53 -25.00 -25.52
C GLN F 27 11.21 -25.29 -24.87
N PHE F 28 11.20 -25.22 -23.55
CA PHE F 28 9.99 -25.43 -22.78
C PHE F 28 10.02 -24.67 -21.47
N THR F 29 8.91 -24.06 -21.10
CA THR F 29 8.78 -23.47 -19.77
C THR F 29 7.46 -23.89 -19.18
N GLU F 30 7.48 -24.22 -17.88
CA GLU F 30 6.24 -24.47 -17.09
C GLU F 30 6.03 -23.46 -15.93
N ARG F 31 4.75 -23.09 -15.66
CA ARG F 31 4.17 -22.48 -14.38
C ARG F 31 5.12 -22.02 -13.23
N GLY F 39 4.99 -28.89 -9.81
CA GLY F 39 5.82 -28.87 -10.99
C GLY F 39 6.28 -30.22 -11.46
N SER F 41 9.26 -32.94 -12.93
CA SER F 41 10.66 -33.29 -12.63
C SER F 41 11.63 -32.80 -13.71
N SER F 42 12.89 -32.67 -13.33
CA SER F 42 13.85 -32.17 -14.30
C SER F 42 13.95 -33.08 -15.54
N VAL F 43 13.76 -34.39 -15.36
CA VAL F 43 13.69 -35.31 -16.49
C VAL F 43 12.52 -35.00 -17.41
N GLU F 44 11.32 -34.88 -16.85
CA GLU F 44 10.12 -34.47 -17.63
C GLU F 44 10.33 -33.18 -18.48
N LEU F 45 11.08 -32.22 -17.93
CA LEU F 45 11.28 -30.93 -18.54
C LEU F 45 12.23 -31.02 -19.72
N ALA F 46 13.29 -31.80 -19.54
CA ALA F 46 14.25 -32.02 -20.59
C ALA F 46 13.58 -32.86 -21.69
N THR F 47 12.64 -33.69 -21.28
CA THR F 47 11.90 -34.54 -22.17
C THR F 47 10.99 -33.69 -23.06
N GLU F 48 10.24 -32.79 -22.46
CA GLU F 48 9.44 -31.87 -23.26
C GLU F 48 10.26 -31.09 -24.31
N ALA F 49 11.41 -30.55 -23.90
CA ALA F 49 12.29 -29.83 -24.84
C ALA F 49 12.89 -30.74 -25.90
N ALA F 50 13.16 -31.99 -25.56
CA ALA F 50 13.72 -32.94 -26.50
C ALA F 50 12.69 -33.34 -27.59
N LYS F 51 11.43 -33.45 -27.15
CA LYS F 51 10.32 -33.74 -28.05
C LYS F 51 10.07 -32.63 -29.05
N ALA F 52 10.27 -31.39 -28.62
CA ALA F 52 10.15 -30.21 -29.49
C ALA F 52 11.31 -30.11 -30.47
N ALA F 53 12.52 -30.45 -30.03
CA ALA F 53 13.68 -30.56 -30.93
C ALA F 53 13.46 -31.61 -32.06
N LEU F 54 12.93 -32.77 -31.70
CA LEU F 54 12.58 -33.80 -32.67
C LEU F 54 11.42 -33.39 -33.56
N HIS F 55 10.54 -32.52 -33.08
CA HIS F 55 9.49 -32.09 -33.97
C HIS F 55 9.91 -30.95 -34.87
N ASP F 56 10.81 -30.13 -34.35
CA ASP F 56 11.30 -28.97 -35.02
C ASP F 56 11.99 -29.33 -36.32
N CYS F 57 12.53 -30.54 -36.39
CA CYS F 57 13.21 -31.04 -37.58
C CYS F 57 12.27 -31.17 -38.78
N GLY F 58 11.16 -31.86 -38.60
CA GLY F 58 10.28 -32.07 -39.70
C GLY F 58 10.40 -33.42 -40.33
N ALA F 59 11.29 -34.23 -39.82
CA ALA F 59 11.30 -35.59 -40.25
C ALA F 59 10.28 -36.17 -39.34
N ASP F 60 10.26 -37.48 -39.19
CA ASP F 60 9.29 -38.13 -38.35
C ASP F 60 9.92 -38.35 -36.95
N ALA F 61 9.30 -37.92 -35.85
CA ALA F 61 10.01 -37.89 -34.61
C ALA F 61 10.53 -39.22 -34.19
N ASP F 62 9.73 -40.24 -34.39
CA ASP F 62 10.03 -41.62 -33.94
C ASP F 62 11.20 -42.22 -34.71
N THR F 63 11.26 -41.94 -36.02
CA THR F 63 12.35 -42.44 -36.87
C THR F 63 13.67 -41.76 -36.45
N VAL F 64 13.59 -40.45 -36.16
CA VAL F 64 14.76 -39.68 -35.78
C VAL F 64 15.29 -40.17 -34.44
N ALA F 65 14.36 -40.46 -33.52
CA ALA F 65 14.67 -40.94 -32.18
C ALA F 65 15.41 -42.28 -32.23
N ARG F 66 14.94 -43.19 -33.06
CA ARG F 66 15.62 -44.48 -33.17
C ARG F 66 17.06 -44.37 -33.76
N ALA F 67 17.35 -43.24 -34.43
CA ALA F 67 18.63 -43.02 -35.10
C ALA F 67 19.65 -42.31 -34.20
N ILE F 68 19.19 -41.81 -33.04
CA ILE F 68 20.06 -41.12 -32.11
C ILE F 68 21.03 -42.14 -31.53
N ASP F 69 22.34 -41.84 -31.65
CA ASP F 69 23.39 -42.70 -31.11
C ASP F 69 24.06 -42.18 -29.81
N THR F 70 23.96 -40.87 -29.56
CA THR F 70 24.49 -40.29 -28.32
C THR F 70 23.53 -39.27 -27.74
N VAL F 71 23.37 -39.30 -26.43
CA VAL F 71 22.67 -38.26 -25.71
C VAL F 71 23.65 -37.71 -24.70
N ALA F 72 23.62 -36.39 -24.57
CA ALA F 72 24.44 -35.70 -23.62
C ALA F 72 23.57 -34.75 -22.81
N GLY F 73 23.65 -34.84 -21.49
CA GLY F 73 22.93 -33.92 -20.63
C GLY F 73 23.83 -32.95 -19.85
N THR F 74 23.35 -31.73 -19.64
CA THR F 74 24.05 -30.84 -18.73
C THR F 74 23.66 -31.19 -17.29
N ARG F 75 24.55 -30.86 -16.37
CA ARG F 75 24.47 -31.27 -14.99
C ARG F 75 23.61 -30.28 -14.18
N GLN F 76 23.00 -30.68 -13.07
CA GLN F 76 22.37 -29.72 -12.12
C GLN F 76 23.09 -29.62 -10.74
N SER F 91 19.09 -41.50 -10.97
CA SER F 91 20.39 -42.09 -11.25
C SER F 91 20.93 -41.92 -12.66
N ASN F 92 20.22 -42.31 -13.73
CA ASN F 92 20.72 -42.01 -15.07
C ASN F 92 19.78 -41.02 -15.75
N TYR F 93 20.08 -39.74 -15.57
CA TYR F 93 19.20 -38.71 -16.09
C TYR F 93 19.15 -38.65 -17.65
N PRO F 94 20.31 -38.67 -18.36
CA PRO F 94 20.31 -38.70 -19.83
C PRO F 94 19.59 -39.90 -20.44
N ARG F 95 19.78 -41.11 -19.94
CA ARG F 95 18.98 -42.26 -20.40
C ARG F 95 17.48 -42.17 -20.12
N SER F 96 17.09 -41.53 -19.02
CA SER F 96 15.69 -41.44 -18.68
C SER F 96 15.02 -40.57 -19.73
N VAL F 97 15.70 -39.51 -20.12
CA VAL F 97 15.23 -38.62 -21.17
C VAL F 97 15.14 -39.38 -22.50
N ALA F 98 16.12 -40.24 -22.75
CA ALA F 98 16.12 -41.08 -23.93
C ALA F 98 14.94 -42.04 -24.04
N ARG F 99 14.63 -42.78 -22.97
CA ARG F 99 13.56 -43.78 -23.02
C ARG F 99 12.20 -43.05 -23.14
N ASN F 100 12.10 -41.85 -22.59
CA ASN F 100 10.87 -41.05 -22.72
C ASN F 100 10.54 -40.54 -24.12
N ILE F 101 11.58 -40.35 -24.92
CA ILE F 101 11.42 -39.86 -26.29
C ILE F 101 11.50 -40.98 -27.32
N GLY F 102 11.82 -42.19 -26.89
CA GLY F 102 11.85 -43.39 -27.77
C GLY F 102 13.17 -43.67 -28.43
N ALA F 103 14.26 -43.22 -27.80
CA ALA F 103 15.65 -43.42 -28.24
C ALA F 103 16.31 -44.53 -27.44
N ASP F 104 17.25 -45.22 -28.06
CA ASP F 104 18.08 -46.22 -27.36
C ASP F 104 19.52 -46.09 -27.84
N PRO F 105 20.23 -45.06 -27.36
CA PRO F 105 21.49 -44.71 -27.92
C PRO F 105 22.61 -45.52 -27.27
N ALA F 106 23.68 -45.68 -28.02
CA ALA F 106 24.82 -46.40 -27.52
C ALA F 106 25.57 -45.61 -26.40
N HIS F 107 25.81 -44.32 -26.58
CA HIS F 107 26.45 -43.53 -25.54
C HIS F 107 25.55 -42.50 -24.89
N ALA F 108 25.68 -42.39 -23.58
CA ALA F 108 25.01 -41.36 -22.81
C ALA F 108 26.10 -40.59 -22.07
N VAL F 109 26.05 -39.26 -22.09
CA VAL F 109 27.01 -38.42 -21.39
C VAL F 109 26.36 -37.46 -20.37
N LEU F 110 26.90 -37.23 -19.18
CA LEU F 110 26.49 -36.13 -18.30
C LEU F 110 27.63 -35.14 -18.13
N GLU F 111 27.39 -33.89 -18.53
CA GLU F 111 28.46 -32.90 -18.66
C GLU F 111 28.87 -32.20 -17.37
N VAL F 112 30.13 -31.78 -17.34
CA VAL F 112 30.67 -30.99 -16.28
C VAL F 112 29.85 -29.80 -15.92
N ILE F 113 30.05 -29.37 -14.72
CA ILE F 113 29.34 -28.13 -14.35
C ILE F 113 29.81 -26.88 -15.17
N GLY F 114 28.95 -25.86 -15.23
CA GLY F 114 29.34 -24.53 -15.66
C GLY F 114 28.49 -24.05 -16.83
N GLY F 115 28.25 -22.74 -16.89
CA GLY F 115 27.47 -22.17 -17.98
C GLY F 115 28.07 -22.22 -19.42
N GLN F 116 29.37 -22.55 -19.53
CA GLN F 116 30.02 -22.87 -20.81
C GLN F 116 29.49 -24.18 -21.44
N SER F 117 28.99 -25.10 -20.63
CA SER F 117 28.76 -26.48 -21.11
C SER F 117 27.86 -26.71 -22.32
N PRO F 118 26.76 -25.96 -22.47
CA PRO F 118 25.94 -26.15 -23.67
C PRO F 118 26.69 -25.87 -24.97
N GLN F 119 27.49 -24.80 -24.97
CA GLN F 119 28.22 -24.45 -26.16
C GLN F 119 29.45 -25.33 -26.33
N HIS F 120 30.10 -25.72 -25.22
CA HIS F 120 31.27 -26.65 -25.25
C HIS F 120 30.86 -27.99 -25.86
N LEU F 121 29.63 -28.39 -25.55
CA LEU F 121 29.07 -29.69 -25.88
C LEU F 121 28.70 -29.73 -27.34
N ALA F 122 28.13 -28.62 -27.84
CA ALA F 122 27.79 -28.51 -29.25
C ALA F 122 29.08 -28.52 -30.08
N THR F 123 30.10 -27.81 -29.59
CA THR F 123 31.38 -27.78 -30.26
C THR F 123 32.04 -29.16 -30.32
N GLU F 124 32.01 -29.88 -29.19
CA GLU F 124 32.59 -31.22 -29.06
C GLU F 124 31.92 -32.24 -30.01
N PHE F 125 30.58 -32.27 -30.03
CA PHE F 125 29.89 -33.22 -30.88
C PHE F 125 29.85 -32.84 -32.33
N GLY F 126 30.05 -31.55 -32.60
CA GLY F 126 30.31 -31.04 -33.95
C GLY F 126 31.56 -31.70 -34.51
N GLY F 127 32.64 -31.63 -33.71
CA GLY F 127 33.93 -32.25 -34.02
C GLY F 127 33.89 -33.76 -34.17
N LYS F 128 33.06 -34.40 -33.38
CA LYS F 128 33.00 -35.82 -33.40
C LYS F 128 32.18 -36.33 -34.56
N ILE F 129 31.19 -35.52 -34.99
CA ILE F 129 30.40 -35.84 -36.21
C ILE F 129 31.26 -35.57 -37.47
N ALA F 130 31.90 -34.42 -37.50
CA ALA F 130 32.66 -33.98 -38.63
C ALA F 130 33.77 -34.94 -38.89
N ALA F 131 34.36 -35.42 -37.84
CA ALA F 131 35.21 -36.54 -37.87
C ALA F 131 34.32 -37.73 -38.10
N GLY F 132 34.84 -38.92 -37.85
CA GLY F 132 34.08 -40.14 -37.99
C GLY F 132 33.74 -40.76 -36.65
N GLU F 133 32.95 -40.04 -35.86
CA GLU F 133 32.59 -40.51 -34.52
C GLU F 133 31.08 -40.69 -34.36
N ASN F 134 30.35 -39.58 -34.36
CA ASN F 134 28.90 -39.62 -34.15
C ASN F 134 28.07 -39.23 -35.34
N ASP F 135 26.92 -39.87 -35.54
CA ASP F 135 26.04 -39.44 -36.64
C ASP F 135 24.89 -38.54 -36.15
N VAL F 136 24.17 -39.01 -35.13
CA VAL F 136 23.03 -38.26 -34.58
C VAL F 136 23.16 -38.14 -33.06
N VAL F 137 23.21 -36.88 -32.60
CA VAL F 137 23.43 -36.57 -31.22
C VAL F 137 22.29 -35.68 -30.70
N LEU F 138 21.79 -35.99 -29.49
CA LEU F 138 20.87 -35.12 -28.78
C LEU F 138 21.49 -34.53 -27.51
N ILE F 139 21.43 -33.22 -27.39
CA ILE F 139 21.91 -32.48 -26.24
C ILE F 139 20.68 -31.87 -25.52
N PHE F 140 20.68 -31.81 -24.20
CA PHE F 140 19.54 -31.25 -23.48
C PHE F 140 19.94 -30.88 -22.08
N GLY F 141 19.11 -30.09 -21.43
CA GLY F 141 19.39 -29.62 -20.08
C GLY F 141 18.11 -29.10 -19.50
N SER F 142 18.05 -28.98 -18.18
CA SER F 142 16.85 -28.47 -17.51
C SER F 142 17.12 -28.01 -16.09
N GLU F 143 16.19 -27.24 -15.50
CA GLU F 143 16.21 -26.87 -14.10
C GLU F 143 14.84 -26.75 -13.53
N ASN F 144 14.79 -26.90 -12.21
CA ASN F 144 13.61 -27.06 -11.37
C ASN F 144 13.47 -25.88 -10.43
N THR F 145 12.25 -25.66 -9.90
CA THR F 145 12.11 -24.79 -8.70
C THR F 145 12.72 -25.54 -7.47
N SER F 146 12.67 -26.90 -7.53
CA SER F 146 13.56 -27.83 -6.75
C SER F 146 12.85 -28.86 -5.86
N ASP F 180 40.65 -24.20 -5.36
CA ASP F 180 40.02 -23.12 -4.64
C ASP F 180 40.65 -23.09 -3.27
N GLU F 181 39.97 -23.54 -2.23
CA GLU F 181 40.62 -23.94 -0.98
C GLU F 181 41.27 -22.93 -0.01
N TYR F 182 41.28 -21.66 -0.33
CA TYR F 182 41.90 -20.67 0.54
C TYR F 182 41.11 -19.46 0.24
N THR F 183 40.15 -19.65 -0.63
CA THR F 183 39.22 -18.63 -1.01
C THR F 183 37.98 -18.73 -0.16
N ILE F 184 37.54 -19.93 0.19
CA ILE F 184 36.34 -20.01 1.00
C ILE F 184 36.67 -20.04 2.47
N ARG F 185 37.93 -19.84 2.76
CA ARG F 185 38.34 -19.53 4.08
C ARG F 185 37.80 -18.17 4.30
N HIS F 186 37.94 -17.33 3.30
CA HIS F 186 37.68 -15.92 3.38
C HIS F 186 36.34 -15.44 2.87
N GLY F 187 35.34 -16.30 2.73
CA GLY F 187 34.11 -15.81 2.16
C GLY F 187 34.20 -16.49 0.84
N LEU F 188 33.82 -15.85 -0.23
CA LEU F 188 34.18 -16.35 -1.53
C LEU F 188 33.61 -17.69 -1.80
N ILE F 189 32.35 -17.85 -1.41
CA ILE F 189 31.56 -19.04 -1.67
C ILE F 189 30.49 -18.90 -2.75
N GLY F 190 29.63 -17.92 -2.71
CA GLY F 190 28.64 -17.79 -3.77
C GLY F 190 29.24 -17.15 -5.00
N ALA F 191 28.51 -17.17 -6.09
CA ALA F 191 28.98 -16.57 -7.34
C ALA F 191 28.95 -15.05 -7.29
N PRO F 192 27.90 -14.52 -6.73
CA PRO F 192 27.80 -13.06 -6.64
C PRO F 192 28.99 -12.34 -5.97
N VAL F 193 29.50 -12.90 -4.87
CA VAL F 193 30.63 -12.30 -4.15
C VAL F 193 31.93 -12.29 -4.96
N GLN F 194 32.13 -13.31 -5.76
CA GLN F 194 33.33 -13.40 -6.58
C GLN F 194 33.31 -12.52 -7.82
N TYR F 195 32.15 -12.42 -8.45
CA TYR F 195 31.94 -11.47 -9.52
C TYR F 195 32.06 -10.03 -9.07
N GLY F 196 31.59 -9.72 -7.86
CA GLY F 196 31.77 -8.42 -7.26
C GLY F 196 33.20 -7.93 -7.28
N LEU F 197 34.12 -8.84 -6.96
CA LEU F 197 35.54 -8.55 -6.96
C LEU F 197 36.02 -8.24 -8.35
N LEU F 198 35.53 -9.01 -9.34
CA LEU F 198 35.96 -8.86 -10.71
C LEU F 198 35.41 -7.57 -11.26
N GLU F 199 34.22 -7.22 -10.80
CA GLU F 199 33.54 -6.04 -11.26
C GLU F 199 34.17 -4.78 -10.70
N ASN F 200 34.59 -4.78 -9.43
CA ASN F 200 35.28 -3.62 -8.84
C ASN F 200 36.70 -3.46 -9.35
N ALA F 201 37.32 -4.54 -9.80
CA ALA F 201 38.66 -4.48 -10.39
C ALA F 201 38.67 -3.87 -11.80
N ARG F 202 37.60 -4.09 -12.56
CA ARG F 202 37.39 -3.45 -13.83
C ARG F 202 37.11 -1.98 -13.64
N ARG F 203 36.45 -1.63 -12.53
CA ARG F 203 36.20 -0.22 -12.19
C ARG F 203 37.51 0.53 -11.84
N ALA F 204 38.42 -0.17 -11.16
CA ALA F 204 39.77 0.33 -10.91
C ALA F 204 40.52 0.67 -12.21
N ARG F 205 40.65 -0.31 -13.11
CA ARG F 205 41.37 -0.12 -14.38
C ARG F 205 40.81 1.02 -15.23
N LEU F 206 39.49 1.15 -15.30
CA LEU F 206 38.87 2.22 -16.08
C LEU F 206 38.89 3.58 -15.41
N GLY F 207 39.22 3.59 -14.12
CA GLY F 207 39.13 4.78 -13.27
C GLY F 207 37.76 5.46 -13.16
N LEU F 208 36.68 4.68 -13.26
CA LEU F 208 35.34 5.23 -13.02
C LEU F 208 35.03 5.33 -11.52
N SER F 209 34.12 6.25 -11.15
CA SER F 209 33.63 6.39 -9.81
C SER F 209 32.52 5.41 -9.55
N VAL F 210 32.18 5.22 -8.30
CA VAL F 210 31.18 4.26 -7.93
C VAL F 210 29.85 4.48 -8.64
N ALA F 211 29.28 5.64 -8.48
CA ALA F 211 28.04 5.94 -9.16
C ALA F 211 28.16 5.96 -10.66
N ASP F 212 29.31 6.32 -11.23
CA ASP F 212 29.50 6.26 -12.68
C ASP F 212 29.44 4.86 -13.25
N TYR F 213 30.11 3.94 -12.56
CA TYR F 213 30.08 2.52 -12.87
C TYR F 213 28.69 1.92 -12.64
N ARG F 214 28.02 2.30 -11.58
CA ARG F 214 26.67 1.81 -11.37
C ARG F 214 25.81 2.17 -12.55
N LEU F 215 26.06 3.35 -13.13
CA LEU F 215 25.31 3.82 -14.29
C LEU F 215 25.59 3.00 -15.54
N ALA F 216 26.85 2.68 -15.77
CA ALA F 216 27.23 1.85 -16.92
C ALA F 216 26.58 0.46 -16.86
N ALA F 218 23.68 -0.39 -15.21
CA ALA F 218 22.29 -0.23 -15.49
C ALA F 218 22.00 0.05 -16.97
N GLU F 219 22.88 0.75 -17.66
CA GLU F 219 22.75 1.03 -19.09
C GLU F 219 23.04 -0.17 -19.98
N LEU F 220 23.90 -1.04 -19.50
CA LEU F 220 24.12 -2.33 -20.14
C LEU F 220 22.91 -3.27 -20.00
N PHE F 221 22.32 -3.33 -18.80
CA PHE F 221 21.33 -4.35 -18.50
C PHE F 221 19.89 -4.03 -18.84
N ALA F 222 19.52 -2.76 -18.87
CA ALA F 222 18.14 -2.37 -19.19
C ALA F 222 17.64 -2.87 -20.56
N PRO F 223 18.44 -2.69 -21.64
CA PRO F 223 18.11 -3.29 -22.92
C PRO F 223 17.90 -4.81 -22.83
N PHE F 224 18.64 -5.47 -21.94
CA PHE F 224 18.48 -6.93 -21.67
C PHE F 224 17.10 -7.31 -21.14
N SER F 225 16.67 -6.65 -20.07
CA SER F 225 15.36 -6.91 -19.51
C SER F 225 14.21 -6.60 -20.49
N LYS F 226 14.43 -5.68 -21.44
CA LYS F 226 13.41 -5.37 -22.43
C LYS F 226 13.22 -6.56 -23.36
N VAL F 227 14.33 -7.06 -23.89
CA VAL F 227 14.30 -8.24 -24.74
C VAL F 227 13.68 -9.42 -23.99
N ALA F 228 14.02 -9.52 -22.72
CA ALA F 228 13.53 -10.58 -21.86
C ALA F 228 12.02 -10.53 -21.67
N ALA F 229 11.46 -9.35 -21.55
CA ALA F 229 9.99 -9.25 -21.34
C ALA F 229 9.14 -9.76 -22.53
N LYS F 230 9.62 -9.56 -23.74
CA LYS F 230 8.90 -9.97 -24.94
C LYS F 230 9.22 -11.38 -25.38
N ASN F 231 10.16 -12.01 -24.69
CA ASN F 231 10.42 -13.42 -24.90
C ASN F 231 9.44 -14.27 -24.06
N PRO F 232 8.60 -15.10 -24.75
CA PRO F 232 7.59 -15.92 -24.06
C PRO F 232 8.19 -16.98 -23.13
N TYR F 233 9.38 -17.48 -23.48
CA TYR F 233 10.07 -18.45 -22.64
C TYR F 233 10.63 -17.87 -21.33
N SER F 234 10.71 -16.55 -21.18
CA SER F 234 11.09 -15.93 -19.92
C SER F 234 10.07 -16.26 -18.87
N SER F 235 10.55 -16.55 -17.67
CA SER F 235 9.67 -16.84 -16.58
C SER F 235 9.52 -15.57 -15.77
N ALA F 236 8.27 -15.18 -15.53
CA ALA F 236 7.90 -13.97 -14.75
C ALA F 236 8.83 -12.75 -14.91
N PRO F 237 8.94 -12.16 -16.13
CA PRO F 237 9.85 -11.03 -16.30
C PRO F 237 9.10 -9.68 -16.24
N THR F 238 9.68 -8.72 -15.53
CA THR F 238 9.22 -7.36 -15.62
C THR F 238 10.36 -6.57 -16.28
N GLU F 239 10.02 -5.67 -17.21
CA GLU F 239 11.00 -4.78 -17.81
C GLU F 239 11.42 -3.69 -16.82
N ARG F 240 12.71 -3.34 -16.86
CA ARG F 240 13.28 -2.33 -15.97
C ARG F 240 13.99 -1.22 -16.74
N SER F 241 13.81 0.00 -16.29
CA SER F 241 14.52 1.15 -16.83
C SER F 241 15.88 1.32 -16.15
N VAL F 242 16.76 2.07 -16.81
CA VAL F 242 18.09 2.41 -16.33
C VAL F 242 18.07 3.01 -14.91
N GLU F 243 17.11 3.91 -14.65
CA GLU F 243 17.08 4.60 -13.36
C GLU F 243 16.46 3.72 -12.27
N GLU F 244 15.51 2.88 -12.65
CA GLU F 244 14.98 1.83 -11.75
C GLU F 244 16.09 0.91 -11.26
N LEU F 245 16.98 0.47 -12.16
CA LEU F 245 18.08 -0.46 -11.84
C LEU F 245 19.15 0.13 -10.95
N LEU F 246 19.39 1.41 -11.11
CA LEU F 246 20.51 2.12 -10.48
C LEU F 246 20.14 2.74 -9.12
N THR F 247 18.84 2.95 -8.90
CA THR F 247 18.33 3.59 -7.67
C THR F 247 18.04 2.57 -6.56
N VAL F 248 18.82 2.68 -5.50
CA VAL F 248 18.71 1.79 -4.37
C VAL F 248 17.45 2.16 -3.58
N THR F 249 16.56 1.19 -3.38
CA THR F 249 15.36 1.41 -2.58
C THR F 249 15.28 0.29 -1.54
N ALA F 250 14.20 0.26 -0.74
CA ALA F 250 13.95 -0.90 0.12
C ALA F 250 13.70 -2.17 -0.70
N SER F 251 13.15 -1.99 -1.90
CA SER F 251 12.88 -3.09 -2.84
C SER F 251 14.12 -3.56 -3.65
N ASN F 252 14.92 -2.59 -4.09
CA ASN F 252 16.16 -2.81 -4.84
C ASN F 252 17.39 -2.48 -3.97
N ARG F 253 17.52 -3.19 -2.86
CA ARG F 253 18.64 -2.97 -1.93
C ARG F 253 19.98 -3.61 -2.37
N ILE F 255 22.92 -5.92 -2.27
CA ILE F 255 23.15 -7.32 -1.86
C ILE F 255 24.65 -7.59 -1.57
N VAL F 256 25.43 -7.58 -2.65
CA VAL F 256 26.87 -7.77 -2.60
C VAL F 256 27.43 -6.68 -3.49
N ASP F 257 28.45 -5.95 -3.02
CA ASP F 257 28.97 -4.79 -3.74
C ASP F 257 29.62 -5.26 -5.02
N PRO F 258 29.34 -4.59 -6.16
CA PRO F 258 28.60 -3.34 -6.32
C PRO F 258 27.17 -3.49 -6.81
N TYR F 259 26.58 -4.68 -6.71
CA TYR F 259 25.21 -4.96 -7.23
C TYR F 259 24.01 -4.72 -6.33
N PRO F 260 23.05 -3.93 -6.83
CA PRO F 260 21.73 -3.86 -6.22
C PRO F 260 20.90 -5.08 -6.63
N ARG F 261 19.96 -5.46 -5.78
CA ARG F 261 19.12 -6.63 -5.98
C ARG F 261 18.54 -6.85 -7.37
N LEU F 262 18.05 -5.82 -8.07
CA LEU F 262 17.28 -6.07 -9.31
C LEU F 262 18.16 -6.57 -10.41
N VAL F 264 20.53 -8.68 -10.02
CA VAL F 264 20.90 -10.08 -9.69
C VAL F 264 19.68 -10.75 -9.03
N ALA F 265 19.31 -11.95 -9.46
CA ALA F 265 18.06 -12.55 -8.94
C ALA F 265 18.04 -14.06 -9.16
N GLN F 268 14.70 -18.53 -11.21
CA GLN F 268 13.94 -19.32 -10.26
C GLN F 268 12.73 -19.97 -11.00
N VAL F 269 12.99 -21.03 -11.79
CA VAL F 269 12.13 -21.41 -12.95
C VAL F 269 12.01 -22.91 -13.20
N ASN F 270 11.05 -23.30 -14.03
CA ASN F 270 11.03 -24.62 -14.61
C ASN F 270 11.23 -24.55 -16.12
N GLN F 271 12.41 -24.89 -16.63
CA GLN F 271 12.62 -24.83 -18.08
C GLN F 271 13.48 -25.95 -18.67
N GLY F 272 13.33 -26.19 -19.96
CA GLY F 272 14.11 -27.19 -20.64
C GLY F 272 14.55 -26.70 -21.97
N ALA F 273 15.68 -27.22 -22.45
CA ALA F 273 16.19 -26.88 -23.77
C ALA F 273 16.91 -28.06 -24.37
N ALA F 274 16.77 -28.31 -25.66
CA ALA F 274 17.46 -29.42 -26.30
C ALA F 274 17.97 -29.01 -27.68
N LEU F 275 19.10 -29.57 -28.12
CA LEU F 275 19.53 -29.41 -29.51
C LEU F 275 19.76 -30.74 -30.21
N LEU F 276 19.23 -30.86 -31.41
CA LEU F 276 19.41 -32.01 -32.24
C LEU F 276 20.39 -31.70 -33.37
N SER F 279 25.03 -35.28 -38.90
CA SER F 279 25.79 -35.21 -40.16
C SER F 279 24.81 -34.88 -41.28
N VAL F 280 25.24 -34.06 -42.23
CA VAL F 280 24.44 -33.70 -43.40
C VAL F 280 23.91 -34.96 -44.15
N GLU F 281 24.70 -36.03 -44.08
CA GLU F 281 24.34 -37.32 -44.61
C GLU F 281 23.15 -37.91 -43.91
N SER F 282 23.16 -37.86 -42.58
CA SER F 282 22.01 -38.32 -41.78
C SER F 282 20.76 -37.45 -42.02
N ALA F 283 20.97 -36.16 -42.27
CA ALA F 283 19.91 -35.21 -42.52
C ALA F 283 19.14 -35.47 -43.80
N ARG F 284 19.84 -35.90 -44.86
CA ARG F 284 19.21 -36.35 -46.10
C ARG F 284 18.51 -37.73 -46.00
N LYS F 285 19.18 -38.69 -45.37
CA LYS F 285 18.66 -40.04 -45.13
C LYS F 285 17.32 -40.09 -44.35
N LEU F 286 17.21 -39.29 -43.30
CA LEU F 286 15.93 -38.99 -42.63
C LEU F 286 15.43 -37.75 -43.33
N GLY F 287 14.14 -37.56 -43.46
CA GLY F 287 13.71 -36.53 -44.41
C GLY F 287 13.77 -35.11 -43.91
N VAL F 288 14.95 -34.64 -43.48
CA VAL F 288 15.08 -33.29 -42.88
C VAL F 288 15.21 -32.17 -43.93
N PRO F 289 14.17 -31.34 -44.06
CA PRO F 289 14.22 -30.23 -45.00
C PRO F 289 15.45 -29.33 -44.84
N GLU F 290 16.05 -28.95 -45.95
CA GLU F 290 17.28 -28.17 -45.94
C GLU F 290 17.12 -26.77 -45.34
N GLU F 291 15.94 -26.16 -45.43
CA GLU F 291 15.76 -24.85 -44.74
C GLU F 291 15.86 -24.91 -43.19
N LYS F 292 15.98 -26.11 -42.63
CA LYS F 292 16.16 -26.30 -41.19
C LYS F 292 17.64 -26.38 -40.74
N TRP F 293 18.55 -26.66 -41.68
CA TRP F 293 19.97 -26.91 -41.37
C TRP F 293 20.70 -25.62 -41.03
N VAL F 294 21.39 -25.65 -39.89
CA VAL F 294 22.24 -24.56 -39.47
C VAL F 294 23.59 -25.18 -39.19
N TYR F 295 24.63 -24.53 -39.69
CA TYR F 295 26.03 -24.91 -39.51
C TYR F 295 26.69 -24.21 -38.31
N LEU F 296 27.52 -24.97 -37.60
CA LEU F 296 28.37 -24.37 -36.60
C LEU F 296 29.66 -23.94 -37.30
N ARG F 297 29.66 -22.71 -37.76
CA ARG F 297 30.74 -22.18 -38.58
C ARG F 297 32.00 -21.84 -37.78
N GLY F 298 31.83 -21.12 -36.67
CA GLY F 298 32.95 -20.77 -35.79
C GLY F 298 32.80 -21.31 -34.37
N HIS F 299 33.93 -21.58 -33.71
CA HIS F 299 33.96 -22.15 -32.38
C HIS F 299 35.33 -21.99 -31.75
N ALA F 300 35.36 -21.94 -30.41
CA ALA F 300 36.56 -21.95 -29.61
C ALA F 300 36.17 -22.16 -28.13
N ASP F 301 37.07 -22.83 -27.39
CA ASP F 301 36.91 -23.04 -25.96
C ASP F 301 38.18 -22.57 -25.24
N LYS F 303 40.01 -21.08 -21.29
CA LYS F 303 40.01 -21.27 -19.85
C LYS F 303 40.98 -20.32 -19.17
N GLU F 304 40.59 -19.74 -18.04
CA GLU F 304 41.50 -18.92 -17.25
C GLU F 304 42.16 -19.73 -16.13
N PRO F 305 43.29 -19.23 -15.62
CA PRO F 305 43.82 -19.78 -14.35
C PRO F 305 43.00 -19.31 -13.14
N LYS F 306 43.27 -19.85 -11.95
CA LYS F 306 42.51 -19.45 -10.75
C LYS F 306 42.56 -17.95 -10.58
N LEU F 307 41.50 -17.45 -9.98
CA LEU F 307 41.31 -16.07 -9.77
C LEU F 307 42.50 -15.34 -9.20
N LEU F 308 43.25 -15.76 -8.23
CA LEU F 308 44.33 -14.86 -7.78
C LEU F 308 45.65 -14.86 -8.58
N GLU F 309 45.72 -15.71 -9.60
CA GLU F 309 46.88 -15.83 -10.47
C GLU F 309 46.79 -14.94 -11.73
N ARG F 310 45.59 -14.46 -12.04
CA ARG F 310 45.34 -13.68 -13.25
C ARG F 310 46.05 -12.33 -13.25
N ALA F 311 46.61 -11.97 -14.42
CA ALA F 311 47.36 -10.72 -14.60
C ALA F 311 46.53 -9.50 -14.21
N ASP F 312 45.30 -9.47 -14.73
CA ASP F 312 44.34 -8.42 -14.38
C ASP F 312 43.06 -9.07 -13.88
N ILE F 313 42.74 -8.84 -12.61
CA ILE F 313 41.51 -9.41 -12.07
C ILE F 313 40.27 -8.87 -12.81
N GLY F 314 40.33 -7.59 -13.18
CA GLY F 314 39.27 -6.87 -13.89
C GLY F 314 39.12 -7.18 -15.36
N ALA F 315 39.91 -8.11 -15.88
CA ALA F 315 39.76 -8.59 -17.27
C ALA F 315 39.91 -10.11 -17.45
N SER F 316 39.35 -10.61 -18.55
CA SER F 316 39.48 -11.99 -18.94
C SER F 316 39.93 -12.09 -20.44
N PRO F 317 41.25 -12.12 -20.68
CA PRO F 317 41.77 -12.22 -22.04
C PRO F 317 41.39 -13.51 -22.76
N ALA F 318 41.22 -14.60 -22.01
CA ALA F 318 40.86 -15.89 -22.59
C ALA F 318 39.49 -15.89 -23.21
N SER F 319 38.58 -15.12 -22.64
CA SER F 319 37.24 -15.00 -23.22
C SER F 319 37.30 -14.26 -24.55
N VAL F 320 38.13 -13.22 -24.62
CA VAL F 320 38.28 -12.41 -25.83
C VAL F 320 38.92 -13.24 -26.94
N THR F 321 40.00 -13.93 -26.59
CA THR F 321 40.72 -14.86 -27.46
C THR F 321 39.78 -15.91 -28.07
N ALA F 322 38.86 -16.43 -27.27
CA ALA F 322 37.93 -17.43 -27.71
C ALA F 322 37.03 -16.82 -28.76
N VAL F 323 36.53 -15.62 -28.48
CA VAL F 323 35.69 -14.89 -29.43
C VAL F 323 36.43 -14.65 -30.76
N ASN F 324 37.65 -14.15 -30.68
CA ASN F 324 38.44 -13.87 -31.88
C ASN F 324 38.83 -15.07 -32.71
N GLU F 325 39.13 -16.18 -32.05
CA GLU F 325 39.46 -17.46 -32.72
C GLU F 325 38.23 -18.05 -33.40
N ALA F 326 37.07 -17.83 -32.80
CA ALA F 326 35.80 -18.32 -33.32
C ALA F 326 35.38 -17.50 -34.55
N LEU F 327 35.75 -16.23 -34.55
CA LEU F 327 35.56 -15.37 -35.70
C LEU F 327 36.44 -15.82 -36.86
N ARG F 328 37.72 -16.13 -36.57
CA ARG F 328 38.66 -16.62 -37.59
C ARG F 328 38.12 -17.89 -38.28
N VAL F 329 37.84 -18.90 -37.49
CA VAL F 329 37.26 -20.09 -37.99
C VAL F 329 36.09 -19.87 -38.91
N ALA F 330 35.29 -18.86 -38.67
CA ALA F 330 34.13 -18.76 -39.51
C ALA F 330 34.41 -17.95 -40.76
N GLY F 331 35.58 -17.36 -40.85
CA GLY F 331 35.93 -16.58 -41.98
C GLY F 331 35.32 -15.21 -41.99
N ILE F 332 34.91 -14.69 -40.85
CA ILE F 332 34.30 -13.41 -40.81
C ILE F 332 34.99 -12.58 -39.80
N GLY F 333 34.57 -11.35 -39.71
CA GLY F 333 35.05 -10.37 -38.73
C GLY F 333 33.89 -9.88 -37.89
N LEU F 334 34.20 -9.22 -36.79
CA LEU F 334 33.18 -8.78 -35.86
C LEU F 334 31.98 -8.06 -36.51
N ASP F 335 32.25 -7.32 -37.60
CA ASP F 335 31.25 -6.49 -38.29
C ASP F 335 30.27 -7.30 -39.15
N ASP F 336 30.66 -8.54 -39.51
CA ASP F 336 29.85 -9.48 -40.30
C ASP F 336 28.75 -10.23 -39.50
N VAL F 337 28.77 -10.08 -38.16
CA VAL F 337 27.82 -10.71 -37.25
C VAL F 337 26.52 -9.91 -37.26
N ALA F 338 25.40 -10.62 -37.34
CA ALA F 338 24.06 -10.03 -37.29
C ALA F 338 23.39 -9.97 -35.90
N ALA F 339 23.72 -10.96 -35.05
CA ALA F 339 23.12 -11.08 -33.71
C ALA F 339 24.07 -11.72 -32.69
N PHE F 340 23.99 -11.24 -31.47
CA PHE F 340 24.76 -11.79 -30.37
C PHE F 340 23.88 -12.32 -29.28
N ASP F 341 24.22 -13.51 -28.75
CA ASP F 341 23.84 -13.92 -27.36
C ASP F 341 25.05 -14.10 -26.47
N LEU F 342 25.33 -13.08 -25.68
CA LEU F 342 26.43 -13.06 -24.72
C LEU F 342 25.91 -13.32 -23.30
N TYR F 343 26.56 -14.27 -22.66
CA TYR F 343 26.19 -14.75 -21.33
C TYR F 343 26.33 -13.64 -20.30
N SER F 344 25.30 -13.50 -19.48
CA SER F 344 25.14 -12.33 -18.63
C SER F 344 24.51 -12.63 -17.28
N CYS F 345 25.18 -13.39 -16.42
CA CYS F 345 24.57 -13.55 -15.10
C CYS F 345 24.83 -12.24 -14.40
N PHE F 346 26.04 -11.73 -14.60
CA PHE F 346 26.51 -10.46 -14.08
C PHE F 346 27.02 -9.59 -15.25
N PRO F 347 27.05 -8.27 -15.07
CA PRO F 347 27.50 -7.40 -16.14
C PRO F 347 28.92 -7.74 -16.63
N PHE F 348 29.84 -8.07 -15.73
CA PHE F 348 31.24 -8.26 -16.06
C PHE F 348 31.54 -9.07 -17.33
N PRO F 349 31.07 -10.32 -17.43
CA PRO F 349 31.47 -11.12 -18.59
C PRO F 349 30.92 -10.59 -19.92
N VAL F 350 29.97 -9.67 -19.85
CA VAL F 350 29.52 -8.99 -21.04
C VAL F 350 30.42 -7.80 -21.33
N PHE F 351 30.60 -6.94 -20.34
CA PHE F 351 31.54 -5.84 -20.43
C PHE F 351 32.87 -6.25 -20.98
N ASN F 352 33.35 -7.39 -20.51
CA ASN F 352 34.66 -7.91 -20.82
C ASN F 352 34.85 -8.27 -22.27
N ILE F 353 33.83 -8.85 -22.89
CA ILE F 353 33.90 -9.14 -24.33
C ILE F 353 33.97 -7.84 -25.10
N CYS F 354 33.09 -6.91 -24.77
CA CYS F 354 33.10 -5.55 -25.32
C CYS F 354 34.41 -4.75 -25.19
N ASP F 355 35.06 -4.83 -24.02
CA ASP F 355 36.35 -4.20 -23.81
C ASP F 355 37.43 -4.72 -24.74
N GLY F 356 37.52 -6.03 -24.97
CA GLY F 356 38.71 -6.57 -25.66
C GLY F 356 38.50 -6.70 -27.15
N THR F 357 37.31 -6.36 -27.58
CA THR F 357 36.87 -6.67 -28.91
C THR F 357 36.51 -5.41 -29.72
N GLY F 358 36.30 -4.30 -29.01
CA GLY F 358 35.87 -3.06 -29.62
C GLY F 358 34.35 -2.88 -29.75
N LEU F 359 33.59 -3.97 -29.71
CA LEU F 359 32.11 -3.94 -29.64
C LEU F 359 31.55 -2.99 -28.60
N ALA F 360 30.69 -2.08 -29.02
CA ALA F 360 30.10 -1.13 -28.06
C ALA F 360 29.00 -1.79 -27.21
N THR F 361 28.79 -1.25 -26.01
CA THR F 361 27.83 -1.80 -25.08
C THR F 361 26.39 -1.48 -25.51
N ASP F 362 26.24 -0.42 -26.30
CA ASP F 362 24.92 0.04 -26.83
C ASP F 362 24.68 -0.33 -28.31
N ASP F 363 25.53 -1.23 -28.84
CA ASP F 363 25.47 -1.69 -30.21
C ASP F 363 24.05 -2.02 -30.64
N PRO F 364 23.61 -1.45 -31.79
CA PRO F 364 22.20 -1.63 -32.28
C PRO F 364 21.78 -3.09 -32.53
N ARG F 365 22.73 -3.95 -32.87
CA ARG F 365 22.46 -5.37 -33.13
C ARG F 365 21.91 -6.09 -31.87
N GLY F 366 22.29 -5.60 -30.69
CA GLY F 366 21.87 -6.14 -29.40
C GLY F 366 22.91 -7.13 -28.88
N LEU F 367 23.02 -7.23 -27.57
CA LEU F 367 23.95 -8.19 -26.99
C LEU F 367 23.35 -9.50 -26.47
N THR F 368 22.01 -9.61 -26.52
CA THR F 368 21.28 -10.82 -26.13
C THR F 368 20.17 -11.20 -27.13
N LEU F 369 19.92 -12.48 -27.28
CA LEU F 369 18.78 -12.99 -28.03
C LEU F 369 17.70 -13.48 -27.11
N THR F 370 18.02 -13.71 -25.86
CA THR F 370 17.15 -14.40 -24.95
C THR F 370 16.58 -13.41 -23.95
N GLY F 371 17.43 -12.49 -23.52
CA GLY F 371 17.06 -11.54 -22.51
C GLY F 371 18.04 -11.63 -21.37
N GLY F 372 18.78 -12.70 -21.24
CA GLY F 372 19.79 -12.74 -20.22
C GLY F 372 19.32 -13.03 -18.84
N LEU F 373 20.24 -13.21 -17.93
CA LEU F 373 19.97 -14.05 -16.81
C LEU F 373 19.06 -13.53 -15.70
N PRO F 374 19.42 -12.47 -15.02
CA PRO F 374 18.53 -12.10 -13.96
C PRO F 374 17.13 -12.20 -14.55
N PHE F 375 16.89 -11.57 -15.70
CA PHE F 375 15.55 -11.45 -16.24
C PHE F 375 14.97 -12.58 -17.07
N PHE F 376 15.78 -13.42 -17.72
CA PHE F 376 15.21 -14.56 -18.43
C PHE F 376 14.78 -15.65 -17.42
N GLY F 377 15.48 -15.73 -16.28
CA GLY F 377 15.22 -16.80 -15.31
C GLY F 377 16.23 -17.94 -15.42
N GLY F 378 16.61 -18.47 -14.27
CA GLY F 378 17.47 -19.64 -14.23
C GLY F 378 18.64 -19.42 -13.31
N LEU F 379 19.25 -20.51 -12.87
CA LEU F 379 20.48 -20.50 -12.05
C LEU F 379 21.73 -20.16 -12.88
N GLY F 380 21.72 -20.47 -14.16
CA GLY F 380 22.81 -20.06 -14.98
C GLY F 380 23.60 -21.17 -15.58
N ASN F 381 23.33 -22.40 -15.19
CA ASN F 381 24.00 -23.52 -15.82
C ASN F 381 23.50 -23.89 -17.25
N ASN F 382 22.21 -24.02 -17.44
CA ASN F 382 21.72 -24.37 -18.74
C ASN F 382 21.25 -23.19 -19.66
N TYR F 383 21.56 -21.96 -19.24
CA TYR F 383 21.17 -20.76 -19.96
C TYR F 383 21.51 -20.74 -21.47
N SER F 384 22.78 -20.98 -21.81
CA SER F 384 23.27 -20.86 -23.17
C SER F 384 22.62 -21.79 -24.17
N HIS F 386 19.37 -22.21 -24.42
CA HIS F 386 18.33 -21.30 -24.82
C HIS F 386 18.90 -20.30 -25.82
N GLY F 387 20.05 -19.69 -25.53
CA GLY F 387 20.83 -18.88 -26.48
C GLY F 387 21.07 -19.51 -27.87
N ILE F 388 21.66 -20.70 -27.89
CA ILE F 388 21.80 -21.49 -29.11
C ILE F 388 20.46 -21.69 -29.86
N ALA F 389 19.39 -22.02 -29.12
CA ALA F 389 18.11 -22.29 -29.76
C ALA F 389 17.63 -20.98 -30.43
N GLU F 390 17.71 -19.86 -29.73
CA GLU F 390 17.26 -18.63 -30.31
C GLU F 390 18.12 -18.23 -31.51
N ALA F 391 19.44 -18.47 -31.41
CA ALA F 391 20.39 -18.25 -32.47
C ALA F 391 20.03 -19.04 -33.73
N VAL F 392 19.68 -20.30 -33.56
CA VAL F 392 19.36 -21.17 -34.65
C VAL F 392 18.03 -20.74 -35.30
N ASN F 393 17.06 -20.29 -34.52
CA ASN F 393 15.80 -19.82 -35.09
C ASN F 393 15.93 -18.48 -35.82
N GLU F 394 16.78 -17.60 -35.31
CA GLU F 394 16.99 -16.29 -35.90
C GLU F 394 17.70 -16.47 -37.23
N ARG F 396 17.62 -19.21 -39.28
CA ARG F 396 16.75 -19.74 -40.34
C ARG F 396 15.91 -18.60 -40.99
N ASP F 397 15.51 -17.64 -40.16
CA ASP F 397 14.68 -16.50 -40.58
C ASP F 397 15.41 -15.53 -41.49
N LYS F 398 16.74 -15.51 -41.37
CA LYS F 398 17.63 -14.56 -42.05
C LYS F 398 18.75 -15.35 -42.68
N PRO F 399 18.45 -16.11 -43.77
CA PRO F 399 19.46 -17.08 -44.29
C PRO F 399 20.69 -16.37 -44.87
N GLY F 400 21.87 -16.91 -44.60
CA GLY F 400 23.11 -16.28 -45.01
C GLY F 400 23.80 -15.42 -43.95
N GLN F 401 23.04 -14.91 -42.99
CA GLN F 401 23.65 -14.12 -41.89
C GLN F 401 24.25 -15.02 -40.78
N PHE F 402 25.08 -14.40 -39.91
CA PHE F 402 25.85 -15.10 -38.84
C PHE F 402 25.47 -14.65 -37.44
N ALA F 403 25.34 -15.64 -36.53
CA ALA F 403 25.03 -15.37 -35.07
C ALA F 403 26.12 -15.91 -34.11
N LEU F 404 26.54 -15.08 -33.16
CA LEU F 404 27.54 -15.47 -32.17
C LEU F 404 26.87 -15.73 -30.82
N VAL F 405 27.17 -16.91 -30.27
CA VAL F 405 26.82 -17.27 -28.90
C VAL F 405 28.10 -17.39 -28.05
N GLY F 406 28.12 -16.70 -26.91
CA GLY F 406 29.19 -16.87 -25.91
C GLY F 406 28.64 -17.47 -24.63
N ALA F 407 29.22 -18.60 -24.19
CA ALA F 407 28.83 -19.26 -22.92
C ALA F 407 29.89 -19.17 -21.83
N ASN F 408 29.54 -18.60 -20.68
CA ASN F 408 30.45 -18.34 -19.57
C ASN F 408 30.29 -19.34 -18.42
N GLY F 409 31.41 -19.85 -17.92
CA GLY F 409 31.44 -20.73 -16.77
C GLY F 409 32.29 -20.24 -15.64
N GLY F 410 31.97 -20.73 -14.43
CA GLY F 410 32.73 -20.49 -13.18
C GLY F 410 32.92 -19.01 -12.89
N ILE F 411 34.05 -18.54 -12.40
CA ILE F 411 34.22 -17.10 -12.16
C ILE F 411 34.96 -16.45 -13.33
N ALA F 412 34.24 -16.17 -14.43
CA ALA F 412 34.89 -15.93 -15.75
C ALA F 412 36.05 -16.92 -16.05
N SER F 413 35.90 -18.18 -15.60
CA SER F 413 36.95 -19.21 -15.73
C SER F 413 36.94 -19.87 -17.09
N LYS F 414 35.76 -19.99 -17.69
CA LYS F 414 35.59 -20.71 -18.92
C LYS F 414 34.72 -19.92 -19.90
N TYR F 415 35.10 -19.97 -21.16
CA TYR F 415 34.33 -19.32 -22.19
C TYR F 415 34.30 -20.18 -23.48
N SER F 416 33.12 -20.36 -24.04
CA SER F 416 32.90 -21.19 -25.21
C SER F 416 32.07 -20.41 -26.19
N VAL F 417 32.55 -20.32 -27.42
CA VAL F 417 31.88 -19.50 -28.41
C VAL F 417 31.46 -20.40 -29.55
N GLY F 418 30.29 -20.11 -30.11
CA GLY F 418 29.80 -20.75 -31.31
C GLY F 418 29.24 -19.66 -32.21
N ILE F 419 29.56 -19.76 -33.49
CA ILE F 419 28.98 -18.93 -34.51
C ILE F 419 28.16 -19.82 -35.46
N TYR F 420 26.93 -19.37 -35.73
CA TYR F 420 25.94 -20.13 -36.46
C TYR F 420 25.50 -19.41 -37.75
N SER F 421 25.34 -20.17 -38.84
CA SER F 421 24.72 -19.69 -40.07
C SER F 421 24.14 -20.79 -40.94
N THR F 422 23.17 -20.40 -41.79
CA THR F 422 22.63 -21.32 -42.83
C THR F 422 23.63 -21.55 -43.97
N GLU F 423 24.55 -20.58 -44.18
CA GLU F 423 25.58 -20.68 -45.22
C GLU F 423 26.50 -21.91 -45.06
N PRO F 424 26.48 -22.84 -45.96
CA PRO F 424 27.25 -24.06 -45.76
C PRO F 424 28.75 -23.89 -45.66
N ALA F 425 29.42 -24.87 -45.09
CA ALA F 425 30.86 -25.01 -45.17
C ALA F 425 31.27 -26.23 -44.44
N ASP F 426 32.47 -26.71 -44.69
CA ASP F 426 32.92 -27.95 -44.10
C ASP F 426 33.40 -27.62 -42.73
N TRP F 427 33.52 -28.60 -41.87
CA TRP F 427 34.13 -28.35 -40.58
C TRP F 427 35.54 -27.78 -40.70
N VAL F 428 35.80 -26.70 -40.01
CA VAL F 428 37.16 -26.24 -39.81
C VAL F 428 37.59 -26.54 -38.34
N ALA F 429 38.61 -27.38 -38.14
CA ALA F 429 39.17 -27.59 -36.79
C ALA F 429 39.76 -26.27 -36.19
N ASP F 430 39.38 -25.95 -34.94
CA ASP F 430 39.89 -24.75 -34.25
C ASP F 430 41.23 -24.96 -33.55
N ASN F 431 41.84 -23.84 -33.18
CA ASN F 431 43.19 -23.81 -32.67
C ASN F 431 43.23 -23.55 -31.16
N SER F 432 42.22 -24.04 -30.43
CA SER F 432 42.06 -23.75 -29.00
C SER F 432 43.18 -24.33 -28.18
N ALA F 433 43.57 -25.58 -28.49
CA ALA F 433 44.62 -26.27 -27.75
C ALA F 433 45.96 -25.50 -27.71
N GLN F 434 46.36 -24.97 -28.86
CA GLN F 434 47.61 -24.20 -28.96
C GLN F 434 47.46 -22.81 -28.35
N LEU F 435 46.29 -22.21 -28.52
CA LEU F 435 45.97 -20.93 -27.90
C LEU F 435 45.85 -20.98 -26.36
N GLN F 436 45.43 -22.13 -25.85
CA GLN F 436 45.40 -22.42 -24.41
C GLN F 436 46.80 -22.56 -23.81
N ALA F 437 47.67 -23.33 -24.48
CA ALA F 437 49.07 -23.48 -24.04
C ALA F 437 49.85 -22.16 -24.04
N GLU F 438 49.54 -21.26 -24.98
CA GLU F 438 50.13 -19.92 -24.99
C GLU F 438 49.72 -19.12 -23.78
N HIS F 439 48.44 -19.19 -23.43
CA HIS F 439 47.89 -18.44 -22.30
C HIS F 439 48.30 -19.06 -20.98
N ASP F 440 48.53 -20.38 -20.99
CA ASP F 440 49.05 -21.09 -19.82
C ASP F 440 50.51 -20.76 -19.50
N ALA F 441 51.26 -20.38 -20.53
CA ALA F 441 52.68 -19.97 -20.43
C ALA F 441 52.89 -18.53 -19.91
N GLN F 442 51.82 -17.74 -19.85
CA GLN F 442 51.88 -16.40 -19.25
C GLN F 442 52.33 -16.51 -17.79
N PRO F 443 53.13 -15.55 -17.33
CA PRO F 443 53.51 -15.55 -15.92
C PRO F 443 52.28 -15.39 -15.01
N LYS F 444 52.31 -16.07 -13.87
CA LYS F 444 51.22 -16.00 -12.89
C LYS F 444 51.65 -15.06 -11.79
N VAL F 445 50.72 -14.23 -11.33
CA VAL F 445 50.97 -13.31 -10.21
C VAL F 445 51.14 -14.11 -8.92
N ALA F 446 52.13 -13.76 -8.09
CA ALA F 446 52.46 -14.57 -6.91
C ALA F 446 51.47 -14.33 -5.74
N ILE F 447 51.23 -15.36 -4.94
CA ILE F 447 50.31 -15.27 -3.79
C ILE F 447 51.06 -15.53 -2.49
N THR F 448 50.89 -14.68 -1.47
CA THR F 448 51.30 -15.01 -0.11
C THR F 448 50.04 -15.38 0.66
N GLU F 449 49.86 -16.67 0.95
CA GLU F 449 48.68 -17.10 1.71
C GLU F 449 48.58 -16.48 3.14
N LYS F 450 49.68 -16.46 3.88
CA LYS F 450 49.66 -15.96 5.24
C LYS F 450 50.25 -14.54 5.34
N ALA F 451 49.52 -13.56 4.84
CA ALA F 451 50.03 -12.19 4.76
C ALA F 451 50.05 -11.38 6.07
N ASP F 452 51.21 -10.79 6.36
CA ASP F 452 51.45 -10.08 7.60
C ASP F 452 52.21 -8.82 7.28
N GLY F 453 51.55 -7.68 7.37
CA GLY F 453 52.23 -6.42 7.14
C GLY F 453 51.32 -5.39 6.53
N THR F 454 51.91 -4.51 5.74
CA THR F 454 51.18 -3.39 5.18
C THR F 454 50.95 -3.59 3.67
N GLY F 455 49.74 -3.30 3.20
CA GLY F 455 49.40 -3.57 1.81
C GLY F 455 48.47 -2.54 1.21
N THR F 456 48.22 -2.71 -0.09
CA THR F 456 47.30 -1.87 -0.88
C THR F 456 46.07 -2.69 -1.36
N ILE F 457 44.89 -2.10 -1.25
CA ILE F 457 43.67 -2.69 -1.79
C ILE F 457 43.68 -2.71 -3.33
N GLU F 458 43.53 -3.89 -3.93
CA GLU F 458 43.48 -3.95 -5.38
C GLU F 458 42.04 -4.07 -5.86
N THR F 459 41.25 -4.84 -5.11
CA THR F 459 39.80 -4.99 -5.34
C THR F 459 39.15 -5.40 -4.02
N TYR F 460 37.82 -5.35 -3.99
CA TYR F 460 37.03 -5.50 -2.78
C TYR F 460 35.60 -5.87 -3.14
N THR F 461 34.88 -6.33 -2.14
CA THR F 461 33.44 -6.38 -2.21
C THR F 461 32.90 -6.32 -0.78
N VAL F 462 31.60 -6.05 -0.63
CA VAL F 462 30.98 -6.05 0.67
C VAL F 462 29.76 -6.95 0.61
N ARG F 463 29.50 -7.66 1.71
CA ARG F 463 28.30 -8.48 1.90
C ARG F 463 27.26 -7.70 2.69
N TYR F 464 26.19 -7.32 2.03
CA TYR F 464 25.17 -6.50 2.68
C TYR F 464 24.07 -7.38 3.23
N ASP F 465 24.11 -8.64 2.86
CA ASP F 465 23.18 -9.63 3.37
C ASP F 465 23.63 -10.25 4.74
N TRP F 466 24.86 -9.94 5.16
CA TRP F 466 25.31 -10.25 6.50
C TRP F 466 25.26 -9.05 7.45
N THR F 467 24.99 -9.31 8.73
CA THR F 467 25.22 -8.29 9.77
C THR F 467 26.21 -8.88 10.78
N PRO F 468 27.30 -8.15 11.06
CA PRO F 468 27.59 -6.80 10.49
C PRO F 468 28.05 -6.94 9.06
N HIS F 469 27.90 -5.88 8.27
CA HIS F 469 28.36 -5.91 6.87
C HIS F 469 29.83 -6.35 6.85
N THR F 470 30.17 -7.20 5.88
CA THR F 470 31.47 -7.86 5.82
C THR F 470 32.21 -7.59 4.53
N GLY F 471 33.45 -7.19 4.65
CA GLY F 471 34.26 -6.85 3.49
C GLY F 471 35.25 -7.94 3.12
N ILE F 472 35.41 -8.16 1.82
CA ILE F 472 36.40 -9.08 1.32
C ILE F 472 37.32 -8.26 0.46
N ILE F 473 38.60 -8.37 0.71
CA ILE F 473 39.59 -7.59 0.01
C ILE F 473 40.60 -8.51 -0.67
N ILE F 474 41.06 -8.13 -1.86
CA ILE F 474 42.27 -8.69 -2.42
C ILE F 474 43.25 -7.55 -2.34
N GLY F 475 44.42 -7.84 -1.77
CA GLY F 475 45.41 -6.81 -1.52
C GLY F 475 46.75 -7.11 -2.15
N ARG F 476 47.68 -6.15 -2.21
CA ARG F 476 49.04 -6.42 -2.67
C ARG F 476 50.00 -6.10 -1.57
N LEU F 477 51.14 -6.75 -1.54
CA LEU F 477 52.12 -6.39 -0.54
C LEU F 477 53.25 -5.55 -1.14
N ASP F 478 54.06 -4.90 -0.33
CA ASP F 478 55.27 -4.25 -0.89
C ASP F 478 55.98 -5.09 -1.98
N ASP F 479 56.20 -6.38 -1.72
CA ASP F 479 56.86 -7.23 -2.74
C ASP F 479 55.99 -7.57 -3.95
N GLY F 480 54.74 -7.14 -3.94
CA GLY F 480 53.86 -7.27 -5.11
C GLY F 480 53.11 -8.59 -5.28
N SER F 481 53.16 -9.46 -4.28
CA SER F 481 52.32 -10.66 -4.27
C SER F 481 50.93 -10.39 -3.70
N ARG F 482 49.92 -11.10 -4.16
CA ARG F 482 48.54 -10.88 -3.71
C ARG F 482 48.15 -11.65 -2.44
N PHE F 483 47.11 -11.18 -1.76
CA PHE F 483 46.50 -11.91 -0.64
C PHE F 483 45.01 -11.62 -0.56
N LEU F 484 44.31 -12.41 0.25
CA LEU F 484 42.92 -12.19 0.58
C LEU F 484 42.74 -11.75 2.04
N ALA F 485 41.70 -10.99 2.31
CA ALA F 485 41.38 -10.64 3.69
C ALA F 485 39.90 -10.35 3.86
N LYS F 486 39.42 -10.68 5.06
CA LYS F 486 38.07 -10.50 5.48
C LYS F 486 38.06 -9.40 6.53
N THR F 487 36.99 -8.64 6.64
CA THR F 487 36.99 -7.57 7.63
C THR F 487 35.57 -7.21 8.04
N LYS F 488 35.41 -6.94 9.34
CA LYS F 488 34.19 -6.35 9.91
C LYS F 488 34.57 -5.10 10.69
N GLU F 490 34.93 -1.81 11.05
CA GLU F 490 33.80 -0.86 11.03
C GLU F 490 34.13 0.36 10.22
N ASP F 491 35.33 0.90 10.46
CA ASP F 491 35.76 2.11 9.75
C ASP F 491 36.39 1.76 8.38
N LEU F 492 36.80 0.48 8.23
CA LEU F 492 37.21 -0.07 6.92
C LEU F 492 36.01 -0.35 6.03
N VAL F 493 34.97 -0.94 6.63
CA VAL F 493 33.72 -1.28 5.93
C VAL F 493 32.92 -0.03 5.52
N LYS F 494 33.02 1.07 6.26
CA LYS F 494 32.41 2.31 5.83
C LYS F 494 33.09 2.80 4.57
N LEU F 495 34.41 2.72 4.50
CA LEU F 495 35.16 3.11 3.29
C LEU F 495 34.82 2.28 2.04
N LEU F 496 34.62 0.98 2.23
CA LEU F 496 34.31 0.06 1.11
C LEU F 496 32.88 0.17 0.62
N SER F 497 31.95 0.50 1.53
CA SER F 497 30.54 0.71 1.19
C SER F 497 30.20 2.09 0.62
N GLU F 498 30.87 3.11 1.14
CA GLU F 498 30.49 4.50 0.90
C GLU F 498 31.58 5.36 0.26
N GLY F 499 32.76 4.82 0.04
CA GLY F 499 33.83 5.61 -0.52
C GLY F 499 34.50 5.06 -1.75
N ASP F 500 35.78 5.29 -1.88
CA ASP F 500 36.55 4.71 -2.95
C ASP F 500 37.84 4.23 -2.37
N PRO F 501 37.95 2.91 -2.25
CA PRO F 501 39.02 2.31 -1.48
C PRO F 501 40.12 1.75 -2.36
N ILE F 502 39.92 1.71 -3.68
CA ILE F 502 40.97 1.18 -4.48
C ILE F 502 42.21 1.88 -4.08
N GLY F 503 43.29 1.17 -3.91
CA GLY F 503 44.54 1.80 -3.57
C GLY F 503 44.82 2.23 -2.12
N ALA F 504 43.83 2.13 -1.24
CA ALA F 504 43.97 2.47 0.16
C ALA F 504 44.92 1.57 0.92
N LYS F 505 45.51 2.09 1.99
CA LYS F 505 46.52 1.40 2.74
C LYS F 505 45.92 0.75 3.94
N ILE F 506 46.21 -0.53 4.10
CA ILE F 506 45.61 -1.36 5.14
C ILE F 506 46.67 -2.19 5.82
N VAL F 507 46.37 -2.64 7.03
CA VAL F 507 47.28 -3.54 7.75
C VAL F 507 46.59 -4.92 7.91
N VAL F 508 47.24 -5.96 7.40
CA VAL F 508 46.69 -7.31 7.40
C VAL F 508 47.41 -8.19 8.44
N THR F 509 46.65 -8.95 9.23
CA THR F 509 47.23 -9.87 10.21
C THR F 509 46.84 -11.29 9.82
N PRO F 510 47.82 -12.21 9.76
CA PRO F 510 47.49 -13.61 9.41
C PRO F 510 46.53 -14.33 10.38
N GLY F 511 45.97 -15.42 9.89
CA GLY F 511 45.19 -16.34 10.69
C GLY F 511 44.84 -17.46 9.75
N GLU F 512 44.81 -18.65 10.28
CA GLU F 512 44.47 -19.84 9.54
C GLU F 512 43.00 -19.98 9.24
N LYS F 513 42.15 -19.19 9.87
CA LYS F 513 40.77 -19.09 9.41
C LYS F 513 40.69 -18.00 8.36
N SER F 514 40.90 -16.76 8.76
CA SER F 514 40.97 -15.70 7.79
C SER F 514 42.06 -14.73 8.16
N ASN F 515 42.53 -13.95 7.19
CA ASN F 515 43.45 -12.87 7.46
C ASN F 515 42.54 -11.72 7.58
N ARG F 516 42.74 -10.81 8.52
CA ARG F 516 41.78 -9.77 8.79
C ARG F 516 42.49 -8.54 8.41
N ALA F 517 41.78 -7.46 8.15
CA ALA F 517 42.39 -6.19 7.84
C ALA F 517 41.78 -5.08 8.63
N VAL F 518 42.57 -4.03 8.84
CA VAL F 518 42.15 -2.71 9.37
C VAL F 518 42.84 -1.61 8.55
N LEU F 519 42.37 -0.38 8.66
CA LEU F 519 42.97 0.74 7.96
C LEU F 519 44.31 1.17 8.53
N ALA F 520 45.01 2.00 7.80
CA ALA F 520 46.41 2.20 8.02
C ALA F 520 46.70 3.57 8.52
#